data_7CPX
#
_entry.id   7CPX
#
_cell.length_a   1.00
_cell.length_b   1.00
_cell.length_c   1.00
_cell.angle_alpha   90.00
_cell.angle_beta   90.00
_cell.angle_gamma   90.00
#
_symmetry.space_group_name_H-M   'P 1'
#
loop_
_entity.id
_entity.type
_entity.pdbx_description
1 polymer 'Lovastatin nonaketide synthase, polyketide synthase component'
2 non-polymer 'NADP NICOTINAMIDE-ADENINE-DINUCLEOTIDE PHOSPHATE'
#
_entity_poly.entity_id   1
_entity_poly.type   'polypeptide(L)'
_entity_poly.pdbx_seq_one_letter_code
;MAQSMYPNEPIVVVGSGCRFPGDANTPSKLWELLQHPRDVQSRIPKERFDVDTFYHPDGKHHGRTNAPYAYVLQDDLGAF
DAAFFNIQAGEAESMDPQHRLLLETVYEAVTNAGMRIQDLQGTSTAVYVGVMTHDYETVSTRDLESIPTYSATGVAVSVA
SNRISYFFDWHGPSMTIDTACSSSLVAVHLAVQQLRTGQSSMAIAAGANLILGPMTFVLESKLSMLSPSGRSRMWDAGAD
GYARGEAVCSVVLKTLSQALRDGDTIECVIRETGVNQDGRTTGITMPNHSAQEALIKATYAQAGLDITKAEDRCQFFEAH
GTGTPAGDPQEAEAIATAFFGHEQVARSDGNERAPLFVGSAKTVVGHTEGTAGLAGLMKASFAVRHGVIPPNLLFDKISP
RVAPFYKNLRIPTEATQWPALPPGQPRRASVNSFGFGGTNAHAIIEEYMEPEQNQLRVSNNEDCPPMTGVLSLPLVLSAK
SQRSLKIMMEEMLQFLQSHPEIHLHDLTWSLLRKRSVLPFRRAIVGHSHETIRRALEDAIEDGIVSSDFTTEVRGQPSVL
GIFTGQGAQWPGMLKNLIEASPYVRNIVRELDDSLQSLPEKYRPSWTLLDQFMLEGEASNVQYATFSQPLCCAVQIVLVR
LLEAARIRFTAVVGHSSGEIACAFAAGLISASLAIRIAYLRGVVSAGGARGTPGAMLAAGMSFEEAQEICELDAFEGRIC
VAASNSPDSVTFSGDANAIDHLKGMLEDESTFARLLKVDTAYHSHHMLPCADPYMQALEECGCAVADAGSPAGSVPWYSS
VDAENRQMAARDVTAKYWKDNLVSPVLFSHAVQRAVVTHKALDIGIEVGCHPALKSPCVATIKDVLSGVDLAYTGCLERG
KNDLDSFSRALAYLWERFGASSFDADEFMRAVAPDRPCMSVSKLLPAYPWDRSRRYWVESRATRHHLRGPKPHLLLGKLS
EYSTPLSFQWLNFVRPRDIEWLDGHALQGQTVFPAAGYIVMAMEAALMIAGTHAKQVKLLEILDMSIDKAVIFDDEDSLV
ELNLTADVSRNAGEAGSMTISFKIDSCLSKEGNLSLSAKGQLALTIEDVNPRTTSASDQHHLPPPEEEHPHMNRVNINAF
YHELGLMGYNYSKDFRRLHNMQRADLRASGTLDFIPLMDEGNGCPLLLHPASLDVAFQTVIGAYSSPGDRRLRCLYVPTH
VDRITLVPSLCLATAESGCEKVAFNTINTYDKGDYLSGDIVVFDAEQTTLFQVENITFKPFSPPDASTDHAMFARWSWGP
LTPDSLLDNPEYWATAQDKEAIPIIERIVYFYIRSFLSQLTLEERQQAAFHLQKQIEWLEQVLASAKEGRHLWYDPGWEN
DTEAQIEHLCTANSYHPHVRLVQRVGQHLLPTVRSNGNPFDLLDHDGLLTEFYTNTLSFGPALHYARELVAQIAHRYQSM
DILEIGAGTGGATKYVLATPQLGFNSYTYTDISTGFFEQAREQFAPFEDRMVFEPLDIRRSPAEQGFEPHAYDLIIASNV
LHATPDLEKTMAHARSLLKPGGQMVILEITHKEHTRLGFIFGLFADWWAGVDDGRCTEPFVSFDRWDAILKRVGFSGVDS
RTTDRDANLFPTSVFSTHAIDATVEYLDAPLASSGTVKDSYPPLVVVGGQTPQSQRLLNDIKAIMPPRPLQTYKRLVDLL
DAEELPMKSTFVMLTELDEELFAGLTEETFEATKLLLTYASNTVWLTENAWVQHPHQASTIGMLRSIRREHPDLGVHVLD
VDAVETFDATFLVEQVLRLEEHTDELASSTTWTQEPEVSWCKGRPWIPRLKRDLARNNRMNSSRRPIYEMIDSSRAPVAL
QTARDSSSYFLESAETWFVPESVQQMETKTIYVHFSCPHALRVQALGFFYLVQGHVQEGNREVPVVALAERNASIVHVRP
DYIYTEADNNLSEGGGSLMVTVLAAAVLAETVISTAKCLGVTDSILVLNPPSICGQMLLHAGEEIGLQVHLATTSGNRSS
VSAGDAKSWLTLHARDTDWHLRRVLPRGVQALVDLSADQSCEGLTQRMMKVLMPGCAHYRAADLFTDTVSTELHSGSRHQ
ASLPAAYWEHVVSLARQGLPSVSEGWEVMPCTQFAAHADKTRPDLSTVISWPRESDEATLPTRVRSIDAETLFAADKTYL
LVGLTGDLGRSLGRWMVQHGACHIVLTSRNPQVNPKWLAHVEELGGRVTVLSMDVTSQNSVEAGLAKLKDLHLPPVGGIA
FGPLVLQDVMLNNMELPMMEMVLNPKVEGVRILHEKFSDPTSSNPLDFFVMFSSIVAVMGNPGQANYSAANCYLQALAQQ
RVASGLAASTIDIGAVYGVGFVTRAELEEDFNAIRFMFDSVEEHELHTLFAEAVVAGRRAVHQQEQQRKFATVLDMADLE
LTTGIPPLDPALKDRITFFDDPRIGNLKIPEYRGAKAGEGAAGSKGSVKEQLLQATNLDQVRQIVIDGLSAKLQVTLQIP
DGESVHPTIPLIDQGVDSLGAVTVGTWFSKQLYLDLPLLKVLGGASITDLANEAAARLPPSSIPLVAATDGGAESTDNTS
ENEVSGREDTDLSAAATITEPSSADEDDTEPGDEDVPRSHHPLSLGQEYSWRIQQGAEDPTVFNNTIGMFMKGSIDLKRL
YKALRAVLRRHEIFRTGFANVDENGMAQLVFGQTKNKVQTIQVSDRAGAEEGYRQLVQTRYNPAAGDTLRLVDFFWGQDD
HLLVVAYHRLVGDGSTTENIFVEAGQLYDGTSLSPHVPQFADLAARQRAMLEDGRMEEDLAYWKKMHYRPSSIPVLPLMR
PLVGNSSRSDTPNFQHCGPWQQHEAVARLDPMVAFRIKERSRKHKATPMQFYLAAYQVLLARLTDSTDLTVGLADTNRAT
VDEMAAMGFFANLLPLRFRDFRPHITFGEHLIATRDLVREALQHARVPYGVLLDQLGLEVPVPTSNQPAPLFQAVFDYKQ
GQAESGTIGGAKITEVIATRERTPYDVVLEMSDDPTKDPLLTAKLQSSRYEAHHPQAFLESYMSLLSMFSMNPALKLAHV
HHHHHH
;
_entity_poly.pdbx_strand_id   A,B
#
# COMPACT_ATOMS: atom_id res chain seq x y z
N ALA A 2 59.92 -25.70 28.32
CA ALA A 2 58.86 -24.73 28.76
C ALA A 2 57.84 -24.52 27.64
N GLN A 3 56.68 -23.99 28.02
CA GLN A 3 55.62 -23.74 27.06
C GLN A 3 55.85 -22.47 26.24
N SER A 4 56.80 -21.62 26.64
CA SER A 4 57.10 -20.39 25.93
C SER A 4 58.22 -20.53 24.92
N MET A 5 58.73 -21.75 24.71
CA MET A 5 59.84 -22.00 23.81
C MET A 5 59.40 -22.37 22.40
N TYR A 6 58.11 -22.24 22.10
CA TYR A 6 57.61 -22.64 20.80
C TYR A 6 58.13 -21.68 19.72
N PRO A 7 58.15 -22.13 18.46
CA PRO A 7 58.74 -21.30 17.39
C PRO A 7 58.15 -19.90 17.35
N ASN A 8 56.83 -19.80 17.20
CA ASN A 8 56.14 -18.54 17.33
C ASN A 8 55.65 -18.37 18.77
N GLU A 9 55.82 -17.18 19.30
CA GLU A 9 55.51 -16.96 20.70
C GLU A 9 54.06 -17.33 20.97
N PRO A 10 53.78 -18.21 21.94
CA PRO A 10 52.39 -18.66 22.14
C PRO A 10 51.52 -17.58 22.73
N ILE A 11 50.53 -17.13 21.97
CA ILE A 11 49.58 -16.17 22.51
C ILE A 11 48.81 -16.85 23.64
N VAL A 12 48.17 -16.04 24.47
CA VAL A 12 47.52 -16.56 25.66
C VAL A 12 46.17 -15.87 25.86
N VAL A 13 45.13 -16.68 26.07
CA VAL A 13 43.82 -16.17 26.48
C VAL A 13 43.88 -15.95 27.98
N VAL A 14 43.86 -14.69 28.40
CA VAL A 14 43.90 -14.33 29.82
C VAL A 14 42.51 -14.10 30.39
N GLY A 15 41.53 -13.77 29.56
CA GLY A 15 40.19 -13.53 30.03
C GLY A 15 39.21 -13.54 28.89
N SER A 16 37.94 -13.69 29.23
CA SER A 16 36.90 -13.78 28.21
C SER A 16 35.59 -13.21 28.76
N GLY A 17 34.79 -12.72 27.84
CA GLY A 17 33.44 -12.26 28.16
C GLY A 17 32.48 -12.81 27.14
N CYS A 18 31.39 -13.41 27.64
CA CYS A 18 30.52 -14.21 26.79
C CYS A 18 29.07 -13.80 27.00
N ARG A 19 28.35 -13.64 25.89
CA ARG A 19 26.90 -13.56 25.86
C ARG A 19 26.49 -14.68 24.90
N PHE A 20 26.23 -15.86 25.47
CA PHE A 20 25.92 -17.04 24.70
C PHE A 20 24.54 -17.55 25.06
N PRO A 21 23.88 -18.27 24.15
CA PRO A 21 22.50 -18.68 24.39
C PRO A 21 22.42 -19.67 25.54
N GLY A 22 21.27 -19.64 26.22
CA GLY A 22 21.10 -20.45 27.41
C GLY A 22 21.47 -19.75 28.69
N ASP A 23 21.30 -18.43 28.75
CA ASP A 23 21.64 -17.63 29.92
C ASP A 23 23.14 -17.59 30.20
N ALA A 24 23.95 -17.93 29.19
CA ALA A 24 25.41 -17.94 29.36
C ALA A 24 25.95 -16.53 29.13
N ASN A 25 25.73 -15.68 30.12
CA ASN A 25 26.19 -14.30 30.09
C ASN A 25 27.56 -14.12 30.75
N THR A 26 28.33 -15.20 30.87
CA THR A 26 29.66 -15.13 31.46
C THR A 26 30.40 -16.41 31.12
N PRO A 27 31.74 -16.38 31.07
CA PRO A 27 32.47 -17.59 30.69
C PRO A 27 32.18 -18.79 31.57
N SER A 28 31.97 -18.59 32.87
CA SER A 28 31.67 -19.71 33.76
C SER A 28 30.37 -20.39 33.37
N LYS A 29 29.33 -19.59 33.12
CA LYS A 29 28.06 -20.17 32.69
C LYS A 29 28.19 -20.86 31.35
N LEU A 30 28.98 -20.27 30.44
CA LEU A 30 29.19 -20.89 29.14
C LEU A 30 29.86 -22.26 29.30
N TRP A 31 30.87 -22.34 30.17
CA TRP A 31 31.53 -23.62 30.40
C TRP A 31 30.58 -24.63 31.02
N GLU A 32 29.77 -24.19 31.99
CA GLU A 32 28.80 -25.09 32.60
C GLU A 32 27.83 -25.63 31.55
N LEU A 33 27.37 -24.75 30.65
CA LEU A 33 26.49 -25.19 29.58
C LEU A 33 27.19 -26.19 28.67
N LEU A 34 28.43 -25.89 28.28
CA LEU A 34 29.12 -26.74 27.32
C LEU A 34 29.39 -28.13 27.89
N GLN A 35 29.86 -28.20 29.15
CA GLN A 35 30.11 -29.50 29.75
C GLN A 35 28.83 -30.19 30.22
N HIS A 36 27.75 -29.43 30.39
CA HIS A 36 26.45 -29.97 30.78
C HIS A 36 25.40 -29.39 29.84
N PRO A 37 25.40 -29.81 28.58
CA PRO A 37 24.53 -29.16 27.59
C PRO A 37 23.05 -29.41 27.86
N ARG A 38 22.24 -28.46 27.41
CA ARG A 38 20.80 -28.54 27.51
C ARG A 38 20.20 -28.03 26.20
N ASP A 39 18.92 -28.31 26.00
CA ASP A 39 18.23 -27.95 24.76
C ASP A 39 18.01 -26.43 24.75
N VAL A 40 19.10 -25.72 24.47
CA VAL A 40 19.07 -24.26 24.52
C VAL A 40 18.22 -23.70 23.39
N GLN A 41 18.27 -24.32 22.22
CA GLN A 41 17.60 -23.77 21.05
C GLN A 41 16.10 -23.62 21.31
N SER A 42 15.53 -22.57 20.73
CA SER A 42 14.12 -22.27 20.92
C SER A 42 13.61 -21.53 19.69
N ARG A 43 12.28 -21.47 19.58
CA ARG A 43 11.66 -20.73 18.50
C ARG A 43 12.10 -19.27 18.57
N ILE A 44 12.33 -18.68 17.40
CA ILE A 44 12.76 -17.28 17.31
C ILE A 44 11.75 -16.44 18.09
N PRO A 45 12.13 -15.82 19.20
CA PRO A 45 11.15 -15.05 19.98
C PRO A 45 10.57 -13.92 19.15
N LYS A 46 9.27 -13.67 19.35
CA LYS A 46 8.61 -12.58 18.64
C LYS A 46 9.24 -11.24 18.99
N GLU A 47 9.89 -11.16 20.15
CA GLU A 47 10.58 -9.92 20.53
C GLU A 47 11.68 -9.60 19.54
N ARG A 48 12.27 -10.62 18.91
CA ARG A 48 13.31 -10.41 17.91
C ARG A 48 12.69 -10.26 16.53
N PHE A 49 12.02 -11.29 16.05
CA PHE A 49 11.16 -11.20 14.87
C PHE A 49 10.34 -12.48 14.78
N ASP A 50 9.04 -12.34 14.49
CA ASP A 50 8.17 -13.50 14.44
C ASP A 50 8.50 -14.36 13.24
N VAL A 51 9.37 -15.36 13.45
CA VAL A 51 9.80 -16.20 12.34
C VAL A 51 8.61 -16.94 11.74
N ASP A 52 7.57 -17.19 12.53
CA ASP A 52 6.36 -17.79 11.99
C ASP A 52 5.78 -16.94 10.86
N THR A 53 6.00 -15.62 10.92
CA THR A 53 5.63 -14.76 9.81
C THR A 53 6.53 -14.96 8.60
N PHE A 54 7.64 -15.69 8.76
CA PHE A 54 8.55 -15.99 7.67
C PHE A 54 8.80 -17.48 7.51
N TYR A 55 8.25 -18.33 8.38
CA TYR A 55 8.51 -19.76 8.31
C TYR A 55 7.75 -20.40 7.16
N HIS A 56 8.41 -21.38 6.53
CA HIS A 56 7.76 -22.21 5.51
C HIS A 56 8.54 -23.51 5.44
N PRO A 57 7.86 -24.67 5.36
CA PRO A 57 8.62 -25.93 5.35
C PRO A 57 9.65 -26.01 4.23
N ASP A 58 9.35 -25.46 3.06
CA ASP A 58 10.29 -25.44 1.96
C ASP A 58 11.24 -24.26 2.15
N GLY A 59 12.53 -24.56 2.32
CA GLY A 59 13.50 -23.49 2.56
C GLY A 59 13.62 -22.54 1.39
N LYS A 60 13.57 -23.07 0.17
CA LYS A 60 13.73 -22.25 -1.03
C LYS A 60 12.48 -21.45 -1.36
N HIS A 61 11.44 -21.52 -0.54
CA HIS A 61 10.25 -20.72 -0.78
C HIS A 61 10.60 -19.24 -0.71
N HIS A 62 10.03 -18.47 -1.63
CA HIS A 62 10.37 -17.05 -1.73
C HIS A 62 10.06 -16.32 -0.43
N GLY A 63 11.04 -15.59 0.08
CA GLY A 63 10.83 -14.78 1.27
C GLY A 63 10.41 -15.57 2.49
N ARG A 64 10.95 -16.77 2.66
CA ARG A 64 10.64 -17.61 3.80
C ARG A 64 11.92 -18.29 4.27
N THR A 65 11.85 -18.87 5.47
CA THR A 65 12.94 -19.63 6.04
C THR A 65 12.40 -20.92 6.62
N ASN A 66 13.07 -22.03 6.35
CA ASN A 66 12.66 -23.33 6.87
C ASN A 66 13.22 -23.61 8.25
N ALA A 67 14.02 -22.69 8.82
CA ALA A 67 14.63 -22.86 10.13
C ALA A 67 13.99 -21.87 11.10
N PRO A 68 12.85 -22.20 11.71
CA PRO A 68 12.22 -21.29 12.67
C PRO A 68 12.79 -21.36 14.08
N TYR A 69 13.93 -22.03 14.26
CA TYR A 69 14.56 -22.16 15.57
C TYR A 69 15.97 -21.57 15.51
N ALA A 70 16.51 -21.28 16.68
CA ALA A 70 17.86 -20.78 16.80
C ALA A 70 18.26 -20.80 18.27
N TYR A 71 19.57 -20.85 18.50
CA TYR A 71 20.12 -20.77 19.85
C TYR A 71 20.23 -19.29 20.20
N VAL A 72 19.11 -18.72 20.60
CA VAL A 72 18.94 -17.29 20.81
C VAL A 72 19.33 -16.93 22.23
N LEU A 73 19.88 -15.72 22.39
CA LEU A 73 20.17 -15.21 23.73
C LEU A 73 18.87 -14.91 24.46
N GLN A 74 18.86 -15.20 25.77
CA GLN A 74 17.70 -14.94 26.61
C GLN A 74 17.75 -13.56 27.26
N ASP A 75 18.46 -12.63 26.66
CA ASP A 75 18.61 -11.28 27.18
C ASP A 75 18.05 -10.28 26.18
N ASP A 76 17.54 -9.17 26.69
CA ASP A 76 17.02 -8.08 25.86
C ASP A 76 18.21 -7.31 25.29
N LEU A 77 18.52 -7.55 24.01
CA LEU A 77 19.69 -6.93 23.41
C LEU A 77 19.56 -5.42 23.33
N GLY A 78 18.33 -4.90 23.28
CA GLY A 78 18.16 -3.46 23.37
C GLY A 78 18.47 -2.89 24.73
N ALA A 79 18.39 -3.71 25.78
CA ALA A 79 18.75 -3.28 27.11
C ALA A 79 20.27 -3.17 27.20
N PHE A 80 20.77 -1.94 27.17
CA PHE A 80 22.20 -1.69 27.08
C PHE A 80 22.57 -0.53 27.98
N ASP A 81 23.72 -0.63 28.64
CA ASP A 81 24.17 0.41 29.56
C ASP A 81 24.91 1.49 28.76
N ALA A 82 24.11 2.27 28.03
CA ALA A 82 24.66 3.34 27.21
C ALA A 82 25.39 4.37 28.07
N ALA A 83 24.85 4.67 29.25
CA ALA A 83 25.52 5.61 30.14
C ALA A 83 26.90 5.10 30.53
N PHE A 84 27.04 3.80 30.69
CA PHE A 84 28.34 3.23 31.05
C PHE A 84 29.39 3.53 29.99
N PHE A 85 29.02 3.39 28.72
CA PHE A 85 29.95 3.55 27.61
C PHE A 85 29.93 4.96 27.03
N ASN A 86 29.36 5.92 27.75
CA ASN A 86 29.34 7.32 27.31
C ASN A 86 28.71 7.46 25.93
N ILE A 87 27.64 6.69 25.70
CA ILE A 87 26.91 6.72 24.44
C ILE A 87 25.53 7.31 24.71
N GLN A 88 25.16 8.30 23.92
CA GLN A 88 23.87 8.96 24.10
C GLN A 88 22.74 8.02 23.68
N ALA A 89 21.53 8.36 24.13
CA ALA A 89 20.37 7.51 23.88
C ALA A 89 20.15 7.32 22.38
N GLY A 90 20.21 8.41 21.62
CA GLY A 90 20.01 8.30 20.18
C GLY A 90 21.07 7.45 19.52
N GLU A 91 22.34 7.68 19.87
CA GLU A 91 23.42 6.88 19.31
C GLU A 91 23.30 5.42 19.73
N ALA A 92 22.96 5.19 21.01
CA ALA A 92 22.85 3.82 21.48
C ALA A 92 21.73 3.08 20.75
N GLU A 93 20.60 3.74 20.52
CA GLU A 93 19.54 3.14 19.72
C GLU A 93 20.04 2.88 18.31
N SER A 94 20.79 3.82 17.74
CA SER A 94 21.34 3.65 16.40
C SER A 94 22.32 2.48 16.35
N MET A 95 22.93 2.12 17.48
CA MET A 95 23.98 1.11 17.47
C MET A 95 23.42 -0.26 17.10
N ASP A 96 24.27 -1.05 16.45
CA ASP A 96 23.95 -2.43 16.20
C ASP A 96 24.01 -3.21 17.52
N PRO A 97 22.98 -3.97 17.88
CA PRO A 97 23.08 -4.81 19.08
C PRO A 97 24.36 -5.62 19.11
N GLN A 98 24.89 -5.97 17.94
CA GLN A 98 26.19 -6.64 17.91
C GLN A 98 27.25 -5.76 18.53
N HIS A 99 27.27 -4.46 18.19
CA HIS A 99 28.26 -3.56 18.76
C HIS A 99 28.07 -3.38 20.25
N ARG A 100 26.81 -3.25 20.69
CA ARG A 100 26.54 -3.05 22.12
C ARG A 100 26.99 -4.27 22.92
N LEU A 101 26.58 -5.46 22.48
CA LEU A 101 27.00 -6.66 23.17
C LEU A 101 28.50 -6.88 23.06
N LEU A 102 29.11 -6.43 21.96
CA LEU A 102 30.57 -6.52 21.86
C LEU A 102 31.24 -5.63 22.90
N LEU A 103 30.73 -4.41 23.08
CA LEU A 103 31.27 -3.56 24.13
C LEU A 103 31.13 -4.22 25.49
N GLU A 104 29.94 -4.75 25.78
CA GLU A 104 29.71 -5.38 27.08
C GLU A 104 30.63 -6.58 27.27
N THR A 105 30.76 -7.43 26.26
CA THR A 105 31.59 -8.62 26.39
C THR A 105 33.06 -8.28 26.45
N VAL A 106 33.51 -7.25 25.75
CA VAL A 106 34.90 -6.85 25.82
C VAL A 106 35.21 -6.31 27.21
N TYR A 107 34.31 -5.52 27.78
CA TYR A 107 34.52 -5.06 29.15
C TYR A 107 34.54 -6.23 30.11
N GLU A 108 33.65 -7.20 29.90
CA GLU A 108 33.63 -8.38 30.76
C GLU A 108 34.94 -9.16 30.65
N ALA A 109 35.47 -9.30 29.43
CA ALA A 109 36.72 -10.01 29.23
C ALA A 109 37.89 -9.27 29.87
N VAL A 110 37.92 -7.94 29.74
CA VAL A 110 38.96 -7.15 30.38
C VAL A 110 38.87 -7.31 31.89
N THR A 111 37.66 -7.28 32.43
CA THR A 111 37.46 -7.46 33.86
C THR A 111 37.96 -8.83 34.32
N ASN A 112 37.56 -9.88 33.60
CA ASN A 112 37.94 -11.24 33.99
C ASN A 112 39.44 -11.44 33.88
N ALA A 113 40.06 -10.86 32.85
CA ALA A 113 41.51 -10.94 32.72
C ALA A 113 42.23 -10.25 33.86
N GLY A 114 41.54 -9.37 34.59
CA GLY A 114 42.14 -8.69 35.71
C GLY A 114 42.84 -7.41 35.30
N MET A 115 42.15 -6.58 34.52
CA MET A 115 42.72 -5.36 33.97
C MET A 115 41.80 -4.19 34.25
N ARG A 116 42.39 -3.06 34.65
CA ARG A 116 41.64 -1.82 34.80
C ARG A 116 41.55 -1.10 33.46
N ILE A 117 40.37 -0.57 33.16
CA ILE A 117 40.19 0.19 31.92
C ILE A 117 41.16 1.36 31.88
N GLN A 118 41.48 1.94 33.04
CA GLN A 118 42.45 3.02 33.09
C GLN A 118 43.82 2.55 32.66
N ASP A 119 44.22 1.34 33.08
CA ASP A 119 45.53 0.82 32.71
C ASP A 119 45.63 0.64 31.20
N LEU A 120 44.60 0.07 30.58
CA LEU A 120 44.58 -0.10 29.14
C LEU A 120 44.23 1.19 28.40
N GLN A 121 43.60 2.13 29.08
CA GLN A 121 43.21 3.39 28.45
C GLN A 121 44.43 4.09 27.85
N GLY A 122 44.39 4.28 26.53
CA GLY A 122 45.47 4.93 25.83
C GLY A 122 46.57 4.02 25.33
N THR A 123 46.50 2.72 25.64
CA THR A 123 47.54 1.80 25.21
C THR A 123 47.32 1.39 23.75
N SER A 124 48.23 0.55 23.25
CA SER A 124 48.20 0.10 21.87
C SER A 124 47.42 -1.20 21.69
N THR A 125 46.44 -1.45 22.54
CA THR A 125 45.65 -2.67 22.43
C THR A 125 44.93 -2.72 21.09
N ALA A 126 44.96 -3.89 20.46
CA ALA A 126 44.30 -4.09 19.18
C ALA A 126 42.92 -4.69 19.39
N VAL A 127 42.11 -4.63 18.33
CA VAL A 127 40.78 -5.23 18.33
C VAL A 127 40.55 -5.88 16.97
N TYR A 128 40.01 -7.10 16.98
CA TYR A 128 39.72 -7.84 15.76
C TYR A 128 38.38 -8.53 15.99
N VAL A 129 37.33 -8.02 15.35
CA VAL A 129 35.97 -8.47 15.57
C VAL A 129 35.50 -9.21 14.34
N GLY A 130 34.98 -10.42 14.55
CA GLY A 130 34.39 -11.21 13.48
C GLY A 130 32.88 -11.11 13.49
N VAL A 131 32.33 -10.43 12.49
CA VAL A 131 30.89 -10.26 12.35
C VAL A 131 30.50 -10.62 10.92
N MET A 132 29.44 -11.41 10.79
CA MET A 132 28.96 -11.86 9.50
C MET A 132 27.49 -11.57 9.26
N THR A 133 26.69 -11.37 10.31
CA THR A 133 25.25 -11.44 10.20
C THR A 133 24.59 -10.19 10.72
N HIS A 134 24.99 -9.03 10.21
CA HIS A 134 24.66 -7.66 10.58
C HIS A 134 23.20 -7.38 10.24
N ASP A 135 22.30 -8.05 10.97
CA ASP A 135 20.86 -7.79 10.79
C ASP A 135 20.56 -6.32 11.01
N TYR A 136 21.10 -5.74 12.08
CA TYR A 136 21.16 -4.29 12.17
C TYR A 136 22.05 -3.77 11.04
N GLU A 137 21.74 -2.58 10.55
CA GLU A 137 22.04 -1.91 9.30
C GLU A 137 21.07 -2.37 8.22
N THR A 138 20.21 -3.35 8.50
CA THR A 138 19.08 -3.70 7.65
C THR A 138 17.76 -3.51 8.37
N VAL A 139 17.61 -4.10 9.56
CA VAL A 139 16.40 -3.88 10.35
C VAL A 139 16.23 -2.41 10.67
N SER A 140 17.30 -1.78 11.18
CA SER A 140 17.24 -0.36 11.52
C SER A 140 17.27 0.53 10.28
N THR A 141 17.56 -0.02 9.11
CA THR A 141 17.65 0.76 7.89
C THR A 141 16.76 0.25 6.77
N ARG A 142 15.97 -0.80 7.00
CA ARG A 142 15.06 -1.27 5.96
C ARG A 142 14.15 -0.15 5.49
N ASP A 143 13.60 0.61 6.44
CA ASP A 143 12.87 1.83 6.15
C ASP A 143 13.83 2.99 6.33
N LEU A 144 14.25 3.59 5.21
CA LEU A 144 15.22 4.68 5.28
C LEU A 144 14.71 5.82 6.14
N GLU A 145 13.39 6.06 6.12
CA GLU A 145 12.81 6.99 7.07
C GLU A 145 12.82 6.39 8.47
N SER A 146 12.91 7.25 9.47
CA SER A 146 13.08 6.89 10.87
C SER A 146 14.50 6.46 11.20
N ILE A 147 15.40 6.41 10.21
CA ILE A 147 16.80 6.11 10.45
C ILE A 147 17.37 7.18 11.38
N PRO A 148 17.98 6.81 12.50
CA PRO A 148 18.52 7.83 13.40
C PRO A 148 19.77 8.49 12.81
N THR A 149 20.11 9.64 13.39
CA THR A 149 21.25 10.41 12.87
C THR A 149 22.53 9.61 12.96
N TYR A 150 22.75 8.92 14.08
CA TYR A 150 23.96 8.15 14.30
C TYR A 150 23.87 6.73 13.78
N SER A 151 22.97 6.48 12.82
CA SER A 151 22.84 5.14 12.27
C SER A 151 24.11 4.73 11.52
N ALA A 152 24.71 5.66 10.78
CA ALA A 152 25.88 5.33 9.97
C ALA A 152 26.93 4.61 10.81
N THR A 153 27.43 5.28 11.85
CA THR A 153 28.44 4.66 12.70
C THR A 153 27.85 3.61 13.63
N GLY A 154 26.59 3.76 14.02
CA GLY A 154 25.99 2.82 14.94
C GLY A 154 25.89 1.42 14.36
N VAL A 155 25.57 1.32 13.08
CA VAL A 155 25.33 0.02 12.43
C VAL A 155 26.45 -0.37 11.49
N ALA A 156 27.38 0.53 11.17
CA ALA A 156 28.46 0.18 10.26
C ALA A 156 29.23 -1.01 10.79
N VAL A 157 29.49 -1.97 9.91
CA VAL A 157 30.14 -3.22 10.33
C VAL A 157 31.47 -2.91 10.98
N SER A 158 32.25 -2.03 10.38
CA SER A 158 33.59 -1.73 10.87
C SER A 158 33.55 -1.23 12.32
N VAL A 159 32.60 -0.35 12.62
CA VAL A 159 32.54 0.30 13.92
C VAL A 159 32.48 -0.76 15.02
N ALA A 160 31.91 -1.93 14.70
CA ALA A 160 31.85 -3.03 15.65
C ALA A 160 33.16 -3.17 16.40
N SER A 161 34.29 -3.07 15.70
CA SER A 161 35.58 -3.08 16.35
C SER A 161 35.96 -1.68 16.83
N ASN A 162 35.88 -0.70 15.93
CA ASN A 162 36.41 0.63 16.24
C ASN A 162 35.80 1.17 17.53
N ARG A 163 34.47 1.12 17.63
CA ARG A 163 33.82 1.67 18.81
C ARG A 163 34.41 1.09 20.09
N ILE A 164 34.69 -0.21 20.09
CA ILE A 164 35.32 -0.82 21.26
C ILE A 164 36.56 -0.02 21.63
N SER A 165 37.52 0.05 20.71
CA SER A 165 38.73 0.79 20.96
C SER A 165 38.44 2.25 21.26
N TYR A 166 37.37 2.79 20.69
CA TYR A 166 36.99 4.17 20.98
C TYR A 166 36.61 4.32 22.45
N PHE A 167 35.86 3.37 23.00
CA PHE A 167 35.45 3.48 24.40
C PHE A 167 36.63 3.23 25.33
N PHE A 168 37.43 2.22 25.05
CA PHE A 168 38.56 1.89 25.89
C PHE A 168 39.79 2.71 25.58
N ASP A 169 39.70 3.67 24.67
CA ASP A 169 40.83 4.55 24.34
C ASP A 169 42.04 3.74 23.86
N TRP A 170 41.77 2.70 23.08
CA TRP A 170 42.82 1.86 22.54
C TRP A 170 43.30 2.42 21.21
N HIS A 171 44.58 2.18 20.92
CA HIS A 171 45.21 2.69 19.71
C HIS A 171 45.70 1.59 18.77
N GLY A 172 45.50 0.33 19.12
CA GLY A 172 45.91 -0.75 18.26
C GLY A 172 44.94 -0.94 17.11
N PRO A 173 45.30 -1.85 16.20
CA PRO A 173 44.41 -2.12 15.06
C PRO A 173 43.04 -2.56 15.52
N SER A 174 42.02 -2.10 14.81
CA SER A 174 40.62 -2.32 15.17
C SER A 174 39.85 -2.94 14.01
N MET A 175 40.42 -3.99 13.42
CA MET A 175 39.76 -4.67 12.32
C MET A 175 38.42 -5.22 12.75
N THR A 176 37.45 -5.19 11.82
CA THR A 176 36.22 -5.94 11.93
C THR A 176 36.23 -6.96 10.80
N ILE A 177 36.52 -8.20 11.13
CA ILE A 177 36.72 -9.26 10.15
C ILE A 177 35.38 -9.84 9.76
N ASP A 178 35.31 -10.37 8.54
CA ASP A 178 34.14 -11.11 8.07
C ASP A 178 34.64 -12.17 7.10
N THR A 179 34.85 -13.39 7.62
CA THR A 179 35.16 -14.55 6.80
C THR A 179 34.06 -15.59 6.96
N ALA A 180 32.83 -15.11 7.11
CA ALA A 180 31.65 -15.97 7.32
C ALA A 180 31.84 -16.67 8.67
N CYS A 181 31.54 -17.97 8.76
CA CYS A 181 31.52 -18.64 10.05
C CYS A 181 32.89 -18.59 10.73
N SER A 182 33.96 -18.47 9.96
CA SER A 182 35.31 -18.47 10.52
C SER A 182 35.74 -17.09 11.03
N SER A 183 34.95 -16.05 10.76
CA SER A 183 35.38 -14.67 10.99
C SER A 183 36.10 -14.51 12.33
N SER A 184 35.41 -14.80 13.43
CA SER A 184 36.00 -14.56 14.75
C SER A 184 37.31 -15.29 14.90
N LEU A 185 37.36 -16.57 14.53
CA LEU A 185 38.61 -17.29 14.65
C LEU A 185 39.69 -16.64 13.81
N VAL A 186 39.34 -16.24 12.59
CA VAL A 186 40.29 -15.50 11.76
C VAL A 186 40.79 -14.28 12.52
N ALA A 187 39.87 -13.55 13.15
CA ALA A 187 40.26 -12.41 13.95
C ALA A 187 41.32 -12.82 14.96
N VAL A 188 41.07 -13.91 15.68
CA VAL A 188 42.06 -14.41 16.63
C VAL A 188 43.42 -14.51 15.96
N HIS A 189 43.47 -15.17 14.80
CA HIS A 189 44.73 -15.30 14.09
C HIS A 189 45.37 -13.93 13.88
N LEU A 190 44.60 -12.99 13.33
CA LEU A 190 45.12 -11.64 13.13
C LEU A 190 45.59 -11.07 14.46
N ALA A 191 44.74 -11.16 15.50
CA ALA A 191 45.15 -10.70 16.82
C ALA A 191 46.45 -11.38 17.22
N VAL A 192 46.52 -12.70 17.03
CA VAL A 192 47.73 -13.44 17.35
C VAL A 192 48.91 -12.81 16.62
N GLN A 193 48.75 -12.59 15.31
CA GLN A 193 49.82 -11.96 14.55
C GLN A 193 50.13 -10.59 15.13
N GLN A 194 49.10 -9.80 15.41
CA GLN A 194 49.32 -8.47 15.97
C GLN A 194 50.02 -8.56 17.31
N LEU A 195 49.82 -9.65 18.05
CA LEU A 195 50.50 -9.81 19.32
C LEU A 195 51.93 -10.31 19.14
N ARG A 196 52.19 -11.04 18.06
CA ARG A 196 53.53 -11.56 17.83
C ARG A 196 54.46 -10.52 17.22
N THR A 197 53.92 -9.42 16.71
CA THR A 197 54.75 -8.32 16.24
C THR A 197 55.27 -7.46 17.39
N GLY A 198 54.65 -7.53 18.55
CA GLY A 198 55.02 -6.71 19.68
C GLY A 198 54.47 -5.31 19.66
N GLN A 199 53.72 -4.95 18.62
CA GLN A 199 53.16 -3.60 18.52
C GLN A 199 51.96 -3.41 19.42
N SER A 200 51.36 -4.49 19.89
CA SER A 200 50.20 -4.43 20.78
C SER A 200 50.42 -5.38 21.95
N SER A 201 50.53 -4.83 23.16
CA SER A 201 50.68 -5.66 24.34
C SER A 201 49.44 -6.51 24.59
N MET A 202 48.29 -6.12 24.04
CA MET A 202 47.05 -6.84 24.24
C MET A 202 46.23 -6.75 22.97
N ALA A 203 45.35 -7.72 22.76
CA ALA A 203 44.51 -7.74 21.57
C ALA A 203 43.20 -8.42 21.91
N ILE A 204 42.09 -7.72 21.71
CA ILE A 204 40.78 -8.34 21.83
C ILE A 204 40.49 -9.07 20.53
N ALA A 205 40.17 -10.36 20.64
CA ALA A 205 39.63 -11.14 19.54
C ALA A 205 38.18 -11.39 19.89
N ALA A 206 37.28 -10.72 19.17
CA ALA A 206 35.87 -10.78 19.48
C ALA A 206 35.10 -11.31 18.27
N GLY A 207 33.86 -11.70 18.53
CA GLY A 207 32.97 -12.14 17.48
C GLY A 207 31.55 -11.85 17.89
N ALA A 208 30.69 -11.61 16.90
CA ALA A 208 29.31 -11.24 17.18
C ALA A 208 28.41 -11.74 16.06
N ASN A 209 27.46 -12.60 16.42
CA ASN A 209 26.38 -12.99 15.54
C ASN A 209 25.07 -12.87 16.31
N LEU A 210 24.12 -12.13 15.75
CA LEU A 210 22.86 -11.88 16.41
C LEU A 210 21.70 -12.10 15.45
N ILE A 211 20.56 -12.46 16.00
CA ILE A 211 19.35 -12.73 15.23
C ILE A 211 18.37 -11.59 15.47
N LEU A 212 18.43 -10.57 14.63
CA LEU A 212 17.57 -9.41 14.75
C LEU A 212 16.60 -9.26 13.60
N GLY A 213 16.84 -9.95 12.49
CA GLY A 213 15.97 -9.88 11.34
C GLY A 213 15.96 -11.17 10.55
N PRO A 214 14.95 -11.34 9.70
CA PRO A 214 14.86 -12.57 8.91
C PRO A 214 15.81 -12.61 7.72
N MET A 215 16.47 -11.49 7.41
CA MET A 215 17.35 -11.41 6.25
C MET A 215 18.27 -12.62 6.18
N THR A 216 19.06 -12.83 7.24
CA THR A 216 20.01 -13.93 7.25
C THR A 216 19.30 -15.27 7.13
N PHE A 217 18.18 -15.44 7.84
CA PHE A 217 17.47 -16.71 7.80
C PHE A 217 16.98 -17.00 6.38
N VAL A 218 16.36 -16.02 5.74
CA VAL A 218 15.83 -16.22 4.40
C VAL A 218 16.98 -16.51 3.43
N LEU A 219 18.06 -15.72 3.53
CA LEU A 219 19.19 -15.91 2.62
C LEU A 219 19.78 -17.31 2.75
N GLU A 220 20.06 -17.73 3.98
CA GLU A 220 20.67 -19.04 4.19
C GLU A 220 19.71 -20.16 3.81
N SER A 221 18.43 -20.04 4.13
CA SER A 221 17.46 -21.06 3.76
C SER A 221 17.25 -21.14 2.26
N LYS A 222 17.52 -20.04 1.53
CA LYS A 222 17.45 -20.10 0.08
C LYS A 222 18.45 -21.11 -0.47
N LEU A 223 19.61 -21.24 0.18
CA LEU A 223 20.59 -22.27 -0.14
C LEU A 223 20.41 -23.54 0.68
N SER A 224 19.38 -23.60 1.52
CA SER A 224 19.16 -24.75 2.41
C SER A 224 20.32 -24.94 3.37
N MET A 225 21.08 -23.88 3.63
CA MET A 225 22.19 -23.98 4.57
C MET A 225 21.70 -24.25 5.99
N LEU A 226 20.61 -23.61 6.39
CA LEU A 226 20.11 -23.75 7.75
C LEU A 226 19.49 -25.12 7.96
N SER A 227 19.42 -25.52 9.23
CA SER A 227 18.82 -26.79 9.59
C SER A 227 17.32 -26.61 9.80
N PRO A 228 16.46 -27.22 8.98
CA PRO A 228 15.02 -27.10 9.24
C PRO A 228 14.62 -27.65 10.60
N SER A 229 15.30 -28.70 11.07
CA SER A 229 15.05 -29.20 12.41
C SER A 229 15.42 -28.20 13.49
N GLY A 230 16.24 -27.20 13.15
CA GLY A 230 16.60 -26.17 14.10
C GLY A 230 17.78 -26.49 14.98
N ARG A 231 18.60 -27.48 14.62
CA ARG A 231 19.75 -27.86 15.41
C ARG A 231 20.89 -28.29 14.51
N SER A 232 22.10 -27.88 14.85
CA SER A 232 23.30 -28.23 14.08
C SER A 232 23.75 -29.62 14.51
N ARG A 233 23.16 -30.63 13.90
CA ARG A 233 23.48 -32.03 14.21
C ARG A 233 24.82 -32.36 13.59
N MET A 234 25.89 -32.10 14.34
CA MET A 234 27.24 -32.34 13.86
C MET A 234 27.44 -33.81 13.53
N TRP A 235 27.86 -34.08 12.30
CA TRP A 235 28.27 -35.41 11.84
C TRP A 235 27.20 -36.46 12.04
N ASP A 236 25.96 -36.07 12.28
CA ASP A 236 24.88 -37.01 12.55
C ASP A 236 24.13 -37.33 11.26
N ALA A 237 23.47 -38.49 11.26
CA ALA A 237 22.66 -38.89 10.11
C ALA A 237 21.53 -37.89 9.86
N GLY A 238 21.11 -37.16 10.88
CA GLY A 238 20.11 -36.13 10.73
C GLY A 238 20.64 -34.80 10.25
N ALA A 239 21.90 -34.75 9.83
CA ALA A 239 22.50 -33.52 9.33
C ALA A 239 21.68 -32.94 8.19
N ASP A 240 21.10 -31.75 8.41
CA ASP A 240 20.29 -31.10 7.39
C ASP A 240 20.56 -29.60 7.32
N GLY A 241 21.72 -29.15 7.79
CA GLY A 241 22.09 -27.76 7.82
C GLY A 241 22.65 -27.40 9.17
N TYR A 242 22.70 -26.10 9.45
CA TYR A 242 23.18 -25.59 10.73
C TYR A 242 22.15 -24.65 11.32
N ALA A 243 21.98 -24.72 12.63
CA ALA A 243 21.05 -23.87 13.35
C ALA A 243 21.76 -22.59 13.75
N ARG A 244 21.22 -21.45 13.31
CA ARG A 244 21.80 -20.17 13.68
C ARG A 244 21.75 -19.98 15.19
N GLY A 245 22.79 -19.36 15.72
CA GLY A 245 22.86 -19.09 17.15
C GLY A 245 23.31 -17.67 17.41
N GLU A 246 22.74 -17.06 18.44
CA GLU A 246 23.12 -15.72 18.86
C GLU A 246 24.23 -15.83 19.89
N ALA A 247 25.38 -15.25 19.59
CA ALA A 247 26.49 -15.27 20.53
C ALA A 247 27.39 -14.08 20.28
N VAL A 248 27.86 -13.48 21.36
CA VAL A 248 28.83 -12.40 21.32
C VAL A 248 29.96 -12.79 22.27
N CYS A 249 31.14 -13.03 21.73
CA CYS A 249 32.29 -13.48 22.50
C CYS A 249 33.39 -12.43 22.40
N SER A 250 34.15 -12.29 23.48
CA SER A 250 35.35 -11.46 23.48
C SER A 250 36.43 -12.21 24.24
N VAL A 251 37.63 -12.22 23.69
CA VAL A 251 38.75 -12.96 24.27
C VAL A 251 39.95 -12.03 24.30
N VAL A 252 40.49 -11.81 25.49
CA VAL A 252 41.70 -10.99 25.63
C VAL A 252 42.90 -11.87 25.36
N LEU A 253 43.70 -11.51 24.36
CA LEU A 253 44.85 -12.27 23.92
C LEU A 253 46.11 -11.47 24.17
N LYS A 254 47.15 -12.16 24.62
CA LYS A 254 48.44 -11.54 24.86
C LYS A 254 49.53 -12.56 24.60
N THR A 255 50.73 -12.08 24.37
CA THR A 255 51.87 -12.98 24.31
C THR A 255 52.12 -13.55 25.69
N LEU A 256 52.43 -14.84 25.75
CA LEU A 256 52.57 -15.51 27.03
C LEU A 256 53.50 -14.74 27.96
N SER A 257 54.64 -14.29 27.43
CA SER A 257 55.55 -13.49 28.22
C SER A 257 54.90 -12.19 28.66
N GLN A 258 54.15 -11.54 27.77
CA GLN A 258 53.50 -10.28 28.12
C GLN A 258 52.46 -10.49 29.22
N ALA A 259 51.70 -11.58 29.14
CA ALA A 259 50.72 -11.86 30.18
C ALA A 259 51.41 -12.15 31.51
N LEU A 260 52.48 -12.94 31.48
CA LEU A 260 53.16 -13.30 32.73
C LEU A 260 53.78 -12.07 33.39
N ARG A 261 54.47 -11.23 32.61
CA ARG A 261 55.07 -10.03 33.18
C ARG A 261 54.02 -9.10 33.75
N ASP A 262 52.80 -9.15 33.22
CA ASP A 262 51.69 -8.35 33.72
C ASP A 262 50.90 -9.05 34.82
N GLY A 263 51.23 -10.29 35.13
CA GLY A 263 50.55 -11.01 36.19
C GLY A 263 49.07 -11.21 35.93
N ASP A 264 48.71 -11.60 34.71
CA ASP A 264 47.32 -11.83 34.35
C ASP A 264 47.03 -13.32 34.39
N THR A 265 45.97 -13.70 35.11
CA THR A 265 45.56 -15.10 35.16
C THR A 265 45.22 -15.58 33.77
N ILE A 266 45.69 -16.77 33.43
CA ILE A 266 45.62 -17.30 32.08
C ILE A 266 44.47 -18.30 31.98
N GLU A 267 43.65 -18.13 30.94
CA GLU A 267 42.60 -19.09 30.64
C GLU A 267 43.12 -20.22 29.76
N CYS A 268 43.95 -19.92 28.77
CA CYS A 268 44.55 -20.96 27.96
C CYS A 268 45.68 -20.34 27.14
N VAL A 269 46.33 -21.17 26.33
CA VAL A 269 47.44 -20.75 25.49
C VAL A 269 47.10 -21.09 24.04
N ILE A 270 46.90 -20.06 23.22
CA ILE A 270 46.77 -20.25 21.78
C ILE A 270 48.19 -20.38 21.24
N ARG A 271 48.63 -21.62 21.05
CA ARG A 271 49.98 -21.86 20.57
C ARG A 271 50.16 -21.41 19.13
N GLU A 272 49.18 -21.66 18.29
CA GLU A 272 49.26 -21.28 16.88
C GLU A 272 47.85 -21.20 16.32
N THR A 273 47.68 -20.30 15.35
CA THR A 273 46.38 -20.09 14.71
C THR A 273 46.63 -19.84 13.22
N GLY A 274 46.52 -20.90 12.43
CA GLY A 274 46.66 -20.78 11.00
C GLY A 274 45.32 -20.51 10.33
N VAL A 275 45.38 -19.85 9.19
CA VAL A 275 44.20 -19.55 8.38
C VAL A 275 44.51 -19.91 6.94
N ASN A 276 43.63 -20.70 6.32
CA ASN A 276 43.76 -21.06 4.92
C ASN A 276 42.37 -21.00 4.29
N GLN A 277 42.32 -21.25 2.99
CA GLN A 277 41.11 -21.08 2.21
C GLN A 277 40.90 -22.30 1.32
N ASP A 278 39.63 -22.56 1.00
CA ASP A 278 39.30 -23.65 0.08
C ASP A 278 39.46 -23.17 -1.36
N GLY A 279 40.02 -24.04 -2.18
CA GLY A 279 40.21 -23.73 -3.58
C GLY A 279 38.90 -23.70 -4.35
N ARG A 280 38.97 -23.95 -5.65
CA ARG A 280 37.77 -23.95 -6.49
C ARG A 280 37.00 -25.25 -6.27
N THR A 281 36.42 -25.35 -5.07
CA THR A 281 35.64 -26.51 -4.69
C THR A 281 34.39 -26.60 -5.58
N THR A 282 33.64 -27.69 -5.39
CA THR A 282 32.40 -27.90 -6.12
C THR A 282 31.34 -26.98 -5.52
N GLY A 283 31.47 -25.70 -5.84
CA GLY A 283 30.58 -24.68 -5.33
C GLY A 283 31.29 -23.79 -4.32
N ILE A 284 30.87 -22.52 -4.29
CA ILE A 284 31.49 -21.56 -3.37
C ILE A 284 31.24 -22.00 -1.93
N THR A 285 30.03 -22.47 -1.63
CA THR A 285 29.68 -22.88 -0.28
C THR A 285 30.36 -24.18 0.14
N MET A 286 30.77 -25.01 -0.82
CA MET A 286 31.29 -26.33 -0.50
C MET A 286 32.66 -26.20 0.15
N PRO A 287 32.86 -26.74 1.36
CA PRO A 287 34.21 -26.77 1.93
C PRO A 287 35.06 -27.84 1.27
N ASN A 288 36.38 -27.69 1.43
CA ASN A 288 37.36 -28.60 0.85
C ASN A 288 38.07 -29.33 1.97
N HIS A 289 38.00 -30.67 1.95
CA HIS A 289 38.70 -31.46 2.96
C HIS A 289 40.21 -31.31 2.81
N SER A 290 40.70 -31.28 1.57
CA SER A 290 42.14 -31.14 1.36
C SER A 290 42.65 -29.83 1.90
N ALA A 291 41.91 -28.75 1.66
CA ALA A 291 42.33 -27.43 2.15
C ALA A 291 42.40 -27.41 3.66
N GLN A 292 41.39 -27.98 4.34
CA GLN A 292 41.37 -27.98 5.79
C GLN A 292 42.46 -28.89 6.36
N GLU A 293 42.73 -30.02 5.69
CA GLU A 293 43.84 -30.87 6.12
C GLU A 293 45.16 -30.13 6.01
N ALA A 294 45.36 -29.41 4.89
CA ALA A 294 46.58 -28.62 4.74
C ALA A 294 46.66 -27.54 5.80
N LEU A 295 45.53 -26.92 6.12
CA LEU A 295 45.49 -25.90 7.16
C LEU A 295 45.95 -26.48 8.50
N ILE A 296 45.40 -27.64 8.87
CA ILE A 296 45.75 -28.25 10.14
C ILE A 296 47.23 -28.61 10.16
N LYS A 297 47.72 -29.23 9.09
CA LYS A 297 49.12 -29.63 9.05
C LYS A 297 50.03 -28.41 9.13
N ALA A 298 49.72 -27.35 8.39
CA ALA A 298 50.56 -26.16 8.41
C ALA A 298 50.52 -25.49 9.77
N THR A 299 49.35 -25.45 10.41
CA THR A 299 49.25 -24.86 11.73
C THR A 299 50.08 -25.63 12.75
N TYR A 300 50.02 -26.95 12.69
CA TYR A 300 50.82 -27.75 13.62
C TYR A 300 52.31 -27.59 13.34
N ALA A 301 52.70 -27.52 12.05
CA ALA A 301 54.09 -27.30 11.72
C ALA A 301 54.58 -25.95 12.24
N GLN A 302 53.76 -24.91 12.08
CA GLN A 302 54.14 -23.60 12.58
C GLN A 302 54.26 -23.61 14.10
N ALA A 303 53.40 -24.37 14.77
CA ALA A 303 53.49 -24.52 16.22
C ALA A 303 54.68 -25.35 16.66
N GLY A 304 55.41 -25.96 15.73
CA GLY A 304 56.45 -26.88 16.09
C GLY A 304 55.95 -28.24 16.51
N LEU A 305 54.73 -28.60 16.09
CA LEU A 305 54.09 -29.85 16.48
C LEU A 305 54.08 -30.81 15.30
N ASP A 306 54.51 -32.05 15.53
CA ASP A 306 54.45 -33.08 14.51
C ASP A 306 53.06 -33.69 14.50
N ILE A 307 52.37 -33.58 13.37
CA ILE A 307 51.00 -34.09 13.30
C ILE A 307 51.01 -35.60 13.46
N THR A 308 52.06 -36.27 13.01
CA THR A 308 52.12 -37.73 13.10
C THR A 308 52.28 -38.19 14.54
N LYS A 309 52.92 -37.39 15.39
CA LYS A 309 53.17 -37.79 16.76
C LYS A 309 51.94 -37.55 17.62
N ALA A 310 51.56 -38.55 18.42
CA ALA A 310 50.46 -38.39 19.34
C ALA A 310 50.77 -37.36 20.42
N GLU A 311 52.03 -37.29 20.85
CA GLU A 311 52.41 -36.32 21.87
C GLU A 311 52.17 -34.90 21.39
N ASP A 312 52.52 -34.60 20.13
CA ASP A 312 52.28 -33.30 19.56
C ASP A 312 50.85 -33.13 19.05
N ARG A 313 50.06 -34.19 19.09
CA ARG A 313 48.69 -34.15 18.61
C ARG A 313 47.78 -33.44 19.62
N CYS A 314 46.58 -33.11 19.17
CA CYS A 314 45.55 -32.55 20.04
C CYS A 314 44.54 -33.64 20.40
N GLN A 315 44.29 -33.79 21.70
CA GLN A 315 43.36 -34.82 22.17
C GLN A 315 41.91 -34.43 21.95
N PHE A 316 41.63 -33.14 21.80
CA PHE A 316 40.29 -32.66 21.50
C PHE A 316 40.36 -31.76 20.27
N PHE A 317 39.28 -31.75 19.50
CA PHE A 317 39.23 -30.99 18.25
C PHE A 317 37.85 -30.34 18.15
N GLU A 318 37.78 -29.05 18.47
CA GLU A 318 36.53 -28.33 18.29
C GLU A 318 36.30 -28.13 16.81
N ALA A 319 35.57 -29.06 16.20
CA ALA A 319 35.32 -29.02 14.77
C ALA A 319 34.31 -27.96 14.42
N HIS A 320 34.36 -27.51 13.17
CA HIS A 320 33.31 -26.64 12.65
C HIS A 320 31.94 -27.23 12.92
N GLY A 321 31.76 -28.52 12.60
CA GLY A 321 30.59 -29.27 13.00
C GLY A 321 29.29 -28.50 12.91
N THR A 322 28.94 -28.06 11.71
CA THR A 322 27.74 -27.28 11.49
C THR A 322 26.50 -28.11 11.21
N GLY A 323 26.65 -29.42 11.04
CA GLY A 323 25.52 -30.24 10.69
C GLY A 323 25.12 -30.20 9.23
N THR A 324 25.95 -29.60 8.38
CA THR A 324 25.67 -29.60 6.95
C THR A 324 26.03 -30.96 6.35
N PRO A 325 25.10 -31.62 5.66
CA PRO A 325 25.44 -32.96 5.14
C PRO A 325 26.62 -32.97 4.20
N ALA A 326 26.85 -31.87 3.47
CA ALA A 326 27.95 -31.80 2.53
C ALA A 326 29.25 -31.30 3.14
N GLY A 327 29.17 -30.52 4.22
CA GLY A 327 30.35 -29.95 4.82
C GLY A 327 30.95 -30.82 5.91
N ASP A 328 30.10 -31.41 6.73
CA ASP A 328 30.61 -32.26 7.82
C ASP A 328 31.50 -33.39 7.31
N PRO A 329 31.12 -34.13 6.26
CA PRO A 329 32.03 -35.17 5.76
C PRO A 329 33.38 -34.63 5.33
N GLN A 330 33.41 -33.45 4.71
CA GLN A 330 34.67 -32.85 4.31
C GLN A 330 35.54 -32.55 5.53
N GLU A 331 34.94 -32.00 6.58
CA GLU A 331 35.69 -31.71 7.79
C GLU A 331 36.20 -32.98 8.45
N ALA A 332 35.38 -34.02 8.50
CA ALA A 332 35.82 -35.27 9.10
C ALA A 332 36.97 -35.87 8.31
N GLU A 333 36.89 -35.83 6.99
CA GLU A 333 37.98 -36.32 6.16
C GLU A 333 39.25 -35.52 6.39
N ALA A 334 39.13 -34.19 6.47
CA ALA A 334 40.29 -33.36 6.71
C ALA A 334 40.94 -33.69 8.05
N ILE A 335 40.12 -33.84 9.09
CA ILE A 335 40.66 -34.16 10.42
C ILE A 335 41.36 -35.51 10.40
N ALA A 336 40.72 -36.51 9.79
CA ALA A 336 41.29 -37.85 9.77
C ALA A 336 42.60 -37.86 8.99
N THR A 337 42.64 -37.20 7.84
CA THR A 337 43.84 -37.20 7.01
C THR A 337 44.95 -36.32 7.58
N ALA A 338 44.61 -35.36 8.44
CA ALA A 338 45.63 -34.52 9.06
C ALA A 338 46.23 -35.23 10.27
N PHE A 339 45.39 -35.79 11.13
CA PHE A 339 45.86 -36.49 12.32
C PHE A 339 46.08 -37.97 12.09
N PHE A 340 45.64 -38.52 10.97
CA PHE A 340 45.77 -39.93 10.68
C PHE A 340 45.95 -40.10 9.17
N GLY A 341 45.77 -41.32 8.69
CA GLY A 341 46.00 -41.60 7.29
C GLY A 341 47.45 -41.43 6.88
N HIS A 342 48.38 -41.74 7.79
CA HIS A 342 49.80 -41.63 7.50
C HIS A 342 50.58 -42.85 8.01
N GLU A 343 49.90 -43.96 8.27
CA GLU A 343 50.55 -45.15 8.80
C GLU A 343 50.99 -46.07 7.66
N ARG A 353 44.83 -47.18 22.42
CA ARG A 353 44.76 -46.26 21.28
C ARG A 353 43.53 -45.37 21.43
N ALA A 354 43.66 -44.33 22.25
CA ALA A 354 42.55 -43.43 22.49
C ALA A 354 42.21 -42.65 21.23
N PRO A 355 40.94 -42.39 20.96
CA PRO A 355 40.57 -41.63 19.76
C PRO A 355 40.78 -40.14 19.97
N LEU A 356 40.81 -39.42 18.85
CA LEU A 356 40.91 -37.97 18.85
C LEU A 356 39.49 -37.41 18.95
N PHE A 357 39.11 -36.94 20.13
CA PHE A 357 37.75 -36.46 20.35
C PHE A 357 37.49 -35.22 19.50
N VAL A 358 36.34 -35.20 18.84
CA VAL A 358 35.92 -34.09 18.00
C VAL A 358 34.54 -33.64 18.47
N GLY A 359 34.41 -32.37 18.84
CA GLY A 359 33.15 -31.85 19.30
C GLY A 359 32.97 -30.37 19.03
N SER A 360 31.89 -30.02 18.36
CA SER A 360 31.62 -28.64 17.99
C SER A 360 30.69 -27.99 19.00
N ALA A 361 31.07 -26.81 19.49
CA ALA A 361 30.22 -26.07 20.40
C ALA A 361 28.88 -25.73 19.77
N LYS A 362 28.81 -25.69 18.45
CA LYS A 362 27.59 -25.30 17.76
C LYS A 362 26.48 -26.32 17.93
N THR A 363 26.79 -27.52 18.43
CA THR A 363 25.73 -28.46 18.79
C THR A 363 25.01 -28.02 20.06
N VAL A 364 25.68 -27.23 20.90
CA VAL A 364 25.13 -26.81 22.19
C VAL A 364 24.63 -25.37 22.13
N VAL A 365 25.44 -24.46 21.61
CA VAL A 365 25.08 -23.04 21.53
C VAL A 365 24.69 -22.64 20.11
N GLY A 366 24.68 -23.58 19.18
CA GLY A 366 24.27 -23.29 17.82
C GLY A 366 25.40 -22.74 16.98
N HIS A 367 25.18 -22.76 15.67
CA HIS A 367 26.13 -22.18 14.73
C HIS A 367 26.00 -20.66 14.81
N THR A 368 26.92 -20.03 15.53
CA THR A 368 26.87 -18.59 15.77
C THR A 368 27.65 -17.80 14.73
N GLU A 369 27.79 -18.36 13.52
CA GLU A 369 28.32 -17.64 12.37
C GLU A 369 29.61 -16.89 12.70
N GLY A 370 29.54 -15.56 12.77
CA GLY A 370 30.76 -14.77 12.90
C GLY A 370 31.56 -15.13 14.12
N THR A 371 30.91 -15.26 15.27
CA THR A 371 31.58 -15.62 16.51
C THR A 371 31.76 -17.12 16.66
N ALA A 372 31.24 -17.91 15.71
CA ALA A 372 31.28 -19.36 15.85
C ALA A 372 32.69 -19.84 16.16
N GLY A 373 33.66 -19.39 15.37
CA GLY A 373 35.05 -19.70 15.64
C GLY A 373 35.39 -19.47 17.09
N LEU A 374 35.24 -18.22 17.56
CA LEU A 374 35.54 -17.92 18.95
C LEU A 374 34.75 -18.83 19.88
N ALA A 375 33.48 -19.07 19.58
CA ALA A 375 32.70 -19.98 20.41
C ALA A 375 33.42 -21.31 20.54
N GLY A 376 33.80 -21.90 19.41
CA GLY A 376 34.58 -23.13 19.48
C GLY A 376 35.85 -22.95 20.28
N LEU A 377 36.55 -21.84 20.07
CA LEU A 377 37.74 -21.56 20.85
C LEU A 377 37.44 -21.63 22.33
N MET A 378 36.34 -21.00 22.75
CA MET A 378 35.96 -21.06 24.15
C MET A 378 35.78 -22.51 24.60
N LYS A 379 35.07 -23.30 23.78
CA LYS A 379 34.89 -24.71 24.11
C LYS A 379 36.23 -25.42 24.20
N ALA A 380 37.17 -25.05 23.32
CA ALA A 380 38.50 -25.62 23.40
C ALA A 380 39.28 -25.05 24.58
N SER A 381 39.01 -23.79 24.92
CA SER A 381 39.75 -23.16 26.02
C SER A 381 39.33 -23.75 27.35
N PHE A 382 38.06 -23.55 27.73
CA PHE A 382 37.60 -24.03 29.03
C PHE A 382 37.94 -25.50 29.20
N ALA A 383 37.59 -26.31 28.20
CA ALA A 383 37.92 -27.73 28.23
C ALA A 383 39.38 -27.93 28.62
N VAL A 384 40.29 -27.35 27.83
CA VAL A 384 41.70 -27.63 28.06
C VAL A 384 42.12 -27.11 29.43
N ARG A 385 41.45 -26.07 29.93
CA ARG A 385 41.79 -25.56 31.26
C ARG A 385 41.25 -26.46 32.35
N HIS A 386 40.10 -27.10 32.12
CA HIS A 386 39.45 -27.92 33.12
C HIS A 386 39.66 -29.41 32.89
N GLY A 387 40.41 -29.79 31.86
CA GLY A 387 40.67 -31.19 31.61
C GLY A 387 39.44 -32.01 31.32
N VAL A 388 38.36 -31.38 30.87
CA VAL A 388 37.11 -32.07 30.56
C VAL A 388 36.80 -31.85 29.10
N ILE A 389 36.54 -32.94 28.38
CA ILE A 389 36.15 -32.85 26.98
C ILE A 389 34.63 -32.69 26.94
N PRO A 390 34.12 -31.49 26.64
CA PRO A 390 32.67 -31.30 26.68
C PRO A 390 31.99 -32.15 25.63
N PRO A 391 30.76 -32.58 25.90
CA PRO A 391 30.04 -33.43 24.95
C PRO A 391 29.37 -32.59 23.86
N ASN A 392 28.67 -33.29 22.97
CA ASN A 392 27.87 -32.68 21.91
C ASN A 392 26.43 -33.07 22.12
N LEU A 393 25.55 -32.07 22.21
CA LEU A 393 24.16 -32.33 22.58
C LEU A 393 23.45 -33.16 21.52
N LEU A 394 23.68 -32.86 20.24
CA LEU A 394 22.97 -33.50 19.14
C LEU A 394 23.95 -34.42 18.40
N PHE A 395 24.04 -35.67 18.86
CA PHE A 395 24.77 -36.70 18.13
C PHE A 395 24.18 -38.05 18.56
N ASP A 396 23.32 -38.61 17.71
CA ASP A 396 22.67 -39.89 18.00
C ASP A 396 23.15 -41.02 17.09
N LYS A 397 23.45 -40.73 15.84
CA LYS A 397 23.91 -41.74 14.90
C LYS A 397 24.89 -41.10 13.93
N ILE A 398 26.08 -41.71 13.80
CA ILE A 398 27.09 -41.16 12.93
C ILE A 398 26.58 -41.11 11.50
N SER A 399 26.82 -40.00 10.83
CA SER A 399 26.37 -39.86 9.45
C SER A 399 27.07 -40.90 8.58
N PRO A 400 26.35 -41.55 7.65
CA PRO A 400 27.04 -42.50 6.77
C PRO A 400 28.17 -41.88 5.98
N ARG A 401 28.04 -40.62 5.58
CA ARG A 401 29.10 -39.95 4.85
C ARG A 401 30.32 -39.70 5.72
N VAL A 402 30.11 -39.53 7.03
CA VAL A 402 31.22 -39.28 7.95
C VAL A 402 31.81 -40.57 8.51
N ALA A 403 31.08 -41.68 8.42
CA ALA A 403 31.58 -42.93 9.00
C ALA A 403 32.96 -43.32 8.49
N PRO A 404 33.26 -43.21 7.19
CA PRO A 404 34.59 -43.63 6.73
C PRO A 404 35.73 -42.93 7.44
N PHE A 405 35.56 -41.65 7.77
CA PHE A 405 36.59 -40.87 8.44
C PHE A 405 36.41 -40.84 9.96
N TYR A 406 35.44 -41.59 10.48
CA TYR A 406 35.16 -41.63 11.91
C TYR A 406 35.91 -42.75 12.62
N LYS A 407 36.75 -43.49 11.90
CA LYS A 407 37.46 -44.61 12.52
C LYS A 407 38.31 -44.15 13.70
N ASN A 408 39.10 -43.10 13.50
CA ASN A 408 40.01 -42.60 14.52
C ASN A 408 39.42 -41.44 15.32
N LEU A 409 38.15 -41.12 15.12
CA LEU A 409 37.50 -39.99 15.75
C LEU A 409 36.32 -40.45 16.59
N ARG A 410 36.03 -39.71 17.64
CA ARG A 410 34.91 -40.02 18.52
C ARG A 410 34.29 -38.73 19.01
N ILE A 411 33.02 -38.52 18.69
CA ILE A 411 32.27 -37.35 19.16
C ILE A 411 31.80 -37.65 20.58
N PRO A 412 32.19 -36.84 21.57
CA PRO A 412 31.81 -37.13 22.95
C PRO A 412 30.34 -36.83 23.19
N THR A 413 29.60 -37.85 23.63
CA THR A 413 28.21 -37.68 24.06
C THR A 413 28.10 -37.44 25.57
N GLU A 414 29.23 -37.46 26.28
CA GLU A 414 29.24 -37.25 27.72
C GLU A 414 30.47 -36.41 28.07
N ALA A 415 30.42 -35.79 29.25
CA ALA A 415 31.54 -35.00 29.73
C ALA A 415 32.68 -35.95 30.06
N THR A 416 33.63 -36.08 29.14
CA THR A 416 34.68 -37.08 29.24
C THR A 416 35.95 -36.44 29.78
N GLN A 417 36.59 -37.14 30.72
CA GLN A 417 37.87 -36.69 31.25
C GLN A 417 38.93 -36.73 30.15
N TRP A 418 39.89 -35.83 30.26
CA TRP A 418 40.88 -35.70 29.21
C TRP A 418 41.69 -36.99 29.08
N PRO A 419 42.03 -37.41 27.86
CA PRO A 419 42.84 -38.63 27.70
C PRO A 419 44.20 -38.48 28.37
N ALA A 420 44.73 -39.61 28.81
CA ALA A 420 46.03 -39.62 29.47
C ALA A 420 47.09 -39.03 28.55
N LEU A 421 48.01 -38.26 29.14
CA LEU A 421 49.03 -37.55 28.39
C LEU A 421 50.41 -37.92 28.92
N PRO A 422 51.44 -37.81 28.10
CA PRO A 422 52.81 -37.94 28.60
C PRO A 422 53.10 -36.88 29.64
N PRO A 423 53.88 -37.19 30.67
CA PRO A 423 54.15 -36.19 31.71
C PRO A 423 54.81 -34.96 31.12
N GLY A 424 54.36 -33.79 31.58
CA GLY A 424 54.89 -32.53 31.13
C GLY A 424 54.29 -32.00 29.84
N GLN A 425 53.41 -32.77 29.19
CA GLN A 425 52.76 -32.30 27.97
C GLN A 425 51.43 -31.65 28.32
N PRO A 426 51.22 -30.38 27.98
CA PRO A 426 49.93 -29.75 28.30
C PRO A 426 48.80 -30.38 27.50
N ARG A 427 47.60 -30.36 28.08
CA ARG A 427 46.42 -30.73 27.33
C ARG A 427 46.32 -29.86 26.09
N ARG A 428 46.06 -30.48 24.95
CA ARG A 428 46.04 -29.78 23.67
C ARG A 428 44.71 -30.05 22.98
N ALA A 429 44.06 -28.98 22.54
CA ALA A 429 42.83 -29.04 21.76
C ALA A 429 43.01 -28.25 20.48
N SER A 430 42.08 -28.46 19.55
CA SER A 430 42.12 -27.79 18.26
C SER A 430 40.73 -27.26 17.93
N VAL A 431 40.70 -26.10 17.27
CA VAL A 431 39.47 -25.42 16.89
C VAL A 431 39.49 -25.21 15.39
N ASN A 432 38.42 -25.59 14.72
CA ASN A 432 38.26 -25.39 13.28
C ASN A 432 36.99 -24.59 13.04
N SER A 433 37.08 -23.58 12.18
CA SER A 433 35.92 -22.79 11.80
C SER A 433 36.02 -22.50 10.31
N PHE A 434 35.06 -23.00 9.55
CA PHE A 434 35.03 -22.81 8.11
C PHE A 434 33.85 -21.91 7.75
N GLY A 435 34.15 -20.79 7.09
CA GLY A 435 33.11 -19.90 6.61
C GLY A 435 32.76 -20.21 5.17
N PHE A 436 31.46 -20.17 4.87
CA PHE A 436 31.02 -20.41 3.50
C PHE A 436 31.75 -19.46 2.56
N GLY A 437 32.26 -20.01 1.47
CA GLY A 437 33.26 -19.34 0.68
C GLY A 437 34.57 -20.07 0.81
N GLY A 438 34.80 -20.66 1.99
CA GLY A 438 35.89 -21.57 2.21
C GLY A 438 37.01 -21.07 3.10
N THR A 439 36.88 -19.90 3.69
CA THR A 439 37.92 -19.38 4.59
C THR A 439 37.93 -20.23 5.85
N ASN A 440 38.96 -21.08 5.98
CA ASN A 440 39.09 -21.99 7.10
C ASN A 440 40.12 -21.43 8.06
N ALA A 441 39.75 -21.34 9.33
CA ALA A 441 40.65 -20.92 10.40
C ALA A 441 40.83 -22.08 11.36
N HIS A 442 42.08 -22.39 11.67
CA HIS A 442 42.41 -23.45 12.61
C HIS A 442 43.30 -22.89 13.70
N ALA A 443 42.96 -23.22 14.95
CA ALA A 443 43.71 -22.77 16.12
C ALA A 443 44.10 -23.97 16.96
N ILE A 444 45.33 -23.95 17.45
CA ILE A 444 45.83 -24.96 18.37
C ILE A 444 45.90 -24.31 19.74
N ILE A 445 45.23 -24.91 20.72
CA ILE A 445 45.12 -24.35 22.06
C ILE A 445 45.61 -25.38 23.05
N GLU A 446 46.08 -24.90 24.20
CA GLU A 446 46.65 -25.77 25.22
C GLU A 446 46.35 -25.18 26.59
N GLU A 447 46.44 -26.03 27.61
CA GLU A 447 46.35 -25.54 28.97
C GLU A 447 47.65 -24.84 29.35
N TYR A 448 47.54 -23.76 30.11
CA TYR A 448 48.73 -23.12 30.65
C TYR A 448 49.25 -23.94 31.82
N MET A 449 50.48 -24.42 31.69
CA MET A 449 51.01 -25.39 32.65
C MET A 449 51.23 -24.80 34.03
N GLU A 450 51.30 -23.48 34.15
CA GLU A 450 51.54 -22.80 35.41
C GLU A 450 52.76 -23.39 36.13
N PRO A 451 53.93 -23.40 35.47
CA PRO A 451 55.14 -23.94 36.09
C PRO A 451 55.71 -23.04 37.18
N LEU A 471 44.56 -8.39 58.78
CA LEU A 471 44.73 -7.21 57.95
C LEU A 471 44.45 -7.55 56.49
N SER A 472 43.48 -6.87 55.89
CA SER A 472 43.13 -7.09 54.51
C SER A 472 42.77 -5.77 53.86
N LEU A 473 42.90 -5.71 52.54
CA LEU A 473 42.56 -4.51 51.81
C LEU A 473 41.04 -4.29 51.83
N PRO A 474 40.60 -3.05 51.67
CA PRO A 474 39.15 -2.81 51.56
C PRO A 474 38.59 -3.43 50.30
N LEU A 475 37.34 -3.87 50.39
CA LEU A 475 36.64 -4.45 49.24
C LEU A 475 36.06 -3.29 48.43
N VAL A 476 36.68 -3.00 47.30
CA VAL A 476 36.36 -1.80 46.53
C VAL A 476 35.48 -2.18 45.35
N LEU A 477 34.43 -1.38 45.12
CA LEU A 477 33.53 -1.55 43.99
C LEU A 477 33.33 -0.20 43.32
N SER A 478 33.11 -0.24 42.01
CA SER A 478 32.92 1.00 41.26
C SER A 478 32.06 0.72 40.04
N ALA A 479 31.26 1.72 39.68
CA ALA A 479 30.37 1.63 38.53
C ALA A 479 30.18 3.02 37.96
N LYS A 480 29.72 3.07 36.71
CA LYS A 480 29.44 4.34 36.06
C LYS A 480 28.17 5.01 36.59
N SER A 481 27.36 4.28 37.35
CA SER A 481 26.14 4.84 37.94
C SER A 481 25.98 4.28 39.35
N GLN A 482 25.44 5.11 40.26
CA GLN A 482 25.23 4.66 41.62
C GLN A 482 24.26 3.48 41.68
N ARG A 483 23.30 3.43 40.76
CA ARG A 483 22.44 2.26 40.66
C ARG A 483 23.25 1.02 40.33
N SER A 484 24.15 1.13 39.34
CA SER A 484 25.01 0.02 39.00
C SER A 484 25.93 -0.34 40.17
N LEU A 485 26.39 0.66 40.92
CA LEU A 485 27.24 0.37 42.07
C LEU A 485 26.47 -0.37 43.16
N LYS A 486 25.22 0.00 43.38
CA LYS A 486 24.39 -0.72 44.36
C LYS A 486 24.14 -2.15 43.90
N ILE A 487 23.88 -2.34 42.61
CA ILE A 487 23.69 -3.69 42.10
C ILE A 487 24.99 -4.48 42.23
N MET A 488 26.14 -3.82 42.05
CA MET A 488 27.41 -4.48 42.26
C MET A 488 27.57 -4.91 43.71
N MET A 489 27.18 -4.06 44.65
CA MET A 489 27.27 -4.43 46.06
C MET A 489 26.37 -5.63 46.36
N GLU A 490 25.15 -5.62 45.82
CA GLU A 490 24.25 -6.75 46.02
C GLU A 490 24.84 -8.04 45.44
N GLU A 491 25.37 -7.97 44.22
CA GLU A 491 25.92 -9.14 43.57
C GLU A 491 27.16 -9.64 44.31
N MET A 492 27.98 -8.73 44.81
CA MET A 492 29.17 -9.14 45.55
C MET A 492 28.79 -9.78 46.88
N LEU A 493 27.75 -9.26 47.53
CA LEU A 493 27.26 -9.91 48.75
C LEU A 493 26.79 -11.33 48.45
N GLN A 494 26.02 -11.49 47.38
CA GLN A 494 25.55 -12.82 47.00
C GLN A 494 26.72 -13.73 46.64
N PHE A 495 27.73 -13.19 45.97
CA PHE A 495 28.91 -13.97 45.61
C PHE A 495 29.68 -14.42 46.84
N LEU A 496 29.84 -13.52 47.81
CA LEU A 496 30.50 -13.90 49.07
C LEU A 496 29.72 -14.98 49.79
N GLN A 497 28.39 -14.85 49.82
CA GLN A 497 27.57 -15.90 50.42
C GLN A 497 27.75 -17.21 49.68
N SER A 498 27.86 -17.16 48.34
CA SER A 498 28.01 -18.37 47.55
C SER A 498 29.43 -18.92 47.60
N HIS A 499 30.43 -18.06 47.79
CA HIS A 499 31.84 -18.46 47.75
C HIS A 499 32.55 -17.93 48.99
N PRO A 500 32.17 -18.42 50.17
CA PRO A 500 32.95 -18.10 51.38
C PRO A 500 34.35 -18.69 51.35
N GLU A 501 34.58 -19.71 50.53
CA GLU A 501 35.89 -20.37 50.49
C GLU A 501 36.95 -19.46 49.89
N ILE A 502 36.56 -18.53 49.02
CA ILE A 502 37.53 -17.69 48.33
C ILE A 502 38.24 -16.80 49.33
N HIS A 503 39.57 -16.74 49.23
CA HIS A 503 40.35 -15.93 50.15
C HIS A 503 39.98 -14.46 50.02
N LEU A 504 39.76 -13.81 51.16
CA LEU A 504 39.37 -12.40 51.13
C LEU A 504 40.50 -11.51 50.65
N HIS A 505 41.75 -11.84 51.00
CA HIS A 505 42.89 -11.06 50.55
C HIS A 505 42.93 -11.02 49.03
N ASP A 506 42.85 -12.18 48.38
CA ASP A 506 42.89 -12.24 46.93
C ASP A 506 41.71 -11.50 46.32
N LEU A 507 40.52 -11.65 46.91
CA LEU A 507 39.34 -10.98 46.40
C LEU A 507 39.53 -9.46 46.41
N THR A 508 39.94 -8.91 47.55
CA THR A 508 40.11 -7.46 47.64
C THR A 508 41.24 -6.98 46.74
N TRP A 509 42.33 -7.74 46.66
CA TRP A 509 43.43 -7.34 45.80
C TRP A 509 43.01 -7.34 44.33
N SER A 510 42.20 -8.32 43.92
CA SER A 510 41.69 -8.30 42.55
C SER A 510 40.76 -7.11 42.33
N LEU A 511 39.91 -6.80 43.31
CA LEU A 511 39.01 -5.66 43.16
C LEU A 511 39.75 -4.34 43.11
N LEU A 512 40.93 -4.26 43.73
CA LEU A 512 41.70 -3.03 43.74
C LEU A 512 42.60 -2.91 42.52
N ARG A 513 43.52 -3.87 42.35
CA ARG A 513 44.56 -3.79 41.33
C ARG A 513 44.13 -4.39 40.00
N LYS A 514 43.21 -5.36 40.02
CA LYS A 514 42.84 -6.10 38.81
C LYS A 514 41.39 -5.86 38.40
N ARG A 515 40.79 -4.76 38.85
CA ARG A 515 39.43 -4.41 38.47
C ARG A 515 39.36 -2.91 38.21
N SER A 516 38.59 -2.53 37.18
CA SER A 516 38.56 -1.16 36.73
C SER A 516 37.95 -0.24 37.77
N VAL A 517 38.46 0.99 37.84
CA VAL A 517 37.88 2.04 38.66
C VAL A 517 36.93 2.86 37.82
N LEU A 518 35.80 3.24 38.40
CA LEU A 518 34.73 3.92 37.69
C LEU A 518 34.23 5.08 38.53
N PRO A 519 33.57 6.06 37.90
CA PRO A 519 33.21 7.30 38.61
C PRO A 519 32.58 7.08 39.97
N PHE A 520 31.46 6.37 40.02
CA PHE A 520 30.79 6.10 41.28
C PHE A 520 31.56 5.00 42.02
N ARG A 521 32.01 5.31 43.24
CA ARG A 521 32.88 4.43 43.98
C ARG A 521 32.28 4.13 45.34
N ARG A 522 32.55 2.92 45.84
CA ARG A 522 32.28 2.57 47.22
C ARG A 522 33.33 1.59 47.70
N ALA A 523 33.57 1.59 49.00
CA ALA A 523 34.55 0.70 49.61
C ALA A 523 33.96 0.13 50.89
N ILE A 524 34.22 -1.15 51.11
CA ILE A 524 33.67 -1.90 52.23
C ILE A 524 34.82 -2.33 53.12
N VAL A 525 34.62 -2.22 54.43
CA VAL A 525 35.65 -2.51 55.42
C VAL A 525 35.26 -3.77 56.18
N GLY A 526 36.17 -4.74 56.22
CA GLY A 526 35.93 -5.97 56.93
C GLY A 526 37.15 -6.88 56.96
N HIS A 527 37.48 -7.40 58.14
CA HIS A 527 38.65 -8.26 58.27
C HIS A 527 38.39 -9.64 57.69
N SER A 528 37.20 -10.19 57.90
CA SER A 528 36.86 -11.55 57.50
C SER A 528 35.63 -11.53 56.61
N HIS A 529 35.21 -12.72 56.19
CA HIS A 529 34.07 -12.83 55.29
C HIS A 529 32.79 -12.32 55.95
N GLU A 530 32.57 -12.69 57.21
CA GLU A 530 31.37 -12.21 57.90
C GLU A 530 31.39 -10.69 58.06
N THR A 531 32.55 -10.15 58.45
CA THR A 531 32.66 -8.70 58.63
C THR A 531 32.42 -7.98 57.32
N ILE A 532 33.02 -8.46 56.24
CA ILE A 532 32.88 -7.79 54.95
C ILE A 532 31.44 -7.93 54.45
N ARG A 533 30.81 -9.07 54.68
CA ARG A 533 29.41 -9.24 54.28
C ARG A 533 28.50 -8.26 55.03
N ARG A 534 28.70 -8.13 56.34
CA ARG A 534 27.87 -7.21 57.12
C ARG A 534 28.13 -5.77 56.70
N ALA A 535 29.38 -5.42 56.41
CA ALA A 535 29.68 -4.07 55.94
C ALA A 535 29.06 -3.82 54.57
N LEU A 536 29.03 -4.84 53.71
CA LEU A 536 28.35 -4.72 52.43
C LEU A 536 26.86 -4.49 52.63
N GLU A 537 26.26 -5.21 53.58
CA GLU A 537 24.86 -4.99 53.89
C GLU A 537 24.62 -3.55 54.34
N ASP A 538 25.50 -3.04 55.20
CA ASP A 538 25.37 -1.67 55.68
C ASP A 538 25.50 -0.68 54.54
N ALA A 539 26.45 -0.91 53.63
CA ALA A 539 26.63 -0.01 52.49
C ALA A 539 25.41 -0.04 51.58
N ILE A 540 24.88 -1.24 51.34
CA ILE A 540 23.70 -1.37 50.49
C ILE A 540 22.52 -0.62 51.09
N GLU A 541 22.31 -0.78 52.40
CA GLU A 541 21.22 -0.06 53.05
C GLU A 541 21.44 1.45 53.03
N ASP A 542 22.68 1.89 53.23
CA ASP A 542 22.96 3.32 53.26
C ASP A 542 22.78 3.95 51.87
N GLY A 543 23.35 3.33 50.84
CA GLY A 543 23.35 3.92 49.52
C GLY A 543 24.30 5.08 49.35
N ILE A 544 25.20 5.29 50.29
CA ILE A 544 26.15 6.41 50.24
C ILE A 544 27.37 5.97 49.45
N VAL A 545 27.67 6.70 48.38
CA VAL A 545 28.79 6.39 47.50
C VAL A 545 29.48 7.68 47.09
N SER A 546 30.72 7.54 46.63
CA SER A 546 31.52 8.65 46.15
C SER A 546 31.55 8.65 44.63
N SER A 547 31.54 9.85 44.05
CA SER A 547 31.51 10.03 42.60
C SER A 547 32.72 10.83 42.15
N ASP A 548 33.31 10.41 41.03
CA ASP A 548 34.45 11.10 40.46
C ASP A 548 35.57 11.26 41.48
N GLY A 555 45.62 9.98 39.62
CA GLY A 555 46.98 10.42 39.87
C GLY A 555 47.05 11.48 40.97
N GLN A 556 46.41 11.20 42.10
CA GLN A 556 46.37 12.11 43.24
C GLN A 556 46.71 11.37 44.52
N PRO A 557 47.94 10.89 44.66
CA PRO A 557 48.36 10.23 45.90
C PRO A 557 48.95 11.16 46.96
N SER A 558 48.81 12.48 46.80
CA SER A 558 49.46 13.43 47.72
C SER A 558 48.67 13.51 49.02
N VAL A 559 49.30 13.09 50.11
CA VAL A 559 48.68 13.09 51.43
C VAL A 559 49.56 13.87 52.40
N LEU A 560 48.91 14.48 53.38
CA LEU A 560 49.57 15.19 54.47
C LEU A 560 49.45 14.35 55.74
N GLY A 561 50.58 13.98 56.32
CA GLY A 561 50.58 13.16 57.52
C GLY A 561 50.48 13.97 58.79
N ILE A 562 49.30 14.00 59.39
CA ILE A 562 49.07 14.70 60.65
C ILE A 562 49.17 13.67 61.76
N PHE A 563 50.13 13.86 62.66
CA PHE A 563 50.51 12.83 63.62
C PHE A 563 49.92 13.13 64.98
N THR A 564 49.18 12.17 65.53
CA THR A 564 48.52 12.34 66.81
C THR A 564 49.53 12.22 67.95
N GLY A 565 49.22 12.89 69.06
CA GLY A 565 50.12 12.94 70.20
C GLY A 565 49.57 12.33 71.47
N GLN A 566 50.29 12.52 72.58
CA GLN A 566 49.85 12.00 73.85
C GLN A 566 48.54 12.66 74.28
N GLY A 567 47.74 11.92 75.05
CA GLY A 567 46.42 12.35 75.44
C GLY A 567 45.33 11.90 74.49
N ALA A 568 45.69 11.49 73.27
CA ALA A 568 44.73 10.94 72.32
C ALA A 568 44.84 9.43 72.17
N GLN A 569 45.85 8.81 72.75
CA GLN A 569 46.02 7.37 72.62
C GLN A 569 44.84 6.64 73.25
N TRP A 570 44.32 5.66 72.54
CA TRP A 570 43.18 4.86 73.00
C TRP A 570 43.67 3.53 73.58
N PRO A 571 42.89 2.91 74.46
CA PRO A 571 43.32 1.63 75.02
C PRO A 571 43.40 0.55 73.95
N GLY A 572 44.39 -0.32 74.09
CA GLY A 572 44.50 -1.48 73.22
C GLY A 572 44.66 -1.16 71.75
N MET A 573 45.49 -0.17 71.43
CA MET A 573 45.75 0.15 70.03
C MET A 573 46.73 -0.87 69.43
N LEU A 574 46.52 -1.17 68.15
CA LEU A 574 47.29 -2.14 67.38
C LEU A 574 47.13 -3.57 67.89
N LYS A 575 46.24 -3.82 68.84
CA LYS A 575 46.09 -5.17 69.37
C LYS A 575 45.67 -6.14 68.28
N ASN A 576 44.73 -5.73 67.43
CA ASN A 576 44.28 -6.60 66.35
C ASN A 576 45.31 -6.63 65.21
N LEU A 577 45.92 -5.49 64.89
CA LEU A 577 46.94 -5.46 63.84
C LEU A 577 48.12 -6.34 64.21
N ILE A 578 48.59 -6.25 65.45
CA ILE A 578 49.73 -7.04 65.88
C ILE A 578 49.39 -8.53 65.87
N GLU A 579 48.20 -8.89 66.32
CA GLU A 579 47.79 -10.28 66.44
C GLU A 579 47.14 -10.82 65.17
N ALA A 580 47.14 -10.05 64.09
CA ALA A 580 46.57 -10.49 62.83
C ALA A 580 47.49 -10.30 61.62
N SER A 581 48.56 -9.55 61.74
CA SER A 581 49.46 -9.28 60.61
C SER A 581 50.88 -9.67 60.99
N PRO A 582 51.48 -10.69 60.37
CA PRO A 582 52.89 -11.00 60.69
C PRO A 582 53.84 -9.86 60.33
N TYR A 583 53.51 -9.05 59.32
CA TYR A 583 54.32 -7.89 59.01
C TYR A 583 54.33 -6.89 60.17
N VAL A 584 53.17 -6.65 60.76
CA VAL A 584 53.10 -5.79 61.94
C VAL A 584 53.85 -6.42 63.10
N ARG A 585 53.80 -7.75 63.21
CA ARG A 585 54.56 -8.42 64.27
C ARG A 585 56.06 -8.23 64.08
N ASN A 586 56.54 -8.31 62.85
CA ASN A 586 57.96 -8.07 62.59
C ASN A 586 58.33 -6.62 62.89
N ILE A 587 57.44 -5.68 62.55
CA ILE A 587 57.68 -4.28 62.89
C ILE A 587 57.77 -4.13 64.41
N VAL A 588 56.89 -4.82 65.13
CA VAL A 588 56.91 -4.76 66.59
C VAL A 588 58.19 -5.36 67.14
N ARG A 589 58.69 -6.42 66.50
CA ARG A 589 59.97 -7.00 66.92
C ARG A 589 61.10 -5.99 66.71
N GLU A 590 61.08 -5.26 65.59
CA GLU A 590 62.06 -4.22 65.38
C GLU A 590 61.96 -3.13 66.44
N LEU A 591 60.72 -2.76 66.80
CA LEU A 591 60.52 -1.77 67.86
C LEU A 591 61.07 -2.28 69.19
N ASP A 592 60.87 -3.56 69.48
CA ASP A 592 61.41 -4.15 70.70
C ASP A 592 62.94 -4.11 70.69
N ASP A 593 63.54 -4.41 69.54
CA ASP A 593 64.99 -4.33 69.44
C ASP A 593 65.48 -2.91 69.68
N SER A 594 64.78 -1.93 69.13
CA SER A 594 65.13 -0.53 69.39
C SER A 594 64.98 -0.20 70.88
N LEU A 595 63.92 -0.71 71.50
CA LEU A 595 63.70 -0.49 72.93
C LEU A 595 64.86 -1.05 73.75
N GLN A 596 65.33 -2.24 73.40
CA GLN A 596 66.45 -2.85 74.10
C GLN A 596 67.77 -2.16 73.80
N SER A 597 67.81 -1.26 72.82
CA SER A 597 69.00 -0.49 72.50
C SER A 597 69.12 0.77 73.35
N LEU A 598 68.20 1.00 74.28
CA LEU A 598 68.25 2.18 75.12
C LEU A 598 69.45 2.13 76.05
N PRO A 599 69.87 3.28 76.60
CA PRO A 599 70.89 3.26 77.64
C PRO A 599 70.44 2.43 78.84
N GLU A 600 71.40 1.77 79.48
CA GLU A 600 71.06 0.81 80.53
C GLU A 600 70.23 1.46 81.63
N LYS A 601 70.40 2.77 81.86
CA LYS A 601 69.58 3.44 82.84
C LYS A 601 68.11 3.40 82.46
N TYR A 602 67.80 3.50 81.17
CA TYR A 602 66.42 3.49 80.68
C TYR A 602 66.11 2.25 79.85
N ARG A 603 66.98 1.24 79.87
CA ARG A 603 66.80 0.06 79.03
C ARG A 603 66.34 -1.11 79.90
N PRO A 604 65.13 -1.67 79.66
CA PRO A 604 64.08 -1.23 78.75
C PRO A 604 62.92 -0.56 79.49
N SER A 605 62.34 0.48 78.88
CA SER A 605 61.01 0.92 79.30
C SER A 605 60.04 -0.22 79.02
N TRP A 606 59.35 -0.68 80.07
CA TRP A 606 58.66 -1.96 80.00
C TRP A 606 57.78 -2.05 78.76
N THR A 607 57.87 -3.20 78.08
CA THR A 607 57.34 -3.35 76.73
C THR A 607 55.82 -3.29 76.75
N LEU A 608 55.28 -2.16 76.33
CA LEU A 608 53.84 -2.08 76.09
C LEU A 608 53.43 -2.96 74.93
N LEU A 609 54.34 -3.19 73.98
CA LEU A 609 54.03 -4.00 72.80
C LEU A 609 53.63 -5.42 73.18
N ASP A 610 54.04 -5.89 74.35
CA ASP A 610 53.71 -7.23 74.83
C ASP A 610 52.97 -7.21 76.17
N GLN A 611 52.59 -6.03 76.66
CA GLN A 611 51.94 -5.91 77.96
C GLN A 611 50.62 -5.17 77.85
N PHE A 612 50.56 -4.16 76.99
CA PHE A 612 49.36 -3.34 76.83
C PHE A 612 48.71 -3.48 75.46
N MET A 613 49.47 -3.74 74.41
CA MET A 613 48.91 -3.99 73.09
C MET A 613 48.51 -5.47 72.96
N LEU A 614 47.60 -5.87 73.84
CA LEU A 614 47.15 -7.25 73.94
C LEU A 614 45.64 -7.32 73.75
N GLU A 615 45.20 -8.30 72.97
CA GLU A 615 43.77 -8.52 72.79
C GLU A 615 43.14 -9.05 74.07
N GLY A 616 41.88 -8.71 74.28
CA GLY A 616 41.18 -9.13 75.49
C GLY A 616 41.42 -8.25 76.69
N GLU A 617 42.68 -7.93 76.98
CA GLU A 617 42.98 -7.05 78.11
C GLU A 617 42.50 -5.63 77.84
N ALA A 618 43.01 -5.01 76.77
CA ALA A 618 42.63 -3.65 76.41
C ALA A 618 42.80 -2.70 77.59
N SER A 619 43.91 -2.86 78.31
CA SER A 619 44.17 -2.04 79.48
C SER A 619 44.35 -0.58 79.09
N ASN A 620 43.84 0.31 79.94
CA ASN A 620 44.03 1.74 79.72
C ASN A 620 45.51 2.09 79.77
N VAL A 621 45.93 2.98 78.87
CA VAL A 621 47.33 3.40 78.77
C VAL A 621 47.32 4.93 78.80
N GLN A 622 47.43 5.50 80.00
CA GLN A 622 47.62 6.93 80.18
C GLN A 622 48.98 7.28 80.75
N TYR A 623 49.73 6.30 81.26
CA TYR A 623 51.04 6.57 81.83
C TYR A 623 51.99 7.02 80.72
N ALA A 624 52.79 8.05 81.01
CA ALA A 624 53.73 8.55 80.02
C ALA A 624 54.64 7.43 79.53
N THR A 625 55.19 6.65 80.46
CA THR A 625 56.17 5.62 80.12
C THR A 625 55.63 4.65 79.08
N PHE A 626 54.32 4.45 79.05
CA PHE A 626 53.68 3.58 78.08
C PHE A 626 52.84 4.33 77.05
N SER A 627 52.14 5.40 77.48
CA SER A 627 51.30 6.15 76.55
C SER A 627 52.13 6.78 75.44
N GLN A 628 53.29 7.37 75.79
CA GLN A 628 54.11 8.01 74.76
C GLN A 628 54.65 6.98 73.77
N PRO A 629 55.43 5.98 74.20
CA PRO A 629 55.90 4.97 73.25
C PRO A 629 54.77 4.20 72.59
N LEU A 630 53.63 4.00 73.26
CA LEU A 630 52.52 3.32 72.62
C LEU A 630 52.03 4.09 71.41
N CYS A 631 51.79 5.39 71.57
CA CYS A 631 51.35 6.21 70.44
C CYS A 631 52.43 6.29 69.37
N CYS A 632 53.70 6.39 69.79
CA CYS A 632 54.78 6.44 68.81
C CYS A 632 54.82 5.18 67.98
N ALA A 633 54.70 4.02 68.62
CA ALA A 633 54.70 2.75 67.88
C ALA A 633 53.47 2.64 66.99
N VAL A 634 52.32 3.09 67.48
CA VAL A 634 51.10 3.07 66.66
C VAL A 634 51.34 3.85 65.37
N GLN A 635 51.85 5.08 65.50
CA GLN A 635 52.04 5.93 64.34
C GLN A 635 53.14 5.39 63.43
N ILE A 636 54.20 4.81 64.01
CA ILE A 636 55.26 4.23 63.20
C ILE A 636 54.73 3.07 62.38
N VAL A 637 53.97 2.18 63.02
CA VAL A 637 53.40 1.04 62.29
C VAL A 637 52.46 1.52 61.20
N LEU A 638 51.61 2.49 61.52
CA LEU A 638 50.65 2.96 60.53
C LEU A 638 51.34 3.62 59.35
N VAL A 639 52.35 4.45 59.60
CA VAL A 639 53.05 5.12 58.50
C VAL A 639 53.85 4.11 57.69
N ARG A 640 54.42 3.09 58.34
CA ARG A 640 55.11 2.04 57.59
C ARG A 640 54.14 1.29 56.69
N LEU A 641 52.94 0.99 57.20
CA LEU A 641 51.93 0.34 56.38
C LEU A 641 51.54 1.23 55.20
N LEU A 642 51.35 2.53 55.45
CA LEU A 642 50.96 3.44 54.38
C LEU A 642 52.05 3.52 53.31
N GLU A 643 53.31 3.59 53.73
CA GLU A 643 54.41 3.59 52.76
C GLU A 643 54.49 2.27 52.01
N ALA A 644 54.17 1.16 52.69
CA ALA A 644 54.10 -0.12 52.00
C ALA A 644 53.08 -0.08 50.88
N ALA A 645 52.01 0.69 51.04
CA ALA A 645 51.05 0.95 49.99
C ALA A 645 51.53 1.99 49.00
N ARG A 646 52.78 2.46 49.14
CA ARG A 646 53.36 3.45 48.25
C ARG A 646 52.52 4.73 48.21
N ILE A 647 52.23 5.25 49.39
CA ILE A 647 51.55 6.53 49.54
C ILE A 647 52.61 7.61 49.72
N ARG A 648 52.58 8.62 48.86
CA ARG A 648 53.55 9.70 48.90
C ARG A 648 53.07 10.77 49.88
N PHE A 649 53.96 11.18 50.77
CA PHE A 649 53.58 11.90 51.98
C PHE A 649 54.13 13.32 52.00
N THR A 650 53.37 14.19 52.66
CA THR A 650 53.88 15.43 53.22
C THR A 650 53.63 15.39 54.72
N ALA A 651 54.59 15.86 55.51
CA ALA A 651 54.60 15.60 56.94
C ALA A 651 54.50 16.89 57.74
N VAL A 652 53.60 16.86 58.74
CA VAL A 652 53.51 17.91 59.76
C VAL A 652 53.45 17.21 61.11
N VAL A 653 54.25 17.68 62.06
CA VAL A 653 54.37 17.02 63.35
C VAL A 653 53.20 17.44 64.23
N GLY A 654 52.86 16.59 65.20
CA GLY A 654 51.87 16.92 66.20
C GLY A 654 52.51 17.36 67.49
N HIS A 655 52.20 16.65 68.58
CA HIS A 655 52.80 16.92 69.88
C HIS A 655 53.21 15.60 70.53
N SER A 656 54.29 15.65 71.30
CA SER A 656 54.81 14.50 72.04
C SER A 656 55.03 13.36 71.03
N SER A 657 54.35 12.23 71.16
CA SER A 657 54.57 11.13 70.22
C SER A 657 54.33 11.58 68.79
N GLY A 658 53.32 12.40 68.57
CA GLY A 658 52.98 12.87 67.24
C GLY A 658 54.16 13.50 66.55
N GLU A 659 55.09 14.05 67.34
CA GLU A 659 56.31 14.59 66.76
C GLU A 659 57.31 13.49 66.45
N ILE A 660 57.59 12.63 67.44
CA ILE A 660 58.66 11.64 67.29
C ILE A 660 58.40 10.77 66.08
N ALA A 661 57.20 10.20 65.99
CA ALA A 661 56.86 9.37 64.84
C ALA A 661 56.95 10.18 63.56
N CYS A 662 56.48 11.44 63.59
CA CYS A 662 56.57 12.27 62.39
C CYS A 662 58.01 12.43 61.96
N ALA A 663 58.94 12.48 62.92
CA ALA A 663 60.35 12.60 62.56
C ALA A 663 60.78 11.42 61.69
N PHE A 664 60.29 10.23 62.01
CA PHE A 664 60.56 9.08 61.14
C PHE A 664 59.88 9.23 59.79
N ALA A 665 58.67 9.79 59.77
CA ALA A 665 57.94 9.94 58.52
C ALA A 665 58.65 10.90 57.56
N ALA A 666 59.54 11.74 58.07
CA ALA A 666 60.27 12.67 57.20
C ALA A 666 61.22 11.96 56.26
N GLY A 667 61.49 10.67 56.47
CA GLY A 667 62.45 9.96 55.66
C GLY A 667 63.89 10.17 56.04
N LEU A 668 64.15 10.90 57.13
CA LEU A 668 65.51 11.20 57.58
C LEU A 668 65.88 10.49 58.89
N ILE A 669 64.90 10.24 59.76
CA ILE A 669 65.14 9.58 61.03
C ILE A 669 64.61 8.16 60.95
N SER A 670 65.41 7.20 61.43
CA SER A 670 65.01 5.81 61.39
C SER A 670 63.85 5.56 62.36
N ALA A 671 62.99 4.60 62.00
CA ALA A 671 61.89 4.23 62.88
C ALA A 671 62.40 3.71 64.21
N SER A 672 63.48 2.94 64.18
CA SER A 672 64.08 2.46 65.42
C SER A 672 64.45 3.63 66.33
N LEU A 673 65.07 4.67 65.77
CA LEU A 673 65.41 5.84 66.56
C LEU A 673 64.16 6.52 67.10
N ALA A 674 63.10 6.60 66.30
CA ALA A 674 61.88 7.26 66.74
C ALA A 674 61.28 6.53 67.94
N ILE A 675 61.12 5.21 67.83
CA ILE A 675 60.51 4.46 68.93
C ILE A 675 61.43 4.47 70.15
N ARG A 676 62.74 4.42 69.93
CA ARG A 676 63.68 4.48 71.04
C ARG A 676 63.58 5.81 71.77
N ILE A 677 63.48 6.91 71.02
CA ILE A 677 63.35 8.23 71.65
C ILE A 677 62.02 8.33 72.38
N ALA A 678 60.95 7.75 71.82
CA ALA A 678 59.66 7.77 72.50
C ALA A 678 59.74 7.04 73.83
N TYR A 679 60.35 5.85 73.84
CA TYR A 679 60.51 5.12 75.08
C TYR A 679 61.37 5.89 76.08
N LEU A 680 62.45 6.51 75.60
CA LEU A 680 63.31 7.29 76.48
C LEU A 680 62.55 8.45 77.10
N ARG A 681 61.76 9.16 76.30
CA ARG A 681 60.97 10.28 76.82
C ARG A 681 59.89 9.79 77.77
N GLY A 682 59.40 8.56 77.58
CA GLY A 682 58.44 8.02 78.53
C GLY A 682 59.00 7.96 79.94
N VAL A 683 60.25 7.56 80.08
CA VAL A 683 60.91 7.50 81.38
C VAL A 683 61.90 8.64 81.51
N ALA A 723 48.77 23.57 72.92
CA ALA A 723 49.13 23.59 71.50
C ALA A 723 48.08 24.37 70.71
N SER A 724 48.54 25.01 69.62
CA SER A 724 47.66 25.78 68.74
C SER A 724 47.28 24.87 67.57
N ASN A 725 46.23 24.07 67.78
CA ASN A 725 45.81 23.12 66.75
C ASN A 725 45.24 23.84 65.53
N SER A 726 44.57 24.97 65.73
CA SER A 726 43.96 25.72 64.64
C SER A 726 43.83 27.16 65.08
N PRO A 727 43.51 28.07 64.16
CA PRO A 727 43.32 29.47 64.56
C PRO A 727 42.24 29.64 65.62
N ASP A 728 41.23 28.78 65.62
CA ASP A 728 40.15 28.85 66.60
C ASP A 728 40.31 27.85 67.73
N SER A 729 41.36 27.03 67.72
CA SER A 729 41.58 26.00 68.72
C SER A 729 42.93 26.19 69.38
N VAL A 730 42.92 26.30 70.70
CA VAL A 730 44.13 26.34 71.52
C VAL A 730 43.90 25.45 72.73
N THR A 731 44.85 24.57 73.02
CA THR A 731 44.70 23.56 74.06
C THR A 731 45.94 23.46 74.93
N PHE A 732 46.50 24.60 75.31
CA PHE A 732 47.60 24.60 76.27
C PHE A 732 47.08 24.14 77.63
N SER A 733 47.81 23.22 78.27
CA SER A 733 47.33 22.57 79.47
C SER A 733 48.40 22.61 80.54
N GLY A 734 47.96 22.51 81.79
CA GLY A 734 48.84 22.50 82.95
C GLY A 734 48.18 21.87 84.15
N ASP A 735 48.40 22.45 85.33
CA ASP A 735 47.79 21.95 86.56
C ASP A 735 46.32 22.36 86.61
N ALA A 761 52.13 17.13 83.24
CA ALA A 761 51.66 17.83 82.05
C ALA A 761 52.82 18.20 81.15
N TYR A 762 52.54 18.32 79.85
CA TYR A 762 53.54 18.66 78.85
C TYR A 762 53.34 20.09 78.37
N HIS A 763 54.39 20.64 77.77
CA HIS A 763 54.43 22.03 77.35
C HIS A 763 54.34 22.99 78.54
N SER A 764 54.63 22.50 79.74
CA SER A 764 54.65 23.30 80.95
C SER A 764 55.80 22.84 81.81
N HIS A 765 55.99 23.52 82.95
CA HIS A 765 57.13 23.22 83.81
C HIS A 765 57.06 21.82 84.40
N HIS A 766 55.87 21.22 84.45
CA HIS A 766 55.73 19.91 85.10
C HIS A 766 56.72 18.90 84.53
N MET A 767 56.78 18.78 83.21
CA MET A 767 57.72 17.89 82.55
C MET A 767 59.03 18.58 82.18
N LEU A 768 59.18 19.87 82.50
CA LEU A 768 60.41 20.56 82.15
C LEU A 768 61.63 19.95 82.82
N PRO A 769 61.65 19.69 84.12
CA PRO A 769 62.87 19.13 84.72
C PRO A 769 63.26 17.78 84.16
N CYS A 770 62.32 16.84 84.06
CA CYS A 770 62.62 15.53 83.50
C CYS A 770 63.14 15.62 82.07
N ALA A 771 62.82 16.70 81.35
CA ALA A 771 63.34 16.86 80.00
C ALA A 771 64.86 17.00 79.99
N ASP A 772 65.43 17.58 81.06
CA ASP A 772 66.88 17.77 81.09
C ASP A 772 67.63 16.46 81.02
N PRO A 773 67.51 15.55 81.98
CA PRO A 773 68.23 14.27 81.86
C PRO A 773 67.85 13.50 80.61
N TYR A 774 66.57 13.52 80.24
CA TYR A 774 66.13 12.81 79.04
C TYR A 774 66.93 13.26 77.83
N MET A 775 67.01 14.57 77.60
CA MET A 775 67.82 15.06 76.50
C MET A 775 69.27 14.63 76.67
N GLN A 776 69.79 14.68 77.90
CA GLN A 776 71.16 14.24 78.14
C GLN A 776 71.33 12.79 77.70
N ALA A 777 70.31 11.95 77.87
CA ALA A 777 70.37 10.59 77.36
C ALA A 777 70.20 10.57 75.85
N LEU A 778 69.28 11.42 75.33
CA LEU A 778 69.03 11.41 73.89
C LEU A 778 70.26 11.82 73.09
N GLU A 779 71.16 12.60 73.70
CA GLU A 779 72.41 12.93 73.03
C GLU A 779 73.22 11.67 72.75
N GLU A 780 73.24 10.73 73.70
CA GLU A 780 73.88 9.44 73.51
C GLU A 780 72.91 8.38 73.00
N CYS A 781 71.67 8.76 72.73
CA CYS A 781 70.64 7.84 72.28
C CYS A 781 69.88 8.44 71.09
N GLY A 782 70.62 8.98 70.12
CA GLY A 782 70.01 9.58 68.96
C GLY A 782 69.55 11.01 69.18
N SER A 794 63.60 13.11 52.94
CA SER A 794 63.05 12.88 51.61
C SER A 794 61.64 13.43 51.49
N VAL A 795 60.86 13.28 52.56
CA VAL A 795 59.48 13.73 52.59
C VAL A 795 59.43 15.20 53.01
N PRO A 796 58.72 16.07 52.28
CA PRO A 796 58.51 17.43 52.79
C PRO A 796 57.95 17.41 54.19
N TRP A 797 58.74 17.88 55.16
CA TRP A 797 58.42 17.74 56.57
C TRP A 797 58.53 19.10 57.25
N TYR A 798 57.53 19.42 58.07
CA TYR A 798 57.44 20.72 58.73
C TYR A 798 57.24 20.50 60.22
N SER A 799 58.15 21.05 61.03
CA SER A 799 58.01 21.00 62.47
C SER A 799 56.94 21.99 62.94
N SER A 800 56.37 21.69 64.10
CA SER A 800 55.36 22.55 64.72
C SER A 800 55.76 22.83 66.15
N VAL A 801 56.45 21.87 66.78
CA VAL A 801 57.04 22.11 68.09
C VAL A 801 57.96 23.33 68.03
N ASP A 802 58.82 23.36 67.02
CA ASP A 802 59.55 24.56 66.65
C ASP A 802 58.78 25.23 65.51
N ALA A 803 58.41 26.49 65.70
CA ALA A 803 57.42 27.11 64.83
C ALA A 803 57.87 27.09 63.37
N GLU A 804 59.05 27.62 63.09
CA GLU A 804 59.52 27.75 61.72
C GLU A 804 60.93 27.23 61.50
N ASN A 805 61.83 27.42 62.47
CA ASN A 805 63.25 27.23 62.19
C ASN A 805 63.59 25.78 61.88
N ARG A 806 62.99 24.83 62.59
CA ARG A 806 63.37 23.41 62.48
C ARG A 806 62.44 22.64 61.55
N GLN A 807 61.96 23.30 60.50
CA GLN A 807 61.25 22.63 59.41
C GLN A 807 62.21 22.18 58.31
N MET A 808 63.46 21.91 58.68
CA MET A 808 64.53 21.62 57.73
C MET A 808 65.21 20.31 58.12
N ALA A 809 65.81 19.67 57.11
CA ALA A 809 66.31 18.31 57.30
C ALA A 809 67.40 18.24 58.36
N ALA A 810 68.37 19.16 58.32
CA ALA A 810 69.54 19.07 59.18
C ALA A 810 69.29 19.60 60.59
N ARG A 811 68.37 20.54 60.77
CA ARG A 811 68.15 21.17 62.06
C ARG A 811 67.17 20.41 62.95
N ASP A 812 66.56 19.33 62.45
CA ASP A 812 65.62 18.57 63.23
C ASP A 812 66.25 17.39 63.96
N VAL A 813 67.55 17.14 63.76
CA VAL A 813 68.22 16.02 64.41
C VAL A 813 68.80 16.38 65.76
N THR A 814 68.82 17.66 66.12
CA THR A 814 69.42 18.08 67.38
C THR A 814 68.59 17.59 68.57
N ALA A 815 69.27 17.25 69.65
CA ALA A 815 68.58 16.79 70.85
C ALA A 815 67.68 17.87 71.43
N LYS A 816 68.04 19.14 71.25
CA LYS A 816 67.22 20.22 71.77
C LYS A 816 65.85 20.24 71.12
N TYR A 817 65.73 19.79 69.86
CA TYR A 817 64.43 19.68 69.24
C TYR A 817 63.58 18.61 69.91
N TRP A 818 64.18 17.46 70.21
CA TRP A 818 63.44 16.41 70.91
C TRP A 818 63.06 16.85 72.31
N LYS A 819 63.85 17.73 72.92
CA LYS A 819 63.48 18.31 74.21
C LYS A 819 62.30 19.27 74.05
N ASP A 820 62.37 20.15 73.05
CA ASP A 820 61.26 21.06 72.77
C ASP A 820 59.99 20.31 72.44
N ASN A 821 60.11 19.07 71.98
CA ASN A 821 58.91 18.26 71.70
C ASN A 821 57.97 18.25 72.90
N LEU A 822 58.53 18.18 74.11
CA LEU A 822 57.74 18.22 75.33
C LEU A 822 57.85 19.54 76.08
N VAL A 823 58.81 20.38 75.73
CA VAL A 823 59.01 21.64 76.44
C VAL A 823 58.31 22.78 75.70
N SER A 824 58.72 23.01 74.45
CA SER A 824 58.23 24.17 73.73
C SER A 824 56.75 24.02 73.38
N PRO A 825 56.01 25.13 73.29
CA PRO A 825 54.63 25.06 72.81
C PRO A 825 54.58 24.63 71.35
N VAL A 826 53.49 23.98 70.98
CA VAL A 826 53.33 23.38 69.66
C VAL A 826 52.42 24.29 68.83
N LEU A 827 52.96 24.82 67.74
CA LEU A 827 52.17 25.59 66.77
C LEU A 827 51.74 24.70 65.61
N PHE A 828 50.89 23.72 65.95
CA PHE A 828 50.42 22.78 64.95
C PHE A 828 49.70 23.48 63.81
N SER A 829 48.91 24.51 64.13
CA SER A 829 48.21 25.25 63.10
C SER A 829 49.19 25.90 62.12
N HIS A 830 50.26 26.49 62.64
CA HIS A 830 51.25 27.13 61.78
C HIS A 830 51.94 26.11 60.87
N ALA A 831 52.29 24.95 61.42
CA ALA A 831 52.92 23.92 60.59
C ALA A 831 51.97 23.42 59.51
N VAL A 832 50.69 23.23 59.84
CA VAL A 832 49.73 22.82 58.84
C VAL A 832 49.60 23.89 57.76
N GLN A 833 49.55 25.16 58.17
CA GLN A 833 49.49 26.26 57.21
C GLN A 833 50.67 26.22 56.27
N ARG A 834 51.88 26.05 56.83
CA ARG A 834 53.08 25.99 56.00
C ARG A 834 53.01 24.83 55.01
N ALA A 835 52.63 23.64 55.50
CA ALA A 835 52.61 22.46 54.64
C ALA A 835 51.60 22.62 53.51
N VAL A 836 50.42 23.18 53.81
CA VAL A 836 49.38 23.26 52.80
C VAL A 836 49.53 24.46 51.90
N VAL A 837 50.29 25.48 52.30
CA VAL A 837 50.49 26.64 51.45
C VAL A 837 51.71 26.46 50.55
N THR A 838 52.75 25.79 51.04
CA THR A 838 53.90 25.49 50.20
C THR A 838 53.64 24.34 49.25
N HIS A 839 52.55 23.59 49.45
CA HIS A 839 52.19 22.44 48.62
C HIS A 839 50.71 22.50 48.27
N LYS A 840 50.26 23.66 47.77
CA LYS A 840 48.85 23.85 47.46
C LYS A 840 48.27 22.69 46.65
N ALA A 841 49.11 21.98 45.91
CA ALA A 841 48.66 20.81 45.16
C ALA A 841 48.34 19.61 46.05
N LEU A 842 48.37 19.77 47.38
CA LEU A 842 48.01 18.68 48.27
C LEU A 842 46.57 18.25 48.02
N ASP A 843 46.32 16.95 48.12
CA ASP A 843 45.01 16.38 47.83
C ASP A 843 44.28 15.90 49.08
N ILE A 844 44.94 15.12 49.94
CA ILE A 844 44.29 14.51 51.09
C ILE A 844 45.17 14.68 52.32
N GLY A 845 44.57 14.46 53.48
CA GLY A 845 45.32 14.40 54.73
C GLY A 845 44.88 13.21 55.55
N ILE A 846 45.85 12.57 56.20
CA ILE A 846 45.62 11.39 57.01
C ILE A 846 46.09 11.69 58.43
N GLU A 847 45.20 11.46 59.40
CA GLU A 847 45.54 11.57 60.81
C GLU A 847 46.16 10.24 61.24
N VAL A 848 47.47 10.13 61.04
CA VAL A 848 48.19 8.93 61.42
C VAL A 848 48.09 8.76 62.92
N GLY A 849 47.54 7.61 63.34
CA GLY A 849 47.46 7.29 64.75
C GLY A 849 46.03 7.39 65.28
N CYS A 850 45.85 8.14 66.36
CA CYS A 850 44.64 8.07 67.17
C CYS A 850 43.62 9.13 66.70
N HIS A 851 42.91 8.77 65.64
CA HIS A 851 41.76 9.54 65.21
C HIS A 851 40.67 9.47 66.28
N PRO A 852 39.85 10.52 66.43
CA PRO A 852 39.73 11.83 65.78
C PRO A 852 40.29 12.99 66.60
N ALA A 853 41.47 12.83 67.19
CA ALA A 853 42.00 13.87 68.06
C ALA A 853 42.25 15.17 67.30
N LEU A 854 42.83 15.08 66.10
CA LEU A 854 43.28 16.24 65.35
C LEU A 854 42.42 16.53 64.12
N LYS A 855 41.27 15.86 63.98
CA LYS A 855 40.50 15.98 62.73
C LYS A 855 39.94 17.38 62.56
N SER A 856 39.09 17.81 63.51
CA SER A 856 38.38 19.08 63.33
C SER A 856 39.33 20.27 63.24
N PRO A 857 40.22 20.50 64.20
CA PRO A 857 41.10 21.68 64.09
C PRO A 857 42.00 21.63 62.86
N CYS A 858 42.49 20.45 62.49
CA CYS A 858 43.38 20.35 61.34
C CYS A 858 42.64 20.67 60.04
N VAL A 859 41.45 20.09 59.86
CA VAL A 859 40.71 20.35 58.63
C VAL A 859 40.26 21.80 58.59
N ALA A 860 39.91 22.38 59.74
CA ALA A 860 39.55 23.80 59.78
C ALA A 860 40.74 24.66 59.39
N THR A 861 41.93 24.33 59.89
CA THR A 861 43.13 25.08 59.51
C THR A 861 43.41 24.95 58.02
N ILE A 862 43.24 23.74 57.47
CA ILE A 862 43.47 23.55 56.05
C ILE A 862 42.51 24.40 55.23
N LYS A 863 41.22 24.42 55.62
CA LYS A 863 40.24 25.21 54.88
C LYS A 863 40.53 26.70 55.02
N ASP A 864 40.98 27.15 56.20
CA ASP A 864 41.27 28.56 56.39
C ASP A 864 42.48 28.99 55.58
N VAL A 865 43.55 28.22 55.64
CA VAL A 865 44.76 28.57 54.89
C VAL A 865 44.49 28.54 53.39
N LEU A 866 43.86 27.46 52.92
CA LEU A 866 43.42 27.34 51.54
C LEU A 866 41.93 27.69 51.53
N SER A 867 41.63 28.96 51.31
CA SER A 867 40.29 29.49 51.51
C SER A 867 39.26 28.67 50.73
N GLY A 868 38.37 28.01 51.46
CA GLY A 868 37.30 27.24 50.87
C GLY A 868 37.72 25.92 50.27
N VAL A 869 38.97 25.49 50.46
CA VAL A 869 39.45 24.24 49.90
C VAL A 869 39.30 23.18 50.99
N ASP A 870 38.19 22.43 50.92
CA ASP A 870 37.90 21.38 51.89
C ASP A 870 38.60 20.10 51.44
N LEU A 871 39.90 20.05 51.71
CA LEU A 871 40.68 18.87 51.37
C LEU A 871 40.21 17.66 52.17
N ALA A 872 40.30 16.49 51.55
CA ALA A 872 39.82 15.27 52.17
C ALA A 872 40.62 14.96 53.43
N TYR A 873 39.95 14.36 54.41
CA TYR A 873 40.57 13.98 55.67
C TYR A 873 40.21 12.53 55.97
N THR A 874 41.17 11.79 56.53
CA THR A 874 40.99 10.36 56.75
C THR A 874 41.68 9.93 58.03
N GLY A 875 40.95 9.17 58.86
CA GLY A 875 41.51 8.54 60.04
C GLY A 875 41.83 7.08 59.77
N CYS A 876 42.85 6.57 60.45
CA CYS A 876 43.31 5.20 60.25
C CYS A 876 43.30 4.35 61.50
N LEU A 877 43.11 4.94 62.68
CA LEU A 877 42.96 4.18 63.92
C LEU A 877 41.96 4.93 64.79
N GLU A 878 40.70 4.50 64.74
CA GLU A 878 39.61 5.21 65.40
C GLU A 878 39.61 4.88 66.89
N ARG A 879 38.66 5.49 67.60
CA ARG A 879 38.58 5.38 69.06
C ARG A 879 37.83 4.10 69.42
N GLY A 880 38.58 3.08 69.81
CA GLY A 880 37.99 1.82 70.23
C GLY A 880 37.54 0.91 69.11
N LYS A 881 37.86 1.22 67.87
CA LYS A 881 37.45 0.40 66.74
C LYS A 881 38.54 -0.62 66.40
N ASN A 882 38.15 -1.62 65.60
CA ASN A 882 39.09 -2.66 65.20
C ASN A 882 40.22 -2.05 64.38
N ASP A 883 41.46 -2.47 64.69
CA ASP A 883 42.62 -1.90 64.01
C ASP A 883 42.61 -2.24 62.53
N LEU A 884 42.35 -3.50 62.19
CA LEU A 884 42.26 -3.87 60.78
C LEU A 884 41.18 -3.07 60.08
N ASP A 885 40.01 -2.96 60.71
CA ASP A 885 38.93 -2.19 60.11
C ASP A 885 39.31 -0.73 59.98
N SER A 886 40.00 -0.17 60.97
CA SER A 886 40.39 1.23 60.90
C SER A 886 41.32 1.48 59.71
N PHE A 887 42.37 0.68 59.59
CA PHE A 887 43.32 0.87 58.50
C PHE A 887 42.67 0.60 57.15
N SER A 888 41.84 -0.44 57.08
CA SER A 888 41.14 -0.73 55.83
C SER A 888 40.18 0.39 55.46
N ARG A 889 39.58 1.05 56.45
CA ARG A 889 38.70 2.18 56.17
C ARG A 889 39.50 3.38 55.70
N ALA A 890 40.71 3.57 56.24
CA ALA A 890 41.58 4.62 55.72
C ALA A 890 41.91 4.38 54.25
N LEU A 891 42.29 3.14 53.93
CA LEU A 891 42.57 2.80 52.53
C LEU A 891 41.32 2.93 51.68
N ALA A 892 40.16 2.59 52.24
CA ALA A 892 38.90 2.73 51.53
C ALA A 892 38.61 4.18 51.18
N TYR A 893 38.82 5.08 52.13
CA TYR A 893 38.64 6.50 51.86
C TYR A 893 39.61 6.97 50.79
N LEU A 894 40.88 6.56 50.90
CA LEU A 894 41.87 6.92 49.88
C LEU A 894 41.42 6.47 48.51
N TRP A 895 40.94 5.23 48.39
CA TRP A 895 40.52 4.71 47.09
C TRP A 895 39.29 5.45 46.58
N GLU A 896 38.26 5.58 47.42
CA GLU A 896 37.06 6.28 46.99
C GLU A 896 37.36 7.70 46.56
N ARG A 897 38.45 8.28 47.07
CA ARG A 897 38.80 9.65 46.69
C ARG A 897 39.64 9.71 45.41
N PHE A 898 40.61 8.82 45.24
CA PHE A 898 41.56 8.94 44.13
C PHE A 898 41.80 7.61 43.45
N GLY A 899 40.74 6.85 43.18
CA GLY A 899 40.87 5.67 42.36
C GLY A 899 42.00 4.75 42.83
N ALA A 900 42.59 4.04 41.87
CA ALA A 900 43.73 3.19 42.17
C ALA A 900 45.00 4.01 42.38
N SER A 901 45.06 5.23 41.84
CA SER A 901 46.24 6.06 42.03
C SER A 901 46.46 6.43 43.49
N SER A 902 45.43 6.28 44.33
CA SER A 902 45.56 6.64 45.74
C SER A 902 46.68 5.83 46.40
N PHE A 903 46.74 4.54 46.12
CA PHE A 903 47.76 3.69 46.71
C PHE A 903 47.91 2.44 45.85
N ASP A 904 49.00 1.72 46.07
CA ASP A 904 49.30 0.50 45.33
C ASP A 904 49.02 -0.70 46.23
N ALA A 905 48.04 -1.50 45.86
CA ALA A 905 47.71 -2.70 46.64
C ALA A 905 48.70 -3.82 46.41
N ASP A 906 49.26 -3.91 45.19
CA ASP A 906 50.23 -4.97 44.91
C ASP A 906 51.45 -4.84 45.82
N GLU A 907 51.99 -3.64 45.94
CA GLU A 907 53.12 -3.43 46.83
C GLU A 907 52.73 -3.65 48.30
N PHE A 908 51.52 -3.22 48.66
CA PHE A 908 51.07 -3.38 50.04
C PHE A 908 51.03 -4.86 50.43
N MET A 909 50.49 -5.70 49.55
CA MET A 909 50.48 -7.14 49.82
C MET A 909 51.85 -7.77 49.61
N ARG A 910 52.72 -7.11 48.86
CA ARG A 910 54.13 -7.54 48.82
C ARG A 910 54.74 -7.39 50.20
N ALA A 911 54.44 -6.30 50.89
CA ALA A 911 54.92 -6.11 52.26
C ALA A 911 54.09 -6.90 53.25
N VAL A 912 52.76 -6.74 53.21
CA VAL A 912 51.87 -7.45 54.13
C VAL A 912 51.59 -8.83 53.58
N ALA A 913 51.81 -9.85 54.40
CA ALA A 913 51.59 -11.24 54.02
C ALA A 913 52.35 -11.59 52.75
N PRO A 914 53.68 -11.57 52.77
CA PRO A 914 54.44 -11.98 51.58
C PRO A 914 54.09 -13.38 51.11
N ASP A 915 53.84 -14.30 52.04
CA ASP A 915 53.40 -15.64 51.67
C ASP A 915 52.01 -15.58 51.05
N ARG A 916 51.76 -16.52 50.13
CA ARG A 916 50.49 -16.57 49.41
C ARG A 916 50.27 -15.24 48.70
N PRO A 917 51.03 -14.94 47.65
CA PRO A 917 50.75 -13.74 46.87
C PRO A 917 49.34 -13.77 46.29
N CYS A 918 48.70 -12.61 46.26
CA CYS A 918 47.30 -12.55 45.87
C CYS A 918 47.11 -13.01 44.44
N MET A 919 46.06 -13.80 44.22
CA MET A 919 45.71 -14.30 42.91
C MET A 919 44.63 -13.43 42.29
N SER A 920 44.70 -13.24 40.98
CA SER A 920 43.71 -12.45 40.25
C SER A 920 42.45 -13.30 40.12
N VAL A 921 41.58 -13.18 41.11
CA VAL A 921 40.35 -13.98 41.17
C VAL A 921 39.25 -13.28 40.39
N SER A 922 39.61 -12.25 39.62
CA SER A 922 38.63 -11.53 38.82
C SER A 922 37.82 -12.45 37.94
N LYS A 923 38.34 -13.63 37.61
CA LYS A 923 37.57 -14.59 36.84
C LYS A 923 36.26 -14.94 37.54
N LEU A 924 36.34 -15.25 38.84
CA LEU A 924 35.19 -15.67 39.61
C LEU A 924 34.34 -14.50 40.11
N LEU A 925 34.87 -13.28 40.07
CA LEU A 925 34.10 -12.14 40.54
C LEU A 925 32.89 -11.90 39.63
N PRO A 926 31.79 -11.41 40.17
CA PRO A 926 30.60 -11.20 39.34
C PRO A 926 30.87 -10.19 38.24
N ALA A 927 30.26 -10.44 37.08
CA ALA A 927 30.38 -9.52 35.97
C ALA A 927 29.69 -8.20 36.29
N TYR A 928 30.03 -7.17 35.53
CA TYR A 928 29.47 -5.86 35.79
C TYR A 928 27.96 -5.89 35.60
N PRO A 929 27.18 -5.38 36.56
CA PRO A 929 25.72 -5.39 36.40
C PRO A 929 25.24 -4.31 35.47
N TRP A 930 25.24 -4.60 34.17
CA TRP A 930 24.85 -3.60 33.18
C TRP A 930 23.45 -3.08 33.48
N ASP A 931 23.27 -1.77 33.32
CA ASP A 931 22.05 -1.12 33.77
C ASP A 931 20.82 -1.78 33.17
N ARG A 932 20.78 -1.93 31.86
CA ARG A 932 19.70 -2.60 31.14
C ARG A 932 18.33 -1.96 31.40
N SER A 933 18.29 -0.80 32.05
CA SER A 933 17.00 -0.19 32.37
C SER A 933 16.25 0.23 31.12
N ARG A 934 16.95 0.84 30.17
CA ARG A 934 16.35 1.36 28.96
C ARG A 934 16.72 0.50 27.76
N ARG A 935 15.71 0.16 26.96
CA ARG A 935 15.92 -0.66 25.77
C ARG A 935 16.24 0.26 24.59
N TYR A 936 17.50 0.27 24.17
CA TYR A 936 17.95 1.08 23.05
C TYR A 936 17.81 0.26 21.78
N TRP A 937 16.80 0.56 20.98
CA TRP A 937 16.55 -0.16 19.74
C TRP A 937 15.87 0.77 18.76
N VAL A 938 15.97 0.42 17.48
CA VAL A 938 15.39 1.19 16.39
C VAL A 938 14.42 0.29 15.64
N GLU A 939 13.19 0.76 15.48
CA GLU A 939 12.19 0.01 14.74
C GLU A 939 11.15 0.98 14.19
N SER A 940 11.27 1.31 12.91
CA SER A 940 10.16 1.97 12.24
C SER A 940 8.94 1.08 12.33
N ARG A 941 7.78 1.69 12.61
CA ARG A 941 6.57 0.89 12.78
C ARG A 941 6.33 -0.01 11.58
N ALA A 942 6.75 0.44 10.39
CA ALA A 942 6.76 -0.44 9.24
C ALA A 942 7.72 -1.60 9.45
N THR A 943 8.91 -1.32 9.98
CA THR A 943 9.87 -2.38 10.26
C THR A 943 9.32 -3.33 11.33
N ARG A 944 8.66 -2.78 12.35
CA ARG A 944 8.07 -3.62 13.38
C ARG A 944 6.99 -4.52 12.79
N HIS A 945 6.12 -3.97 11.96
CA HIS A 945 5.11 -4.77 11.29
C HIS A 945 5.73 -5.78 10.33
N HIS A 946 6.96 -5.52 9.87
CA HIS A 946 7.66 -6.46 9.00
C HIS A 946 8.22 -7.63 9.79
N LEU A 947 9.02 -7.35 10.82
CA LEU A 947 9.58 -8.41 11.65
C LEU A 947 8.48 -9.22 12.32
N ARG A 948 7.50 -8.52 12.90
CA ARG A 948 6.28 -8.96 13.56
C ARG A 948 5.17 -9.04 12.52
N GLY A 949 3.92 -9.15 12.98
CA GLY A 949 2.79 -9.09 12.09
C GLY A 949 2.10 -10.43 11.93
N PRO A 950 1.12 -10.49 11.03
CA PRO A 950 0.35 -11.71 10.84
C PRO A 950 1.15 -12.76 10.08
N LYS A 951 0.60 -13.97 10.07
CA LYS A 951 1.21 -15.05 9.31
C LYS A 951 1.18 -14.70 7.82
N PRO A 952 2.09 -15.26 7.03
CA PRO A 952 2.08 -14.96 5.60
C PRO A 952 0.94 -15.68 4.91
N HIS A 953 -0.25 -15.09 4.99
CA HIS A 953 -1.45 -15.80 4.55
C HIS A 953 -1.29 -16.28 3.10
N LEU A 954 -1.69 -17.53 2.88
CA LEU A 954 -1.59 -18.12 1.55
C LEU A 954 -2.45 -17.32 0.57
N LEU A 955 -1.96 -17.21 -0.66
CA LEU A 955 -2.63 -16.47 -1.72
C LEU A 955 -2.51 -14.97 -1.51
N LEU A 956 -1.96 -14.55 -0.36
CA LEU A 956 -1.88 -13.14 -0.02
C LEU A 956 -0.46 -12.75 0.33
N GLY A 957 0.28 -13.68 0.95
CA GLY A 957 1.59 -13.33 1.41
C GLY A 957 1.50 -12.51 2.69
N LYS A 958 2.48 -11.64 2.86
CA LYS A 958 2.58 -10.81 4.05
C LYS A 958 1.87 -9.47 3.83
N LEU A 959 1.11 -9.06 4.84
CA LEU A 959 0.50 -7.74 4.79
C LEU A 959 1.58 -6.66 4.73
N SER A 960 1.33 -5.64 3.92
CA SER A 960 2.34 -4.60 3.71
C SER A 960 2.66 -3.91 5.03
N GLU A 961 3.93 -3.52 5.17
CA GLU A 961 4.37 -2.88 6.40
C GLU A 961 3.57 -1.61 6.68
N TYR A 962 3.15 -0.92 5.63
CA TYR A 962 2.45 0.36 5.75
C TYR A 962 0.94 0.20 5.68
N SER A 963 0.43 -0.96 6.08
CA SER A 963 -1.00 -1.19 6.08
C SER A 963 -1.65 -0.58 7.32
N THR A 964 -2.97 -0.50 7.29
CA THR A 964 -3.78 0.09 8.34
C THR A 964 -5.01 -0.77 8.57
N PRO A 965 -5.69 -0.58 9.70
CA PRO A 965 -6.99 -1.23 9.88
C PRO A 965 -8.00 -0.83 8.83
N LEU A 966 -7.80 0.32 8.18
CA LEU A 966 -8.69 0.77 7.12
C LEU A 966 -8.14 0.52 5.73
N SER A 967 -6.83 0.35 5.59
CA SER A 967 -6.21 0.07 4.30
C SER A 967 -5.16 -1.02 4.47
N PHE A 968 -5.17 -1.98 3.56
CA PHE A 968 -4.30 -3.16 3.64
C PHE A 968 -3.70 -3.40 2.27
N GLN A 969 -2.52 -4.02 2.26
CA GLN A 969 -1.90 -4.43 1.01
C GLN A 969 -1.09 -5.69 1.27
N TRP A 970 -1.68 -6.83 0.93
CA TRP A 970 -0.97 -8.10 1.05
C TRP A 970 -0.04 -8.29 -0.14
N LEU A 971 1.24 -8.52 0.13
CA LEU A 971 2.26 -8.65 -0.88
C LEU A 971 2.70 -10.11 -0.96
N ASN A 972 2.76 -10.64 -2.19
CA ASN A 972 3.16 -12.01 -2.39
C ASN A 972 3.87 -12.11 -3.73
N PHE A 973 4.67 -13.16 -3.89
CA PHE A 973 5.35 -13.45 -5.15
C PHE A 973 5.05 -14.91 -5.48
N VAL A 974 3.93 -15.14 -6.13
CA VAL A 974 3.43 -16.49 -6.37
C VAL A 974 4.23 -17.13 -7.51
N ARG A 975 4.80 -18.30 -7.25
CA ARG A 975 5.30 -19.16 -8.29
C ARG A 975 4.61 -20.52 -8.18
N PRO A 976 4.26 -21.15 -9.31
CA PRO A 976 3.42 -22.35 -9.22
C PRO A 976 3.98 -23.46 -8.35
N ARG A 977 5.30 -23.67 -8.32
CA ARG A 977 5.82 -24.77 -7.52
C ARG A 977 5.65 -24.50 -6.03
N ASP A 978 5.66 -23.23 -5.62
CA ASP A 978 5.40 -22.90 -4.22
C ASP A 978 3.93 -23.05 -3.86
N ILE A 979 3.04 -23.04 -4.83
CA ILE A 979 1.62 -23.31 -4.63
C ILE A 979 1.32 -24.59 -5.38
N GLU A 980 1.37 -25.72 -4.66
CA GLU A 980 1.34 -27.03 -5.31
C GLU A 980 0.17 -27.15 -6.28
N TRP A 981 -1.01 -26.70 -5.88
CA TRP A 981 -2.20 -26.88 -6.70
C TRP A 981 -2.24 -25.93 -7.89
N LEU A 982 -1.51 -24.82 -7.85
CA LEU A 982 -1.60 -23.82 -8.90
C LEU A 982 -1.17 -24.37 -10.26
N ASP A 983 -0.42 -25.46 -10.29
CA ASP A 983 -0.04 -26.07 -11.57
C ASP A 983 -1.25 -26.58 -12.33
N GLY A 984 -2.37 -26.81 -11.64
CA GLY A 984 -3.53 -27.39 -12.29
C GLY A 984 -4.28 -26.45 -13.22
N HIS A 985 -4.14 -25.14 -13.01
CA HIS A 985 -4.85 -24.15 -13.83
C HIS A 985 -3.92 -23.70 -14.95
N ALA A 986 -4.10 -24.34 -16.10
CA ALA A 986 -3.33 -24.03 -17.30
C ALA A 986 -4.27 -23.57 -18.41
N LEU A 987 -3.91 -22.48 -19.07
CA LEU A 987 -4.66 -21.97 -20.21
C LEU A 987 -3.70 -21.87 -21.40
N GLN A 988 -4.03 -22.57 -22.48
CA GLN A 988 -3.17 -22.63 -23.65
C GLN A 988 -1.78 -23.14 -23.29
N GLY A 989 -1.73 -24.09 -22.36
CA GLY A 989 -0.50 -24.68 -21.89
C GLY A 989 0.14 -23.90 -20.76
N GLN A 990 0.13 -22.57 -20.85
CA GLN A 990 0.72 -21.75 -19.80
C GLN A 990 -0.08 -21.86 -18.51
N THR A 991 0.63 -21.96 -17.40
CA THR A 991 -0.02 -21.92 -16.09
C THR A 991 -0.48 -20.50 -15.81
N VAL A 992 -1.78 -20.34 -15.56
CA VAL A 992 -2.40 -19.03 -15.39
C VAL A 992 -3.07 -18.99 -14.03
N PHE A 993 -2.88 -17.90 -13.31
CA PHE A 993 -3.52 -17.75 -12.01
C PHE A 993 -5.03 -17.67 -12.21
N PRO A 994 -5.81 -18.54 -11.57
CA PRO A 994 -7.26 -18.55 -11.83
C PRO A 994 -7.92 -17.25 -11.40
N ALA A 995 -8.98 -16.87 -12.13
CA ALA A 995 -9.84 -15.80 -11.65
C ALA A 995 -10.46 -16.17 -10.31
N ALA A 996 -10.82 -17.44 -10.15
CA ALA A 996 -11.18 -17.94 -8.83
C ALA A 996 -10.07 -17.68 -7.83
N GLY A 997 -8.81 -17.69 -8.28
CA GLY A 997 -7.72 -17.35 -7.40
C GLY A 997 -7.83 -15.92 -6.90
N TYR A 998 -8.11 -14.97 -7.80
CA TYR A 998 -8.29 -13.58 -7.39
C TYR A 998 -9.48 -13.46 -6.44
N ILE A 999 -10.56 -14.18 -6.72
CA ILE A 999 -11.74 -14.10 -5.87
C ILE A 999 -11.43 -14.63 -4.47
N VAL A 1000 -10.72 -15.75 -4.38
CA VAL A 1000 -10.37 -16.31 -3.09
C VAL A 1000 -9.41 -15.37 -2.36
N MET A 1001 -8.51 -14.73 -3.10
CA MET A 1001 -7.62 -13.75 -2.48
C MET A 1001 -8.43 -12.61 -1.88
N ALA A 1002 -9.42 -12.11 -2.62
CA ALA A 1002 -10.24 -11.02 -2.12
C ALA A 1002 -11.02 -11.45 -0.88
N MET A 1003 -11.55 -12.67 -0.90
CA MET A 1003 -12.35 -13.13 0.25
C MET A 1003 -11.47 -13.35 1.47
N GLU A 1004 -10.25 -13.88 1.28
CA GLU A 1004 -9.34 -14.03 2.40
C GLU A 1004 -8.90 -12.67 2.93
N ALA A 1005 -8.70 -11.70 2.03
CA ALA A 1005 -8.42 -10.34 2.48
C ALA A 1005 -9.57 -9.79 3.30
N ALA A 1006 -10.80 -10.05 2.88
CA ALA A 1006 -11.96 -9.65 3.66
C ALA A 1006 -11.95 -10.29 5.04
N LEU A 1007 -11.61 -11.59 5.10
CA LEU A 1007 -11.51 -12.26 6.39
C LEU A 1007 -10.48 -11.59 7.28
N MET A 1008 -9.30 -11.32 6.73
CA MET A 1008 -8.24 -10.71 7.52
C MET A 1008 -8.63 -9.31 7.98
N ILE A 1009 -9.31 -8.55 7.12
CA ILE A 1009 -9.76 -7.21 7.50
C ILE A 1009 -10.76 -7.31 8.63
N ALA A 1010 -11.73 -8.22 8.53
CA ALA A 1010 -12.71 -8.39 9.59
C ALA A 1010 -12.04 -8.78 10.90
N GLY A 1011 -11.06 -9.69 10.82
CA GLY A 1011 -10.31 -10.05 12.01
C GLY A 1011 -9.56 -8.87 12.60
N THR A 1012 -9.03 -8.00 11.73
CA THR A 1012 -8.36 -6.79 12.20
C THR A 1012 -9.31 -5.91 13.00
N HIS A 1013 -10.59 -5.87 12.61
CA HIS A 1013 -11.61 -5.16 13.35
C HIS A 1013 -12.34 -6.04 14.35
N ALA A 1014 -11.83 -7.26 14.59
CA ALA A 1014 -12.47 -8.21 15.50
C ALA A 1014 -13.90 -8.52 15.08
N LYS A 1015 -14.13 -8.63 13.78
CA LYS A 1015 -15.44 -8.92 13.23
C LYS A 1015 -15.45 -10.30 12.58
N GLN A 1016 -16.57 -11.00 12.72
CA GLN A 1016 -16.80 -12.25 12.03
C GLN A 1016 -17.75 -11.99 10.86
N VAL A 1017 -17.32 -12.35 9.67
CA VAL A 1017 -18.11 -12.08 8.46
C VAL A 1017 -19.23 -13.11 8.37
N LYS A 1018 -20.47 -12.67 8.57
CA LYS A 1018 -21.61 -13.55 8.35
C LYS A 1018 -21.80 -13.82 6.86
N LEU A 1019 -21.49 -12.84 6.03
CA LEU A 1019 -21.66 -12.96 4.58
C LEU A 1019 -20.58 -12.15 3.90
N LEU A 1020 -20.18 -12.58 2.70
CA LEU A 1020 -19.05 -11.97 1.99
C LEU A 1020 -19.40 -11.88 0.50
N GLU A 1021 -19.90 -10.73 0.07
CA GLU A 1021 -20.17 -10.49 -1.33
C GLU A 1021 -18.95 -9.85 -1.99
N ILE A 1022 -18.77 -10.15 -3.27
CA ILE A 1022 -17.79 -9.48 -4.12
C ILE A 1022 -18.56 -8.87 -5.28
N LEU A 1023 -18.53 -7.55 -5.38
CA LEU A 1023 -19.36 -6.78 -6.30
C LEU A 1023 -18.52 -6.18 -7.41
N ASP A 1024 -19.08 -6.16 -8.61
CA ASP A 1024 -18.48 -5.49 -9.76
C ASP A 1024 -17.02 -5.88 -9.94
N MET A 1025 -16.70 -7.13 -9.66
CA MET A 1025 -15.33 -7.60 -9.79
C MET A 1025 -14.95 -7.72 -11.26
N SER A 1026 -13.72 -7.34 -11.57
CA SER A 1026 -13.21 -7.39 -12.94
C SER A 1026 -11.81 -7.97 -12.92
N ILE A 1027 -11.57 -8.96 -13.78
CA ILE A 1027 -10.24 -9.53 -13.99
C ILE A 1027 -9.67 -8.85 -15.22
N ASP A 1028 -8.72 -7.95 -15.02
CA ASP A 1028 -8.20 -7.12 -16.11
C ASP A 1028 -7.08 -7.80 -16.88
N LYS A 1029 -6.16 -8.48 -16.19
CA LYS A 1029 -5.01 -9.09 -16.83
C LYS A 1029 -4.76 -10.44 -16.18
N ALA A 1030 -4.93 -11.52 -16.94
CA ALA A 1030 -4.62 -12.84 -16.44
C ALA A 1030 -3.12 -12.96 -16.19
N VAL A 1031 -2.77 -13.52 -15.04
CA VAL A 1031 -1.36 -13.71 -14.67
C VAL A 1031 -0.87 -14.98 -15.35
N ILE A 1032 0.04 -14.81 -16.31
CA ILE A 1032 0.62 -15.93 -17.03
C ILE A 1032 1.95 -16.29 -16.39
N PHE A 1033 2.08 -17.55 -15.97
CA PHE A 1033 3.32 -18.04 -15.38
C PHE A 1033 4.15 -18.70 -16.47
N ASP A 1034 5.33 -18.13 -16.75
CA ASP A 1034 6.19 -18.70 -17.77
C ASP A 1034 6.63 -20.10 -17.40
N ASP A 1035 6.95 -20.32 -16.13
CA ASP A 1035 7.39 -21.63 -15.66
C ASP A 1035 6.99 -21.78 -14.20
N GLU A 1036 6.99 -23.02 -13.72
CA GLU A 1036 6.58 -23.30 -12.35
C GLU A 1036 7.45 -22.58 -11.34
N ASP A 1037 8.68 -22.21 -11.70
CA ASP A 1037 9.57 -21.49 -10.81
C ASP A 1037 9.53 -19.98 -11.02
N SER A 1038 8.74 -19.50 -11.98
CA SER A 1038 8.66 -18.08 -12.24
C SER A 1038 7.87 -17.38 -11.15
N LEU A 1039 8.39 -16.27 -10.65
CA LEU A 1039 7.73 -15.50 -9.61
C LEU A 1039 6.92 -14.38 -10.24
N VAL A 1040 5.63 -14.35 -9.95
CA VAL A 1040 4.74 -13.28 -10.38
C VAL A 1040 4.26 -12.56 -9.12
N GLU A 1041 4.53 -11.26 -9.05
CA GLU A 1041 4.16 -10.50 -7.88
C GLU A 1041 2.67 -10.21 -7.88
N LEU A 1042 2.00 -10.54 -6.79
CA LEU A 1042 0.59 -10.23 -6.58
C LEU A 1042 0.48 -9.36 -5.34
N ASN A 1043 -0.07 -8.17 -5.51
CA ASN A 1043 -0.29 -7.23 -4.41
C ASN A 1043 -1.79 -6.95 -4.34
N LEU A 1044 -2.44 -7.51 -3.32
CA LEU A 1044 -3.86 -7.28 -3.11
C LEU A 1044 -4.01 -6.10 -2.17
N THR A 1045 -4.43 -4.96 -2.72
CA THR A 1045 -4.69 -3.76 -1.94
C THR A 1045 -6.19 -3.68 -1.68
N ALA A 1046 -6.57 -3.73 -0.41
CA ALA A 1046 -7.96 -3.70 0.00
C ALA A 1046 -8.17 -2.54 0.96
N ASP A 1047 -9.05 -1.62 0.59
CA ASP A 1047 -9.30 -0.40 1.35
C ASP A 1047 -10.77 -0.36 1.71
N VAL A 1048 -11.07 -0.40 3.01
CA VAL A 1048 -12.45 -0.45 3.47
C VAL A 1048 -13.02 0.96 3.32
N SER A 1049 -13.72 1.19 2.21
CA SER A 1049 -14.34 2.48 1.97
C SER A 1049 -15.46 2.77 2.96
N ARG A 1050 -16.03 1.74 3.57
CA ARG A 1050 -17.09 1.92 4.56
C ARG A 1050 -16.88 0.89 5.67
N ASN A 1051 -16.78 1.36 6.91
CA ASN A 1051 -16.70 0.47 8.06
C ASN A 1051 -17.89 0.78 8.96
N ALA A 1052 -19.02 0.15 8.67
CA ALA A 1052 -20.28 0.42 9.34
C ALA A 1052 -20.68 -0.79 10.17
N GLY A 1053 -19.74 -1.32 10.95
CA GLY A 1053 -20.07 -2.40 11.87
C GLY A 1053 -21.24 -2.06 12.77
N GLU A 1054 -21.45 -0.76 13.03
CA GLU A 1054 -22.69 -0.35 13.68
C GLU A 1054 -23.90 -0.71 12.83
N ALA A 1055 -23.79 -0.53 11.52
CA ALA A 1055 -24.80 -0.99 10.57
C ALA A 1055 -24.58 -2.44 10.16
N GLY A 1056 -23.52 -3.07 10.67
CA GLY A 1056 -23.24 -4.45 10.34
C GLY A 1056 -22.73 -4.66 8.94
N SER A 1057 -22.06 -3.67 8.36
CA SER A 1057 -21.60 -3.77 6.97
C SER A 1057 -20.17 -3.26 6.85
N MET A 1058 -19.50 -3.73 5.80
CA MET A 1058 -18.14 -3.28 5.52
C MET A 1058 -17.91 -3.34 4.02
N THR A 1059 -17.70 -2.18 3.40
CA THR A 1059 -17.44 -2.06 1.97
C THR A 1059 -15.95 -1.80 1.77
N ILE A 1060 -15.32 -2.65 0.95
CA ILE A 1060 -13.88 -2.66 0.77
C ILE A 1060 -13.53 -2.75 -0.71
N SER A 1061 -13.01 -1.67 -1.27
CA SER A 1061 -12.53 -1.74 -2.65
C SER A 1061 -11.21 -2.48 -2.68
N PHE A 1062 -11.14 -3.52 -3.51
CA PHE A 1062 -9.97 -4.38 -3.57
C PHE A 1062 -9.43 -4.43 -4.99
N LYS A 1063 -8.10 -4.54 -5.09
CA LYS A 1063 -7.40 -4.57 -6.37
C LYS A 1063 -6.23 -5.53 -6.24
N ILE A 1064 -6.25 -6.61 -7.01
CA ILE A 1064 -5.12 -7.53 -7.10
C ILE A 1064 -4.27 -7.03 -8.26
N ASP A 1065 -3.23 -6.28 -7.93
CA ASP A 1065 -2.25 -5.87 -8.93
C ASP A 1065 -1.27 -7.00 -9.17
N SER A 1066 -0.84 -7.14 -10.43
CA SER A 1066 0.04 -8.23 -10.80
C SER A 1066 1.21 -7.71 -11.62
N CYS A 1067 2.36 -8.36 -11.44
CA CYS A 1067 3.55 -8.10 -12.24
C CYS A 1067 4.18 -9.43 -12.59
N LEU A 1068 4.15 -9.78 -13.88
CA LEU A 1068 4.61 -11.09 -14.31
C LEU A 1068 6.11 -11.28 -14.06
N SER A 1069 6.91 -10.26 -14.36
CA SER A 1069 8.36 -10.36 -14.21
C SER A 1069 8.89 -9.05 -13.65
N LYS A 1070 9.96 -9.15 -12.86
CA LYS A 1070 10.50 -7.97 -12.20
C LYS A 1070 10.93 -6.90 -13.19
N GLU A 1071 11.17 -7.27 -14.44
CA GLU A 1071 11.50 -6.27 -15.46
C GLU A 1071 10.34 -5.31 -15.69
N GLY A 1072 9.10 -5.81 -15.68
CA GLY A 1072 7.95 -4.97 -15.95
C GLY A 1072 7.43 -4.26 -14.72
N ASN A 1073 6.53 -3.31 -14.96
CA ASN A 1073 5.90 -2.57 -13.89
C ASN A 1073 4.72 -3.36 -13.30
N LEU A 1074 4.23 -2.87 -12.16
CA LEU A 1074 3.10 -3.51 -11.51
C LEU A 1074 1.82 -3.11 -12.24
N SER A 1075 1.04 -4.11 -12.65
CA SER A 1075 -0.19 -3.92 -13.39
C SER A 1075 -1.37 -4.43 -12.59
N LEU A 1076 -2.57 -4.16 -13.10
CA LEU A 1076 -3.80 -4.59 -12.46
C LEU A 1076 -4.21 -5.95 -13.01
N SER A 1077 -4.28 -6.95 -12.14
CA SER A 1077 -4.76 -8.27 -12.51
C SER A 1077 -6.26 -8.38 -12.32
N ALA A 1078 -6.79 -7.83 -11.24
CA ALA A 1078 -8.22 -7.88 -10.97
C ALA A 1078 -8.59 -6.73 -10.06
N LYS A 1079 -9.89 -6.44 -10.01
CA LYS A 1079 -10.40 -5.38 -9.14
C LYS A 1079 -11.86 -5.68 -8.82
N GLY A 1080 -12.35 -5.02 -7.78
CA GLY A 1080 -13.75 -5.17 -7.41
C GLY A 1080 -14.01 -4.55 -6.05
N GLN A 1081 -15.16 -4.90 -5.48
CA GLN A 1081 -15.55 -4.45 -4.15
C GLN A 1081 -15.92 -5.66 -3.32
N LEU A 1082 -15.87 -5.50 -2.00
CA LEU A 1082 -16.28 -6.53 -1.06
C LEU A 1082 -17.31 -5.94 -0.11
N ALA A 1083 -18.43 -6.62 0.04
CA ALA A 1083 -19.48 -6.23 0.97
C ALA A 1083 -19.59 -7.32 2.02
N LEU A 1084 -19.12 -7.01 3.23
CA LEU A 1084 -19.09 -7.97 4.33
C LEU A 1084 -20.24 -7.65 5.27
N THR A 1085 -21.12 -8.63 5.45
CA THR A 1085 -22.10 -8.60 6.55
C THR A 1085 -21.43 -9.27 7.75
N ILE A 1086 -21.25 -8.51 8.83
CA ILE A 1086 -20.33 -8.88 9.89
C ILE A 1086 -21.04 -8.84 11.23
N GLU A 1087 -20.41 -9.47 12.22
CA GLU A 1087 -20.84 -9.43 13.61
C GLU A 1087 -19.61 -9.27 14.49
N ASP A 1088 -19.84 -8.89 15.74
CA ASP A 1088 -18.74 -8.57 16.64
C ASP A 1088 -17.86 -9.78 16.94
N VAL A 1089 -18.33 -10.99 16.68
CA VAL A 1089 -17.55 -12.19 16.96
C VAL A 1089 -16.31 -12.20 16.08
N HIS A 1100 -28.65 -19.99 5.92
CA HIS A 1100 -29.76 -19.42 5.16
C HIS A 1100 -29.47 -17.98 4.75
N HIS A 1101 -28.22 -17.57 4.89
CA HIS A 1101 -27.83 -16.21 4.50
C HIS A 1101 -27.89 -16.01 3.00
N LEU A 1102 -28.02 -17.09 2.22
CA LEU A 1102 -28.13 -17.03 0.78
C LEU A 1102 -29.40 -17.74 0.32
N PRO A 1103 -29.94 -17.37 -0.83
CA PRO A 1103 -31.17 -18.00 -1.32
C PRO A 1103 -30.96 -19.49 -1.52
N PRO A 1104 -31.96 -20.31 -1.22
CA PRO A 1104 -31.84 -21.73 -1.49
C PRO A 1104 -31.65 -21.97 -2.98
N PRO A 1105 -30.91 -23.00 -3.35
CA PRO A 1105 -30.67 -23.26 -4.77
C PRO A 1105 -31.95 -23.66 -5.48
N GLU A 1106 -31.97 -23.46 -6.79
CA GLU A 1106 -33.10 -23.88 -7.59
C GLU A 1106 -33.29 -25.39 -7.46
N GLU A 1107 -34.43 -25.86 -7.99
CA GLU A 1107 -34.88 -27.22 -7.71
C GLU A 1107 -34.18 -28.25 -8.61
N GLU A 1108 -32.84 -28.23 -8.56
CA GLU A 1108 -32.02 -29.28 -9.15
C GLU A 1108 -32.49 -29.59 -10.58
N HIS A 1109 -32.23 -28.62 -11.46
CA HIS A 1109 -32.86 -28.51 -12.78
C HIS A 1109 -33.17 -29.90 -13.36
N PRO A 1110 -34.40 -30.12 -13.83
CA PRO A 1110 -34.95 -31.48 -13.88
C PRO A 1110 -34.18 -32.47 -14.74
N HIS A 1111 -34.09 -32.20 -16.04
CA HIS A 1111 -33.50 -33.12 -17.00
C HIS A 1111 -32.22 -32.48 -17.53
N MET A 1112 -31.10 -33.15 -17.33
CA MET A 1112 -29.82 -32.64 -17.79
C MET A 1112 -29.01 -33.83 -18.25
N ASN A 1113 -28.68 -33.87 -19.53
CA ASN A 1113 -27.82 -34.92 -20.05
C ASN A 1113 -26.54 -35.00 -19.24
N ARG A 1114 -26.18 -36.22 -18.84
CA ARG A 1114 -25.03 -36.45 -17.98
C ARG A 1114 -23.75 -36.12 -18.72
N VAL A 1115 -23.15 -34.98 -18.39
CA VAL A 1115 -21.92 -34.56 -19.04
C VAL A 1115 -20.79 -35.49 -18.62
N ASN A 1116 -20.19 -36.17 -19.59
CA ASN A 1116 -19.03 -37.01 -19.32
C ASN A 1116 -17.89 -36.11 -18.89
N ILE A 1117 -17.56 -36.15 -17.60
CA ILE A 1117 -16.56 -35.22 -17.06
C ILE A 1117 -15.24 -35.36 -17.79
N ASN A 1118 -14.83 -36.60 -18.06
CA ASN A 1118 -13.58 -36.80 -18.79
C ASN A 1118 -13.67 -36.18 -20.18
N ALA A 1119 -14.78 -36.41 -20.89
CA ALA A 1119 -14.95 -35.81 -22.21
C ALA A 1119 -15.08 -34.29 -22.10
N PHE A 1120 -15.76 -33.81 -21.06
CA PHE A 1120 -15.90 -32.37 -20.87
C PHE A 1120 -14.54 -31.70 -20.75
N TYR A 1121 -13.68 -32.24 -19.88
CA TYR A 1121 -12.35 -31.65 -19.71
C TYR A 1121 -11.47 -31.90 -20.92
N HIS A 1122 -11.67 -33.00 -21.64
CA HIS A 1122 -10.94 -33.22 -22.88
C HIS A 1122 -11.25 -32.12 -23.89
N GLU A 1123 -12.53 -31.82 -24.08
CA GLU A 1123 -12.92 -30.74 -24.98
C GLU A 1123 -12.39 -29.40 -24.48
N LEU A 1124 -12.48 -29.17 -23.17
CA LEU A 1124 -11.95 -27.93 -22.61
C LEU A 1124 -10.47 -27.77 -22.92
N GLY A 1125 -9.70 -28.83 -22.76
CA GLY A 1125 -8.30 -28.78 -23.14
C GLY A 1125 -8.11 -28.54 -24.62
N LEU A 1126 -8.96 -29.17 -25.45
CA LEU A 1126 -8.92 -28.90 -26.88
C LEU A 1126 -9.10 -27.43 -27.17
N MET A 1127 -9.89 -26.73 -26.35
CA MET A 1127 -10.13 -25.30 -26.52
C MET A 1127 -9.20 -24.46 -25.66
N GLY A 1128 -8.12 -25.04 -25.15
CA GLY A 1128 -7.10 -24.31 -24.42
C GLY A 1128 -7.22 -24.38 -22.91
N TYR A 1129 -8.34 -24.88 -22.39
CA TYR A 1129 -8.53 -25.00 -20.94
C TYR A 1129 -7.86 -26.29 -20.47
N ASN A 1130 -6.54 -26.23 -20.31
CA ASN A 1130 -5.80 -27.42 -19.92
C ASN A 1130 -5.88 -27.62 -18.41
N TYR A 1131 -7.09 -27.70 -17.87
CA TYR A 1131 -7.26 -27.93 -16.44
C TYR A 1131 -6.68 -29.28 -16.04
N SER A 1132 -6.14 -29.34 -14.84
CA SER A 1132 -5.47 -30.55 -14.37
C SER A 1132 -5.65 -30.69 -12.86
N LYS A 1133 -5.41 -31.92 -12.38
CA LYS A 1133 -5.47 -32.27 -10.97
C LYS A 1133 -6.62 -31.57 -10.24
N ASP A 1134 -6.31 -30.64 -9.34
CA ASP A 1134 -7.34 -30.08 -8.47
C ASP A 1134 -8.43 -29.35 -9.27
N PHE A 1135 -8.10 -28.86 -10.46
CA PHE A 1135 -9.06 -28.14 -11.27
C PHE A 1135 -9.90 -29.06 -12.16
N ARG A 1136 -9.62 -30.36 -12.14
CA ARG A 1136 -10.53 -31.36 -12.70
C ARG A 1136 -11.40 -31.98 -11.63
N ARG A 1137 -11.59 -31.30 -10.51
CA ARG A 1137 -12.30 -31.83 -9.35
C ARG A 1137 -13.82 -31.83 -9.53
N LEU A 1138 -14.31 -31.59 -10.75
CA LEU A 1138 -15.74 -31.65 -11.00
C LEU A 1138 -16.21 -33.09 -10.96
N HIS A 1139 -16.73 -33.52 -9.81
CA HIS A 1139 -17.06 -34.93 -9.63
C HIS A 1139 -18.05 -35.41 -10.70
N ASN A 1140 -19.16 -34.69 -10.87
CA ASN A 1140 -20.14 -35.05 -11.87
C ASN A 1140 -20.92 -33.80 -12.27
N MET A 1141 -21.34 -33.77 -13.52
CA MET A 1141 -22.11 -32.65 -14.03
C MET A 1141 -23.13 -33.17 -15.04
N GLN A 1142 -24.19 -32.38 -15.22
CA GLN A 1142 -25.23 -32.70 -16.18
C GLN A 1142 -25.87 -31.38 -16.63
N ARG A 1143 -26.07 -31.23 -17.93
CA ARG A 1143 -26.46 -29.96 -18.51
C ARG A 1143 -27.68 -30.10 -19.40
N ALA A 1144 -28.48 -29.03 -19.45
CA ALA A 1144 -29.59 -28.94 -20.39
C ALA A 1144 -30.24 -27.57 -20.22
N ASP A 1145 -31.00 -27.18 -21.25
CA ASP A 1145 -31.80 -25.94 -21.21
C ASP A 1145 -30.93 -24.75 -20.83
N LEU A 1146 -29.74 -24.68 -21.42
CA LEU A 1146 -28.79 -23.60 -21.12
C LEU A 1146 -28.49 -23.55 -19.63
N ARG A 1147 -28.35 -24.73 -19.02
CA ARG A 1147 -28.16 -24.83 -17.59
C ARG A 1147 -27.31 -26.05 -17.29
N ALA A 1148 -26.69 -26.07 -16.12
CA ALA A 1148 -25.92 -27.22 -15.68
C ALA A 1148 -26.08 -27.37 -14.17
N SER A 1149 -25.78 -28.57 -13.70
CA SER A 1149 -25.84 -28.85 -12.26
C SER A 1149 -25.00 -30.09 -12.01
N GLY A 1150 -24.91 -30.46 -10.75
CA GLY A 1150 -24.21 -31.67 -10.39
C GLY A 1150 -23.52 -31.51 -9.04
N THR A 1151 -22.34 -32.12 -8.93
CA THR A 1151 -21.57 -32.08 -7.70
C THR A 1151 -20.10 -31.88 -8.04
N LEU A 1152 -19.47 -30.94 -7.35
CA LEU A 1152 -18.05 -30.66 -7.48
C LEU A 1152 -17.39 -30.80 -6.13
N ASP A 1153 -16.14 -31.27 -6.12
CA ASP A 1153 -15.43 -31.52 -4.87
C ASP A 1153 -15.05 -30.19 -4.23
N PHE A 1154 -15.62 -29.90 -3.06
CA PHE A 1154 -15.25 -28.72 -2.29
C PHE A 1154 -13.93 -29.00 -1.54
N ILE A 1155 -12.90 -29.23 -2.34
CA ILE A 1155 -11.61 -29.66 -1.77
C ILE A 1155 -11.12 -28.57 -0.81
N PRO A 1156 -10.74 -28.92 0.42
CA PRO A 1156 -10.28 -27.89 1.36
C PRO A 1156 -8.87 -27.43 1.05
N LEU A 1157 -8.61 -26.16 1.37
CA LEU A 1157 -7.28 -25.57 1.27
C LEU A 1157 -6.97 -24.87 2.57
N MET A 1158 -5.81 -25.18 3.15
CA MET A 1158 -5.40 -24.61 4.43
C MET A 1158 -3.97 -24.11 4.31
N ASP A 1159 -3.69 -23.02 5.03
CA ASP A 1159 -2.35 -22.43 5.05
C ASP A 1159 -1.52 -23.18 6.07
N GLU A 1160 -0.51 -23.92 5.60
CA GLU A 1160 0.34 -24.67 6.50
C GLU A 1160 1.07 -23.75 7.47
N GLY A 1161 1.40 -22.53 7.04
CA GLY A 1161 2.03 -21.57 7.93
C GLY A 1161 1.10 -21.00 8.97
N ASN A 1162 -0.21 -21.13 8.77
CA ASN A 1162 -1.20 -20.66 9.73
C ASN A 1162 -1.97 -21.79 10.41
N GLY A 1163 -2.06 -22.96 9.77
CA GLY A 1163 -2.75 -24.08 10.37
C GLY A 1163 -4.25 -23.95 10.39
N CYS A 1164 -4.82 -23.13 9.53
CA CYS A 1164 -6.26 -22.94 9.46
C CYS A 1164 -6.73 -23.05 8.01
N PRO A 1165 -7.96 -23.50 7.79
CA PRO A 1165 -8.46 -23.64 6.42
C PRO A 1165 -8.84 -22.30 5.81
N LEU A 1166 -8.84 -22.27 4.49
CA LEU A 1166 -9.30 -21.11 3.74
C LEU A 1166 -10.77 -21.26 3.38
N LEU A 1167 -11.38 -20.13 3.02
CA LEU A 1167 -12.78 -20.14 2.63
C LEU A 1167 -13.00 -21.07 1.43
N LEU A 1168 -12.18 -20.91 0.40
CA LEU A 1168 -12.33 -21.68 -0.83
C LEU A 1168 -10.97 -22.12 -1.32
N HIS A 1169 -10.89 -23.35 -1.79
CA HIS A 1169 -9.78 -23.76 -2.61
C HIS A 1169 -10.02 -23.22 -4.02
N PRO A 1170 -9.17 -22.33 -4.54
CA PRO A 1170 -9.44 -21.73 -5.86
C PRO A 1170 -9.76 -22.78 -6.92
N ALA A 1171 -9.30 -24.01 -6.72
CA ALA A 1171 -9.67 -25.09 -7.63
C ALA A 1171 -11.18 -25.33 -7.61
N SER A 1172 -11.78 -25.36 -6.42
CA SER A 1172 -13.22 -25.60 -6.33
C SER A 1172 -14.02 -24.48 -6.98
N LEU A 1173 -13.63 -23.23 -6.72
CA LEU A 1173 -14.34 -22.10 -7.30
C LEU A 1173 -14.15 -22.05 -8.81
N ASP A 1174 -12.95 -22.38 -9.29
CA ASP A 1174 -12.72 -22.43 -10.73
C ASP A 1174 -13.52 -23.55 -11.38
N VAL A 1175 -13.69 -24.68 -10.68
CA VAL A 1175 -14.58 -25.73 -11.18
C VAL A 1175 -16.00 -25.23 -11.23
N ALA A 1176 -16.43 -24.49 -10.21
CA ALA A 1176 -17.76 -23.90 -10.24
C ALA A 1176 -17.92 -23.01 -11.47
N PHE A 1177 -16.88 -22.23 -11.79
CA PHE A 1177 -16.91 -21.44 -13.01
C PHE A 1177 -17.00 -22.31 -14.25
N GLN A 1178 -16.23 -23.41 -14.27
CA GLN A 1178 -16.32 -24.35 -15.38
C GLN A 1178 -17.73 -24.88 -15.55
N THR A 1179 -18.50 -24.92 -14.47
CA THR A 1179 -19.90 -25.33 -14.57
C THR A 1179 -20.67 -24.41 -15.52
N VAL A 1180 -20.33 -23.12 -15.52
CA VAL A 1180 -20.98 -22.19 -16.45
C VAL A 1180 -20.70 -22.59 -17.89
N ILE A 1181 -19.44 -22.92 -18.19
CA ILE A 1181 -19.09 -23.36 -19.53
C ILE A 1181 -19.82 -24.65 -19.87
N GLY A 1182 -19.89 -25.57 -18.91
CA GLY A 1182 -20.61 -26.81 -19.14
C GLY A 1182 -22.06 -26.56 -19.52
N ALA A 1183 -22.73 -25.69 -18.76
CA ALA A 1183 -24.07 -25.29 -19.14
C ALA A 1183 -24.09 -24.66 -20.52
N TYR A 1184 -23.02 -23.95 -20.87
CA TYR A 1184 -22.94 -23.32 -22.18
C TYR A 1184 -22.64 -24.34 -23.27
N SER A 1185 -21.79 -25.31 -22.98
CA SER A 1185 -21.33 -26.25 -23.99
C SER A 1185 -21.30 -27.67 -23.43
N SER A 1186 -21.79 -28.62 -24.20
CA SER A 1186 -21.70 -30.03 -23.87
C SER A 1186 -20.38 -30.60 -24.35
N PRO A 1187 -19.92 -31.70 -23.78
CA PRO A 1187 -18.72 -32.35 -24.30
C PRO A 1187 -18.93 -32.80 -25.74
N GLY A 1188 -17.91 -32.59 -26.57
CA GLY A 1188 -17.95 -33.05 -27.94
C GLY A 1188 -18.78 -32.21 -28.88
N ASP A 1189 -19.28 -31.05 -28.44
CA ASP A 1189 -20.07 -30.19 -29.31
C ASP A 1189 -19.26 -29.04 -29.90
N ARG A 1190 -18.29 -28.52 -29.16
CA ARG A 1190 -17.42 -27.44 -29.62
C ARG A 1190 -18.15 -26.10 -29.71
N ARG A 1191 -19.18 -25.91 -28.89
CA ARG A 1191 -19.78 -24.59 -28.74
C ARG A 1191 -18.83 -23.60 -28.09
N LEU A 1192 -17.76 -24.10 -27.47
CA LEU A 1192 -16.75 -23.25 -26.82
C LEU A 1192 -15.58 -23.03 -27.77
N ARG A 1193 -15.87 -22.36 -28.88
CA ARG A 1193 -14.92 -22.23 -29.97
C ARG A 1193 -13.74 -21.32 -29.63
N CYS A 1194 -13.79 -20.59 -28.53
CA CYS A 1194 -12.66 -19.77 -28.10
C CYS A 1194 -12.54 -19.86 -26.58
N LEU A 1195 -11.33 -19.59 -26.09
CA LEU A 1195 -11.03 -19.72 -24.67
C LEU A 1195 -11.56 -18.48 -23.95
N TYR A 1196 -12.67 -18.64 -23.23
CA TYR A 1196 -13.22 -17.58 -22.40
C TYR A 1196 -12.60 -17.67 -21.01
N VAL A 1197 -12.13 -16.54 -20.50
CA VAL A 1197 -11.61 -16.46 -19.14
C VAL A 1197 -12.51 -15.51 -18.35
N PRO A 1198 -12.78 -15.78 -17.08
CA PRO A 1198 -13.61 -14.85 -16.30
C PRO A 1198 -13.01 -13.46 -16.31
N THR A 1199 -13.76 -12.51 -16.88
CA THR A 1199 -13.31 -11.12 -16.98
C THR A 1199 -14.03 -10.21 -16.01
N HIS A 1200 -15.34 -10.37 -15.82
CA HIS A 1200 -16.09 -9.46 -14.96
C HIS A 1200 -17.19 -10.19 -14.21
N VAL A 1201 -17.03 -10.31 -12.89
CA VAL A 1201 -18.01 -10.99 -12.05
C VAL A 1201 -18.90 -9.92 -11.43
N ASP A 1202 -20.19 -9.96 -11.77
CA ASP A 1202 -21.11 -8.96 -11.25
C ASP A 1202 -21.28 -9.10 -9.74
N ARG A 1203 -21.50 -10.32 -9.26
CA ARG A 1203 -21.60 -10.50 -7.81
C ARG A 1203 -21.32 -11.94 -7.42
N ILE A 1204 -20.19 -12.18 -6.79
CA ILE A 1204 -20.03 -13.39 -5.99
C ILE A 1204 -20.61 -13.15 -4.61
N THR A 1205 -21.00 -14.22 -3.93
CA THR A 1205 -21.48 -14.09 -2.56
C THR A 1205 -21.26 -15.40 -1.83
N LEU A 1206 -20.45 -15.38 -0.78
CA LEU A 1206 -20.03 -16.57 -0.07
C LEU A 1206 -20.44 -16.49 1.39
N VAL A 1207 -20.91 -17.61 1.92
CA VAL A 1207 -21.22 -17.74 3.33
C VAL A 1207 -20.00 -18.39 3.99
N PRO A 1208 -19.09 -17.59 4.56
CA PRO A 1208 -17.84 -18.19 5.06
C PRO A 1208 -18.06 -19.28 6.10
N SER A 1209 -19.06 -19.12 6.96
CA SER A 1209 -19.32 -20.13 7.97
C SER A 1209 -19.60 -21.48 7.33
N LEU A 1210 -20.50 -21.50 6.34
CA LEU A 1210 -20.86 -22.76 5.68
C LEU A 1210 -19.69 -23.33 4.89
N CYS A 1211 -18.92 -22.47 4.22
CA CYS A 1211 -17.78 -22.96 3.45
C CYS A 1211 -16.75 -23.60 4.37
N LEU A 1212 -16.44 -22.95 5.49
CA LEU A 1212 -15.48 -23.52 6.42
C LEU A 1212 -16.03 -24.81 7.03
N ALA A 1213 -17.32 -24.84 7.33
CA ALA A 1213 -17.92 -26.05 7.88
C ALA A 1213 -17.80 -27.21 6.91
N THR A 1214 -18.07 -26.96 5.64
CA THR A 1214 -17.94 -28.00 4.63
C THR A 1214 -16.50 -28.44 4.48
N ALA A 1215 -15.56 -27.49 4.49
CA ALA A 1215 -14.16 -27.83 4.35
C ALA A 1215 -13.69 -28.72 5.50
N GLU A 1216 -14.10 -28.40 6.72
CA GLU A 1216 -13.67 -29.17 7.88
C GLU A 1216 -14.50 -30.42 8.09
N SER A 1217 -15.64 -30.54 7.42
CA SER A 1217 -16.51 -31.70 7.63
C SER A 1217 -15.87 -32.98 7.09
N GLY A 1218 -15.05 -32.87 6.07
CA GLY A 1218 -14.44 -34.01 5.43
C GLY A 1218 -15.16 -34.52 4.20
N CYS A 1219 -16.43 -34.15 4.02
CA CYS A 1219 -17.14 -34.52 2.80
C CYS A 1219 -16.48 -33.90 1.58
N GLU A 1220 -16.10 -32.63 1.68
CA GLU A 1220 -15.40 -31.91 0.61
C GLU A 1220 -15.99 -32.23 -0.76
N LYS A 1221 -17.31 -32.33 -0.83
CA LYS A 1221 -18.00 -32.59 -2.09
C LYS A 1221 -19.40 -31.99 -1.98
N VAL A 1222 -19.63 -30.91 -2.74
CA VAL A 1222 -20.83 -30.11 -2.59
C VAL A 1222 -21.53 -30.01 -3.94
N ALA A 1223 -22.86 -29.91 -3.89
CA ALA A 1223 -23.65 -29.83 -5.10
C ALA A 1223 -23.61 -28.42 -5.65
N PHE A 1224 -24.05 -28.28 -6.91
CA PHE A 1224 -24.03 -27.00 -7.57
C PHE A 1224 -25.10 -26.96 -8.65
N ASN A 1225 -25.61 -25.76 -8.88
CA ASN A 1225 -26.44 -25.43 -10.04
C ASN A 1225 -25.85 -24.19 -10.69
N THR A 1226 -26.14 -24.02 -11.98
CA THR A 1226 -25.58 -22.88 -12.71
C THR A 1226 -26.42 -22.61 -13.94
N ILE A 1227 -26.67 -21.33 -14.18
CA ILE A 1227 -27.39 -20.85 -15.35
C ILE A 1227 -26.39 -20.16 -16.26
N ASN A 1228 -26.35 -20.55 -17.53
CA ASN A 1228 -25.59 -19.81 -18.53
C ASN A 1228 -26.46 -18.68 -19.05
N THR A 1229 -26.57 -17.64 -18.22
CA THR A 1229 -27.54 -16.58 -18.45
C THR A 1229 -27.39 -15.98 -19.84
N TYR A 1230 -26.15 -15.69 -20.25
CA TYR A 1230 -25.88 -15.17 -21.57
C TYR A 1230 -24.95 -16.13 -22.30
N ASP A 1231 -25.31 -16.49 -23.53
CA ASP A 1231 -24.58 -17.51 -24.26
C ASP A 1231 -24.41 -17.18 -25.74
N LYS A 1232 -24.70 -15.95 -26.16
CA LYS A 1232 -24.66 -15.64 -27.58
C LYS A 1232 -23.28 -15.88 -28.17
N GLY A 1233 -22.23 -15.75 -27.36
CA GLY A 1233 -20.88 -16.15 -27.73
C GLY A 1233 -19.82 -15.09 -27.49
N ASP A 1234 -20.19 -13.81 -27.64
CA ASP A 1234 -19.19 -12.76 -27.51
C ASP A 1234 -18.57 -12.78 -26.11
N TYR A 1235 -19.39 -13.00 -25.09
CA TYR A 1235 -18.88 -13.33 -23.77
C TYR A 1235 -19.98 -14.05 -23.01
N LEU A 1236 -19.60 -15.11 -22.29
CA LEU A 1236 -20.57 -15.89 -21.55
C LEU A 1236 -20.87 -15.23 -20.21
N SER A 1237 -22.14 -15.22 -19.84
CA SER A 1237 -22.57 -14.73 -18.54
C SER A 1237 -23.26 -15.86 -17.80
N GLY A 1238 -22.81 -16.13 -16.58
CA GLY A 1238 -23.37 -17.22 -15.80
C GLY A 1238 -23.62 -16.89 -14.35
N ASP A 1239 -24.65 -17.50 -13.77
CA ASP A 1239 -24.94 -17.38 -12.34
C ASP A 1239 -24.80 -18.75 -11.71
N ILE A 1240 -23.98 -18.85 -10.67
CA ILE A 1240 -23.65 -20.11 -10.04
C ILE A 1240 -24.23 -20.13 -8.63
N VAL A 1241 -24.61 -21.31 -8.16
CA VAL A 1241 -25.09 -21.51 -6.80
C VAL A 1241 -24.56 -22.84 -6.31
N VAL A 1242 -23.56 -22.80 -5.44
CA VAL A 1242 -22.96 -24.00 -4.85
C VAL A 1242 -23.53 -24.17 -3.47
N PHE A 1243 -23.97 -25.38 -3.15
CA PHE A 1243 -24.66 -25.64 -1.89
C PHE A 1243 -24.20 -26.98 -1.31
N ASP A 1244 -24.49 -27.16 -0.02
CA ASP A 1244 -24.06 -28.33 0.72
C ASP A 1244 -25.00 -29.50 0.45
N ALA A 1245 -24.73 -30.63 1.10
CA ALA A 1245 -25.62 -31.78 0.98
C ALA A 1245 -27.01 -31.45 1.50
N GLU A 1246 -27.08 -30.71 2.61
CA GLU A 1246 -28.37 -30.26 3.13
C GLU A 1246 -29.00 -29.16 2.29
N GLN A 1247 -28.37 -28.78 1.18
CA GLN A 1247 -28.89 -27.81 0.22
C GLN A 1247 -28.76 -26.37 0.71
N THR A 1248 -27.92 -26.12 1.70
CA THR A 1248 -27.61 -24.76 2.10
C THR A 1248 -26.55 -24.18 1.17
N THR A 1249 -26.77 -22.95 0.72
CA THR A 1249 -25.91 -22.33 -0.27
C THR A 1249 -24.63 -21.86 0.39
N LEU A 1250 -23.52 -22.54 0.09
CA LEU A 1250 -22.22 -22.09 0.57
C LEU A 1250 -21.84 -20.76 -0.09
N PHE A 1251 -21.94 -20.72 -1.42
CA PHE A 1251 -21.69 -19.48 -2.16
C PHE A 1251 -22.39 -19.57 -3.50
N GLN A 1252 -22.66 -18.40 -4.07
CA GLN A 1252 -23.30 -18.27 -5.35
C GLN A 1252 -22.57 -17.22 -6.17
N VAL A 1253 -22.84 -17.23 -7.48
CA VAL A 1253 -22.28 -16.26 -8.40
C VAL A 1253 -23.40 -15.72 -9.27
N GLU A 1254 -23.29 -14.45 -9.65
CA GLU A 1254 -24.28 -13.76 -10.46
C GLU A 1254 -23.55 -13.01 -11.56
N ASN A 1255 -23.88 -13.38 -12.81
CA ASN A 1255 -23.36 -12.71 -14.00
C ASN A 1255 -21.84 -12.63 -13.97
N ILE A 1256 -21.20 -13.77 -13.69
CA ILE A 1256 -19.79 -13.92 -13.99
C ILE A 1256 -19.63 -13.94 -15.50
N THR A 1257 -18.80 -13.05 -16.01
CA THR A 1257 -18.63 -12.83 -17.44
C THR A 1257 -17.26 -13.35 -17.84
N PHE A 1258 -17.28 -14.47 -18.56
CA PHE A 1258 -16.10 -15.06 -19.20
C PHE A 1258 -15.99 -14.41 -20.58
N LYS A 1259 -14.94 -13.68 -20.80
CA LYS A 1259 -14.72 -13.12 -22.11
C LYS A 1259 -13.57 -13.85 -22.80
N PRO A 1260 -13.58 -13.93 -24.13
CA PRO A 1260 -12.52 -14.67 -24.82
C PRO A 1260 -11.14 -14.16 -24.45
N PHE A 1261 -10.20 -15.10 -24.32
CA PHE A 1261 -8.82 -14.71 -24.06
C PHE A 1261 -8.32 -13.74 -25.12
N SER A 1262 -8.73 -13.95 -26.37
CA SER A 1262 -8.56 -13.01 -27.46
C SER A 1262 -9.87 -12.88 -28.20
N PRO A 1263 -10.15 -11.71 -28.78
CA PRO A 1263 -11.43 -11.50 -29.45
C PRO A 1263 -11.66 -12.55 -30.53
N PRO A 1264 -12.88 -13.06 -30.68
CA PRO A 1264 -13.11 -14.09 -31.69
C PRO A 1264 -12.80 -13.59 -33.09
N ASP A 1265 -12.28 -14.48 -33.92
CA ASP A 1265 -11.93 -14.18 -35.30
C ASP A 1265 -12.78 -15.02 -36.25
N ALA A 1266 -12.68 -14.70 -37.53
CA ALA A 1266 -13.40 -15.47 -38.54
C ALA A 1266 -12.94 -16.92 -38.55
N SER A 1267 -11.71 -17.19 -38.13
CA SER A 1267 -11.23 -18.56 -38.04
C SER A 1267 -12.04 -19.36 -37.02
N THR A 1268 -12.59 -18.68 -36.02
CA THR A 1268 -13.43 -19.34 -35.03
C THR A 1268 -14.88 -19.48 -35.49
N ASP A 1269 -15.20 -18.97 -36.67
CA ASP A 1269 -16.57 -19.06 -37.17
C ASP A 1269 -17.02 -20.51 -37.38
N HIS A 1270 -18.29 -20.76 -37.04
CA HIS A 1270 -18.89 -22.07 -37.25
C HIS A 1270 -19.55 -22.14 -38.62
N ALA A 1271 -18.94 -22.91 -39.53
CA ALA A 1271 -19.36 -22.97 -40.92
C ALA A 1271 -20.35 -24.10 -41.18
N MET A 1272 -21.16 -24.47 -40.19
CA MET A 1272 -22.06 -25.60 -40.36
C MET A 1272 -23.07 -25.34 -41.47
N PHE A 1273 -23.63 -24.14 -41.50
CA PHE A 1273 -24.66 -23.83 -42.49
C PHE A 1273 -24.11 -23.96 -43.90
N ALA A 1274 -24.95 -24.50 -44.80
CA ALA A 1274 -24.59 -24.64 -46.20
C ALA A 1274 -25.85 -24.65 -47.03
N ARG A 1275 -25.71 -24.32 -48.31
CA ARG A 1275 -26.83 -24.28 -49.24
C ARG A 1275 -26.49 -25.09 -50.48
N TRP A 1276 -27.52 -25.65 -51.11
CA TRP A 1276 -27.40 -26.38 -52.35
C TRP A 1276 -27.30 -25.38 -53.50
N SER A 1277 -26.10 -24.82 -53.66
CA SER A 1277 -25.86 -24.00 -54.84
C SER A 1277 -26.11 -24.89 -56.06
N TRP A 1278 -27.17 -24.59 -56.81
CA TRP A 1278 -27.56 -25.38 -57.98
C TRP A 1278 -27.00 -24.69 -59.21
N GLY A 1279 -25.98 -25.30 -59.81
CA GLY A 1279 -25.33 -24.70 -60.95
C GLY A 1279 -25.20 -25.65 -62.12
N PRO A 1280 -24.98 -25.12 -63.32
CA PRO A 1280 -25.03 -25.98 -64.51
C PRO A 1280 -24.03 -27.13 -64.45
N LEU A 1281 -24.46 -28.26 -65.02
CA LEU A 1281 -23.58 -29.40 -65.22
C LEU A 1281 -22.46 -29.12 -66.20
N THR A 1282 -22.58 -28.06 -67.01
CA THR A 1282 -21.53 -27.62 -67.91
C THR A 1282 -21.70 -26.14 -68.14
N PRO A 1283 -20.61 -25.40 -68.38
CA PRO A 1283 -20.74 -23.97 -68.64
C PRO A 1283 -21.54 -23.73 -69.91
N ASP A 1284 -22.30 -22.62 -69.90
CA ASP A 1284 -23.14 -22.29 -71.05
C ASP A 1284 -22.27 -22.16 -72.30
N SER A 1285 -22.74 -22.76 -73.40
CA SER A 1285 -22.02 -22.68 -74.65
C SER A 1285 -21.93 -21.26 -75.19
N LEU A 1286 -22.81 -20.37 -74.72
CA LEU A 1286 -22.81 -18.97 -75.16
C LEU A 1286 -23.15 -18.10 -73.95
N LEU A 1287 -22.14 -17.42 -73.41
CA LEU A 1287 -22.37 -16.48 -72.31
C LEU A 1287 -23.12 -15.27 -72.85
N ASP A 1288 -24.43 -15.21 -72.58
CA ASP A 1288 -25.31 -14.22 -73.19
C ASP A 1288 -26.18 -13.56 -72.14
N ASN A 1289 -25.58 -13.15 -71.03
CA ASN A 1289 -26.32 -12.43 -70.00
C ASN A 1289 -26.73 -11.06 -70.52
N PRO A 1290 -28.03 -10.72 -70.49
CA PRO A 1290 -28.42 -9.36 -70.94
C PRO A 1290 -27.75 -8.25 -70.16
N GLU A 1291 -27.51 -8.45 -68.86
CA GLU A 1291 -26.85 -7.41 -68.07
C GLU A 1291 -25.47 -7.07 -68.59
N TYR A 1292 -24.83 -7.99 -69.32
CA TYR A 1292 -23.49 -7.80 -69.84
C TYR A 1292 -23.48 -7.64 -71.36
N TRP A 1293 -24.58 -7.18 -71.94
CA TRP A 1293 -24.61 -6.81 -73.35
C TRP A 1293 -23.97 -5.44 -73.53
N ALA A 1294 -23.66 -5.12 -74.79
CA ALA A 1294 -23.16 -3.79 -75.12
C ALA A 1294 -24.30 -2.81 -75.00
N THR A 1295 -24.37 -2.10 -73.88
CA THR A 1295 -25.48 -1.19 -73.62
C THR A 1295 -25.55 -0.12 -74.71
N ALA A 1296 -26.68 0.59 -74.72
CA ALA A 1296 -26.91 1.58 -75.77
C ALA A 1296 -25.82 2.64 -75.78
N GLN A 1297 -25.42 3.12 -74.60
CA GLN A 1297 -24.35 4.11 -74.53
C GLN A 1297 -23.05 3.55 -75.08
N ASP A 1298 -22.73 2.30 -74.74
CA ASP A 1298 -21.57 1.65 -75.34
C ASP A 1298 -21.78 1.48 -76.85
N LYS A 1299 -22.97 1.05 -77.25
CA LYS A 1299 -23.39 1.04 -78.65
C LYS A 1299 -23.65 2.44 -79.18
N GLU A 1300 -23.37 3.46 -78.37
CA GLU A 1300 -23.14 4.81 -78.83
C GLU A 1300 -21.73 5.27 -78.57
N ALA A 1301 -21.03 4.65 -77.61
CA ALA A 1301 -19.63 4.94 -77.35
C ALA A 1301 -18.77 4.61 -78.55
N ILE A 1302 -18.69 3.33 -78.90
CA ILE A 1302 -17.81 2.89 -79.99
C ILE A 1302 -18.31 3.45 -81.32
N PRO A 1303 -19.61 3.37 -81.62
CA PRO A 1303 -20.09 3.89 -82.92
C PRO A 1303 -19.84 5.37 -83.12
N ILE A 1304 -19.68 6.16 -82.05
CA ILE A 1304 -19.34 7.57 -82.24
C ILE A 1304 -17.92 7.71 -82.77
N ILE A 1305 -16.96 7.00 -82.18
CA ILE A 1305 -15.60 7.01 -82.70
C ILE A 1305 -15.56 6.36 -84.08
N GLU A 1306 -16.51 5.47 -84.38
CA GLU A 1306 -16.64 4.96 -85.74
C GLU A 1306 -17.05 6.07 -86.70
N ARG A 1307 -18.05 6.86 -86.31
CA ARG A 1307 -18.55 7.97 -87.12
C ARG A 1307 -17.40 8.89 -87.52
N ILE A 1308 -16.43 9.05 -86.61
CA ILE A 1308 -15.27 9.88 -86.91
C ILE A 1308 -14.51 9.30 -88.11
N VAL A 1309 -14.44 7.98 -88.20
CA VAL A 1309 -13.60 7.31 -89.18
C VAL A 1309 -14.38 6.63 -90.30
N TYR A 1310 -15.69 6.47 -90.16
CA TYR A 1310 -16.44 5.60 -91.07
C TYR A 1310 -16.41 6.10 -92.51
N PHE A 1311 -16.06 7.37 -92.74
CA PHE A 1311 -16.18 7.92 -94.08
C PHE A 1311 -15.29 7.20 -95.08
N TYR A 1312 -14.01 7.04 -94.75
CA TYR A 1312 -13.04 6.44 -95.66
C TYR A 1312 -12.37 5.23 -95.02
N ILE A 1313 -13.10 4.53 -94.16
CA ILE A 1313 -12.50 3.40 -93.44
C ILE A 1313 -11.96 2.37 -94.42
N ARG A 1314 -12.71 2.09 -95.49
CA ARG A 1314 -12.25 1.08 -96.44
C ARG A 1314 -10.90 1.46 -97.04
N SER A 1315 -10.60 2.75 -97.13
CA SER A 1315 -9.29 3.17 -97.61
C SER A 1315 -8.26 3.25 -96.48
N PHE A 1316 -8.72 3.48 -95.25
CA PHE A 1316 -7.81 3.59 -94.13
C PHE A 1316 -7.24 2.23 -93.71
N LEU A 1317 -7.94 1.14 -94.05
CA LEU A 1317 -7.63 -0.17 -93.49
C LEU A 1317 -6.13 -0.44 -93.49
N SER A 1318 -5.53 -0.53 -94.68
CA SER A 1318 -4.11 -0.84 -94.76
C SER A 1318 -3.29 0.17 -93.97
N GLN A 1319 -3.56 1.46 -94.18
CA GLN A 1319 -2.84 2.48 -93.42
C GLN A 1319 -2.93 2.20 -91.92
N LEU A 1320 -4.12 1.88 -91.43
CA LEU A 1320 -4.27 1.59 -90.01
C LEU A 1320 -3.32 0.48 -89.58
N THR A 1321 -3.23 -0.59 -90.37
CA THR A 1321 -2.32 -1.68 -90.02
C THR A 1321 -0.89 -1.15 -89.93
N LEU A 1322 -0.50 -0.29 -90.88
CA LEU A 1322 0.81 0.32 -90.81
C LEU A 1322 1.00 1.03 -89.48
N GLU A 1323 0.00 1.82 -89.08
CA GLU A 1323 0.08 2.51 -87.80
C GLU A 1323 0.23 1.52 -86.65
N GLU A 1324 -0.40 0.35 -86.77
CA GLU A 1324 -0.32 -0.65 -85.72
C GLU A 1324 1.03 -1.37 -85.71
N ARG A 1325 1.88 -1.13 -86.71
CA ARG A 1325 3.22 -1.70 -86.76
C ARG A 1325 4.25 -0.86 -86.02
N GLN A 1326 3.81 0.10 -85.19
CA GLN A 1326 4.73 1.04 -84.57
C GLN A 1326 5.70 0.36 -83.63
N GLN A 1327 5.45 -0.89 -83.23
CA GLN A 1327 6.42 -1.63 -82.43
C GLN A 1327 7.44 -2.33 -83.32
N ALA A 1328 7.01 -2.81 -84.49
CA ALA A 1328 7.84 -3.67 -85.32
C ALA A 1328 8.40 -2.99 -86.56
N ALA A 1329 7.55 -2.39 -87.40
CA ALA A 1329 8.00 -1.94 -88.71
C ALA A 1329 7.46 -0.58 -89.16
N PHE A 1330 6.60 0.07 -88.40
CA PHE A 1330 6.07 1.36 -88.84
C PHE A 1330 7.19 2.38 -89.00
N HIS A 1331 8.17 2.35 -88.10
CA HIS A 1331 9.30 3.27 -88.22
C HIS A 1331 10.14 3.00 -89.47
N LEU A 1332 9.94 1.85 -90.13
CA LEU A 1332 10.59 1.55 -91.38
C LEU A 1332 9.66 1.65 -92.59
N GLN A 1333 8.34 1.55 -92.37
CA GLN A 1333 7.41 1.50 -93.50
C GLN A 1333 7.44 2.77 -94.33
N LYS A 1334 7.48 3.94 -93.69
CA LYS A 1334 7.62 5.22 -94.39
C LYS A 1334 8.84 5.98 -93.88
N GLN A 1335 9.90 5.27 -93.51
CA GLN A 1335 11.07 5.89 -92.89
C GLN A 1335 10.65 6.73 -91.69
N ILE A 1336 9.72 6.18 -90.89
CA ILE A 1336 9.17 6.91 -89.76
C ILE A 1336 10.07 6.85 -88.54
N GLU A 1337 11.20 6.15 -88.61
CA GLU A 1337 12.20 6.27 -87.57
C GLU A 1337 12.79 7.67 -87.51
N TRP A 1338 12.58 8.47 -88.55
CA TRP A 1338 13.04 9.85 -88.59
C TRP A 1338 11.93 10.78 -88.10
N LEU A 1339 12.28 11.72 -87.22
CA LEU A 1339 11.26 12.48 -86.51
C LEU A 1339 10.36 13.27 -87.45
N GLU A 1340 10.87 13.69 -88.62
CA GLU A 1340 10.01 14.36 -89.58
C GLU A 1340 8.90 13.41 -90.04
N GLN A 1341 9.28 12.21 -90.48
CA GLN A 1341 8.30 11.21 -90.83
C GLN A 1341 7.47 10.80 -89.62
N VAL A 1342 7.97 10.99 -88.40
CA VAL A 1342 7.15 10.75 -87.21
C VAL A 1342 6.01 11.76 -87.15
N LEU A 1343 6.36 13.05 -87.14
CA LEU A 1343 5.32 14.08 -87.08
C LEU A 1343 4.37 13.95 -88.26
N ALA A 1344 4.83 13.39 -89.37
CA ALA A 1344 3.92 13.16 -90.50
C ALA A 1344 3.00 11.96 -90.23
N SER A 1345 3.58 10.79 -90.01
CA SER A 1345 2.83 9.54 -90.02
C SER A 1345 2.01 9.32 -88.75
N ALA A 1346 2.46 9.81 -87.59
CA ALA A 1346 1.64 9.69 -86.39
C ALA A 1346 0.36 10.49 -86.53
N LYS A 1347 0.47 11.75 -86.98
CA LYS A 1347 -0.71 12.55 -87.22
C LYS A 1347 -1.55 11.99 -88.36
N GLU A 1348 -0.91 11.38 -89.36
CA GLU A 1348 -1.68 10.72 -90.41
C GLU A 1348 -2.42 9.50 -89.87
N GLY A 1349 -1.83 8.77 -88.92
CA GLY A 1349 -2.54 7.68 -88.30
C GLY A 1349 -3.75 8.15 -87.51
N ARG A 1350 -3.59 9.24 -86.75
CA ARG A 1350 -4.74 9.81 -86.05
C ARG A 1350 -5.78 10.32 -87.03
N HIS A 1351 -5.34 10.87 -88.17
CA HIS A 1351 -6.26 11.35 -89.18
C HIS A 1351 -6.92 10.23 -89.97
N LEU A 1352 -6.34 9.02 -89.95
CA LEU A 1352 -7.07 7.86 -90.45
C LEU A 1352 -8.43 7.73 -89.78
N TRP A 1353 -8.66 8.44 -88.69
CA TRP A 1353 -9.97 8.65 -88.13
C TRP A 1353 -10.42 10.10 -88.22
N TYR A 1354 -9.51 11.05 -88.03
CA TYR A 1354 -9.86 12.46 -88.02
C TYR A 1354 -9.91 13.08 -89.41
N ASP A 1355 -9.51 12.35 -90.45
CA ASP A 1355 -9.48 12.93 -91.79
C ASP A 1355 -10.81 13.53 -92.25
N PRO A 1356 -11.96 12.87 -92.06
CA PRO A 1356 -13.20 13.38 -92.68
C PRO A 1356 -13.69 14.69 -92.07
N GLY A 1357 -12.85 15.72 -92.13
CA GLY A 1357 -13.21 17.03 -91.65
C GLY A 1357 -13.09 17.24 -90.16
N TRP A 1358 -12.96 16.16 -89.38
CA TRP A 1358 -12.86 16.32 -87.93
C TRP A 1358 -11.50 16.90 -87.54
N GLU A 1359 -10.42 16.34 -88.10
CA GLU A 1359 -9.07 16.81 -87.82
C GLU A 1359 -8.85 17.00 -86.32
N ASN A 1360 -8.08 18.03 -85.93
CA ASN A 1360 -7.79 18.25 -84.52
C ASN A 1360 -9.05 18.52 -83.71
N ASP A 1361 -10.13 18.96 -84.35
CA ASP A 1361 -11.37 19.14 -83.60
C ASP A 1361 -11.85 17.85 -82.96
N THR A 1362 -11.42 16.69 -83.49
CA THR A 1362 -11.76 15.43 -82.86
C THR A 1362 -11.30 15.40 -81.41
N GLU A 1363 -10.21 16.10 -81.10
CA GLU A 1363 -9.75 16.17 -79.72
C GLU A 1363 -10.86 16.68 -78.81
N ALA A 1364 -11.58 17.72 -79.24
CA ALA A 1364 -12.76 18.16 -78.50
C ALA A 1364 -13.84 17.08 -78.54
N GLN A 1365 -14.08 16.49 -79.72
CA GLN A 1365 -15.08 15.44 -79.82
C GLN A 1365 -14.77 14.29 -78.89
N ILE A 1366 -13.50 13.88 -78.84
CA ILE A 1366 -13.09 12.84 -77.90
C ILE A 1366 -13.48 13.25 -76.48
N GLU A 1367 -13.18 14.50 -76.12
CA GLU A 1367 -13.56 14.98 -74.79
C GLU A 1367 -15.07 14.91 -74.60
N HIS A 1368 -15.83 15.22 -75.64
CA HIS A 1368 -17.28 15.15 -75.54
C HIS A 1368 -17.73 13.76 -75.10
N LEU A 1369 -16.96 12.73 -75.45
CA LEU A 1369 -17.24 11.39 -74.94
C LEU A 1369 -16.73 11.23 -73.51
N CYS A 1370 -15.48 11.62 -73.26
CA CYS A 1370 -14.86 11.40 -71.95
C CYS A 1370 -15.68 11.99 -70.82
N THR A 1371 -16.59 12.91 -71.11
CA THR A 1371 -17.35 13.59 -70.07
C THR A 1371 -18.28 12.66 -69.31
N ALA A 1372 -18.70 11.55 -69.90
CA ALA A 1372 -19.72 10.69 -69.30
C ALA A 1372 -19.29 9.24 -69.42
N ASN A 1373 -20.21 8.33 -69.10
CA ASN A 1373 -19.91 6.92 -68.93
C ASN A 1373 -20.06 6.17 -70.26
N SER A 1374 -19.59 4.93 -70.25
CA SER A 1374 -19.63 3.95 -71.34
C SER A 1374 -18.62 4.29 -72.44
N TYR A 1375 -17.93 5.42 -72.37
CA TYR A 1375 -16.91 5.77 -73.35
C TYR A 1375 -15.70 6.46 -72.73
N HIS A 1376 -15.65 6.64 -71.42
CA HIS A 1376 -14.61 7.45 -70.81
C HIS A 1376 -13.24 6.83 -70.99
N PRO A 1377 -12.96 5.66 -70.41
CA PRO A 1377 -11.57 5.16 -70.44
C PRO A 1377 -11.03 4.92 -71.84
N HIS A 1378 -11.83 4.33 -72.73
CA HIS A 1378 -11.32 3.94 -74.04
C HIS A 1378 -10.91 5.17 -74.87
N VAL A 1379 -11.86 6.07 -75.12
CA VAL A 1379 -11.55 7.24 -75.93
C VAL A 1379 -10.65 8.21 -75.19
N ARG A 1380 -10.68 8.22 -73.86
CA ARG A 1380 -9.73 9.02 -73.10
C ARG A 1380 -8.30 8.53 -73.33
N LEU A 1381 -8.10 7.21 -73.34
CA LEU A 1381 -6.79 6.66 -73.69
C LEU A 1381 -6.45 6.97 -75.14
N VAL A 1382 -7.45 6.93 -76.03
CA VAL A 1382 -7.20 7.33 -77.41
C VAL A 1382 -6.60 8.72 -77.44
N GLN A 1383 -7.23 9.66 -76.72
CA GLN A 1383 -6.71 11.02 -76.65
C GLN A 1383 -5.29 11.04 -76.08
N ARG A 1384 -5.10 10.41 -74.91
CA ARG A 1384 -3.86 10.50 -74.16
C ARG A 1384 -2.68 9.83 -74.87
N VAL A 1385 -2.93 8.85 -75.73
CA VAL A 1385 -1.85 8.15 -76.41
C VAL A 1385 -1.63 8.76 -77.78
N GLY A 1386 -2.72 9.15 -78.46
CA GLY A 1386 -2.56 9.81 -79.74
C GLY A 1386 -1.84 11.14 -79.62
N GLN A 1387 -2.08 11.87 -78.52
CA GLN A 1387 -1.36 13.11 -78.29
C GLN A 1387 0.11 12.89 -77.98
N HIS A 1388 0.53 11.65 -77.71
CA HIS A 1388 1.90 11.39 -77.31
C HIS A 1388 2.47 10.13 -77.96
N LEU A 1389 1.89 9.69 -79.08
CA LEU A 1389 2.42 8.52 -79.78
C LEU A 1389 3.62 8.86 -80.66
N LEU A 1390 3.94 10.14 -80.83
CA LEU A 1390 5.05 10.51 -81.70
C LEU A 1390 6.36 9.86 -81.29
N PRO A 1391 6.83 9.99 -80.05
CA PRO A 1391 8.04 9.27 -79.66
C PRO A 1391 7.90 7.77 -79.74
N THR A 1392 6.71 7.23 -79.48
CA THR A 1392 6.50 5.80 -79.58
C THR A 1392 6.41 5.35 -81.03
N VAL A 1393 5.94 6.21 -81.92
CA VAL A 1393 5.80 5.84 -83.33
C VAL A 1393 7.15 5.52 -83.93
N ARG A 1394 8.19 6.24 -83.53
CA ARG A 1394 9.56 5.92 -83.96
C ARG A 1394 10.20 4.82 -83.13
N SER A 1395 9.40 4.05 -82.39
CA SER A 1395 9.90 2.93 -81.60
C SER A 1395 10.93 3.37 -80.57
N ASN A 1396 10.77 4.59 -80.05
CA ASN A 1396 11.67 5.13 -79.04
C ASN A 1396 11.05 5.12 -77.65
N GLY A 1397 9.86 5.74 -77.52
CA GLY A 1397 9.19 5.78 -76.23
C GLY A 1397 8.37 4.54 -75.95
N ASN A 1398 7.95 4.42 -74.71
CA ASN A 1398 7.10 3.30 -74.30
C ASN A 1398 5.70 3.49 -74.86
N PRO A 1399 5.13 2.48 -75.52
CA PRO A 1399 3.83 2.69 -76.17
C PRO A 1399 2.71 3.10 -75.23
N PHE A 1400 2.69 2.59 -74.00
CA PHE A 1400 1.62 2.87 -73.07
C PHE A 1400 2.05 3.65 -71.83
N ASP A 1401 3.33 3.68 -71.50
CA ASP A 1401 3.79 4.49 -70.38
C ASP A 1401 3.79 5.97 -70.74
N LEU A 1402 3.54 6.33 -72.00
CA LEU A 1402 3.42 7.74 -72.37
C LEU A 1402 2.48 8.48 -71.43
N LEU A 1403 1.50 7.78 -70.84
CA LEU A 1403 0.72 8.31 -69.74
C LEU A 1403 1.24 7.67 -68.46
N ASP A 1404 1.57 8.50 -67.48
CA ASP A 1404 2.37 8.05 -66.34
C ASP A 1404 1.68 6.89 -65.62
N HIS A 1405 2.46 5.83 -65.41
CA HIS A 1405 2.06 4.71 -64.54
C HIS A 1405 0.69 4.17 -64.93
N ASP A 1406 0.46 3.94 -66.22
CA ASP A 1406 -0.77 3.33 -66.70
C ASP A 1406 -1.98 4.10 -66.17
N GLY A 1407 -2.09 5.34 -66.64
CA GLY A 1407 -3.13 6.22 -66.13
C GLY A 1407 -4.52 5.64 -66.30
N LEU A 1408 -4.83 5.09 -67.49
CA LEU A 1408 -6.16 4.61 -67.76
C LEU A 1408 -6.22 3.26 -68.47
N LEU A 1409 -5.09 2.66 -68.86
CA LEU A 1409 -5.15 1.37 -69.52
C LEU A 1409 -5.76 0.31 -68.60
N THR A 1410 -5.39 0.33 -67.32
CA THR A 1410 -6.09 -0.52 -66.36
C THR A 1410 -7.56 -0.16 -66.28
N GLU A 1411 -7.86 1.15 -66.30
CA GLU A 1411 -9.26 1.57 -66.33
C GLU A 1411 -9.94 1.10 -67.61
N PHE A 1412 -9.22 1.14 -68.73
CA PHE A 1412 -9.79 0.63 -69.98
C PHE A 1412 -10.13 -0.85 -69.86
N TYR A 1413 -9.24 -1.63 -69.26
CA TYR A 1413 -9.51 -3.05 -69.08
C TYR A 1413 -10.69 -3.29 -68.15
N THR A 1414 -10.77 -2.53 -67.06
CA THR A 1414 -11.69 -2.88 -65.98
C THR A 1414 -13.06 -2.23 -66.08
N ASN A 1415 -13.16 -1.05 -66.67
CA ASN A 1415 -14.37 -0.24 -66.61
C ASN A 1415 -15.08 -0.08 -67.94
N THR A 1416 -14.37 -0.16 -69.06
CA THR A 1416 -15.01 0.06 -70.36
C THR A 1416 -16.15 -0.94 -70.54
N LEU A 1417 -17.30 -0.45 -70.99
CA LEU A 1417 -18.46 -1.29 -71.20
C LEU A 1417 -18.38 -2.06 -72.52
N SER A 1418 -17.22 -2.04 -73.19
CA SER A 1418 -16.91 -2.96 -74.27
C SER A 1418 -15.91 -4.02 -73.83
N PHE A 1419 -14.89 -3.61 -73.09
CA PHE A 1419 -13.96 -4.56 -72.50
C PHE A 1419 -14.57 -5.22 -71.26
N GLY A 1420 -15.34 -4.46 -70.49
CA GLY A 1420 -15.84 -4.92 -69.21
C GLY A 1420 -16.80 -6.10 -69.28
N PRO A 1421 -17.79 -6.04 -70.19
CA PRO A 1421 -18.74 -7.15 -70.28
C PRO A 1421 -18.08 -8.47 -70.61
N ALA A 1422 -17.00 -8.46 -71.39
CA ALA A 1422 -16.27 -9.69 -71.63
C ALA A 1422 -15.69 -10.24 -70.33
N LEU A 1423 -15.21 -9.35 -69.45
CA LEU A 1423 -14.69 -9.80 -68.16
C LEU A 1423 -15.82 -10.31 -67.27
N HIS A 1424 -17.00 -9.70 -67.35
CA HIS A 1424 -18.15 -10.22 -66.63
C HIS A 1424 -18.49 -11.62 -67.11
N TYR A 1425 -18.49 -11.84 -68.43
CA TYR A 1425 -18.73 -13.17 -68.97
C TYR A 1425 -17.64 -14.14 -68.53
N ALA A 1426 -16.40 -13.66 -68.43
CA ALA A 1426 -15.32 -14.50 -67.92
C ALA A 1426 -15.59 -14.92 -66.50
N ARG A 1427 -16.06 -13.99 -65.66
CA ARG A 1427 -16.42 -14.35 -64.30
C ARG A 1427 -17.54 -15.39 -64.29
N GLU A 1428 -18.55 -15.20 -65.13
CA GLU A 1428 -19.65 -16.16 -65.18
C GLU A 1428 -19.15 -17.54 -65.58
N LEU A 1429 -18.29 -17.60 -66.60
CA LEU A 1429 -17.77 -18.88 -67.07
C LEU A 1429 -16.92 -19.54 -66.00
N VAL A 1430 -16.04 -18.78 -65.34
CA VAL A 1430 -15.20 -19.35 -64.30
C VAL A 1430 -16.06 -19.83 -63.14
N ALA A 1431 -17.10 -19.07 -62.79
CA ALA A 1431 -18.00 -19.49 -61.72
C ALA A 1431 -18.66 -20.80 -62.05
N GLN A 1432 -19.19 -20.92 -63.28
CA GLN A 1432 -19.85 -22.17 -63.67
C GLN A 1432 -18.87 -23.34 -63.65
N ILE A 1433 -17.66 -23.12 -64.18
CA ILE A 1433 -16.68 -24.20 -64.26
C ILE A 1433 -16.25 -24.64 -62.86
N ALA A 1434 -15.92 -23.67 -61.99
CA ALA A 1434 -15.49 -24.01 -60.64
C ALA A 1434 -16.61 -24.62 -59.83
N HIS A 1435 -17.86 -24.24 -60.12
CA HIS A 1435 -18.99 -24.90 -59.48
C HIS A 1435 -19.07 -26.36 -59.90
N ARG A 1436 -19.06 -26.61 -61.21
CA ARG A 1436 -19.16 -27.99 -61.68
C ARG A 1436 -17.93 -28.79 -61.29
N TYR A 1437 -16.74 -28.24 -61.51
CA TYR A 1437 -15.49 -28.83 -61.04
C TYR A 1437 -15.03 -28.03 -59.84
N GLN A 1438 -15.11 -28.62 -58.66
CA GLN A 1438 -14.67 -27.96 -57.44
C GLN A 1438 -13.22 -28.32 -57.13
N SER A 1439 -12.61 -27.53 -56.24
CA SER A 1439 -11.24 -27.75 -55.82
C SER A 1439 -10.31 -27.80 -57.02
N MET A 1440 -10.56 -26.93 -58.00
CA MET A 1440 -9.73 -26.86 -59.19
C MET A 1440 -8.41 -26.19 -58.86
N ASP A 1441 -7.33 -26.73 -59.41
CA ASP A 1441 -6.04 -26.04 -59.41
C ASP A 1441 -6.06 -25.01 -60.54
N ILE A 1442 -6.10 -23.73 -60.16
CA ILE A 1442 -6.34 -22.65 -61.10
C ILE A 1442 -5.04 -21.91 -61.34
N LEU A 1443 -4.73 -21.66 -62.61
CA LEU A 1443 -3.54 -20.92 -63.00
C LEU A 1443 -3.95 -19.81 -63.95
N GLU A 1444 -3.81 -18.56 -63.53
CA GLU A 1444 -4.18 -17.41 -64.35
C GLU A 1444 -2.93 -16.83 -64.98
N ILE A 1445 -2.79 -17.02 -66.28
CA ILE A 1445 -1.71 -16.44 -67.07
C ILE A 1445 -2.20 -15.10 -67.62
N GLY A 1446 -1.31 -14.12 -67.63
CA GLY A 1446 -1.69 -12.79 -68.04
C GLY A 1446 -2.43 -12.00 -66.99
N ALA A 1447 -2.37 -12.43 -65.73
CA ALA A 1447 -3.10 -11.73 -64.68
C ALA A 1447 -2.64 -10.29 -64.55
N GLY A 1448 -1.32 -10.06 -64.59
CA GLY A 1448 -0.82 -8.70 -64.50
C GLY A 1448 -1.27 -8.04 -63.21
N THR A 1449 -1.89 -6.87 -63.35
CA THR A 1449 -2.38 -6.15 -62.18
C THR A 1449 -3.47 -6.92 -61.46
N GLY A 1450 -4.08 -7.91 -62.10
CA GLY A 1450 -5.10 -8.73 -61.47
C GLY A 1450 -6.53 -8.30 -61.72
N GLY A 1451 -6.77 -7.41 -62.68
CA GLY A 1451 -8.14 -7.00 -62.96
C GLY A 1451 -9.01 -8.18 -63.36
N ALA A 1452 -8.52 -9.00 -64.28
CA ALA A 1452 -9.23 -10.23 -64.62
C ALA A 1452 -9.27 -11.17 -63.43
N THR A 1453 -8.18 -11.24 -62.67
CA THR A 1453 -8.18 -12.03 -61.44
C THR A 1453 -9.25 -11.52 -60.48
N LYS A 1454 -9.32 -10.20 -60.31
CA LYS A 1454 -10.36 -9.63 -59.45
C LYS A 1454 -11.75 -10.04 -59.94
N TYR A 1455 -12.00 -9.88 -61.24
CA TYR A 1455 -13.32 -10.16 -61.76
C TYR A 1455 -13.71 -11.61 -61.57
N VAL A 1456 -12.86 -12.54 -62.02
CA VAL A 1456 -13.23 -13.95 -62.00
C VAL A 1456 -13.23 -14.49 -60.58
N LEU A 1457 -12.19 -14.17 -59.81
CA LEU A 1457 -12.06 -14.69 -58.45
C LEU A 1457 -13.00 -14.01 -57.46
N ALA A 1458 -13.64 -12.91 -57.85
CA ALA A 1458 -14.62 -12.26 -57.01
C ALA A 1458 -15.91 -13.05 -56.88
N THR A 1459 -16.07 -14.11 -57.66
CA THR A 1459 -17.27 -14.93 -57.55
C THR A 1459 -17.41 -15.44 -56.13
N PRO A 1460 -18.57 -15.29 -55.50
CA PRO A 1460 -18.70 -15.70 -54.09
C PRO A 1460 -18.64 -17.20 -53.94
N GLN A 1461 -17.64 -17.66 -53.17
CA GLN A 1461 -17.53 -19.07 -52.79
C GLN A 1461 -17.33 -19.97 -54.01
N LEU A 1462 -16.28 -19.70 -54.78
CA LEU A 1462 -15.92 -20.56 -55.89
C LEU A 1462 -14.84 -21.54 -55.46
N GLY A 1463 -14.91 -22.74 -56.01
CA GLY A 1463 -14.09 -23.86 -55.55
C GLY A 1463 -12.67 -23.89 -56.09
N PHE A 1464 -11.80 -23.04 -55.56
CA PHE A 1464 -10.39 -23.04 -55.93
C PHE A 1464 -9.60 -23.83 -54.89
N ASN A 1465 -8.99 -24.93 -55.32
CA ASN A 1465 -8.06 -25.66 -54.46
C ASN A 1465 -6.71 -24.97 -54.38
N SER A 1466 -6.30 -24.33 -55.48
CA SER A 1466 -5.05 -23.57 -55.52
C SER A 1466 -5.11 -22.64 -56.72
N TYR A 1467 -4.89 -21.35 -56.46
CA TYR A 1467 -4.93 -20.32 -57.50
C TYR A 1467 -3.50 -19.87 -57.75
N THR A 1468 -2.94 -20.25 -58.88
CA THR A 1468 -1.56 -19.91 -59.23
C THR A 1468 -1.60 -18.59 -60.00
N TYR A 1469 -1.53 -17.48 -59.27
CA TYR A 1469 -1.41 -16.18 -59.90
C TYR A 1469 -0.12 -16.14 -60.70
N THR A 1470 -0.21 -15.70 -61.95
CA THR A 1470 0.89 -15.86 -62.88
C THR A 1470 0.88 -14.76 -63.92
N ASP A 1471 2.08 -14.30 -64.28
CA ASP A 1471 2.28 -13.38 -65.38
C ASP A 1471 3.71 -13.54 -65.85
N ILE A 1472 3.98 -13.05 -67.08
CA ILE A 1472 5.32 -13.16 -67.64
C ILE A 1472 6.33 -12.40 -66.79
N SER A 1473 5.88 -11.42 -66.01
CA SER A 1473 6.75 -10.64 -65.14
C SER A 1473 6.26 -10.75 -63.70
N THR A 1474 7.21 -10.90 -62.77
CA THR A 1474 6.90 -11.03 -61.36
C THR A 1474 6.54 -9.69 -60.70
N GLY A 1475 6.75 -8.58 -61.40
CA GLY A 1475 6.57 -7.27 -60.77
C GLY A 1475 5.17 -7.07 -60.21
N PHE A 1476 4.16 -7.66 -60.86
CA PHE A 1476 2.79 -7.50 -60.39
C PHE A 1476 2.48 -8.32 -59.15
N PHE A 1477 3.29 -9.35 -58.85
CA PHE A 1477 2.93 -10.28 -57.79
C PHE A 1477 2.71 -9.56 -56.47
N GLU A 1478 3.60 -8.63 -56.13
CA GLU A 1478 3.41 -7.87 -54.89
C GLU A 1478 2.02 -7.26 -54.84
N GLN A 1479 1.62 -6.57 -55.90
CA GLN A 1479 0.27 -6.01 -55.95
C GLN A 1479 -0.77 -7.09 -55.72
N ALA A 1480 -0.61 -8.23 -56.38
CA ALA A 1480 -1.54 -9.34 -56.16
C ALA A 1480 -1.56 -9.74 -54.69
N ARG A 1481 -0.37 -9.87 -54.09
CA ARG A 1481 -0.30 -10.22 -52.68
C ARG A 1481 -1.00 -9.20 -51.81
N GLU A 1482 -1.17 -7.97 -52.30
CA GLU A 1482 -1.96 -6.96 -51.60
C GLU A 1482 -3.43 -7.03 -51.97
N GLN A 1483 -3.73 -7.34 -53.24
CA GLN A 1483 -5.11 -7.35 -53.70
C GLN A 1483 -5.83 -8.64 -53.33
N PHE A 1484 -5.11 -9.76 -53.27
CA PHE A 1484 -5.72 -11.08 -53.08
C PHE A 1484 -5.23 -11.74 -51.80
N ALA A 1485 -5.00 -10.94 -50.76
CA ALA A 1485 -4.70 -11.49 -49.44
C ALA A 1485 -5.76 -12.47 -48.96
N PRO A 1486 -7.06 -12.21 -49.12
CA PRO A 1486 -8.06 -13.18 -48.64
C PRO A 1486 -7.87 -14.57 -49.24
N PHE A 1487 -7.43 -14.64 -50.50
CA PHE A 1487 -7.21 -15.90 -51.18
C PHE A 1487 -5.77 -16.39 -51.02
N GLU A 1488 -4.95 -15.67 -50.27
CA GLU A 1488 -3.53 -16.04 -50.15
C GLU A 1488 -3.36 -17.43 -49.55
N ASP A 1489 -4.30 -17.86 -48.71
CA ASP A 1489 -4.22 -19.21 -48.16
C ASP A 1489 -4.26 -20.27 -49.26
N ARG A 1490 -5.11 -20.06 -50.27
CA ARG A 1490 -5.18 -20.94 -51.43
C ARG A 1490 -4.35 -20.45 -52.60
N MET A 1491 -3.99 -19.17 -52.64
CA MET A 1491 -3.30 -18.59 -53.78
C MET A 1491 -1.79 -18.68 -53.59
N VAL A 1492 -1.10 -19.00 -54.69
CA VAL A 1492 0.36 -19.03 -54.74
C VAL A 1492 0.78 -18.26 -55.98
N PHE A 1493 1.93 -17.61 -55.91
CA PHE A 1493 2.41 -16.73 -56.98
C PHE A 1493 3.64 -17.34 -57.63
N GLU A 1494 3.59 -17.49 -58.96
CA GLU A 1494 4.70 -18.02 -59.73
C GLU A 1494 4.65 -17.40 -61.13
N PRO A 1495 5.79 -16.98 -61.68
CA PRO A 1495 5.79 -16.43 -63.03
C PRO A 1495 5.87 -17.51 -64.10
N LEU A 1496 5.22 -17.24 -65.23
CA LEU A 1496 5.24 -18.13 -66.36
C LEU A 1496 5.40 -17.34 -67.65
N ASP A 1497 6.35 -17.76 -68.48
CA ASP A 1497 6.49 -17.22 -69.83
C ASP A 1497 5.77 -18.19 -70.76
N ILE A 1498 4.57 -17.78 -71.23
CA ILE A 1498 3.80 -18.66 -72.10
C ILE A 1498 4.59 -19.02 -73.34
N ARG A 1499 5.55 -18.19 -73.72
CA ARG A 1499 6.43 -18.47 -74.84
C ARG A 1499 7.43 -19.57 -74.54
N ARG A 1500 7.48 -20.06 -73.30
CA ARG A 1500 8.45 -21.05 -72.88
C ARG A 1500 7.73 -22.22 -72.23
N SER A 1501 8.37 -23.38 -72.25
CA SER A 1501 7.80 -24.57 -71.65
C SER A 1501 7.57 -24.34 -70.16
N PRO A 1502 6.40 -24.69 -69.62
CA PRO A 1502 6.17 -24.44 -68.18
C PRO A 1502 6.95 -25.37 -67.28
N ALA A 1503 7.12 -26.63 -67.68
CA ALA A 1503 7.86 -27.57 -66.84
C ALA A 1503 9.28 -27.07 -66.59
N GLU A 1504 9.89 -26.44 -67.59
CA GLU A 1504 11.22 -25.86 -67.41
C GLU A 1504 11.19 -24.75 -66.37
N GLN A 1505 10.03 -24.13 -66.16
CA GLN A 1505 9.89 -23.00 -65.25
C GLN A 1505 9.48 -23.43 -63.85
N GLY A 1506 9.38 -24.73 -63.58
CA GLY A 1506 9.06 -25.23 -62.26
C GLY A 1506 7.63 -25.68 -62.07
N PHE A 1507 6.73 -25.34 -62.99
CA PHE A 1507 5.34 -25.75 -62.88
C PHE A 1507 5.21 -27.24 -63.13
N GLU A 1508 4.47 -27.92 -62.28
CA GLU A 1508 4.30 -29.37 -62.42
C GLU A 1508 3.44 -29.67 -63.64
N PRO A 1509 3.87 -30.55 -64.54
CA PRO A 1509 3.07 -30.82 -65.73
C PRO A 1509 1.74 -31.47 -65.39
N HIS A 1510 0.70 -31.08 -66.13
CA HIS A 1510 -0.63 -31.66 -66.00
C HIS A 1510 -1.06 -31.70 -64.53
N ALA A 1511 -0.74 -30.64 -63.80
CA ALA A 1511 -1.08 -30.52 -62.40
C ALA A 1511 -2.11 -29.43 -62.12
N TYR A 1512 -2.73 -28.89 -63.17
CA TYR A 1512 -3.69 -27.80 -63.04
C TYR A 1512 -5.03 -28.21 -63.62
N ASP A 1513 -6.09 -27.99 -62.86
CA ASP A 1513 -7.43 -28.31 -63.34
C ASP A 1513 -7.92 -27.27 -64.34
N LEU A 1514 -7.55 -26.01 -64.14
CA LEU A 1514 -8.06 -24.94 -65.01
C LEU A 1514 -7.00 -23.86 -65.17
N ILE A 1515 -6.99 -23.27 -66.38
CA ILE A 1515 -6.10 -22.17 -66.71
C ILE A 1515 -6.92 -21.05 -67.30
N ILE A 1516 -6.53 -19.81 -67.01
CA ILE A 1516 -7.23 -18.61 -67.46
C ILE A 1516 -6.21 -17.70 -68.11
N ALA A 1517 -6.28 -17.60 -69.44
CA ALA A 1517 -5.39 -16.71 -70.19
C ALA A 1517 -6.12 -15.39 -70.41
N SER A 1518 -5.70 -14.36 -69.67
CA SER A 1518 -6.40 -13.07 -69.65
C SER A 1518 -5.72 -12.13 -70.65
N ASN A 1519 -6.23 -12.12 -71.88
CA ASN A 1519 -5.79 -11.19 -72.92
C ASN A 1519 -4.28 -11.12 -72.99
N VAL A 1520 -3.64 -12.29 -72.93
CA VAL A 1520 -2.19 -12.37 -72.99
C VAL A 1520 -1.69 -13.29 -74.10
N LEU A 1521 -2.53 -14.16 -74.66
CA LEU A 1521 -2.09 -15.00 -75.76
C LEU A 1521 -1.74 -14.19 -77.00
N HIS A 1522 -2.27 -12.96 -77.12
CA HIS A 1522 -1.90 -12.09 -78.21
C HIS A 1522 -0.55 -11.42 -78.00
N ALA A 1523 0.00 -11.50 -76.79
CA ALA A 1523 1.31 -10.93 -76.47
C ALA A 1523 2.45 -11.89 -76.75
N THR A 1524 2.17 -13.04 -77.37
CA THR A 1524 3.18 -14.05 -77.66
C THR A 1524 3.05 -14.45 -79.12
N PRO A 1525 4.13 -14.41 -79.91
CA PRO A 1525 4.07 -14.90 -81.29
C PRO A 1525 4.06 -16.41 -81.40
N ASP A 1526 4.13 -17.13 -80.28
CA ASP A 1526 4.13 -18.59 -80.25
C ASP A 1526 2.78 -19.12 -79.81
N LEU A 1527 1.70 -18.49 -80.30
CA LEU A 1527 0.35 -18.82 -79.87
C LEU A 1527 0.11 -20.32 -79.76
N GLU A 1528 0.39 -21.05 -80.85
CA GLU A 1528 0.18 -22.49 -80.83
C GLU A 1528 1.04 -23.16 -79.77
N LYS A 1529 2.31 -22.77 -79.68
CA LYS A 1529 3.19 -23.38 -78.68
C LYS A 1529 2.79 -22.98 -77.27
N THR A 1530 2.32 -21.74 -77.09
CA THR A 1530 1.86 -21.33 -75.76
C THR A 1530 0.64 -22.14 -75.34
N MET A 1531 -0.29 -22.38 -76.27
CA MET A 1531 -1.46 -23.19 -75.94
C MET A 1531 -1.07 -24.64 -75.69
N ALA A 1532 -0.06 -25.15 -76.42
CA ALA A 1532 0.45 -26.48 -76.13
C ALA A 1532 1.05 -26.54 -74.74
N HIS A 1533 1.74 -25.48 -74.32
CA HIS A 1533 2.25 -25.40 -72.96
C HIS A 1533 1.12 -25.43 -71.95
N ALA A 1534 0.07 -24.66 -72.22
CA ALA A 1534 -1.09 -24.67 -71.33
C ALA A 1534 -1.67 -26.07 -71.21
N ARG A 1535 -1.76 -26.79 -72.33
CA ARG A 1535 -2.17 -28.19 -72.28
C ARG A 1535 -1.23 -29.00 -71.41
N SER A 1536 0.08 -28.79 -71.57
CA SER A 1536 1.06 -29.53 -70.78
C SER A 1536 0.81 -29.35 -69.28
N LEU A 1537 0.44 -28.13 -68.86
CA LEU A 1537 0.15 -27.91 -67.45
C LEU A 1537 -1.24 -28.37 -67.04
N LEU A 1538 -2.18 -28.43 -67.97
CA LEU A 1538 -3.54 -28.83 -67.64
C LEU A 1538 -3.65 -30.34 -67.49
N LYS A 1539 -4.41 -30.78 -66.49
CA LYS A 1539 -4.77 -32.18 -66.39
C LYS A 1539 -5.69 -32.54 -67.55
N PRO A 1540 -5.75 -33.82 -67.94
CA PRO A 1540 -6.65 -34.20 -69.02
C PRO A 1540 -8.08 -33.80 -68.70
N GLY A 1541 -8.72 -33.14 -69.65
CA GLY A 1541 -10.04 -32.58 -69.44
C GLY A 1541 -10.05 -31.24 -68.73
N GLY A 1542 -8.89 -30.68 -68.40
CA GLY A 1542 -8.85 -29.38 -67.75
C GLY A 1542 -9.46 -28.30 -68.62
N GLN A 1543 -9.90 -27.23 -67.95
CA GLN A 1543 -10.65 -26.17 -68.59
C GLN A 1543 -9.75 -24.97 -68.85
N MET A 1544 -9.64 -24.59 -70.12
CA MET A 1544 -8.92 -23.40 -70.55
C MET A 1544 -9.94 -22.31 -70.85
N VAL A 1545 -9.80 -21.17 -70.17
CA VAL A 1545 -10.68 -20.02 -70.35
C VAL A 1545 -9.83 -18.91 -70.91
N ILE A 1546 -10.13 -18.49 -72.13
CA ILE A 1546 -9.30 -17.53 -72.86
C ILE A 1546 -10.11 -16.26 -73.09
N LEU A 1547 -9.61 -15.14 -72.57
CA LEU A 1547 -10.03 -13.82 -73.00
C LEU A 1547 -8.97 -13.30 -73.95
N GLU A 1548 -9.36 -13.04 -75.20
CA GLU A 1548 -8.37 -12.62 -76.18
C GLU A 1548 -9.07 -11.93 -77.34
N ILE A 1549 -8.26 -11.19 -78.11
CA ILE A 1549 -8.78 -10.45 -79.26
C ILE A 1549 -9.29 -11.42 -80.32
N THR A 1550 -10.40 -11.07 -80.94
CA THR A 1550 -10.96 -11.88 -82.02
C THR A 1550 -11.83 -10.97 -82.90
N HIS A 1551 -12.07 -11.42 -84.12
CA HIS A 1551 -12.97 -10.74 -85.05
C HIS A 1551 -12.72 -9.23 -85.09
N LYS A 1552 -11.53 -8.89 -85.60
CA LYS A 1552 -11.09 -7.50 -85.63
C LYS A 1552 -12.15 -6.61 -86.26
N GLU A 1553 -12.25 -5.39 -85.75
CA GLU A 1553 -13.07 -4.35 -86.35
C GLU A 1553 -12.25 -3.06 -86.37
N HIS A 1554 -12.00 -2.54 -87.57
CA HIS A 1554 -11.02 -1.47 -87.73
C HIS A 1554 -11.50 -0.16 -87.11
N THR A 1555 -12.81 0.11 -87.18
CA THR A 1555 -13.36 1.41 -86.82
C THR A 1555 -13.48 1.64 -85.32
N ARG A 1556 -12.89 0.77 -84.48
CA ARG A 1556 -13.26 0.76 -83.07
C ARG A 1556 -12.10 0.71 -82.08
N LEU A 1557 -10.93 0.18 -82.46
CA LEU A 1557 -9.87 0.02 -81.46
C LEU A 1557 -8.46 0.28 -81.99
N GLY A 1558 -8.31 1.01 -83.08
CA GLY A 1558 -6.99 1.11 -83.71
C GLY A 1558 -5.95 1.77 -82.82
N PHE A 1559 -6.29 2.92 -82.24
CA PHE A 1559 -5.31 3.79 -81.61
C PHE A 1559 -4.48 3.06 -80.56
N ILE A 1560 -5.12 2.66 -79.47
CA ILE A 1560 -4.39 2.16 -78.31
C ILE A 1560 -3.78 0.80 -78.62
N PHE A 1561 -4.52 -0.06 -79.32
CA PHE A 1561 -4.02 -1.40 -79.60
C PHE A 1561 -2.76 -1.35 -80.47
N GLY A 1562 -2.74 -0.46 -81.46
CA GLY A 1562 -1.63 -0.43 -82.40
C GLY A 1562 -0.30 -0.01 -81.81
N LEU A 1563 -0.25 0.28 -80.51
CA LEU A 1563 0.98 0.84 -79.92
C LEU A 1563 1.82 -0.18 -79.19
N PHE A 1564 1.21 -1.09 -78.43
CA PHE A 1564 1.92 -1.86 -77.42
C PHE A 1564 3.16 -2.56 -77.98
N ALA A 1565 4.10 -2.90 -77.09
CA ALA A 1565 5.43 -3.34 -77.49
C ALA A 1565 5.53 -4.83 -77.79
N ASP A 1566 4.48 -5.61 -77.51
CA ASP A 1566 4.48 -7.02 -77.90
C ASP A 1566 3.15 -7.50 -78.42
N TRP A 1567 2.14 -6.63 -78.54
CA TRP A 1567 0.88 -7.07 -79.14
C TRP A 1567 1.04 -7.34 -80.63
N TRP A 1568 1.93 -6.62 -81.29
CA TRP A 1568 2.22 -6.89 -82.70
C TRP A 1568 3.22 -8.02 -82.86
N ALA A 1569 3.87 -8.47 -81.78
CA ALA A 1569 4.69 -9.67 -81.81
C ALA A 1569 3.76 -10.85 -82.01
N GLY A 1570 3.73 -11.39 -83.22
CA GLY A 1570 2.74 -12.38 -83.60
C GLY A 1570 2.31 -12.20 -85.03
N VAL A 1571 2.68 -11.07 -85.64
CA VAL A 1571 2.49 -10.90 -87.07
C VAL A 1571 3.21 -12.02 -87.84
N ASP A 1572 4.20 -12.65 -87.22
CA ASP A 1572 4.82 -13.83 -87.81
C ASP A 1572 3.79 -14.92 -88.08
N ASP A 1573 2.69 -14.93 -87.31
CA ASP A 1573 1.64 -15.92 -87.53
C ASP A 1573 0.99 -15.76 -88.90
N GLY A 1574 1.08 -14.58 -89.51
CA GLY A 1574 0.60 -14.39 -90.86
C GLY A 1574 -0.26 -13.15 -91.06
N ARG A 1575 -1.05 -12.77 -90.05
CA ARG A 1575 -1.95 -11.64 -90.15
C ARG A 1575 -1.44 -10.48 -89.31
N CYS A 1576 -2.23 -9.40 -89.30
CA CYS A 1576 -1.89 -8.25 -88.46
C CYS A 1576 -1.80 -8.68 -87.00
N THR A 1577 -0.79 -8.13 -86.30
CA THR A 1577 -0.52 -8.46 -84.90
C THR A 1577 -0.56 -9.96 -84.68
N GLU A 1578 -0.54 -10.40 -83.42
CA GLU A 1578 -0.95 -11.77 -83.16
C GLU A 1578 -2.42 -11.82 -83.54
N PRO A 1579 -2.78 -12.52 -84.62
CA PRO A 1579 -4.06 -12.24 -85.30
C PRO A 1579 -5.26 -12.12 -84.37
N PHE A 1580 -6.24 -11.32 -84.78
CA PHE A 1580 -7.53 -11.28 -84.10
C PHE A 1580 -8.25 -12.58 -84.41
N VAL A 1581 -7.72 -13.68 -83.90
CA VAL A 1581 -8.17 -15.02 -84.27
C VAL A 1581 -9.68 -15.12 -84.11
N SER A 1582 -10.37 -15.47 -85.19
CA SER A 1582 -11.79 -15.73 -85.10
C SER A 1582 -12.03 -16.98 -84.26
N PHE A 1583 -13.21 -17.06 -83.63
CA PHE A 1583 -13.50 -18.22 -82.80
C PHE A 1583 -13.39 -19.51 -83.59
N ASP A 1584 -13.60 -19.46 -84.91
CA ASP A 1584 -13.40 -20.65 -85.74
C ASP A 1584 -11.92 -21.00 -85.83
N ARG A 1585 -11.07 -20.02 -86.13
CA ARG A 1585 -9.64 -20.28 -86.15
C ARG A 1585 -9.10 -20.54 -84.75
N TRP A 1586 -9.70 -19.90 -83.74
CA TRP A 1586 -9.40 -20.28 -82.35
C TRP A 1586 -9.65 -21.76 -82.15
N ASP A 1587 -10.80 -22.24 -82.61
CA ASP A 1587 -11.13 -23.66 -82.46
C ASP A 1587 -10.13 -24.53 -83.20
N ALA A 1588 -9.75 -24.13 -84.41
CA ALA A 1588 -8.80 -24.93 -85.19
C ALA A 1588 -7.46 -25.04 -84.47
N ILE A 1589 -6.89 -23.89 -84.09
CA ILE A 1589 -5.60 -23.90 -83.39
C ILE A 1589 -5.71 -24.66 -82.08
N LEU A 1590 -6.79 -24.42 -81.34
CA LEU A 1590 -6.97 -25.02 -80.03
C LEU A 1590 -7.08 -26.53 -80.11
N LYS A 1591 -7.77 -27.04 -81.13
CA LYS A 1591 -7.79 -28.48 -81.36
C LYS A 1591 -6.41 -28.99 -81.76
N ARG A 1592 -5.70 -28.24 -82.59
CA ARG A 1592 -4.38 -28.69 -83.04
C ARG A 1592 -3.41 -28.82 -81.88
N VAL A 1593 -3.56 -27.97 -80.86
CA VAL A 1593 -2.61 -27.94 -79.75
C VAL A 1593 -3.10 -28.84 -78.62
N GLY A 1594 -4.06 -29.71 -78.91
CA GLY A 1594 -4.46 -30.73 -77.97
C GLY A 1594 -5.54 -30.32 -76.99
N PHE A 1595 -6.68 -29.86 -77.48
CA PHE A 1595 -7.82 -29.51 -76.65
C PHE A 1595 -9.10 -30.00 -77.32
N SER A 1596 -10.23 -29.71 -76.69
CA SER A 1596 -11.53 -30.17 -77.14
C SER A 1596 -12.22 -29.20 -78.08
N GLY A 1597 -11.57 -28.11 -78.44
CA GLY A 1597 -12.20 -27.09 -79.27
C GLY A 1597 -12.96 -26.08 -78.44
N VAL A 1598 -13.62 -25.15 -79.15
CA VAL A 1598 -14.33 -24.07 -78.50
C VAL A 1598 -15.63 -24.60 -77.93
N ASP A 1599 -15.63 -24.94 -76.65
CA ASP A 1599 -16.82 -25.46 -76.00
C ASP A 1599 -17.83 -24.36 -75.68
N SER A 1600 -17.36 -23.18 -75.32
CA SER A 1600 -18.23 -22.07 -74.98
C SER A 1600 -17.67 -20.78 -75.58
N ARG A 1601 -18.57 -19.82 -75.76
CA ARG A 1601 -18.21 -18.52 -76.31
C ARG A 1601 -19.02 -17.44 -75.61
N THR A 1602 -18.65 -16.19 -75.87
CA THR A 1602 -19.40 -15.05 -75.40
C THR A 1602 -20.23 -14.46 -76.54
N THR A 1603 -21.43 -14.00 -76.19
CA THR A 1603 -22.30 -13.41 -77.19
C THR A 1603 -21.60 -12.25 -77.89
N ASP A 1604 -21.40 -12.39 -79.19
CA ASP A 1604 -20.71 -11.40 -80.01
C ASP A 1604 -21.53 -11.08 -81.24
N ARG A 1605 -22.85 -10.96 -81.07
CA ARG A 1605 -23.74 -10.81 -82.22
C ARG A 1605 -23.52 -9.49 -82.94
N ASP A 1606 -23.26 -8.40 -82.21
CA ASP A 1606 -23.23 -7.08 -82.80
C ASP A 1606 -21.85 -6.45 -82.79
N ALA A 1607 -21.25 -6.25 -81.63
CA ALA A 1607 -19.99 -5.51 -81.55
C ALA A 1607 -19.50 -5.36 -80.11
N ASN A 1608 -18.31 -4.76 -79.95
CA ASN A 1608 -17.76 -4.28 -78.70
C ASN A 1608 -17.25 -5.41 -77.80
N LEU A 1609 -17.46 -6.66 -78.17
CA LEU A 1609 -16.94 -7.79 -77.42
C LEU A 1609 -15.94 -8.61 -78.21
N PHE A 1610 -15.61 -8.20 -79.44
CA PHE A 1610 -14.67 -8.90 -80.28
C PHE A 1610 -13.24 -8.80 -79.75
N PRO A 1611 -12.83 -7.69 -79.10
CA PRO A 1611 -11.45 -7.64 -78.59
C PRO A 1611 -11.24 -8.49 -77.35
N THR A 1612 -12.30 -8.94 -76.70
CA THR A 1612 -12.17 -9.68 -75.45
C THR A 1612 -13.12 -10.87 -75.34
N SER A 1613 -13.80 -11.26 -76.42
CA SER A 1613 -14.74 -12.37 -76.35
C SER A 1613 -14.07 -13.60 -75.74
N VAL A 1614 -14.73 -14.18 -74.76
CA VAL A 1614 -14.16 -15.25 -73.96
C VAL A 1614 -14.58 -16.60 -74.53
N PHE A 1615 -13.69 -17.58 -74.38
CA PHE A 1615 -13.94 -18.93 -74.87
C PHE A 1615 -13.54 -19.93 -73.78
N SER A 1616 -14.26 -21.04 -73.75
CA SER A 1616 -13.98 -22.13 -72.82
C SER A 1616 -13.73 -23.41 -73.60
N THR A 1617 -12.71 -24.16 -73.18
CA THR A 1617 -12.35 -25.39 -73.87
C THR A 1617 -11.89 -26.43 -72.85
N HIS A 1618 -11.97 -27.70 -73.24
CA HIS A 1618 -11.47 -28.78 -72.41
C HIS A 1618 -10.12 -29.26 -72.93
N ALA A 1619 -9.28 -29.74 -72.01
CA ALA A 1619 -8.01 -30.35 -72.36
C ALA A 1619 -8.30 -31.79 -72.79
N ILE A 1620 -8.72 -31.94 -74.05
CA ILE A 1620 -9.25 -33.21 -74.49
C ILE A 1620 -8.20 -34.30 -74.38
N ASP A 1621 -8.67 -35.53 -74.21
CA ASP A 1621 -7.83 -36.71 -74.04
C ASP A 1621 -8.70 -37.91 -74.41
N ALA A 1622 -8.28 -39.11 -74.00
CA ALA A 1622 -9.13 -40.29 -74.12
C ALA A 1622 -10.57 -39.92 -73.77
N THR A 1623 -10.73 -39.11 -72.74
CA THR A 1623 -11.88 -38.35 -72.25
C THR A 1623 -13.19 -39.11 -72.37
N VAL A 1624 -14.30 -38.39 -72.36
CA VAL A 1624 -15.61 -39.01 -72.45
C VAL A 1624 -15.72 -39.79 -73.75
N GLU A 1625 -16.67 -40.74 -73.76
CA GLU A 1625 -16.88 -41.61 -74.90
C GLU A 1625 -18.27 -41.37 -75.50
N TYR A 1626 -18.66 -40.11 -75.60
CA TYR A 1626 -19.96 -39.69 -76.11
C TYR A 1626 -20.58 -40.70 -77.08
N TYR A 1641 -19.22 -51.06 -72.59
CA TYR A 1641 -18.64 -52.39 -72.66
C TYR A 1641 -19.20 -53.32 -71.58
N PRO A 1642 -19.24 -52.88 -70.33
CA PRO A 1642 -19.87 -53.70 -69.31
C PRO A 1642 -21.34 -53.90 -69.60
N PRO A 1643 -21.92 -55.02 -69.17
CA PRO A 1643 -23.32 -55.28 -69.50
C PRO A 1643 -24.23 -54.17 -69.00
N LEU A 1644 -25.25 -53.86 -69.79
CA LEU A 1644 -26.21 -52.82 -69.48
C LEU A 1644 -27.58 -53.44 -69.27
N VAL A 1645 -28.24 -53.06 -68.17
CA VAL A 1645 -29.56 -53.58 -67.82
C VAL A 1645 -30.48 -52.41 -67.55
N VAL A 1646 -31.57 -52.33 -68.29
CA VAL A 1646 -32.57 -51.27 -68.13
C VAL A 1646 -33.75 -51.83 -67.36
N VAL A 1647 -34.19 -51.12 -66.33
CA VAL A 1647 -35.31 -51.52 -65.50
C VAL A 1647 -36.32 -50.39 -65.49
N GLY A 1648 -37.59 -50.72 -65.72
CA GLY A 1648 -38.66 -49.75 -65.78
C GLY A 1648 -39.32 -49.75 -67.16
N GLY A 1649 -39.64 -48.55 -67.64
CA GLY A 1649 -40.26 -48.42 -68.95
C GLY A 1649 -41.74 -48.72 -68.99
N GLN A 1650 -42.40 -48.84 -67.84
CA GLN A 1650 -43.83 -49.17 -67.84
C GLN A 1650 -44.66 -47.97 -68.28
N THR A 1651 -44.37 -46.78 -67.76
CA THR A 1651 -45.14 -45.61 -68.09
C THR A 1651 -44.91 -45.21 -69.55
N PRO A 1652 -45.92 -44.67 -70.23
CA PRO A 1652 -45.73 -44.31 -71.65
C PRO A 1652 -44.52 -43.41 -71.87
N GLN A 1653 -44.30 -42.42 -71.00
CA GLN A 1653 -43.07 -41.65 -71.07
C GLN A 1653 -41.87 -42.54 -70.77
N SER A 1654 -42.01 -43.45 -69.80
CA SER A 1654 -40.95 -44.40 -69.51
C SER A 1654 -40.71 -45.32 -70.70
N GLN A 1655 -41.78 -45.73 -71.39
CA GLN A 1655 -41.62 -46.54 -72.59
C GLN A 1655 -40.85 -45.78 -73.66
N ARG A 1656 -41.21 -44.51 -73.87
CA ARG A 1656 -40.51 -43.69 -74.85
C ARG A 1656 -39.04 -43.55 -74.50
N LEU A 1657 -38.74 -43.32 -73.23
CA LEU A 1657 -37.35 -43.15 -72.82
C LEU A 1657 -36.58 -44.46 -72.93
N LEU A 1658 -37.22 -45.59 -72.65
CA LEU A 1658 -36.57 -46.89 -72.85
C LEU A 1658 -36.25 -47.12 -74.32
N ASN A 1659 -37.19 -46.79 -75.21
CA ASN A 1659 -36.93 -46.94 -76.64
C ASN A 1659 -35.80 -46.01 -77.09
N ASP A 1660 -35.78 -44.78 -76.57
CA ASP A 1660 -34.71 -43.85 -76.89
C ASP A 1660 -33.37 -44.36 -76.38
N ILE A 1661 -33.36 -44.97 -75.20
CA ILE A 1661 -32.14 -45.57 -74.68
C ILE A 1661 -31.66 -46.68 -75.59
N LYS A 1662 -32.58 -47.54 -76.03
CA LYS A 1662 -32.20 -48.63 -76.92
C LYS A 1662 -31.62 -48.10 -78.23
N ALA A 1663 -32.28 -47.08 -78.80
CA ALA A 1663 -31.83 -46.56 -80.11
C ALA A 1663 -30.51 -45.81 -79.98
N ILE A 1664 -30.35 -45.02 -78.93
CA ILE A 1664 -29.19 -44.14 -78.80
C ILE A 1664 -28.00 -44.83 -78.14
N MET A 1665 -28.22 -45.86 -77.34
CA MET A 1665 -27.12 -46.54 -76.68
C MET A 1665 -26.18 -47.13 -77.73
N PRO A 1666 -24.87 -47.07 -77.52
CA PRO A 1666 -23.95 -47.72 -78.46
C PRO A 1666 -24.07 -49.23 -78.36
N PRO A 1667 -23.50 -49.96 -79.32
CA PRO A 1667 -23.60 -51.43 -79.25
C PRO A 1667 -23.07 -51.98 -77.94
N ARG A 1668 -23.96 -52.52 -77.12
CA ARG A 1668 -23.61 -53.04 -75.80
C ARG A 1668 -24.49 -54.23 -75.51
N PRO A 1669 -24.04 -55.17 -74.68
CA PRO A 1669 -24.95 -56.20 -74.16
C PRO A 1669 -26.10 -55.54 -73.43
N LEU A 1670 -27.31 -56.05 -73.65
CA LEU A 1670 -28.51 -55.40 -73.14
C LEU A 1670 -29.45 -56.40 -72.50
N GLN A 1671 -29.98 -56.02 -71.35
CA GLN A 1671 -31.11 -56.70 -70.72
C GLN A 1671 -32.16 -55.67 -70.38
N THR A 1672 -33.42 -56.09 -70.38
CA THR A 1672 -34.53 -55.19 -70.12
C THR A 1672 -35.56 -55.85 -69.23
N TYR A 1673 -36.08 -55.09 -68.28
CA TYR A 1673 -37.11 -55.58 -67.36
C TYR A 1673 -38.11 -54.47 -67.11
N LYS A 1674 -39.40 -54.82 -67.17
CA LYS A 1674 -40.44 -53.81 -67.02
C LYS A 1674 -40.44 -53.20 -65.63
N ARG A 1675 -40.22 -54.02 -64.60
CA ARG A 1675 -40.31 -53.57 -63.23
C ARG A 1675 -39.15 -54.15 -62.43
N LEU A 1676 -38.84 -53.49 -61.31
CA LEU A 1676 -37.80 -53.99 -60.43
C LEU A 1676 -38.18 -55.33 -59.82
N VAL A 1677 -39.47 -55.56 -59.56
CA VAL A 1677 -39.92 -56.87 -59.12
C VAL A 1677 -39.62 -57.91 -60.18
N ASP A 1678 -39.79 -57.55 -61.46
CA ASP A 1678 -39.41 -58.45 -62.54
C ASP A 1678 -37.92 -58.74 -62.52
N LEU A 1679 -37.11 -57.73 -62.18
CA LEU A 1679 -35.68 -57.95 -62.02
C LEU A 1679 -35.41 -58.97 -60.92
N LEU A 1680 -36.13 -58.85 -59.80
CA LEU A 1680 -36.01 -59.85 -58.75
C LEU A 1680 -36.39 -61.23 -59.26
N ASP A 1681 -37.31 -61.29 -60.22
CA ASP A 1681 -37.69 -62.55 -60.85
C ASP A 1681 -36.74 -62.95 -61.98
N ALA A 1682 -35.77 -62.10 -62.32
CA ALA A 1682 -34.84 -62.42 -63.39
C ALA A 1682 -34.05 -63.67 -63.05
N GLU A 1683 -33.93 -64.56 -64.03
CA GLU A 1683 -33.22 -65.82 -63.82
C GLU A 1683 -31.71 -65.60 -63.77
N GLU A 1684 -31.19 -64.71 -64.63
CA GLU A 1684 -29.75 -64.47 -64.72
C GLU A 1684 -29.51 -62.99 -64.90
N LEU A 1685 -28.54 -62.45 -64.16
CA LEU A 1685 -28.12 -61.07 -64.29
C LEU A 1685 -26.60 -61.00 -64.21
N PRO A 1686 -25.98 -60.05 -64.92
CA PRO A 1686 -24.53 -59.87 -64.77
C PRO A 1686 -24.20 -59.08 -63.52
N MET A 1687 -23.18 -59.54 -62.80
CA MET A 1687 -22.81 -58.92 -61.53
C MET A 1687 -21.97 -57.66 -61.70
N LYS A 1688 -21.43 -57.41 -62.89
CA LYS A 1688 -20.77 -56.16 -63.21
C LYS A 1688 -21.68 -55.28 -64.06
N SER A 1689 -22.99 -55.37 -63.82
CA SER A 1689 -23.97 -54.70 -64.65
C SER A 1689 -23.90 -53.18 -64.46
N THR A 1690 -24.23 -52.47 -65.54
CA THR A 1690 -24.52 -51.05 -65.49
C THR A 1690 -26.02 -50.89 -65.65
N PHE A 1691 -26.67 -50.44 -64.58
CA PHE A 1691 -28.13 -50.37 -64.57
C PHE A 1691 -28.63 -48.98 -64.90
N VAL A 1692 -29.72 -48.94 -65.67
CA VAL A 1692 -30.43 -47.71 -65.98
C VAL A 1692 -31.87 -47.92 -65.52
N MET A 1693 -32.25 -47.22 -64.46
CA MET A 1693 -33.50 -47.50 -63.76
C MET A 1693 -34.51 -46.41 -64.07
N LEU A 1694 -35.55 -46.78 -64.83
CA LEU A 1694 -36.69 -45.91 -65.07
C LEU A 1694 -37.84 -46.19 -64.11
N THR A 1695 -37.60 -47.01 -63.08
CA THR A 1695 -38.66 -47.39 -62.17
C THR A 1695 -39.27 -46.19 -61.48
N GLU A 1696 -38.43 -45.24 -61.06
CA GLU A 1696 -38.94 -44.06 -60.38
C GLU A 1696 -39.86 -43.25 -61.28
N LEU A 1697 -39.62 -43.24 -62.58
CA LEU A 1697 -40.60 -42.68 -63.51
C LEU A 1697 -41.90 -43.47 -63.46
N ASP A 1698 -41.81 -44.78 -63.34
CA ASP A 1698 -42.95 -45.65 -63.09
C ASP A 1698 -43.26 -45.64 -61.59
N GLU A 1699 -44.07 -46.59 -61.13
CA GLU A 1699 -44.33 -46.73 -59.71
C GLU A 1699 -43.02 -46.77 -58.93
N GLU A 1700 -42.91 -45.91 -57.92
CA GLU A 1700 -41.67 -45.78 -57.18
C GLU A 1700 -41.45 -46.99 -56.27
N LEU A 1701 -40.18 -47.22 -55.94
CA LEU A 1701 -39.84 -48.29 -55.01
C LEU A 1701 -40.44 -48.03 -53.64
N PHE A 1702 -40.35 -46.79 -53.17
CA PHE A 1702 -40.75 -46.44 -51.82
C PHE A 1702 -42.26 -46.27 -51.69
N ALA A 1703 -43.01 -46.34 -52.79
CA ALA A 1703 -44.45 -46.44 -52.73
C ALA A 1703 -44.94 -47.88 -52.67
N GLY A 1704 -44.08 -48.84 -53.01
CA GLY A 1704 -44.47 -50.24 -53.05
C GLY A 1704 -43.45 -51.20 -52.49
N LEU A 1705 -42.69 -50.78 -51.47
CA LEU A 1705 -41.66 -51.65 -50.91
C LEU A 1705 -42.24 -52.96 -50.39
N THR A 1706 -43.52 -52.99 -50.05
CA THR A 1706 -44.14 -54.20 -49.52
C THR A 1706 -44.22 -55.31 -50.55
N GLU A 1707 -43.95 -55.01 -51.83
CA GLU A 1707 -44.00 -56.01 -52.89
C GLU A 1707 -42.65 -56.65 -53.16
N GLU A 1708 -41.80 -56.77 -52.13
CA GLU A 1708 -40.46 -57.31 -52.25
C GLU A 1708 -39.57 -56.42 -53.12
N THR A 1709 -40.01 -55.19 -53.38
CA THR A 1709 -39.18 -54.26 -54.15
C THR A 1709 -37.90 -53.93 -53.40
N PHE A 1710 -37.90 -54.06 -52.08
CA PHE A 1710 -36.70 -53.80 -51.28
C PHE A 1710 -35.70 -54.94 -51.43
N GLU A 1711 -36.17 -56.19 -51.42
CA GLU A 1711 -35.28 -57.31 -51.73
C GLU A 1711 -34.78 -57.22 -53.17
N ALA A 1712 -35.64 -56.76 -54.07
CA ALA A 1712 -35.22 -56.53 -55.44
C ALA A 1712 -34.14 -55.47 -55.52
N THR A 1713 -34.24 -54.44 -54.68
CA THR A 1713 -33.19 -53.43 -54.62
C THR A 1713 -31.89 -54.02 -54.10
N LYS A 1714 -31.98 -54.88 -53.08
CA LYS A 1714 -30.79 -55.59 -52.62
C LYS A 1714 -30.14 -56.35 -53.76
N LEU A 1715 -30.94 -57.09 -54.52
CA LEU A 1715 -30.42 -57.85 -55.64
C LEU A 1715 -29.79 -56.93 -56.69
N LEU A 1716 -30.42 -55.79 -56.94
CA LEU A 1716 -29.88 -54.82 -57.89
C LEU A 1716 -28.51 -54.34 -57.43
N LEU A 1717 -28.38 -53.99 -56.15
CA LEU A 1717 -27.08 -53.58 -55.64
C LEU A 1717 -26.05 -54.69 -55.78
N THR A 1718 -26.46 -55.93 -55.48
CA THR A 1718 -25.52 -57.04 -55.56
C THR A 1718 -25.01 -57.24 -56.99
N TYR A 1719 -25.91 -57.16 -57.97
CA TYR A 1719 -25.52 -57.40 -59.35
C TYR A 1719 -25.01 -56.14 -60.06
N ALA A 1720 -25.01 -54.99 -59.40
CA ALA A 1720 -24.69 -53.73 -60.05
C ALA A 1720 -23.29 -53.27 -59.66
N SER A 1721 -22.49 -52.91 -60.66
CA SER A 1721 -21.26 -52.16 -60.46
C SER A 1721 -21.44 -50.68 -60.76
N ASN A 1722 -22.31 -50.35 -61.70
CA ASN A 1722 -22.71 -48.99 -62.00
C ASN A 1722 -24.22 -48.95 -62.16
N THR A 1723 -24.82 -47.81 -61.84
CA THR A 1723 -26.26 -47.68 -62.00
C THR A 1723 -26.65 -46.22 -62.10
N VAL A 1724 -27.69 -45.96 -62.90
CA VAL A 1724 -28.29 -44.65 -63.05
C VAL A 1724 -29.79 -44.80 -62.87
N TRP A 1725 -30.36 -44.00 -61.96
CA TRP A 1725 -31.80 -43.94 -61.76
C TRP A 1725 -32.33 -42.66 -62.38
N LEU A 1726 -33.53 -42.75 -62.96
CA LEU A 1726 -34.21 -41.61 -63.56
C LEU A 1726 -35.48 -41.33 -62.76
N THR A 1727 -35.63 -40.09 -62.30
CA THR A 1727 -36.79 -39.67 -61.54
C THR A 1727 -37.46 -38.50 -62.24
N GLU A 1728 -38.78 -38.43 -62.11
CA GLU A 1728 -39.59 -37.37 -62.74
C GLU A 1728 -39.90 -36.33 -61.68
N ASN A 1729 -39.05 -35.31 -61.58
CA ASN A 1729 -39.22 -34.22 -60.64
C ASN A 1729 -39.44 -34.76 -59.22
N ALA A 1730 -38.48 -35.57 -58.79
CA ALA A 1730 -38.60 -36.25 -57.49
C ALA A 1730 -38.73 -35.25 -56.37
N TRP A 1731 -37.87 -34.23 -56.36
CA TRP A 1731 -37.80 -33.34 -55.21
C TRP A 1731 -38.99 -32.39 -55.14
N VAL A 1732 -39.65 -32.12 -56.27
CA VAL A 1732 -40.72 -31.13 -56.30
C VAL A 1732 -42.10 -31.74 -56.53
N GLN A 1733 -42.19 -32.97 -57.04
CA GLN A 1733 -43.48 -33.57 -57.35
C GLN A 1733 -43.65 -35.00 -56.89
N HIS A 1734 -42.57 -35.76 -56.69
CA HIS A 1734 -42.65 -37.18 -56.34
C HIS A 1734 -41.71 -37.46 -55.18
N PRO A 1735 -42.17 -37.22 -53.95
CA PRO A 1735 -41.31 -37.48 -52.78
C PRO A 1735 -40.83 -38.92 -52.66
N HIS A 1736 -41.59 -39.89 -53.19
CA HIS A 1736 -41.12 -41.27 -53.16
C HIS A 1736 -39.86 -41.43 -54.01
N GLN A 1737 -39.84 -40.80 -55.17
CA GLN A 1737 -38.63 -40.79 -55.98
C GLN A 1737 -37.47 -40.17 -55.23
N ALA A 1738 -37.75 -39.16 -54.40
CA ALA A 1738 -36.69 -38.55 -53.61
C ALA A 1738 -36.23 -39.47 -52.49
N SER A 1739 -37.14 -40.27 -51.93
CA SER A 1739 -36.71 -41.28 -50.97
C SER A 1739 -35.77 -42.28 -51.62
N THR A 1740 -36.09 -42.68 -52.85
CA THR A 1740 -35.17 -43.52 -53.61
C THR A 1740 -33.85 -42.81 -53.82
N ILE A 1741 -33.90 -41.52 -54.14
CA ILE A 1741 -32.68 -40.75 -54.35
C ILE A 1741 -31.82 -40.78 -53.09
N GLY A 1742 -32.44 -40.62 -51.92
CA GLY A 1742 -31.69 -40.65 -50.68
C GLY A 1742 -31.11 -42.02 -50.39
N MET A 1743 -31.90 -43.08 -50.63
CA MET A 1743 -31.38 -44.42 -50.44
C MET A 1743 -30.15 -44.65 -51.31
N LEU A 1744 -30.21 -44.22 -52.56
CA LEU A 1744 -29.09 -44.39 -53.48
C LEU A 1744 -27.93 -43.49 -53.09
N ARG A 1745 -28.22 -42.31 -52.55
CA ARG A 1745 -27.18 -41.41 -52.05
C ARG A 1745 -26.39 -42.08 -50.94
N SER A 1746 -27.08 -42.76 -50.03
CA SER A 1746 -26.39 -43.51 -48.99
C SER A 1746 -25.67 -44.73 -49.56
N ILE A 1747 -26.27 -45.37 -50.56
CA ILE A 1747 -25.63 -46.52 -51.20
C ILE A 1747 -24.29 -46.11 -51.79
N ARG A 1748 -24.23 -44.93 -52.40
CA ARG A 1748 -22.99 -44.46 -53.00
C ARG A 1748 -21.87 -44.42 -51.97
N ARG A 1749 -22.22 -44.28 -50.69
CA ARG A 1749 -21.26 -44.34 -49.59
C ARG A 1749 -21.03 -45.76 -49.13
N GLU A 1750 -22.11 -46.54 -49.00
CA GLU A 1750 -22.01 -47.92 -48.56
C GLU A 1750 -21.15 -48.74 -49.51
N HIS A 1751 -21.44 -48.65 -50.80
CA HIS A 1751 -20.73 -49.39 -51.82
C HIS A 1751 -19.96 -48.42 -52.70
N PRO A 1752 -18.80 -47.93 -52.24
CA PRO A 1752 -18.05 -46.97 -53.06
C PRO A 1752 -17.67 -47.52 -54.43
N ASP A 1753 -17.44 -48.83 -54.53
CA ASP A 1753 -17.18 -49.44 -55.82
C ASP A 1753 -18.41 -49.40 -56.72
N LEU A 1754 -19.60 -49.19 -56.15
CA LEU A 1754 -20.84 -49.15 -56.91
C LEU A 1754 -21.11 -47.72 -57.32
N GLY A 1755 -20.85 -47.39 -58.59
CA GLY A 1755 -21.20 -46.10 -59.11
C GLY A 1755 -22.70 -45.87 -59.06
N VAL A 1756 -23.12 -44.78 -58.42
CA VAL A 1756 -24.53 -44.46 -58.25
C VAL A 1756 -24.78 -43.08 -58.84
N HIS A 1757 -25.77 -42.99 -59.73
CA HIS A 1757 -26.17 -41.71 -60.30
C HIS A 1757 -27.69 -41.59 -60.27
N VAL A 1758 -28.15 -40.36 -60.11
CA VAL A 1758 -29.58 -40.05 -60.12
C VAL A 1758 -29.80 -38.85 -61.02
N LEU A 1759 -30.81 -38.92 -61.87
CA LEU A 1759 -31.15 -37.87 -62.82
C LEU A 1759 -32.58 -37.44 -62.57
N ASP A 1760 -32.75 -36.26 -61.99
CA ASP A 1760 -34.08 -35.72 -61.71
C ASP A 1760 -34.50 -34.80 -62.84
N VAL A 1761 -35.62 -35.12 -63.48
CA VAL A 1761 -36.11 -34.40 -64.65
C VAL A 1761 -37.42 -33.73 -64.26
N ASP A 1762 -37.46 -32.40 -64.34
CA ASP A 1762 -38.70 -31.68 -64.06
C ASP A 1762 -39.81 -32.09 -65.00
N ALA A 1763 -39.47 -32.50 -66.23
CA ALA A 1763 -40.47 -32.97 -67.19
C ALA A 1763 -39.79 -34.00 -68.09
N VAL A 1764 -40.22 -35.26 -67.98
CA VAL A 1764 -39.58 -36.33 -68.73
C VAL A 1764 -39.70 -36.10 -70.24
N GLU A 1765 -40.82 -35.51 -70.68
CA GLU A 1765 -41.02 -35.30 -72.11
C GLU A 1765 -39.95 -34.39 -72.71
N THR A 1766 -39.25 -33.63 -71.89
CA THR A 1766 -38.21 -32.71 -72.36
C THR A 1766 -36.81 -33.29 -72.22
N VAL A 1773 -33.88 -36.23 -73.15
CA VAL A 1773 -33.42 -37.27 -74.06
C VAL A 1773 -31.92 -37.15 -74.27
N GLU A 1774 -31.27 -38.27 -74.59
CA GLU A 1774 -29.87 -38.36 -75.01
C GLU A 1774 -28.87 -38.14 -73.88
N GLN A 1775 -29.31 -37.79 -72.67
CA GLN A 1775 -28.39 -37.51 -71.58
C GLN A 1775 -28.25 -38.66 -70.59
N VAL A 1776 -29.27 -39.51 -70.46
CA VAL A 1776 -29.14 -40.67 -69.56
C VAL A 1776 -28.09 -41.63 -70.10
N LEU A 1777 -28.01 -41.80 -71.41
CA LEU A 1777 -26.92 -42.58 -71.99
C LEU A 1777 -25.59 -41.94 -71.65
N ARG A 1778 -25.52 -40.61 -71.75
CA ARG A 1778 -24.28 -39.91 -71.43
C ARG A 1778 -23.88 -40.14 -69.98
N LEU A 1779 -24.83 -40.04 -69.06
CA LEU A 1779 -24.50 -40.23 -67.64
C LEU A 1779 -24.14 -41.68 -67.35
N GLU A 1780 -24.79 -42.62 -68.01
CA GLU A 1780 -24.43 -44.03 -67.84
C GLU A 1780 -23.00 -44.28 -68.29
N GLU A 1781 -22.63 -43.76 -69.47
CA GLU A 1781 -21.27 -43.94 -69.95
C GLU A 1781 -20.28 -43.18 -69.07
N HIS A 1782 -20.70 -42.05 -68.49
CA HIS A 1782 -19.88 -41.37 -67.51
C HIS A 1782 -19.61 -42.26 -66.31
N THR A 1783 -20.65 -42.93 -65.81
CA THR A 1783 -20.46 -43.85 -64.70
C THR A 1783 -19.50 -44.96 -65.08
N ASP A 1784 -19.62 -45.47 -66.32
CA ASP A 1784 -18.65 -46.44 -66.80
C ASP A 1784 -17.24 -45.85 -66.79
N GLU A 1785 -17.13 -44.53 -66.91
CA GLU A 1785 -15.84 -43.86 -66.84
C GLU A 1785 -15.47 -43.59 -65.38
N LEU A 1786 -14.24 -43.93 -65.01
CA LEU A 1786 -13.77 -43.82 -63.64
C LEU A 1786 -12.38 -43.19 -63.60
N ALA A 1787 -12.21 -42.09 -64.33
CA ALA A 1787 -10.94 -41.35 -64.36
C ALA A 1787 -10.84 -40.54 -63.08
N SER A 1788 -10.22 -41.13 -62.06
CA SER A 1788 -10.13 -40.47 -60.76
C SER A 1788 -9.07 -39.37 -60.75
N SER A 1789 -8.03 -39.50 -61.56
CA SER A 1789 -6.91 -38.57 -61.54
C SER A 1789 -7.08 -37.40 -62.50
N THR A 1790 -8.20 -37.29 -63.18
CA THR A 1790 -8.43 -36.23 -64.16
C THR A 1790 -9.48 -35.25 -63.64
N THR A 1791 -9.56 -34.10 -64.31
CA THR A 1791 -10.45 -33.03 -63.84
C THR A 1791 -11.90 -33.47 -63.85
N TRP A 1792 -12.33 -34.14 -64.91
CA TRP A 1792 -13.73 -34.53 -65.05
C TRP A 1792 -14.19 -35.30 -63.81
N THR A 1793 -15.37 -34.94 -63.32
CA THR A 1793 -15.89 -35.48 -62.07
C THR A 1793 -17.02 -36.45 -62.35
N GLN A 1794 -17.39 -37.21 -61.31
CA GLN A 1794 -18.29 -38.35 -61.50
C GLN A 1794 -19.67 -37.91 -61.97
N GLU A 1795 -20.20 -36.82 -61.43
CA GLU A 1795 -21.52 -36.21 -61.44
C GLU A 1795 -22.50 -37.10 -60.68
N PRO A 1796 -22.32 -37.27 -59.37
CA PRO A 1796 -23.10 -38.27 -58.64
C PRO A 1796 -24.61 -38.06 -58.73
N GLU A 1797 -25.08 -36.82 -58.76
CA GLU A 1797 -26.50 -36.55 -58.78
C GLU A 1797 -26.78 -35.35 -59.66
N VAL A 1798 -27.46 -35.58 -60.79
CA VAL A 1798 -27.78 -34.55 -61.76
C VAL A 1798 -29.27 -34.31 -61.75
N SER A 1799 -29.67 -33.11 -62.18
CA SER A 1799 -31.07 -32.74 -62.28
C SER A 1799 -31.29 -32.03 -63.61
N TRP A 1800 -32.25 -32.53 -64.38
CA TRP A 1800 -32.59 -31.95 -65.68
C TRP A 1800 -33.72 -30.95 -65.48
N CYS A 1801 -33.41 -29.66 -65.59
CA CYS A 1801 -34.36 -28.59 -65.36
C CYS A 1801 -34.28 -27.59 -66.50
N LYS A 1802 -35.45 -27.12 -66.95
CA LYS A 1802 -35.52 -26.12 -68.00
C LYS A 1802 -34.76 -26.55 -69.24
N GLY A 1803 -34.74 -27.86 -69.50
CA GLY A 1803 -34.08 -28.37 -70.67
C GLY A 1803 -32.56 -28.40 -70.60
N ARG A 1804 -31.98 -28.29 -69.41
CA ARG A 1804 -30.54 -28.31 -69.25
C ARG A 1804 -30.17 -29.11 -68.01
N PRO A 1805 -28.98 -29.71 -67.99
CA PRO A 1805 -28.53 -30.42 -66.79
C PRO A 1805 -27.86 -29.51 -65.77
N TRP A 1806 -28.10 -29.80 -64.50
CA TRP A 1806 -27.56 -29.02 -63.40
C TRP A 1806 -27.14 -29.98 -62.29
N ILE A 1807 -26.30 -29.46 -61.40
CA ILE A 1807 -25.80 -30.23 -60.26
C ILE A 1807 -25.83 -29.36 -59.01
N PRO A 1808 -26.07 -29.98 -57.86
CA PRO A 1808 -25.98 -29.26 -56.59
C PRO A 1808 -24.61 -29.39 -55.95
N ARG A 1809 -24.18 -28.31 -55.31
CA ARG A 1809 -22.94 -28.31 -54.56
C ARG A 1809 -23.16 -27.55 -53.25
N LEU A 1810 -22.61 -28.08 -52.17
CA LEU A 1810 -22.82 -27.50 -50.85
C LEU A 1810 -21.86 -26.35 -50.65
N LYS A 1811 -22.39 -25.14 -50.55
CA LYS A 1811 -21.58 -23.94 -50.37
C LYS A 1811 -22.03 -23.21 -49.11
N ARG A 1812 -21.07 -22.84 -48.28
CA ARG A 1812 -21.38 -22.19 -47.01
C ARG A 1812 -22.27 -20.99 -47.26
N ASP A 1813 -23.50 -21.03 -46.74
CA ASP A 1813 -24.45 -19.95 -46.89
C ASP A 1813 -24.00 -18.82 -45.98
N LEU A 1814 -23.10 -17.98 -46.50
CA LEU A 1814 -22.46 -16.96 -45.70
C LEU A 1814 -23.46 -16.01 -45.05
N ALA A 1815 -24.65 -15.87 -45.64
CA ALA A 1815 -25.67 -15.02 -45.02
C ALA A 1815 -26.07 -15.57 -43.65
N ARG A 1816 -26.57 -16.80 -43.61
CA ARG A 1816 -27.00 -17.36 -42.33
C ARG A 1816 -25.83 -17.76 -41.45
N ASN A 1817 -24.69 -18.12 -42.04
CA ASN A 1817 -23.49 -18.32 -41.21
C ASN A 1817 -23.11 -17.03 -40.49
N ASN A 1818 -23.15 -15.91 -41.20
CA ASN A 1818 -22.89 -14.61 -40.58
C ASN A 1818 -23.94 -14.30 -39.53
N ARG A 1819 -25.20 -14.62 -39.80
CA ARG A 1819 -26.24 -14.38 -38.82
C ARG A 1819 -25.97 -15.15 -37.54
N MET A 1820 -25.62 -16.43 -37.67
CA MET A 1820 -25.35 -17.24 -36.49
C MET A 1820 -24.12 -16.73 -35.74
N ASN A 1821 -23.06 -16.39 -36.47
CA ASN A 1821 -21.81 -15.99 -35.82
C ASN A 1821 -21.85 -14.57 -35.26
N SER A 1822 -22.79 -13.74 -35.74
CA SER A 1822 -22.95 -12.41 -35.17
C SER A 1822 -23.34 -12.48 -33.70
N SER A 1823 -24.00 -13.56 -33.30
CA SER A 1823 -24.28 -13.80 -31.89
C SER A 1823 -23.00 -13.88 -31.08
N ARG A 1824 -21.87 -14.19 -31.71
CA ARG A 1824 -20.61 -14.42 -31.02
C ARG A 1824 -19.55 -13.36 -31.29
N ARG A 1825 -19.66 -12.61 -32.38
CA ARG A 1825 -18.67 -11.57 -32.68
C ARG A 1825 -19.32 -10.55 -33.60
N PRO A 1826 -18.73 -9.36 -33.75
CA PRO A 1826 -19.34 -8.33 -34.59
C PRO A 1826 -19.19 -8.63 -36.09
N ILE A 1827 -20.10 -9.44 -36.61
CA ILE A 1827 -20.10 -9.77 -38.04
C ILE A 1827 -20.73 -8.61 -38.80
N TYR A 1828 -20.06 -8.16 -39.85
CA TYR A 1828 -20.53 -7.05 -40.67
C TYR A 1828 -20.87 -7.55 -42.07
N GLU A 1829 -22.02 -7.12 -42.58
CA GLU A 1829 -22.46 -7.44 -43.93
C GLU A 1829 -22.93 -6.18 -44.62
N MET A 1830 -22.74 -6.13 -45.94
CA MET A 1830 -23.12 -4.96 -46.72
C MET A 1830 -24.63 -4.98 -46.88
N ILE A 1831 -25.32 -4.16 -46.08
CA ILE A 1831 -26.77 -4.12 -46.04
C ILE A 1831 -27.24 -2.73 -46.46
N ASP A 1832 -28.35 -2.69 -47.19
CA ASP A 1832 -28.95 -1.43 -47.65
C ASP A 1832 -30.02 -1.03 -46.65
N SER A 1833 -29.68 -0.08 -45.77
CA SER A 1833 -30.62 0.36 -44.76
C SER A 1833 -31.82 1.08 -45.34
N SER A 1834 -31.72 1.58 -46.58
CA SER A 1834 -32.85 2.28 -47.18
C SER A 1834 -34.03 1.35 -47.39
N ARG A 1835 -33.75 0.11 -47.83
CA ARG A 1835 -34.79 -0.87 -48.10
C ARG A 1835 -34.78 -2.04 -47.15
N ALA A 1836 -33.74 -2.21 -46.34
CA ALA A 1836 -33.69 -3.27 -45.35
C ALA A 1836 -33.68 -2.66 -43.95
N PRO A 1837 -34.48 -3.14 -43.01
CA PRO A 1837 -34.48 -2.56 -41.66
C PRO A 1837 -33.10 -2.65 -41.03
N VAL A 1838 -32.54 -1.49 -40.68
CA VAL A 1838 -31.26 -1.39 -40.02
C VAL A 1838 -31.45 -0.52 -38.78
N ALA A 1839 -31.16 -1.08 -37.61
CA ALA A 1839 -31.33 -0.38 -36.34
C ALA A 1839 -30.00 0.14 -35.83
N LEU A 1840 -30.00 1.38 -35.37
CA LEU A 1840 -28.83 1.99 -34.75
C LEU A 1840 -28.82 1.54 -33.29
N GLN A 1841 -28.35 0.31 -33.08
CA GLN A 1841 -28.48 -0.36 -31.79
C GLN A 1841 -27.31 0.01 -30.88
N THR A 1842 -27.62 0.19 -29.60
CA THR A 1842 -26.59 0.38 -28.60
C THR A 1842 -25.90 -0.94 -28.27
N ALA A 1843 -24.63 -0.85 -27.91
CA ALA A 1843 -23.90 -2.05 -27.52
C ALA A 1843 -24.52 -2.66 -26.27
N ARG A 1844 -24.27 -3.96 -26.07
CA ARG A 1844 -24.81 -4.64 -24.91
C ARG A 1844 -24.34 -3.96 -23.63
N ASP A 1845 -23.05 -3.68 -23.54
CA ASP A 1845 -22.49 -2.94 -22.42
C ASP A 1845 -22.71 -1.44 -22.53
N SER A 1846 -23.45 -1.00 -23.56
CA SER A 1846 -23.71 0.42 -23.80
C SER A 1846 -22.42 1.18 -24.05
N SER A 1847 -21.40 0.49 -24.58
CA SER A 1847 -20.13 1.15 -24.88
C SER A 1847 -20.31 2.21 -25.96
N SER A 1848 -21.06 1.91 -27.01
CA SER A 1848 -21.27 2.83 -28.11
C SER A 1848 -22.47 2.35 -28.92
N TYR A 1849 -22.67 2.95 -30.09
CA TYR A 1849 -23.76 2.62 -30.99
C TYR A 1849 -23.19 2.05 -32.28
N PHE A 1850 -23.95 1.14 -32.91
CA PHE A 1850 -23.54 0.55 -34.16
C PHE A 1850 -24.78 0.20 -34.97
N LEU A 1851 -24.63 0.21 -36.28
CA LEU A 1851 -25.70 -0.24 -37.18
C LEU A 1851 -25.77 -1.75 -37.17
N GLU A 1852 -26.97 -2.30 -37.02
CA GLU A 1852 -27.17 -3.74 -37.05
C GLU A 1852 -28.42 -4.05 -37.85
N SER A 1853 -28.51 -5.29 -38.32
CA SER A 1853 -29.67 -5.72 -39.08
C SER A 1853 -30.88 -5.82 -38.15
N ALA A 1854 -31.96 -5.14 -38.53
CA ALA A 1854 -33.19 -5.13 -37.76
C ALA A 1854 -34.28 -5.99 -38.39
N GLU A 1855 -33.92 -6.87 -39.32
CA GLU A 1855 -34.89 -7.70 -40.01
C GLU A 1855 -35.70 -8.50 -39.00
N THR A 1856 -37.02 -8.33 -39.04
CA THR A 1856 -37.92 -9.13 -38.20
C THR A 1856 -38.11 -10.53 -38.73
N TRP A 1857 -37.69 -10.80 -39.97
CA TRP A 1857 -37.76 -12.12 -40.57
C TRP A 1857 -39.19 -12.66 -40.56
N PHE A 1858 -40.13 -11.81 -40.99
CA PHE A 1858 -41.47 -12.22 -41.35
C PHE A 1858 -42.20 -12.89 -40.19
N VAL A 1859 -42.42 -12.12 -39.13
CA VAL A 1859 -43.31 -12.53 -38.05
C VAL A 1859 -44.74 -12.23 -38.50
N PRO A 1860 -45.63 -13.22 -38.55
CA PRO A 1860 -46.96 -13.00 -39.14
C PRO A 1860 -47.96 -12.30 -38.24
N GLU A 1861 -47.55 -11.84 -37.05
CA GLU A 1861 -48.48 -11.22 -36.12
C GLU A 1861 -48.64 -9.75 -36.48
N SER A 1862 -49.69 -9.42 -37.22
CA SER A 1862 -50.03 -8.05 -37.56
C SER A 1862 -51.54 -7.84 -37.50
N VAL A 1863 -52.22 -8.62 -36.65
CA VAL A 1863 -53.66 -8.54 -36.48
C VAL A 1863 -54.03 -7.96 -35.12
N GLN A 1864 -53.49 -8.54 -34.04
CA GLN A 1864 -53.62 -7.89 -32.74
C GLN A 1864 -52.81 -6.61 -32.69
N GLN A 1865 -51.62 -6.63 -33.30
CA GLN A 1865 -50.89 -5.40 -33.62
C GLN A 1865 -51.36 -4.92 -34.99
N MET A 1866 -52.63 -4.51 -35.02
CA MET A 1866 -53.34 -4.31 -36.27
C MET A 1866 -52.69 -3.24 -37.11
N GLU A 1867 -52.65 -3.47 -38.43
CA GLU A 1867 -52.26 -2.47 -39.41
C GLU A 1867 -50.92 -1.84 -39.06
N THR A 1868 -49.95 -2.69 -38.71
CA THR A 1868 -48.63 -2.20 -38.38
C THR A 1868 -48.04 -1.50 -39.60
N LYS A 1869 -47.93 -0.18 -39.53
CA LYS A 1869 -47.44 0.60 -40.66
C LYS A 1869 -45.92 0.49 -40.76
N THR A 1870 -45.43 0.44 -41.99
CA THR A 1870 -44.01 0.40 -42.28
C THR A 1870 -43.55 1.81 -42.60
N ILE A 1871 -42.65 2.33 -41.78
CA ILE A 1871 -42.14 3.70 -41.91
C ILE A 1871 -40.68 3.59 -42.36
N TYR A 1872 -40.40 4.10 -43.56
CA TYR A 1872 -39.03 4.21 -44.05
C TYR A 1872 -38.46 5.51 -43.48
N VAL A 1873 -37.62 5.38 -42.46
CA VAL A 1873 -37.20 6.51 -41.65
C VAL A 1873 -36.13 7.31 -42.38
N HIS A 1874 -36.37 8.62 -42.52
CA HIS A 1874 -35.35 9.55 -43.00
C HIS A 1874 -34.58 10.16 -41.84
N PHE A 1875 -35.27 10.50 -40.76
CA PHE A 1875 -34.65 11.10 -39.58
C PHE A 1875 -35.25 10.47 -38.34
N SER A 1876 -34.44 10.37 -37.29
CA SER A 1876 -34.89 9.75 -36.06
C SER A 1876 -34.14 10.34 -34.86
N CYS A 1877 -34.67 10.10 -33.68
CA CYS A 1877 -34.00 10.49 -32.45
C CYS A 1877 -33.18 9.31 -31.92
N PRO A 1878 -31.88 9.47 -31.69
CA PRO A 1878 -31.07 8.31 -31.25
C PRO A 1878 -31.58 7.67 -29.98
N HIS A 1879 -32.07 8.46 -29.03
CA HIS A 1879 -32.47 7.98 -27.72
C HIS A 1879 -33.97 7.79 -27.66
N ALA A 1880 -34.40 6.69 -27.04
CA ALA A 1880 -35.81 6.42 -26.86
C ALA A 1880 -36.36 7.26 -25.72
N LEU A 1881 -37.53 7.87 -25.93
CA LEU A 1881 -38.16 8.74 -24.94
C LEU A 1881 -39.33 8.03 -24.30
N ARG A 1882 -39.40 8.12 -22.97
CA ARG A 1882 -40.53 7.56 -22.24
C ARG A 1882 -41.80 8.32 -22.61
N VAL A 1883 -42.90 7.58 -22.75
CA VAL A 1883 -44.16 8.12 -23.24
C VAL A 1883 -45.25 7.71 -22.27
N GLN A 1884 -45.70 8.67 -21.44
CA GLN A 1884 -46.83 8.50 -20.52
C GLN A 1884 -46.84 7.10 -19.90
N ALA A 1885 -45.67 6.68 -19.43
CA ALA A 1885 -45.54 5.42 -18.71
C ALA A 1885 -45.87 4.21 -19.59
N LEU A 1886 -46.13 4.43 -20.88
CA LEU A 1886 -46.38 3.31 -21.78
C LEU A 1886 -45.10 2.56 -22.10
N GLY A 1887 -43.96 3.25 -22.05
CA GLY A 1887 -42.70 2.65 -22.40
C GLY A 1887 -41.79 3.70 -23.04
N PHE A 1888 -40.69 3.23 -23.60
CA PHE A 1888 -39.72 4.07 -24.27
C PHE A 1888 -39.81 3.85 -25.78
N PHE A 1889 -39.97 4.94 -26.52
CA PHE A 1889 -40.10 4.89 -27.96
C PHE A 1889 -39.17 5.92 -28.58
N TYR A 1890 -38.55 5.52 -29.70
CA TYR A 1890 -37.67 6.42 -30.44
C TYR A 1890 -38.52 7.28 -31.37
N LEU A 1891 -38.35 8.58 -31.30
CA LEU A 1891 -39.08 9.48 -32.19
C LEU A 1891 -38.47 9.39 -33.58
N VAL A 1892 -39.27 8.98 -34.56
CA VAL A 1892 -38.80 8.78 -35.92
C VAL A 1892 -39.65 9.61 -36.87
N GLN A 1893 -39.04 9.99 -37.99
CA GLN A 1893 -39.73 10.71 -39.05
C GLN A 1893 -39.33 10.09 -40.38
N GLY A 1894 -40.27 10.01 -41.31
CA GLY A 1894 -39.93 9.47 -42.61
C GLY A 1894 -41.17 9.12 -43.42
N HIS A 1895 -40.92 8.46 -44.54
CA HIS A 1895 -41.95 8.16 -45.50
C HIS A 1895 -42.79 6.95 -45.09
N VAL A 1896 -44.01 6.91 -45.59
CA VAL A 1896 -44.84 5.71 -45.59
C VAL A 1896 -45.45 5.59 -46.98
N GLN A 1897 -45.49 4.36 -47.50
CA GLN A 1897 -45.97 4.10 -48.84
C GLN A 1897 -47.48 3.89 -48.79
N GLU A 1898 -48.24 4.84 -49.34
CA GLU A 1898 -49.69 4.76 -49.42
C GLU A 1898 -50.07 4.97 -50.89
N GLY A 1899 -50.37 3.88 -51.59
CA GLY A 1899 -50.63 3.97 -53.01
C GLY A 1899 -49.46 4.55 -53.77
N ASN A 1900 -48.25 4.14 -53.42
CA ASN A 1900 -46.99 4.65 -53.96
C ASN A 1900 -46.72 6.09 -53.56
N ARG A 1901 -47.57 6.68 -52.72
CA ARG A 1901 -47.29 8.00 -52.17
C ARG A 1901 -46.32 7.87 -51.00
N GLU A 1902 -45.24 8.65 -51.05
CA GLU A 1902 -44.25 8.68 -49.98
C GLU A 1902 -44.66 9.74 -48.95
N VAL A 1903 -45.73 9.42 -48.23
CA VAL A 1903 -46.33 10.37 -47.29
C VAL A 1903 -45.39 10.56 -46.10
N PRO A 1904 -44.92 11.78 -45.83
CA PRO A 1904 -44.13 11.99 -44.61
C PRO A 1904 -44.99 11.82 -43.37
N VAL A 1905 -44.40 11.25 -42.32
CA VAL A 1905 -45.07 11.04 -41.06
C VAL A 1905 -44.03 11.04 -39.94
N VAL A 1906 -44.51 11.20 -38.71
CA VAL A 1906 -43.69 11.13 -37.51
C VAL A 1906 -44.35 10.15 -36.55
N ALA A 1907 -43.55 9.25 -35.99
CA ALA A 1907 -44.08 8.15 -35.19
C ALA A 1907 -43.15 7.88 -34.01
N LEU A 1908 -43.65 7.04 -33.10
CA LEU A 1908 -42.92 6.60 -31.91
C LEU A 1908 -42.54 5.14 -32.14
N ALA A 1909 -41.40 4.92 -32.78
CA ALA A 1909 -40.92 3.58 -33.08
C ALA A 1909 -40.40 2.91 -31.82
N GLU A 1910 -40.01 1.64 -31.97
CA GLU A 1910 -39.47 0.86 -30.88
C GLU A 1910 -38.11 0.23 -31.18
N ARG A 1911 -37.49 0.57 -32.32
CA ARG A 1911 -36.24 -0.04 -32.72
C ARG A 1911 -35.19 0.95 -33.22
N ASN A 1912 -35.56 2.18 -33.52
CA ASN A 1912 -34.60 3.18 -34.01
C ASN A 1912 -33.90 2.67 -35.27
N ALA A 1913 -34.70 2.35 -36.27
CA ALA A 1913 -34.21 1.71 -37.48
C ALA A 1913 -34.58 2.53 -38.71
N SER A 1914 -33.78 2.36 -39.77
CA SER A 1914 -34.09 3.00 -41.04
C SER A 1914 -35.50 2.64 -41.50
N ILE A 1915 -35.94 1.41 -41.20
CA ILE A 1915 -37.30 0.97 -41.48
C ILE A 1915 -37.90 0.42 -40.20
N VAL A 1916 -39.08 0.91 -39.86
CA VAL A 1916 -39.77 0.55 -38.62
C VAL A 1916 -41.12 -0.04 -38.97
N HIS A 1917 -41.62 -0.90 -38.10
CA HIS A 1917 -42.97 -1.46 -38.20
C HIS A 1917 -43.70 -1.11 -36.91
N VAL A 1918 -44.54 -0.08 -36.94
CA VAL A 1918 -45.15 0.48 -35.74
C VAL A 1918 -46.64 0.65 -35.95
N ARG A 1919 -47.42 0.41 -34.90
CA ARG A 1919 -48.86 0.51 -35.00
C ARG A 1919 -49.27 1.95 -35.33
N PRO A 1920 -50.40 2.14 -36.01
CA PRO A 1920 -50.83 3.52 -36.33
C PRO A 1920 -51.08 4.38 -35.12
N ASP A 1921 -51.39 3.78 -33.97
CA ASP A 1921 -51.64 4.56 -32.76
C ASP A 1921 -50.45 5.41 -32.36
N TYR A 1922 -49.25 5.03 -32.81
CA TYR A 1922 -48.01 5.74 -32.46
C TYR A 1922 -47.48 6.55 -33.63
N ILE A 1923 -48.35 6.95 -34.56
CA ILE A 1923 -47.95 7.64 -35.78
C ILE A 1923 -48.75 8.93 -35.90
N TYR A 1924 -48.05 10.02 -36.22
CA TYR A 1924 -48.69 11.28 -36.60
C TYR A 1924 -48.58 11.39 -38.11
N THR A 1925 -49.70 11.23 -38.80
CA THR A 1925 -49.69 11.02 -40.24
C THR A 1925 -49.69 12.29 -41.06
N GLU A 1926 -49.87 13.46 -40.44
CA GLU A 1926 -49.91 14.69 -41.22
C GLU A 1926 -48.55 15.00 -41.83
N ALA A 1927 -48.56 15.42 -43.09
CA ALA A 1927 -47.34 15.78 -43.80
C ALA A 1927 -47.09 17.29 -43.70
N ASP A 1928 -46.94 17.75 -42.46
CA ASP A 1928 -46.75 19.17 -42.20
C ASP A 1928 -45.30 19.56 -42.49
N ASN A 1929 -45.11 20.45 -43.47
CA ASN A 1929 -43.76 20.92 -43.79
C ASN A 1929 -43.17 21.76 -42.65
N ASN A 1930 -44.01 22.32 -41.79
CA ASN A 1930 -43.49 23.04 -40.63
C ASN A 1930 -42.63 22.12 -39.76
N LEU A 1931 -43.06 20.88 -39.61
CA LEU A 1931 -42.23 19.83 -39.02
C LEU A 1931 -41.18 19.41 -40.05
N SER A 1932 -40.24 20.32 -40.28
CA SER A 1932 -39.31 20.21 -41.40
C SER A 1932 -38.43 18.97 -41.24
N GLU A 1933 -37.59 18.74 -42.26
CA GLU A 1933 -36.70 17.60 -42.26
C GLU A 1933 -35.73 17.70 -41.09
N GLY A 1934 -35.77 16.71 -40.21
CA GLY A 1934 -34.90 16.71 -39.03
C GLY A 1934 -35.35 17.65 -37.94
N GLY A 1935 -35.57 18.92 -38.26
CA GLY A 1935 -36.03 19.86 -37.24
C GLY A 1935 -37.35 19.43 -36.63
N GLY A 1936 -38.30 19.03 -37.47
CA GLY A 1936 -39.58 18.58 -36.95
C GLY A 1936 -39.44 17.40 -36.01
N SER A 1937 -38.56 16.46 -36.36
CA SER A 1937 -38.31 15.32 -35.48
C SER A 1937 -37.74 15.79 -34.15
N LEU A 1938 -36.83 16.77 -34.19
CA LEU A 1938 -36.26 17.30 -32.96
C LEU A 1938 -37.34 17.90 -32.07
N MET A 1939 -38.22 18.71 -32.67
CA MET A 1939 -39.26 19.36 -31.88
C MET A 1939 -40.23 18.33 -31.31
N VAL A 1940 -40.62 17.34 -32.10
CA VAL A 1940 -41.56 16.34 -31.61
C VAL A 1940 -40.92 15.50 -30.51
N THR A 1941 -39.62 15.22 -30.63
CA THR A 1941 -38.91 14.53 -29.56
C THR A 1941 -38.91 15.36 -28.28
N VAL A 1942 -38.59 16.64 -28.42
CA VAL A 1942 -38.56 17.54 -27.27
C VAL A 1942 -39.92 17.54 -26.59
N LEU A 1943 -40.99 17.61 -27.37
CA LEU A 1943 -42.32 17.68 -26.79
C LEU A 1943 -42.76 16.34 -26.23
N ALA A 1944 -42.31 15.22 -26.79
CA ALA A 1944 -42.55 13.94 -26.17
C ALA A 1944 -41.95 13.90 -24.77
N ALA A 1945 -40.69 14.34 -24.66
CA ALA A 1945 -40.04 14.38 -23.35
C ALA A 1945 -40.78 15.32 -22.40
N ALA A 1946 -41.16 16.49 -22.89
CA ALA A 1946 -41.82 17.47 -22.03
C ALA A 1946 -43.18 16.96 -21.56
N VAL A 1947 -43.96 16.36 -22.46
CA VAL A 1947 -45.27 15.84 -22.09
C VAL A 1947 -45.11 14.68 -21.12
N LEU A 1948 -44.09 13.86 -21.31
CA LEU A 1948 -43.81 12.80 -20.34
C LEU A 1948 -43.56 13.40 -18.96
N ALA A 1949 -42.70 14.43 -18.90
CA ALA A 1949 -42.39 15.05 -17.62
C ALA A 1949 -43.65 15.63 -16.97
N GLU A 1950 -44.48 16.29 -17.77
CA GLU A 1950 -45.70 16.90 -17.22
C GLU A 1950 -46.71 15.86 -16.78
N THR A 1951 -46.78 14.72 -17.48
CA THR A 1951 -47.84 13.75 -17.24
C THR A 1951 -47.49 12.80 -16.10
N VAL A 1952 -46.28 12.23 -16.12
CA VAL A 1952 -45.92 11.26 -15.09
C VAL A 1952 -45.97 11.90 -13.71
N ILE A 1953 -45.76 13.21 -13.64
CA ILE A 1953 -45.81 13.91 -12.36
C ILE A 1953 -47.21 14.39 -12.05
N SER A 1954 -47.94 14.90 -13.04
CA SER A 1954 -49.30 15.37 -12.84
C SER A 1954 -50.20 14.22 -12.42
N VAL A 1961 -49.15 14.02 -8.63
CA VAL A 1961 -49.67 15.36 -8.85
C VAL A 1961 -48.76 16.38 -8.18
N THR A 1962 -48.54 17.51 -8.84
CA THR A 1962 -47.70 18.57 -8.29
C THR A 1962 -48.22 19.92 -8.75
N ASP A 1963 -47.92 20.94 -7.95
CA ASP A 1963 -48.22 22.32 -8.30
C ASP A 1963 -47.03 23.07 -8.88
N SER A 1964 -45.81 22.60 -8.63
CA SER A 1964 -44.61 23.20 -9.20
C SER A 1964 -43.51 22.15 -9.27
N ILE A 1965 -42.75 22.18 -10.36
CA ILE A 1965 -41.64 21.26 -10.57
C ILE A 1965 -40.44 22.03 -11.08
N LEU A 1966 -39.27 21.39 -10.97
CA LEU A 1966 -38.01 21.94 -11.46
C LEU A 1966 -37.38 20.96 -12.42
N VAL A 1967 -36.93 21.46 -13.56
CA VAL A 1967 -36.26 20.66 -14.58
C VAL A 1967 -34.83 21.18 -14.71
N LEU A 1968 -33.86 20.29 -14.57
CA LEU A 1968 -32.45 20.67 -14.47
C LEU A 1968 -31.74 20.40 -15.79
N ASN A 1969 -31.03 21.41 -16.29
CA ASN A 1969 -30.23 21.31 -17.50
C ASN A 1969 -30.98 20.63 -18.65
N PRO A 1970 -32.16 21.13 -19.01
CA PRO A 1970 -32.84 20.62 -20.20
C PRO A 1970 -32.31 21.31 -21.44
N PRO A 1971 -32.47 20.70 -22.62
CA PRO A 1971 -32.13 21.40 -23.85
C PRO A 1971 -32.92 22.70 -23.98
N SER A 1972 -32.26 23.71 -24.56
CA SER A 1972 -32.91 25.02 -24.71
C SER A 1972 -34.27 24.88 -25.37
N ILE A 1973 -34.33 24.12 -26.46
CA ILE A 1973 -35.62 23.79 -27.06
C ILE A 1973 -36.49 23.08 -26.02
N CYS A 1974 -35.88 22.15 -25.28
CA CYS A 1974 -36.62 21.45 -24.24
C CYS A 1974 -37.09 22.41 -23.16
N GLY A 1975 -36.27 23.39 -22.79
CA GLY A 1975 -36.70 24.36 -21.80
C GLY A 1975 -37.91 25.15 -22.25
N GLN A 1976 -37.85 25.67 -23.48
CA GLN A 1976 -38.98 26.45 -23.99
C GLN A 1976 -40.23 25.60 -24.07
N MET A 1977 -40.11 24.38 -24.58
CA MET A 1977 -41.29 23.53 -24.75
C MET A 1977 -41.82 23.05 -23.40
N LEU A 1978 -40.93 22.85 -22.42
CA LEU A 1978 -41.39 22.52 -21.07
C LEU A 1978 -42.16 23.67 -20.46
N LEU A 1979 -41.69 24.91 -20.68
CA LEU A 1979 -42.44 26.06 -20.20
C LEU A 1979 -43.81 26.12 -20.86
N HIS A 1980 -43.86 25.88 -22.18
CA HIS A 1980 -45.15 25.87 -22.88
C HIS A 1980 -46.08 24.80 -22.32
N ALA A 1981 -45.55 23.60 -22.10
CA ALA A 1981 -46.37 22.51 -21.59
C ALA A 1981 -46.87 22.81 -20.18
N GLY A 1982 -46.01 23.38 -19.34
CA GLY A 1982 -46.45 23.76 -18.00
C GLY A 1982 -47.53 24.82 -18.04
N GLU A 1983 -47.39 25.80 -18.93
CA GLU A 1983 -48.44 26.81 -19.08
C GLU A 1983 -49.76 26.17 -19.51
N GLU A 1984 -49.70 25.26 -20.49
CA GLU A 1984 -50.92 24.62 -20.98
C GLU A 1984 -51.58 23.76 -19.90
N ILE A 1985 -50.78 22.98 -19.16
CA ILE A 1985 -51.30 22.10 -18.14
C ILE A 1985 -51.46 22.80 -16.80
N GLY A 1986 -51.06 24.06 -16.69
CA GLY A 1986 -51.15 24.78 -15.43
C GLY A 1986 -50.24 24.25 -14.35
N LEU A 1987 -49.03 23.84 -14.71
CA LEU A 1987 -48.02 23.38 -13.76
C LEU A 1987 -46.83 24.32 -13.81
N GLN A 1988 -46.46 24.87 -12.66
CA GLN A 1988 -45.38 25.86 -12.57
C GLN A 1988 -44.05 25.16 -12.78
N VAL A 1989 -43.49 25.29 -13.98
CA VAL A 1989 -42.24 24.65 -14.35
C VAL A 1989 -41.11 25.67 -14.22
N HIS A 1990 -40.07 25.29 -13.47
CA HIS A 1990 -38.86 26.09 -13.36
C HIS A 1990 -37.75 25.42 -14.15
N LEU A 1991 -36.91 26.22 -14.79
CA LEU A 1991 -35.80 25.73 -15.60
C LEU A 1991 -34.49 26.09 -14.92
N ALA A 1992 -33.61 25.10 -14.78
CA ALA A 1992 -32.27 25.30 -14.26
C ALA A 1992 -31.27 24.76 -15.27
N THR A 1993 -30.25 25.55 -15.58
CA THR A 1993 -29.22 25.16 -16.53
C THR A 1993 -27.84 25.35 -15.91
N THR A 1994 -26.96 24.38 -16.16
CA THR A 1994 -25.59 24.44 -15.67
C THR A 1994 -24.62 24.97 -16.72
N SER A 1995 -25.13 25.42 -17.87
CA SER A 1995 -24.28 25.96 -18.92
C SER A 1995 -23.53 27.20 -18.44
N SER A 2008 -36.92 33.07 -17.09
CA SER A 2008 -35.72 32.59 -17.78
C SER A 2008 -35.12 31.39 -17.04
N TRP A 2009 -34.08 30.81 -17.63
CA TRP A 2009 -33.40 29.68 -17.01
C TRP A 2009 -32.70 30.11 -15.73
N LEU A 2010 -32.79 29.27 -14.71
CA LEU A 2010 -32.05 29.47 -13.47
C LEU A 2010 -30.63 28.96 -13.69
N THR A 2011 -29.72 29.88 -14.02
CA THR A 2011 -28.37 29.52 -14.44
C THR A 2011 -27.58 29.04 -13.23
N LEU A 2012 -27.80 27.78 -12.87
CA LEU A 2012 -27.03 27.14 -11.82
C LEU A 2012 -25.65 26.76 -12.35
N HIS A 2013 -24.88 26.07 -11.51
CA HIS A 2013 -23.56 25.61 -11.89
C HIS A 2013 -23.31 24.26 -11.22
N ALA A 2014 -22.63 23.38 -11.94
CA ALA A 2014 -22.24 22.10 -11.35
C ALA A 2014 -21.32 22.36 -10.16
N ARG A 2015 -21.37 21.45 -9.19
CA ARG A 2015 -20.61 21.56 -7.96
C ARG A 2015 -21.06 22.72 -7.08
N ASP A 2016 -22.27 23.23 -7.30
CA ASP A 2016 -22.81 24.28 -6.45
C ASP A 2016 -23.12 23.73 -5.06
N THR A 2017 -22.96 24.59 -4.06
CA THR A 2017 -23.18 24.18 -2.68
C THR A 2017 -24.67 24.07 -2.38
N ASP A 2018 -24.99 23.21 -1.42
CA ASP A 2018 -26.39 23.03 -1.03
C ASP A 2018 -26.98 24.33 -0.48
N TRP A 2019 -26.18 25.11 0.23
CA TRP A 2019 -26.66 26.39 0.76
C TRP A 2019 -27.05 27.33 -0.38
N HIS A 2020 -26.22 27.39 -1.42
CA HIS A 2020 -26.56 28.23 -2.58
C HIS A 2020 -27.85 27.75 -3.24
N LEU A 2021 -28.02 26.43 -3.35
CA LEU A 2021 -29.25 25.91 -3.93
C LEU A 2021 -30.46 26.28 -3.09
N ARG A 2022 -30.33 26.17 -1.76
CA ARG A 2022 -31.41 26.63 -0.89
C ARG A 2022 -31.72 28.10 -1.14
N ARG A 2023 -30.67 28.90 -1.31
CA ARG A 2023 -30.87 30.34 -1.53
C ARG A 2023 -31.62 30.61 -2.82
N VAL A 2024 -31.27 29.91 -3.89
CA VAL A 2024 -31.76 30.21 -5.22
C VAL A 2024 -32.95 29.34 -5.62
N LEU A 2025 -32.89 28.04 -5.32
CA LEU A 2025 -33.93 27.14 -5.79
C LEU A 2025 -35.27 27.53 -5.17
N PRO A 2026 -36.35 27.59 -5.95
CA PRO A 2026 -37.67 27.87 -5.36
C PRO A 2026 -38.09 26.76 -4.41
N ARG A 2027 -38.79 27.14 -3.35
CA ARG A 2027 -39.22 26.19 -2.34
C ARG A 2027 -40.55 25.55 -2.66
N GLY A 2028 -41.25 26.01 -3.69
CA GLY A 2028 -42.52 25.41 -4.07
C GLY A 2028 -42.40 24.16 -4.93
N VAL A 2029 -41.18 23.82 -5.35
CA VAL A 2029 -40.98 22.67 -6.21
C VAL A 2029 -41.33 21.39 -5.45
N GLN A 2030 -42.09 20.51 -6.11
CA GLN A 2030 -42.44 19.22 -5.55
C GLN A 2030 -41.81 18.05 -6.30
N ALA A 2031 -41.29 18.28 -7.51
CA ALA A 2031 -40.66 17.23 -8.29
C ALA A 2031 -39.42 17.80 -8.98
N LEU A 2032 -38.44 16.93 -9.17
CA LEU A 2032 -37.20 17.26 -9.87
C LEU A 2032 -37.05 16.35 -11.08
N VAL A 2033 -36.75 16.94 -12.22
CA VAL A 2033 -36.56 16.21 -13.47
C VAL A 2033 -35.17 16.55 -13.98
N ASP A 2034 -34.22 15.65 -13.75
CA ASP A 2034 -32.84 15.88 -14.17
C ASP A 2034 -32.67 15.34 -15.58
N LEU A 2035 -32.66 16.25 -16.56
CA LEU A 2035 -32.42 15.92 -17.95
C LEU A 2035 -30.98 16.16 -18.36
N SER A 2036 -30.09 16.41 -17.39
CA SER A 2036 -28.69 16.65 -17.70
C SER A 2036 -28.07 15.39 -18.31
N ALA A 2037 -27.80 15.43 -19.61
CA ALA A 2037 -27.17 14.29 -20.26
C ALA A 2037 -25.80 14.01 -19.65
N ASP A 2038 -25.02 15.05 -19.39
CA ASP A 2038 -23.74 14.89 -18.71
C ASP A 2038 -23.98 14.48 -17.26
N GLN A 2039 -23.29 13.45 -16.81
CA GLN A 2039 -23.46 12.94 -15.45
C GLN A 2039 -22.80 13.82 -14.41
N SER A 2040 -22.04 14.84 -14.83
CA SER A 2040 -21.38 15.71 -13.86
C SER A 2040 -22.39 16.37 -12.93
N CYS A 2041 -23.56 16.74 -13.45
CA CYS A 2041 -24.58 17.38 -12.64
C CYS A 2041 -25.20 16.43 -11.62
N GLU A 2042 -24.93 15.13 -11.71
CA GLU A 2042 -25.57 14.17 -10.82
C GLU A 2042 -25.40 14.58 -9.35
N GLY A 2043 -24.18 14.90 -8.95
CA GLY A 2043 -23.96 15.32 -7.58
C GLY A 2043 -24.82 16.52 -7.22
N LEU A 2044 -24.85 17.53 -8.09
CA LEU A 2044 -25.73 18.67 -7.89
C LEU A 2044 -27.16 18.18 -7.64
N THR A 2045 -27.64 17.27 -8.49
CA THR A 2045 -28.98 16.74 -8.34
C THR A 2045 -29.18 16.18 -6.94
N GLN A 2046 -28.19 15.40 -6.46
CA GLN A 2046 -28.29 14.86 -5.10
C GLN A 2046 -28.49 15.99 -4.10
N ARG A 2047 -27.68 17.05 -4.21
CA ARG A 2047 -27.81 18.18 -3.31
C ARG A 2047 -29.20 18.78 -3.40
N MET A 2048 -29.79 18.80 -4.60
CA MET A 2048 -31.15 19.31 -4.72
C MET A 2048 -32.11 18.50 -3.85
N MET A 2049 -31.96 17.17 -3.85
CA MET A 2049 -32.81 16.33 -3.02
C MET A 2049 -32.68 16.68 -1.55
N LYS A 2050 -31.56 17.29 -1.15
CA LYS A 2050 -31.41 17.71 0.24
C LYS A 2050 -32.07 19.05 0.51
N VAL A 2051 -32.16 19.92 -0.50
CA VAL A 2051 -32.70 21.27 -0.28
C VAL A 2051 -34.17 21.35 -0.66
N LEU A 2052 -34.59 20.59 -1.66
CA LEU A 2052 -35.98 20.64 -2.12
C LEU A 2052 -36.90 20.04 -1.05
N MET A 2053 -38.18 20.01 -1.36
CA MET A 2053 -39.16 19.50 -0.42
C MET A 2053 -38.83 18.05 -0.07
N PRO A 2054 -38.95 17.67 1.20
CA PRO A 2054 -38.72 16.25 1.54
C PRO A 2054 -39.65 15.34 0.77
N GLY A 2055 -39.11 14.21 0.33
CA GLY A 2055 -39.87 13.30 -0.51
C GLY A 2055 -40.15 13.83 -1.90
N CYS A 2056 -39.44 14.86 -2.33
CA CYS A 2056 -39.65 15.42 -3.66
C CYS A 2056 -39.41 14.35 -4.72
N ALA A 2057 -40.34 14.26 -5.67
CA ALA A 2057 -40.22 13.28 -6.74
C ALA A 2057 -39.02 13.59 -7.61
N HIS A 2058 -38.27 12.54 -7.94
CA HIS A 2058 -37.04 12.67 -8.71
C HIS A 2058 -37.12 11.83 -9.98
N TYR A 2059 -36.71 12.44 -11.09
CA TYR A 2059 -36.64 11.75 -12.38
C TYR A 2059 -35.35 12.14 -13.07
N ARG A 2060 -34.51 11.17 -13.37
CA ARG A 2060 -33.25 11.41 -14.05
C ARG A 2060 -33.42 11.32 -15.56
N ALA A 2061 -32.35 11.68 -16.28
CA ALA A 2061 -32.38 11.58 -17.73
C ALA A 2061 -32.64 10.16 -18.18
N ALA A 2062 -32.14 9.17 -17.43
CA ALA A 2062 -32.41 7.78 -17.77
C ALA A 2062 -33.89 7.44 -17.66
N ASP A 2063 -34.64 8.18 -16.85
CA ASP A 2063 -36.07 7.94 -16.71
C ASP A 2063 -36.88 8.54 -17.86
N LEU A 2064 -36.29 9.42 -18.66
CA LEU A 2064 -36.95 9.99 -19.82
C LEU A 2064 -36.23 9.73 -21.13
N PHE A 2065 -34.94 9.42 -21.10
CA PHE A 2065 -34.18 9.09 -22.29
C PHE A 2065 -33.36 7.83 -22.02
N THR A 2066 -33.35 6.91 -22.99
CA THR A 2066 -32.64 5.66 -22.81
C THR A 2066 -32.27 5.12 -24.19
N ASP A 2067 -31.35 4.15 -24.19
CA ASP A 2067 -30.90 3.48 -25.39
C ASP A 2067 -31.48 2.09 -25.56
N THR A 2068 -32.37 1.66 -24.67
CA THR A 2068 -32.93 0.32 -24.70
C THR A 2068 -34.44 0.39 -24.63
N VAL A 2069 -35.09 -0.44 -25.46
CA VAL A 2069 -36.55 -0.55 -25.46
C VAL A 2069 -36.94 -2.01 -25.26
N SER A 2070 -36.04 -2.92 -25.62
CA SER A 2070 -36.29 -4.35 -25.49
C SER A 2070 -37.58 -4.75 -26.20
N LEU A 2083 -52.11 4.00 -27.71
CA LEU A 2083 -51.80 5.41 -27.48
C LEU A 2083 -52.92 6.30 -28.01
N PRO A 2084 -53.46 7.18 -27.17
CA PRO A 2084 -54.49 8.11 -27.65
C PRO A 2084 -53.94 9.01 -28.76
N ALA A 2085 -54.80 9.30 -29.74
CA ALA A 2085 -54.42 10.26 -30.77
C ALA A 2085 -54.24 11.65 -30.16
N ALA A 2086 -55.00 11.95 -29.10
CA ALA A 2086 -54.82 13.21 -28.39
C ALA A 2086 -53.38 13.39 -27.94
N TYR A 2087 -52.66 12.29 -27.69
CA TYR A 2087 -51.28 12.40 -27.26
C TYR A 2087 -50.44 13.13 -28.30
N TRP A 2088 -50.33 12.55 -29.51
CA TRP A 2088 -49.50 13.21 -30.52
C TRP A 2088 -50.14 14.51 -30.99
N GLU A 2089 -51.46 14.64 -30.91
CA GLU A 2089 -52.08 15.92 -31.24
C GLU A 2089 -51.57 17.01 -30.32
N HIS A 2090 -51.58 16.76 -29.01
CA HIS A 2090 -51.06 17.73 -28.05
C HIS A 2090 -49.57 17.95 -28.23
N VAL A 2091 -48.84 16.87 -28.55
CA VAL A 2091 -47.39 16.99 -28.75
C VAL A 2091 -47.10 17.95 -29.89
N VAL A 2092 -47.74 17.73 -31.04
CA VAL A 2092 -47.50 18.58 -32.19
C VAL A 2092 -48.02 19.99 -31.94
N SER A 2093 -49.13 20.13 -31.21
CA SER A 2093 -49.63 21.46 -30.90
C SER A 2093 -48.62 22.24 -30.08
N LEU A 2094 -48.03 21.61 -29.06
CA LEU A 2094 -47.02 22.27 -28.25
C LEU A 2094 -45.77 22.56 -29.07
N ALA A 2095 -45.38 21.63 -29.94
CA ALA A 2095 -44.20 21.84 -30.77
C ALA A 2095 -44.40 23.06 -31.67
N ARG A 2096 -45.61 23.20 -32.23
CA ARG A 2096 -45.92 24.34 -33.08
C ARG A 2096 -45.84 25.66 -32.33
N GLN A 2097 -45.82 25.62 -30.99
CA GLN A 2097 -45.65 26.84 -30.22
C GLN A 2097 -44.20 27.34 -30.23
N GLY A 2098 -43.25 26.49 -30.59
CA GLY A 2098 -41.85 26.87 -30.52
C GLY A 2098 -40.96 26.35 -31.63
N LEU A 2099 -41.55 25.97 -32.76
CA LEU A 2099 -40.74 25.51 -33.89
C LEU A 2099 -39.70 26.52 -34.34
N PRO A 2100 -40.00 27.83 -34.44
CA PRO A 2100 -39.00 28.77 -34.98
C PRO A 2100 -37.79 28.97 -34.08
N SER A 2101 -37.76 28.30 -32.92
CA SER A 2101 -36.67 28.49 -31.98
C SER A 2101 -35.32 28.13 -32.59
N VAL A 2102 -35.28 27.18 -33.53
CA VAL A 2102 -34.04 26.70 -34.11
C VAL A 2102 -34.26 26.42 -35.60
N SER A 2103 -33.18 26.10 -36.29
CA SER A 2103 -33.22 25.76 -37.71
C SER A 2103 -33.56 24.29 -37.89
N GLU A 2104 -33.76 23.90 -39.14
CA GLU A 2104 -34.14 22.52 -39.44
C GLU A 2104 -33.01 21.55 -39.10
N GLY A 2105 -31.80 21.83 -39.58
CA GLY A 2105 -30.66 20.98 -39.33
C GLY A 2105 -29.85 21.42 -38.13
N TRP A 2106 -30.50 21.52 -36.97
CA TRP A 2106 -29.82 22.01 -35.78
C TRP A 2106 -28.70 21.06 -35.35
N GLU A 2107 -29.01 19.78 -35.23
CA GLU A 2107 -28.04 18.77 -34.82
C GLU A 2107 -28.18 17.52 -35.66
N VAL A 2108 -28.30 17.68 -36.97
CA VAL A 2108 -28.46 16.54 -37.88
C VAL A 2108 -27.09 15.91 -38.12
N MET A 2109 -27.01 14.59 -37.96
CA MET A 2109 -25.80 13.87 -38.32
C MET A 2109 -26.18 12.53 -38.92
N PRO A 2110 -25.45 12.04 -39.92
CA PRO A 2110 -25.79 10.74 -40.50
C PRO A 2110 -25.67 9.61 -39.48
N CYS A 2111 -26.47 8.56 -39.70
CA CYS A 2111 -26.42 7.41 -38.81
C CYS A 2111 -25.02 6.84 -38.71
N THR A 2112 -24.29 6.80 -39.83
CA THR A 2112 -22.92 6.30 -39.81
C THR A 2112 -22.05 7.15 -38.90
N GLN A 2113 -22.15 8.48 -39.02
CA GLN A 2113 -21.34 9.36 -38.18
C GLN A 2113 -21.69 9.19 -36.71
N PHE A 2114 -22.99 9.09 -36.40
CA PHE A 2114 -23.39 8.89 -35.01
C PHE A 2114 -22.83 7.59 -34.46
N ALA A 2115 -22.99 6.50 -35.22
CA ALA A 2115 -22.47 5.21 -34.75
C ALA A 2115 -20.96 5.26 -34.57
N ALA A 2116 -20.27 6.02 -35.43
CA ALA A 2116 -18.82 6.08 -35.33
C ALA A 2116 -18.35 6.94 -34.16
N HIS A 2117 -19.10 7.98 -33.81
CA HIS A 2117 -18.64 8.97 -32.85
C HIS A 2117 -19.57 9.18 -31.66
N ALA A 2118 -20.75 8.57 -31.64
CA ALA A 2118 -21.65 8.77 -30.52
C ALA A 2118 -21.18 7.97 -29.31
N ASP A 2119 -21.77 8.30 -28.16
CA ASP A 2119 -21.43 7.64 -26.90
C ASP A 2119 -22.69 7.53 -26.06
N LYS A 2120 -23.00 6.31 -25.62
CA LYS A 2120 -24.21 6.10 -24.81
C LYS A 2120 -24.11 6.85 -23.49
N THR A 2121 -22.94 6.80 -22.83
CA THR A 2121 -22.78 7.50 -21.56
C THR A 2121 -22.92 9.00 -21.72
N ARG A 2122 -22.66 9.54 -22.90
CA ARG A 2122 -22.85 10.96 -23.18
C ARG A 2122 -23.97 11.12 -24.20
N PRO A 2123 -25.23 10.87 -23.82
CA PRO A 2123 -26.32 11.06 -24.77
C PRO A 2123 -26.40 12.53 -25.20
N ASP A 2124 -26.68 12.73 -26.48
CA ASP A 2124 -26.81 14.06 -27.05
C ASP A 2124 -28.29 14.29 -27.35
N LEU A 2125 -29.01 14.75 -26.34
CA LEU A 2125 -30.44 15.00 -26.50
C LEU A 2125 -30.66 16.12 -27.51
N SER A 2126 -31.80 16.07 -28.18
CA SER A 2126 -32.13 16.97 -29.29
C SER A 2126 -31.21 16.77 -30.48
N THR A 2127 -30.56 15.61 -30.58
CA THR A 2127 -29.80 15.23 -31.75
C THR A 2127 -30.66 14.34 -32.65
N VAL A 2128 -30.44 14.44 -33.96
CA VAL A 2128 -31.24 13.71 -34.93
C VAL A 2128 -30.31 12.99 -35.90
N ILE A 2129 -30.52 11.69 -36.02
CA ILE A 2129 -29.85 10.86 -37.02
C ILE A 2129 -30.57 11.02 -38.35
N SER A 2130 -29.79 11.26 -39.40
CA SER A 2130 -30.30 11.38 -40.76
C SER A 2130 -30.04 10.05 -41.46
N TRP A 2131 -31.09 9.24 -41.61
CA TRP A 2131 -30.96 7.94 -42.21
C TRP A 2131 -30.81 8.06 -43.72
N PRO A 2132 -29.77 7.50 -44.33
CA PRO A 2132 -29.65 7.57 -45.79
C PRO A 2132 -30.84 6.87 -46.46
N ARG A 2133 -31.26 7.42 -47.60
CA ARG A 2133 -32.43 6.92 -48.31
C ARG A 2133 -32.10 6.28 -49.65
N GLU A 2134 -30.97 6.63 -50.26
CA GLU A 2134 -30.56 6.02 -51.52
C GLU A 2134 -29.71 4.79 -51.24
N SER A 2135 -29.90 3.75 -52.06
CA SER A 2135 -29.17 2.51 -51.85
C SER A 2135 -27.67 2.75 -51.77
N ASP A 2136 -27.14 3.61 -52.65
CA ASP A 2136 -25.73 3.95 -52.58
C ASP A 2136 -25.39 4.63 -51.26
N GLU A 2137 -26.24 5.56 -50.82
CA GLU A 2137 -26.02 6.21 -49.54
C GLU A 2137 -26.24 5.25 -48.38
N ALA A 2138 -27.20 4.33 -48.52
CA ALA A 2138 -27.61 3.48 -47.42
C ALA A 2138 -26.89 2.13 -47.39
N THR A 2139 -26.31 1.70 -48.51
CA THR A 2139 -25.57 0.44 -48.54
C THR A 2139 -24.32 0.62 -47.68
N LEU A 2140 -24.33 0.04 -46.49
CA LEU A 2140 -23.32 0.26 -45.48
C LEU A 2140 -22.95 -1.06 -44.84
N PRO A 2141 -21.77 -1.14 -44.21
CA PRO A 2141 -21.45 -2.32 -43.41
C PRO A 2141 -22.22 -2.33 -42.10
N THR A 2142 -23.23 -3.19 -42.04
CA THR A 2142 -24.14 -3.27 -40.89
C THR A 2142 -23.79 -4.51 -40.08
N ARG A 2143 -23.79 -4.34 -38.76
CA ARG A 2143 -23.45 -5.43 -37.84
C ARG A 2143 -24.57 -6.46 -37.85
N VAL A 2144 -24.31 -7.61 -38.45
CA VAL A 2144 -25.33 -8.64 -38.65
C VAL A 2144 -25.99 -8.97 -37.32
N ARG A 2145 -27.26 -9.34 -37.37
CA ARG A 2145 -28.03 -9.73 -36.20
C ARG A 2145 -28.32 -11.22 -36.24
N SER A 2146 -28.35 -11.84 -35.08
CA SER A 2146 -28.67 -13.25 -35.00
C SER A 2146 -30.09 -13.51 -35.48
N ILE A 2147 -30.29 -14.67 -36.12
CA ILE A 2147 -31.60 -15.00 -36.66
C ILE A 2147 -32.64 -15.03 -35.56
N ASP A 2148 -32.27 -15.51 -34.37
CA ASP A 2148 -33.18 -15.61 -33.24
C ASP A 2148 -32.99 -14.48 -32.23
N ALA A 2149 -32.39 -13.36 -32.65
CA ALA A 2149 -32.26 -12.22 -31.75
C ALA A 2149 -33.62 -11.61 -31.43
N GLU A 2150 -34.56 -11.69 -32.37
CA GLU A 2150 -35.88 -11.10 -32.22
C GLU A 2150 -36.93 -12.20 -32.15
N THR A 2151 -38.14 -11.81 -31.75
CA THR A 2151 -39.25 -12.74 -31.70
C THR A 2151 -39.50 -13.31 -33.10
N LEU A 2152 -39.71 -14.63 -33.15
CA LEU A 2152 -39.89 -15.34 -34.41
C LEU A 2152 -41.24 -16.02 -34.54
N PHE A 2153 -42.05 -16.04 -33.50
CA PHE A 2153 -43.27 -16.84 -33.48
C PHE A 2153 -44.43 -16.03 -32.92
N ALA A 2154 -45.63 -16.40 -33.33
CA ALA A 2154 -46.85 -15.71 -32.91
C ALA A 2154 -47.42 -16.36 -31.65
N ALA A 2155 -47.98 -15.52 -30.78
CA ALA A 2155 -48.55 -16.00 -29.53
C ALA A 2155 -49.92 -16.64 -29.72
N ASP A 2156 -50.57 -16.43 -30.86
CA ASP A 2156 -51.91 -16.93 -31.11
C ASP A 2156 -51.91 -18.18 -31.99
N LYS A 2157 -50.86 -18.98 -31.91
CA LYS A 2157 -50.75 -20.19 -32.72
C LYS A 2157 -50.05 -21.27 -31.93
N THR A 2158 -50.45 -22.52 -32.20
CA THR A 2158 -49.79 -23.68 -31.61
C THR A 2158 -48.72 -24.19 -32.54
N TYR A 2159 -47.55 -24.46 -31.98
CA TYR A 2159 -46.42 -24.98 -32.75
C TYR A 2159 -46.21 -26.44 -32.37
N LEU A 2160 -46.30 -27.32 -33.36
CA LEU A 2160 -46.39 -28.76 -33.13
C LEU A 2160 -45.04 -29.39 -33.44
N LEU A 2161 -44.32 -29.77 -32.40
CA LEU A 2161 -43.03 -30.44 -32.53
C LEU A 2161 -43.29 -31.94 -32.50
N VAL A 2162 -43.33 -32.55 -33.68
CA VAL A 2162 -43.69 -33.96 -33.82
C VAL A 2162 -42.44 -34.81 -33.60
N GLY A 2163 -42.53 -35.75 -32.65
CA GLY A 2163 -41.38 -36.52 -32.26
C GLY A 2163 -40.38 -35.77 -31.44
N LEU A 2164 -40.62 -34.49 -31.17
CA LEU A 2164 -39.71 -33.64 -30.41
C LEU A 2164 -40.12 -33.57 -28.94
N THR A 2165 -40.19 -34.73 -28.29
CA THR A 2165 -40.43 -34.80 -26.86
C THR A 2165 -39.17 -35.08 -26.06
N GLY A 2166 -38.07 -35.41 -26.73
CA GLY A 2166 -36.81 -35.67 -26.06
C GLY A 2166 -36.11 -34.38 -25.67
N ASP A 2167 -34.83 -34.54 -25.31
CA ASP A 2167 -34.05 -33.37 -24.91
C ASP A 2167 -33.96 -32.35 -26.04
N LEU A 2168 -33.74 -32.82 -27.27
CA LEU A 2168 -33.67 -31.91 -28.40
C LEU A 2168 -34.98 -31.17 -28.60
N GLY A 2169 -36.09 -31.91 -28.61
CA GLY A 2169 -37.38 -31.28 -28.81
C GLY A 2169 -37.77 -30.34 -27.69
N ARG A 2170 -37.47 -30.74 -26.45
CA ARG A 2170 -37.78 -29.88 -25.31
C ARG A 2170 -36.96 -28.60 -25.34
N SER A 2171 -35.67 -28.71 -25.70
CA SER A 2171 -34.85 -27.51 -25.86
C SER A 2171 -35.41 -26.62 -26.95
N LEU A 2172 -35.81 -27.21 -28.07
CA LEU A 2172 -36.37 -26.42 -29.16
C LEU A 2172 -37.65 -25.71 -28.71
N GLY A 2173 -38.49 -26.40 -27.96
CA GLY A 2173 -39.72 -25.79 -27.48
C GLY A 2173 -39.47 -24.66 -26.50
N ARG A 2174 -38.53 -24.85 -25.57
CA ARG A 2174 -38.24 -23.78 -24.63
C ARG A 2174 -37.65 -22.57 -25.35
N TRP A 2175 -36.81 -22.82 -26.36
CA TRP A 2175 -36.31 -21.72 -27.18
C TRP A 2175 -37.44 -21.02 -27.92
N MET A 2176 -38.37 -21.80 -28.48
CA MET A 2176 -39.52 -21.22 -29.16
C MET A 2176 -40.27 -20.27 -28.24
N VAL A 2177 -40.64 -20.76 -27.04
CA VAL A 2177 -41.38 -19.91 -26.12
C VAL A 2177 -40.55 -18.71 -25.70
N GLN A 2178 -39.24 -18.88 -25.57
CA GLN A 2178 -38.36 -17.74 -25.36
C GLN A 2178 -38.43 -16.76 -26.52
N HIS A 2179 -38.87 -17.21 -27.69
CA HIS A 2179 -38.94 -16.36 -28.87
C HIS A 2179 -40.35 -16.32 -29.44
N GLY A 2180 -41.36 -16.18 -28.57
CA GLY A 2180 -42.70 -15.81 -28.98
C GLY A 2180 -43.70 -16.93 -29.04
N ALA A 2181 -43.29 -18.19 -28.91
CA ALA A 2181 -44.23 -19.31 -29.02
C ALA A 2181 -44.93 -19.51 -27.68
N CYS A 2182 -46.13 -18.95 -27.56
CA CYS A 2182 -46.90 -19.08 -26.34
C CYS A 2182 -47.64 -20.41 -26.24
N HIS A 2183 -47.71 -21.19 -27.31
CA HIS A 2183 -48.42 -22.46 -27.30
C HIS A 2183 -47.61 -23.48 -28.09
N ILE A 2184 -47.13 -24.51 -27.40
CA ILE A 2184 -46.29 -25.53 -28.00
C ILE A 2184 -46.86 -26.90 -27.66
N VAL A 2185 -46.79 -27.82 -28.62
CA VAL A 2185 -47.33 -29.16 -28.49
C VAL A 2185 -46.25 -30.14 -28.90
N LEU A 2186 -45.64 -30.80 -27.92
CA LEU A 2186 -44.70 -31.88 -28.19
C LEU A 2186 -45.47 -33.17 -28.42
N THR A 2187 -45.08 -33.93 -29.44
CA THR A 2187 -45.78 -35.16 -29.79
C THR A 2187 -44.79 -36.31 -29.85
N SER A 2188 -45.26 -37.48 -29.40
CA SER A 2188 -44.45 -38.68 -29.38
C SER A 2188 -45.33 -39.85 -28.97
N ARG A 2189 -45.03 -41.04 -29.49
CA ARG A 2189 -45.76 -42.22 -29.06
C ARG A 2189 -45.54 -42.50 -27.59
N ASN A 2190 -44.41 -42.05 -27.04
CA ASN A 2190 -44.11 -42.17 -25.60
C ASN A 2190 -43.57 -40.82 -25.13
N PRO A 2191 -44.44 -39.83 -24.93
CA PRO A 2191 -43.97 -38.48 -24.55
C PRO A 2191 -43.63 -38.37 -23.07
N GLN A 2192 -42.47 -38.87 -22.70
CA GLN A 2192 -42.02 -38.81 -21.31
C GLN A 2192 -41.46 -37.43 -21.03
N VAL A 2193 -42.28 -36.56 -20.45
CA VAL A 2193 -41.87 -35.20 -20.09
C VAL A 2193 -42.40 -34.90 -18.69
N ASN A 2194 -41.55 -34.33 -17.85
CA ASN A 2194 -41.96 -33.98 -16.50
C ASN A 2194 -42.97 -32.85 -16.55
N PRO A 2195 -44.12 -32.96 -15.87
CA PRO A 2195 -45.06 -31.83 -15.86
C PRO A 2195 -44.43 -30.56 -15.33
N LYS A 2196 -43.52 -30.69 -14.36
CA LYS A 2196 -42.79 -29.54 -13.85
C LYS A 2196 -41.96 -28.88 -14.94
N TRP A 2197 -41.55 -29.62 -15.97
CA TRP A 2197 -40.88 -28.98 -17.11
C TRP A 2197 -41.86 -28.12 -17.89
N LEU A 2198 -43.09 -28.59 -18.03
CA LEU A 2198 -44.14 -27.75 -18.62
C LEU A 2198 -44.34 -26.50 -17.78
N ALA A 2199 -44.29 -26.64 -16.46
CA ALA A 2199 -44.38 -25.45 -15.60
C ALA A 2199 -43.21 -24.50 -15.84
N HIS A 2200 -42.00 -25.04 -15.97
CA HIS A 2200 -40.83 -24.20 -16.20
C HIS A 2200 -40.97 -23.42 -17.50
N VAL A 2201 -41.35 -24.11 -18.57
CA VAL A 2201 -41.53 -23.41 -19.85
C VAL A 2201 -42.69 -22.43 -19.77
N GLU A 2202 -43.69 -22.72 -18.94
CA GLU A 2202 -44.76 -21.74 -18.71
C GLU A 2202 -44.19 -20.48 -18.07
N GLU A 2203 -43.25 -20.64 -17.14
CA GLU A 2203 -42.59 -19.47 -16.57
C GLU A 2203 -41.95 -18.61 -17.65
N LEU A 2204 -41.50 -19.24 -18.74
CA LEU A 2204 -40.95 -18.49 -19.86
C LEU A 2204 -42.01 -17.72 -20.63
N GLY A 2205 -43.29 -18.03 -20.43
CA GLY A 2205 -44.35 -17.30 -21.08
C GLY A 2205 -44.97 -18.06 -22.24
N GLY A 2206 -45.20 -19.37 -22.07
CA GLY A 2206 -45.85 -20.15 -23.10
C GLY A 2206 -46.41 -21.46 -22.57
N ARG A 2207 -47.62 -21.80 -22.99
CA ARG A 2207 -48.27 -23.04 -22.56
C ARG A 2207 -47.76 -24.18 -23.41
N VAL A 2208 -47.08 -25.13 -22.79
CA VAL A 2208 -46.51 -26.29 -23.47
C VAL A 2208 -47.24 -27.54 -22.98
N THR A 2209 -47.61 -28.40 -23.92
CA THR A 2209 -48.32 -29.62 -23.61
C THR A 2209 -47.75 -30.76 -24.44
N VAL A 2210 -47.96 -31.98 -23.96
CA VAL A 2210 -47.53 -33.20 -24.64
C VAL A 2210 -48.78 -33.90 -25.16
N LEU A 2211 -48.70 -34.37 -26.41
CA LEU A 2211 -49.88 -34.85 -27.12
C LEU A 2211 -50.02 -36.35 -27.15
N SER A 2212 -48.94 -37.11 -26.93
CA SER A 2212 -48.99 -38.57 -27.02
C SER A 2212 -49.50 -39.03 -28.38
N MET A 2213 -49.10 -38.33 -29.43
CA MET A 2213 -49.57 -38.60 -30.78
C MET A 2213 -48.53 -39.43 -31.53
N ASP A 2214 -48.94 -40.60 -31.99
CA ASP A 2214 -48.10 -41.44 -32.84
C ASP A 2214 -48.35 -41.04 -34.28
N VAL A 2215 -47.39 -40.33 -34.87
CA VAL A 2215 -47.58 -39.77 -36.21
C VAL A 2215 -47.61 -40.84 -37.29
N THR A 2216 -47.35 -42.10 -36.93
CA THR A 2216 -47.36 -43.17 -37.93
C THR A 2216 -48.78 -43.45 -38.43
N SER A 2217 -49.78 -43.27 -37.58
CA SER A 2217 -51.16 -43.63 -37.89
C SER A 2217 -51.99 -42.38 -38.14
N GLN A 2218 -52.82 -42.44 -39.18
CA GLN A 2218 -53.74 -41.34 -39.46
C GLN A 2218 -54.70 -41.13 -38.30
N ASN A 2219 -55.21 -42.22 -37.73
CA ASN A 2219 -56.16 -42.10 -36.62
C ASN A 2219 -55.50 -41.42 -35.43
N SER A 2220 -54.26 -41.77 -35.11
CA SER A 2220 -53.58 -41.15 -33.99
C SER A 2220 -53.37 -39.66 -34.22
N VAL A 2221 -52.96 -39.29 -35.44
CA VAL A 2221 -52.74 -37.89 -35.75
C VAL A 2221 -54.04 -37.10 -35.65
N GLU A 2222 -55.13 -37.66 -36.19
CA GLU A 2222 -56.42 -36.98 -36.11
C GLU A 2222 -56.86 -36.85 -34.65
N ALA A 2223 -56.66 -37.89 -33.85
CA ALA A 2223 -57.03 -37.83 -32.44
C ALA A 2223 -56.24 -36.74 -31.73
N GLY A 2224 -54.94 -36.65 -31.99
CA GLY A 2224 -54.14 -35.61 -31.37
C GLY A 2224 -54.57 -34.21 -31.78
N LEU A 2225 -54.80 -34.02 -33.08
CA LEU A 2225 -55.22 -32.70 -33.56
C LEU A 2225 -56.58 -32.32 -33.03
N ALA A 2226 -57.47 -33.29 -32.81
CA ALA A 2226 -58.75 -33.00 -32.19
C ALA A 2226 -58.60 -32.71 -30.71
N LYS A 2227 -57.68 -33.41 -30.04
CA LYS A 2227 -57.40 -33.11 -28.64
C LYS A 2227 -56.86 -31.71 -28.47
N LEU A 2228 -56.12 -31.22 -29.47
CA LEU A 2228 -55.67 -29.82 -29.43
C LEU A 2228 -56.86 -28.88 -29.29
N LYS A 2229 -57.90 -29.10 -30.09
CA LYS A 2229 -59.12 -28.29 -29.96
C LYS A 2229 -59.79 -28.55 -28.63
N ASP A 2230 -59.77 -29.81 -28.16
CA ASP A 2230 -60.33 -30.12 -26.85
C ASP A 2230 -59.62 -29.32 -25.76
N LEU A 2231 -58.29 -29.19 -25.86
CA LEU A 2231 -57.53 -28.35 -24.96
C LEU A 2231 -57.74 -26.86 -25.24
N HIS A 2232 -58.46 -26.52 -26.31
CA HIS A 2232 -58.77 -25.14 -26.66
C HIS A 2232 -57.51 -24.36 -27.04
N LEU A 2233 -56.53 -25.06 -27.59
CA LEU A 2233 -55.32 -24.41 -28.05
C LEU A 2233 -55.57 -23.70 -29.37
N PRO A 2234 -54.79 -22.67 -29.69
CA PRO A 2234 -54.95 -21.98 -30.97
C PRO A 2234 -54.68 -22.93 -32.14
N PRO A 2235 -55.07 -22.55 -33.35
CA PRO A 2235 -54.81 -23.41 -34.50
C PRO A 2235 -53.32 -23.61 -34.73
N VAL A 2236 -52.97 -24.77 -35.29
CA VAL A 2236 -51.58 -25.09 -35.54
C VAL A 2236 -51.04 -24.12 -36.58
N GLY A 2237 -50.06 -23.32 -36.19
CA GLY A 2237 -49.42 -22.37 -37.09
C GLY A 2237 -48.07 -22.83 -37.59
N GLY A 2238 -47.60 -23.96 -37.08
CA GLY A 2238 -46.32 -24.48 -37.51
C GLY A 2238 -46.09 -25.88 -36.97
N ILE A 2239 -45.20 -26.60 -37.64
CA ILE A 2239 -44.85 -27.96 -37.27
C ILE A 2239 -43.34 -28.10 -37.32
N ALA A 2240 -42.78 -28.76 -36.31
CA ALA A 2240 -41.37 -29.13 -36.27
C ALA A 2240 -41.31 -30.65 -36.29
N PHE A 2241 -41.29 -31.22 -37.49
CA PHE A 2241 -41.40 -32.66 -37.69
C PHE A 2241 -40.04 -33.30 -37.54
N GLY A 2242 -39.81 -33.99 -36.41
CA GLY A 2242 -38.56 -34.66 -36.19
C GLY A 2242 -38.67 -36.03 -35.52
N PRO A 2243 -39.72 -36.79 -35.79
CA PRO A 2243 -39.76 -38.17 -35.29
C PRO A 2243 -38.63 -38.99 -35.89
N LEU A 2244 -38.07 -39.88 -35.08
CA LEU A 2244 -36.87 -40.59 -35.47
C LEU A 2244 -36.91 -42.03 -34.99
N VAL A 2245 -36.58 -42.95 -35.89
CA VAL A 2245 -36.28 -44.34 -35.54
C VAL A 2245 -35.08 -44.75 -36.38
N LEU A 2246 -34.08 -45.36 -35.73
CA LEU A 2246 -32.81 -45.65 -36.36
C LEU A 2246 -32.57 -47.15 -36.41
N GLN A 2247 -32.03 -47.62 -37.54
CA GLN A 2247 -31.63 -49.01 -37.71
C GLN A 2247 -30.32 -48.99 -38.52
N ASP A 2248 -29.20 -48.99 -37.81
CA ASP A 2248 -27.88 -48.94 -38.43
C ASP A 2248 -27.57 -50.31 -39.02
N VAL A 2249 -27.95 -50.50 -40.28
CA VAL A 2249 -27.78 -51.78 -40.95
C VAL A 2249 -27.60 -51.53 -42.44
N MET A 2250 -26.85 -52.42 -43.08
CA MET A 2250 -26.64 -52.34 -44.52
C MET A 2250 -27.85 -52.87 -45.28
N LEU A 2251 -28.11 -52.28 -46.45
CA LEU A 2251 -29.26 -52.68 -47.24
C LEU A 2251 -29.22 -54.17 -47.56
N ASN A 2252 -28.04 -54.67 -47.94
CA ASN A 2252 -27.92 -56.10 -48.20
C ASN A 2252 -28.29 -56.91 -46.97
N ASN A 2253 -27.91 -56.42 -45.78
CA ASN A 2253 -28.26 -57.05 -44.52
C ASN A 2253 -29.52 -56.47 -43.90
N MET A 2254 -30.07 -55.39 -44.47
CA MET A 2254 -31.28 -54.78 -43.94
C MET A 2254 -32.50 -55.61 -44.31
N GLU A 2255 -33.59 -55.38 -43.59
CA GLU A 2255 -34.86 -56.05 -43.84
C GLU A 2255 -35.95 -55.01 -44.04
N LEU A 2256 -36.92 -55.36 -44.89
CA LEU A 2256 -38.02 -54.44 -45.18
C LEU A 2256 -38.73 -53.95 -43.92
N PRO A 2257 -38.97 -54.78 -42.91
CA PRO A 2257 -39.55 -54.25 -41.67
C PRO A 2257 -38.75 -53.08 -41.09
N MET A 2258 -37.42 -53.14 -41.17
CA MET A 2258 -36.61 -52.00 -40.73
C MET A 2258 -36.87 -50.77 -41.61
N MET A 2259 -36.97 -50.99 -42.92
CA MET A 2259 -37.26 -49.88 -43.82
C MET A 2259 -38.56 -49.19 -43.43
N GLU A 2260 -39.62 -49.98 -43.21
CA GLU A 2260 -40.89 -49.40 -42.79
C GLU A 2260 -40.76 -48.73 -41.42
N MET A 2261 -40.04 -49.37 -40.50
CA MET A 2261 -39.91 -48.83 -39.16
C MET A 2261 -39.29 -47.43 -39.18
N VAL A 2262 -38.30 -47.23 -40.03
CA VAL A 2262 -37.65 -45.93 -40.10
C VAL A 2262 -38.39 -44.95 -41.00
N LEU A 2263 -39.09 -45.43 -42.03
CA LEU A 2263 -39.77 -44.54 -42.96
C LEU A 2263 -41.08 -44.03 -42.39
N ASN A 2264 -41.98 -44.95 -42.02
CA ASN A 2264 -43.33 -44.55 -41.64
C ASN A 2264 -43.34 -43.43 -40.62
N PRO A 2265 -42.56 -43.48 -39.53
CA PRO A 2265 -42.53 -42.31 -38.64
C PRO A 2265 -42.15 -41.04 -39.36
N LYS A 2266 -41.21 -41.12 -40.30
CA LYS A 2266 -40.86 -39.96 -41.11
C LYS A 2266 -41.80 -39.80 -42.29
N VAL A 2267 -41.80 -40.80 -43.19
CA VAL A 2267 -42.52 -40.67 -44.46
C VAL A 2267 -44.01 -40.55 -44.21
N GLU A 2268 -44.61 -41.55 -43.56
CA GLU A 2268 -46.05 -41.53 -43.34
C GLU A 2268 -46.44 -40.38 -42.44
N GLY A 2269 -45.58 -40.01 -41.49
CA GLY A 2269 -45.89 -38.88 -40.63
C GLY A 2269 -46.00 -37.58 -41.42
N VAL A 2270 -45.02 -37.31 -42.28
CA VAL A 2270 -45.08 -36.10 -43.09
C VAL A 2270 -46.26 -36.16 -44.05
N ARG A 2271 -46.55 -37.35 -44.58
CA ARG A 2271 -47.69 -37.49 -45.49
C ARG A 2271 -48.99 -37.12 -44.78
N ILE A 2272 -49.19 -37.68 -43.59
CA ILE A 2272 -50.41 -37.42 -42.84
C ILE A 2272 -50.52 -35.95 -42.49
N LEU A 2273 -49.43 -35.37 -41.99
CA LEU A 2273 -49.48 -33.97 -41.56
C LEU A 2273 -49.65 -33.03 -42.74
N HIS A 2274 -49.02 -33.32 -43.87
CA HIS A 2274 -49.22 -32.51 -45.07
C HIS A 2274 -50.67 -32.59 -45.53
N GLU A 2275 -51.23 -33.80 -45.57
CA GLU A 2275 -52.64 -33.94 -45.95
C GLU A 2275 -53.53 -33.15 -44.99
N LYS A 2276 -53.17 -33.13 -43.70
CA LYS A 2276 -53.94 -32.35 -42.74
C LYS A 2276 -53.73 -30.85 -42.89
N PHE A 2277 -52.62 -30.44 -43.48
CA PHE A 2277 -52.30 -29.02 -43.63
C PHE A 2277 -51.85 -28.70 -45.04
N SER A 2278 -52.47 -29.35 -46.03
CA SER A 2278 -52.16 -29.11 -47.45
C SER A 2278 -53.04 -28.02 -48.06
N ASP A 2279 -53.86 -27.35 -47.27
CA ASP A 2279 -54.77 -26.34 -47.81
C ASP A 2279 -54.14 -24.97 -47.65
N PRO A 2280 -53.71 -24.31 -48.74
CA PRO A 2280 -53.20 -22.94 -48.61
C PRO A 2280 -54.29 -21.91 -48.38
N THR A 2281 -55.53 -22.22 -48.71
CA THR A 2281 -56.64 -21.30 -48.53
C THR A 2281 -57.24 -21.38 -47.13
N SER A 2282 -56.72 -22.26 -46.28
CA SER A 2282 -57.24 -22.38 -44.92
C SER A 2282 -57.01 -21.08 -44.15
N SER A 2283 -57.85 -20.86 -43.15
CA SER A 2283 -57.74 -19.65 -42.34
C SER A 2283 -56.43 -19.61 -41.55
N ASN A 2284 -55.83 -20.77 -41.28
CA ASN A 2284 -54.64 -20.87 -40.42
C ASN A 2284 -53.59 -21.73 -41.13
N PRO A 2285 -53.01 -21.21 -42.21
CA PRO A 2285 -51.89 -21.93 -42.83
C PRO A 2285 -50.67 -21.95 -41.93
N LEU A 2286 -49.89 -23.01 -42.04
CA LEU A 2286 -48.70 -23.15 -41.22
C LEU A 2286 -47.68 -22.07 -41.59
N ASP A 2287 -47.19 -21.36 -40.57
CA ASP A 2287 -46.09 -20.43 -40.80
C ASP A 2287 -44.85 -21.17 -41.27
N PHE A 2288 -44.68 -22.42 -40.82
CA PHE A 2288 -43.53 -23.22 -41.21
C PHE A 2288 -43.88 -24.69 -41.07
N PHE A 2289 -43.26 -25.52 -41.90
CA PHE A 2289 -43.30 -26.98 -41.77
C PHE A 2289 -41.85 -27.44 -41.86
N VAL A 2290 -41.17 -27.45 -40.73
CA VAL A 2290 -39.76 -27.80 -40.67
C VAL A 2290 -39.66 -29.31 -40.42
N MET A 2291 -39.04 -30.01 -41.35
CA MET A 2291 -38.83 -31.45 -41.25
C MET A 2291 -37.36 -31.69 -40.94
N PHE A 2292 -37.08 -32.30 -39.79
CA PHE A 2292 -35.72 -32.47 -39.28
C PHE A 2292 -35.03 -33.58 -40.07
N SER A 2293 -34.32 -33.19 -41.11
CA SER A 2293 -33.51 -34.12 -41.87
C SER A 2293 -32.12 -34.22 -41.26
N SER A 2294 -31.43 -35.31 -41.59
CA SER A 2294 -30.05 -35.50 -41.17
C SER A 2294 -29.12 -35.19 -42.34
N ILE A 2295 -27.91 -34.74 -42.01
CA ILE A 2295 -26.96 -34.38 -43.05
C ILE A 2295 -26.63 -35.58 -43.92
N VAL A 2296 -26.87 -36.80 -43.41
CA VAL A 2296 -26.74 -37.99 -44.24
C VAL A 2296 -27.73 -37.94 -45.39
N ALA A 2297 -28.84 -37.21 -45.23
CA ALA A 2297 -29.77 -37.05 -46.34
C ALA A 2297 -29.13 -36.29 -47.49
N VAL A 2298 -28.13 -35.47 -47.20
CA VAL A 2298 -27.48 -34.68 -48.23
C VAL A 2298 -26.24 -35.37 -48.78
N MET A 2299 -25.62 -36.27 -48.02
CA MET A 2299 -24.41 -36.94 -48.43
C MET A 2299 -24.46 -38.46 -48.27
N GLY A 2300 -25.45 -38.99 -47.57
CA GLY A 2300 -25.48 -40.41 -47.27
C GLY A 2300 -24.60 -40.77 -46.09
N ASN A 2301 -24.71 -42.02 -45.68
CA ASN A 2301 -23.90 -42.53 -44.58
C ASN A 2301 -23.99 -44.05 -44.56
N PRO A 2302 -22.87 -44.77 -44.45
CA PRO A 2302 -22.95 -46.23 -44.42
C PRO A 2302 -23.85 -46.72 -43.30
N GLY A 2303 -24.70 -47.70 -43.62
CA GLY A 2303 -25.60 -48.28 -42.67
C GLY A 2303 -26.84 -47.47 -42.38
N GLN A 2304 -27.06 -46.36 -43.09
CA GLN A 2304 -28.20 -45.49 -42.81
C GLN A 2304 -28.90 -45.06 -44.10
N ALA A 2305 -28.92 -45.92 -45.11
CA ALA A 2305 -29.68 -45.61 -46.31
C ALA A 2305 -31.17 -45.51 -46.01
N ASN A 2306 -31.64 -46.31 -45.05
CA ASN A 2306 -33.00 -46.19 -44.56
C ASN A 2306 -33.26 -44.77 -44.05
N TYR A 2307 -32.39 -44.30 -43.15
CA TYR A 2307 -32.53 -42.97 -42.58
C TYR A 2307 -32.44 -41.89 -43.63
N SER A 2308 -31.46 -42.02 -44.54
CA SER A 2308 -31.27 -41.00 -45.58
C SER A 2308 -32.48 -40.93 -46.51
N ALA A 2309 -33.04 -42.10 -46.85
CA ALA A 2309 -34.22 -42.12 -47.72
C ALA A 2309 -35.40 -41.46 -47.02
N ALA A 2310 -35.59 -41.74 -45.72
CA ALA A 2310 -36.67 -41.08 -45.00
C ALA A 2310 -36.48 -39.57 -45.00
N ASN A 2311 -35.26 -39.12 -44.71
CA ASN A 2311 -35.00 -37.69 -44.67
C ASN A 2311 -35.16 -37.05 -46.04
N CYS A 2312 -34.84 -37.77 -47.11
CA CYS A 2312 -35.02 -37.23 -48.45
C CYS A 2312 -36.49 -37.18 -48.84
N TYR A 2313 -37.31 -38.12 -48.35
CA TYR A 2313 -38.75 -37.95 -48.48
C TYR A 2313 -39.20 -36.69 -47.78
N LEU A 2314 -38.66 -36.43 -46.60
CA LEU A 2314 -38.97 -35.18 -45.90
C LEU A 2314 -38.58 -33.97 -46.74
N GLN A 2315 -37.38 -34.00 -47.32
CA GLN A 2315 -36.92 -32.88 -48.13
C GLN A 2315 -37.83 -32.64 -49.32
N ALA A 2316 -38.19 -33.71 -50.02
CA ALA A 2316 -39.03 -33.57 -51.20
C ALA A 2316 -40.44 -33.13 -50.84
N LEU A 2317 -40.96 -33.61 -49.71
CA LEU A 2317 -42.27 -33.14 -49.27
C LEU A 2317 -42.23 -31.66 -48.95
N ALA A 2318 -41.16 -31.20 -48.30
CA ALA A 2318 -41.02 -29.77 -48.03
C ALA A 2318 -40.96 -28.99 -49.32
N GLN A 2319 -40.19 -29.47 -50.29
CA GLN A 2319 -40.01 -28.75 -51.54
C GLN A 2319 -41.31 -28.68 -52.33
N GLN A 2320 -42.02 -29.80 -52.44
CA GLN A 2320 -43.29 -29.82 -53.16
C GLN A 2320 -44.39 -29.09 -52.40
N ARG A 2321 -44.26 -28.97 -51.07
CA ARG A 2321 -45.20 -28.21 -50.28
C ARG A 2321 -45.01 -26.72 -50.47
N VAL A 2322 -43.75 -26.28 -50.57
CA VAL A 2322 -43.48 -24.90 -50.95
C VAL A 2322 -43.95 -24.64 -52.37
N ALA A 2323 -43.69 -25.56 -53.28
CA ALA A 2323 -44.19 -25.44 -54.64
C ALA A 2323 -45.71 -25.40 -54.69
N SER A 2324 -46.37 -25.91 -53.66
CA SER A 2324 -47.83 -25.88 -53.56
C SER A 2324 -48.36 -24.62 -52.90
N GLY A 2325 -47.49 -23.68 -52.54
CA GLY A 2325 -47.91 -22.46 -51.88
C GLY A 2325 -48.02 -22.57 -50.37
N LEU A 2326 -47.34 -23.54 -49.76
CA LEU A 2326 -47.42 -23.79 -48.33
C LEU A 2326 -46.04 -23.67 -47.71
N ALA A 2327 -45.96 -23.04 -46.54
CA ALA A 2327 -44.69 -22.89 -45.86
C ALA A 2327 -44.11 -24.26 -45.51
N ALA A 2328 -42.82 -24.44 -45.77
CA ALA A 2328 -42.13 -25.68 -45.45
C ALA A 2328 -40.64 -25.47 -45.63
N SER A 2329 -39.86 -26.37 -45.05
CA SER A 2329 -38.41 -26.32 -45.15
C SER A 2329 -37.87 -27.57 -44.45
N THR A 2330 -36.59 -27.83 -44.68
CA THR A 2330 -35.89 -28.93 -44.03
C THR A 2330 -34.55 -28.44 -43.53
N ILE A 2331 -34.09 -29.07 -42.45
CA ILE A 2331 -32.79 -28.78 -41.85
C ILE A 2331 -32.00 -30.08 -41.86
N ASP A 2332 -30.92 -30.13 -42.63
CA ASP A 2332 -30.08 -31.32 -42.71
C ASP A 2332 -29.07 -31.25 -41.58
N ILE A 2333 -29.50 -31.71 -40.42
CA ILE A 2333 -28.73 -31.55 -39.19
C ILE A 2333 -27.57 -32.55 -39.16
N GLY A 2334 -26.46 -32.11 -38.59
CA GLY A 2334 -25.34 -33.00 -38.34
C GLY A 2334 -25.54 -33.76 -37.06
N ALA A 2335 -24.46 -33.99 -36.31
CA ALA A 2335 -24.51 -34.72 -35.05
C ALA A 2335 -24.81 -33.71 -33.93
N VAL A 2336 -25.99 -33.82 -33.34
CA VAL A 2336 -26.38 -32.94 -32.24
C VAL A 2336 -25.86 -33.56 -30.95
N TYR A 2337 -24.79 -32.97 -30.40
CA TYR A 2337 -24.15 -33.51 -29.21
C TYR A 2337 -24.86 -33.09 -27.92
N GLY A 2338 -25.26 -31.82 -27.82
CA GLY A 2338 -25.88 -31.35 -26.61
C GLY A 2338 -27.17 -32.08 -26.26
N VAL A 2339 -27.94 -32.44 -27.29
CA VAL A 2339 -29.24 -33.07 -27.09
C VAL A 2339 -29.52 -33.99 -28.27
N GLY A 2340 -30.51 -34.86 -28.10
CA GLY A 2340 -30.93 -35.78 -29.13
C GLY A 2340 -30.52 -37.21 -28.81
N PHE A 2341 -30.79 -38.10 -29.78
CA PHE A 2341 -30.45 -39.50 -29.58
C PHE A 2341 -28.96 -39.70 -29.38
N VAL A 2342 -28.14 -38.83 -30.00
CA VAL A 2342 -26.69 -38.93 -29.82
C VAL A 2342 -26.32 -38.78 -28.35
N THR A 2343 -27.11 -38.00 -27.60
CA THR A 2343 -26.79 -37.74 -26.19
C THR A 2343 -27.39 -38.79 -25.27
N ARG A 2344 -28.68 -39.07 -25.38
CA ARG A 2344 -29.30 -40.07 -24.53
C ARG A 2344 -28.70 -41.45 -24.76
N ALA A 2345 -28.34 -41.76 -26.01
CA ALA A 2345 -27.66 -43.01 -26.32
C ALA A 2345 -26.17 -42.94 -26.07
N GLU A 2346 -25.65 -41.78 -25.67
CA GLU A 2346 -24.23 -41.62 -25.36
C GLU A 2346 -23.35 -42.01 -26.54
N LEU A 2347 -23.68 -41.45 -27.71
CA LEU A 2347 -22.92 -41.67 -28.93
C LEU A 2347 -21.97 -40.52 -29.23
N GLU A 2348 -21.71 -39.65 -28.23
CA GLU A 2348 -20.86 -38.49 -28.48
C GLU A 2348 -19.47 -38.90 -28.93
N GLU A 2349 -18.89 -39.90 -28.27
CA GLU A 2349 -17.55 -40.36 -28.65
C GLU A 2349 -17.56 -40.95 -30.06
N ASP A 2350 -18.60 -41.72 -30.38
CA ASP A 2350 -18.66 -42.35 -31.70
C ASP A 2350 -18.71 -41.31 -32.81
N PHE A 2351 -19.52 -40.26 -32.63
CA PHE A 2351 -19.59 -39.21 -33.64
C PHE A 2351 -18.34 -38.35 -33.66
N ASN A 2352 -17.72 -38.12 -32.50
CA ASN A 2352 -16.46 -37.40 -32.46
C ASN A 2352 -15.39 -38.15 -33.24
N ALA A 2353 -15.39 -39.48 -33.15
CA ALA A 2353 -14.45 -40.28 -33.94
C ALA A 2353 -14.63 -40.06 -35.43
N ILE A 2354 -15.81 -39.62 -35.86
CA ILE A 2354 -16.07 -39.34 -37.27
C ILE A 2354 -16.46 -37.87 -37.42
N ARG A 2355 -15.91 -37.01 -36.57
CA ARG A 2355 -16.27 -35.60 -36.61
C ARG A 2355 -15.97 -35.00 -37.97
N PHE A 2356 -14.77 -35.29 -38.50
CA PHE A 2356 -14.39 -34.79 -39.81
C PHE A 2356 -15.45 -35.10 -40.87
N MET A 2357 -16.29 -36.10 -40.64
CA MET A 2357 -17.39 -36.41 -41.55
C MET A 2357 -18.65 -35.59 -41.21
N PHE A 2358 -19.02 -35.54 -39.94
CA PHE A 2358 -20.22 -34.86 -39.49
C PHE A 2358 -19.85 -33.87 -38.39
N ASP A 2359 -20.07 -32.59 -38.65
CA ASP A 2359 -19.77 -31.56 -37.67
C ASP A 2359 -20.80 -31.55 -36.56
N SER A 2360 -20.40 -31.02 -35.41
CA SER A 2360 -21.28 -30.96 -34.25
C SER A 2360 -22.22 -29.77 -34.38
N VAL A 2361 -23.50 -30.02 -34.11
CA VAL A 2361 -24.52 -28.97 -34.07
C VAL A 2361 -24.96 -28.85 -32.62
N GLU A 2362 -24.75 -27.66 -32.04
CA GLU A 2362 -25.10 -27.46 -30.65
C GLU A 2362 -26.61 -27.38 -30.48
N GLU A 2363 -27.05 -27.55 -29.24
CA GLU A 2363 -28.47 -27.36 -28.92
C GLU A 2363 -28.95 -26.00 -29.40
N HIS A 2364 -28.22 -24.95 -29.04
CA HIS A 2364 -28.61 -23.61 -29.44
C HIS A 2364 -28.27 -23.32 -30.90
N GLU A 2365 -27.21 -23.93 -31.42
CA GLU A 2365 -26.97 -23.86 -32.86
C GLU A 2365 -28.05 -24.60 -33.63
N LEU A 2366 -28.56 -25.70 -33.06
CA LEU A 2366 -29.71 -26.36 -33.67
C LEU A 2366 -30.93 -25.46 -33.63
N HIS A 2367 -31.12 -24.73 -32.52
CA HIS A 2367 -32.20 -23.77 -32.45
C HIS A 2367 -32.05 -22.70 -33.54
N THR A 2368 -30.83 -22.23 -33.74
CA THR A 2368 -30.57 -21.24 -34.79
C THR A 2368 -30.88 -21.82 -36.17
N LEU A 2369 -30.49 -23.07 -36.40
CA LEU A 2369 -30.77 -23.71 -37.69
C LEU A 2369 -32.26 -23.84 -37.93
N PHE A 2370 -33.01 -24.26 -36.90
CA PHE A 2370 -34.45 -24.35 -37.03
C PHE A 2370 -35.08 -22.98 -37.26
N ALA A 2371 -34.55 -21.97 -36.57
CA ALA A 2371 -35.06 -20.61 -36.75
C ALA A 2371 -34.85 -20.15 -38.18
N GLU A 2372 -33.67 -20.39 -38.72
CA GLU A 2372 -33.39 -19.99 -40.10
C GLU A 2372 -34.23 -20.78 -41.08
N ALA A 2373 -34.54 -22.05 -40.76
CA ALA A 2373 -35.43 -22.82 -41.63
C ALA A 2373 -36.84 -22.24 -41.62
N VAL A 2374 -37.32 -21.85 -40.44
CA VAL A 2374 -38.63 -21.20 -40.36
C VAL A 2374 -38.63 -19.91 -41.17
N VAL A 2375 -37.56 -19.12 -41.02
CA VAL A 2375 -37.45 -17.87 -41.75
C VAL A 2375 -37.42 -18.15 -43.25
N ALA A 2376 -36.72 -19.21 -43.66
CA ALA A 2376 -36.65 -19.56 -45.07
C ALA A 2376 -38.03 -19.96 -45.59
N GLY A 2377 -38.79 -20.70 -44.80
CA GLY A 2377 -40.14 -21.06 -45.22
C GLY A 2377 -41.03 -19.85 -45.39
N ARG A 2378 -40.99 -18.95 -44.40
CA ARG A 2378 -41.80 -17.73 -44.50
C ARG A 2378 -41.36 -16.87 -45.68
N ARG A 2379 -40.05 -16.75 -45.88
CA ARG A 2379 -39.55 -15.97 -47.01
C ARG A 2379 -39.94 -16.60 -48.33
N ALA A 2380 -39.92 -17.93 -48.42
CA ALA A 2380 -40.36 -18.60 -49.64
C ALA A 2380 -41.83 -18.34 -49.90
N VAL A 2381 -42.65 -18.38 -48.85
CA VAL A 2381 -44.08 -18.08 -49.02
C VAL A 2381 -44.26 -16.65 -49.51
N HIS A 2382 -43.55 -15.71 -48.90
CA HIS A 2382 -43.71 -14.31 -49.29
C HIS A 2382 -43.21 -14.08 -50.71
N GLN A 2383 -42.10 -14.70 -51.10
CA GLN A 2383 -41.63 -14.60 -52.47
C GLN A 2383 -42.61 -15.26 -53.43
N GLN A 2384 -43.33 -16.28 -52.97
CA GLN A 2384 -44.42 -16.83 -53.77
C GLN A 2384 -45.52 -15.80 -53.95
N GLU A 2385 -45.82 -15.02 -52.89
CA GLU A 2385 -46.67 -13.86 -53.07
C GLU A 2385 -46.06 -12.89 -54.08
N GLN A 2386 -44.73 -12.90 -54.21
CA GLN A 2386 -44.02 -12.21 -55.27
C GLN A 2386 -43.76 -13.10 -56.47
N GLN A 2387 -44.66 -14.05 -56.74
CA GLN A 2387 -44.59 -14.97 -57.87
C GLN A 2387 -43.20 -15.58 -58.04
N ARG A 2388 -42.77 -16.30 -57.01
CA ARG A 2388 -41.68 -17.26 -57.14
C ARG A 2388 -42.28 -18.66 -57.21
N LYS A 2389 -41.97 -19.37 -58.29
CA LYS A 2389 -42.65 -20.62 -58.59
C LYS A 2389 -42.08 -21.81 -57.83
N PHE A 2390 -40.77 -21.86 -57.64
CA PHE A 2390 -40.12 -23.02 -57.02
C PHE A 2390 -40.47 -24.29 -57.80
N ALA A 2391 -40.54 -24.16 -59.13
CA ALA A 2391 -40.99 -25.26 -59.96
C ALA A 2391 -40.00 -26.43 -59.95
N THR A 2392 -38.71 -26.14 -59.93
CA THR A 2392 -37.67 -27.16 -60.03
C THR A 2392 -36.85 -27.18 -58.74
N VAL A 2393 -35.93 -28.14 -58.68
CA VAL A 2393 -35.07 -28.27 -57.51
C VAL A 2393 -34.05 -27.13 -57.43
N LEU A 2394 -33.73 -26.53 -58.57
CA LEU A 2394 -32.76 -25.44 -58.59
C LEU A 2394 -33.24 -24.23 -57.81
N ASP A 2395 -34.54 -24.08 -57.63
CA ASP A 2395 -35.11 -22.88 -57.03
C ASP A 2395 -35.39 -23.02 -55.54
N MET A 2396 -35.08 -24.16 -54.94
CA MET A 2396 -35.43 -24.44 -53.55
C MET A 2396 -34.20 -24.84 -52.74
N ALA A 2397 -33.05 -24.25 -53.05
CA ALA A 2397 -31.87 -24.47 -52.23
C ALA A 2397 -32.03 -23.81 -50.87
N ASP A 2398 -32.66 -22.64 -50.82
CA ASP A 2398 -32.85 -21.94 -49.56
C ASP A 2398 -33.71 -22.73 -48.60
N LEU A 2399 -34.67 -23.52 -49.11
CA LEU A 2399 -35.53 -24.30 -48.22
C LEU A 2399 -34.72 -25.30 -47.42
N GLU A 2400 -33.82 -26.03 -48.08
CA GLU A 2400 -33.02 -27.05 -47.40
C GLU A 2400 -31.79 -26.39 -46.83
N LEU A 2401 -31.76 -26.24 -45.51
CA LEU A 2401 -30.60 -25.70 -44.82
C LEU A 2401 -29.65 -26.85 -44.52
N THR A 2402 -28.65 -27.01 -45.39
CA THR A 2402 -27.63 -28.03 -45.17
C THR A 2402 -26.75 -27.63 -44.00
N THR A 2403 -26.53 -28.57 -43.09
CA THR A 2403 -25.82 -28.26 -41.85
C THR A 2403 -25.08 -29.51 -41.38
N GLY A 2404 -24.05 -29.28 -40.56
CA GLY A 2404 -23.33 -30.36 -39.94
C GLY A 2404 -22.14 -30.89 -40.71
N ILE A 2405 -21.76 -30.24 -41.80
CA ILE A 2405 -20.58 -30.65 -42.57
C ILE A 2405 -19.42 -29.77 -42.13
N PRO A 2406 -18.36 -30.35 -41.55
CA PRO A 2406 -17.24 -29.54 -41.09
C PRO A 2406 -16.35 -29.14 -42.26
N PRO A 2407 -15.46 -28.17 -42.07
CA PRO A 2407 -14.45 -27.90 -43.10
C PRO A 2407 -13.67 -29.18 -43.41
N LEU A 2408 -13.81 -29.67 -44.64
CA LEU A 2408 -13.28 -30.99 -45.00
C LEU A 2408 -11.77 -30.88 -45.20
N ASP A 2409 -11.02 -31.44 -44.28
CA ASP A 2409 -9.56 -31.41 -44.36
C ASP A 2409 -9.08 -32.45 -45.36
N PRO A 2410 -8.33 -32.05 -46.40
CA PRO A 2410 -7.78 -33.07 -47.31
C PRO A 2410 -6.89 -34.08 -46.60
N ALA A 2411 -6.22 -33.68 -45.52
CA ALA A 2411 -5.40 -34.62 -44.77
C ALA A 2411 -6.23 -35.80 -44.26
N LEU A 2412 -7.52 -35.58 -44.00
CA LEU A 2412 -8.43 -36.64 -43.57
C LEU A 2412 -9.25 -37.18 -44.73
N LYS A 2413 -8.82 -36.94 -45.97
CA LYS A 2413 -9.55 -37.44 -47.13
C LYS A 2413 -9.76 -38.95 -47.06
N ASP A 2414 -8.78 -39.68 -46.52
CA ASP A 2414 -8.92 -41.12 -46.42
C ASP A 2414 -10.06 -41.51 -45.47
N ARG A 2415 -10.10 -40.88 -44.29
CA ARG A 2415 -11.14 -41.22 -43.33
C ARG A 2415 -12.51 -40.77 -43.81
N ILE A 2416 -12.58 -39.59 -44.41
CA ILE A 2416 -13.86 -39.04 -44.89
C ILE A 2416 -14.33 -39.92 -46.04
N THR A 2417 -15.41 -40.66 -45.83
CA THR A 2417 -15.92 -41.59 -46.83
C THR A 2417 -16.60 -40.88 -48.00
N PHE A 2418 -16.85 -39.57 -47.89
CA PHE A 2418 -17.52 -38.82 -48.95
C PHE A 2418 -16.66 -37.70 -49.51
N PHE A 2419 -15.37 -37.66 -49.17
CA PHE A 2419 -14.52 -36.59 -49.67
C PHE A 2419 -14.48 -36.57 -51.20
N ASP A 2420 -14.58 -37.74 -51.82
CA ASP A 2420 -14.59 -37.84 -53.28
C ASP A 2420 -15.87 -37.32 -53.90
N ASP A 2421 -16.90 -37.07 -53.09
CA ASP A 2421 -18.16 -36.57 -53.63
C ASP A 2421 -18.00 -35.10 -54.01
N PRO A 2422 -18.23 -34.72 -55.26
CA PRO A 2422 -18.11 -33.30 -55.63
C PRO A 2422 -19.16 -32.41 -55.01
N ARG A 2423 -20.25 -32.99 -54.49
CA ARG A 2423 -21.32 -32.18 -53.91
C ARG A 2423 -20.78 -31.28 -52.81
N ILE A 2424 -19.73 -31.71 -52.12
CA ILE A 2424 -19.19 -31.01 -50.97
C ILE A 2424 -17.95 -30.23 -51.36
N GLY A 2425 -17.77 -30.00 -52.67
CA GLY A 2425 -16.49 -29.51 -53.16
C GLY A 2425 -16.08 -28.21 -52.51
N ASN A 2426 -17.03 -27.28 -52.34
CA ASN A 2426 -16.70 -25.97 -51.81
C ASN A 2426 -16.34 -25.99 -50.33
N LEU A 2427 -16.53 -27.12 -49.65
CA LEU A 2427 -16.34 -27.22 -48.21
C LEU A 2427 -15.00 -27.83 -47.84
N LYS A 2428 -14.02 -27.82 -48.74
CA LYS A 2428 -12.74 -28.46 -48.52
C LYS A 2428 -11.68 -27.45 -48.14
N ILE A 2429 -10.79 -27.86 -47.24
CA ILE A 2429 -9.73 -27.01 -46.70
C ILE A 2429 -8.55 -26.97 -47.66
N PRO A 2430 -7.75 -25.90 -47.66
CA PRO A 2430 -6.47 -25.94 -48.40
C PRO A 2430 -5.69 -27.24 -48.16
N GLU A 2431 -4.90 -27.64 -49.15
CA GLU A 2431 -4.16 -28.89 -49.10
C GLU A 2431 -2.66 -28.71 -48.92
N TYR A 2432 -2.10 -27.60 -49.36
CA TYR A 2432 -0.66 -27.35 -49.25
C TYR A 2432 -0.39 -26.08 -48.47
N ALA B 2 71.06 -1.82 0.17
CA ALA B 2 69.99 -2.31 -0.73
C ALA B 2 68.61 -2.04 -0.14
N GLN B 3 67.58 -2.11 -0.99
CA GLN B 3 66.22 -1.85 -0.56
C GLN B 3 65.60 -3.03 0.17
N SER B 4 66.23 -4.21 0.13
CA SER B 4 65.71 -5.40 0.78
C SER B 4 66.30 -5.62 2.17
N MET B 5 67.11 -4.68 2.66
CA MET B 5 67.78 -4.81 3.95
C MET B 5 66.98 -4.18 5.09
N TYR B 6 65.74 -3.77 4.84
CA TYR B 6 64.96 -3.11 5.86
C TYR B 6 64.60 -4.09 6.98
N PRO B 7 64.28 -3.58 8.18
CA PRO B 7 64.03 -4.48 9.32
C PRO B 7 62.99 -5.54 9.00
N ASN B 8 61.80 -5.11 8.60
CA ASN B 8 60.78 -6.02 8.10
C ASN B 8 60.89 -6.10 6.59
N GLU B 9 60.78 -7.31 6.06
CA GLU B 9 60.99 -7.51 4.63
C GLU B 9 60.03 -6.62 3.85
N PRO B 10 60.52 -5.79 2.92
CA PRO B 10 59.63 -4.87 2.22
C PRO B 10 58.72 -5.58 1.24
N ILE B 11 57.41 -5.54 1.52
CA ILE B 11 56.47 -6.09 0.56
C ILE B 11 56.55 -5.28 -0.72
N VAL B 12 56.04 -5.85 -1.81
CA VAL B 12 56.17 -5.22 -3.12
C VAL B 12 54.86 -5.34 -3.88
N VAL B 13 54.39 -4.22 -4.43
CA VAL B 13 53.27 -4.22 -5.36
C VAL B 13 53.83 -4.57 -6.74
N VAL B 14 53.48 -5.76 -7.23
CA VAL B 14 53.95 -6.21 -8.53
C VAL B 14 52.94 -5.94 -9.63
N GLY B 15 51.66 -5.79 -9.29
CA GLY B 15 50.63 -5.54 -10.28
C GLY B 15 49.37 -5.05 -9.62
N SER B 16 48.50 -4.45 -10.43
CA SER B 16 47.27 -3.89 -9.91
C SER B 16 46.18 -3.95 -10.97
N GLY B 17 44.96 -4.03 -10.49
CA GLY B 17 43.79 -3.96 -11.36
C GLY B 17 42.78 -2.99 -10.77
N CYS B 18 42.32 -2.06 -11.61
CA CYS B 18 41.56 -0.92 -11.12
C CYS B 18 40.28 -0.76 -11.91
N ARG B 19 39.18 -0.54 -11.20
CA ARG B 19 37.93 -0.05 -11.75
C ARG B 19 37.62 1.21 -10.96
N PHE B 20 38.09 2.35 -11.48
CA PHE B 20 37.99 3.62 -10.80
C PHE B 20 37.17 4.59 -11.64
N PRO B 21 36.54 5.58 -11.01
CA PRO B 21 35.64 6.47 -11.75
C PRO B 21 36.41 7.32 -12.75
N GLY B 22 35.73 7.68 -13.83
CA GLY B 22 36.36 8.39 -14.91
C GLY B 22 36.91 7.49 -15.99
N ASP B 23 36.30 6.34 -16.23
CA ASP B 23 36.73 5.37 -17.22
C ASP B 23 38.07 4.74 -16.89
N ALA B 24 38.49 4.82 -15.62
CA ALA B 24 39.77 4.26 -15.18
C ALA B 24 39.59 2.77 -14.87
N ASN B 25 39.47 1.99 -15.94
CA ASN B 25 39.31 0.55 -15.84
C ASN B 25 40.63 -0.20 -15.91
N THR B 26 41.75 0.48 -15.63
CA THR B 26 43.06 -0.13 -15.65
C THR B 26 44.03 0.79 -14.93
N PRO B 27 45.12 0.24 -14.36
CA PRO B 27 46.05 1.11 -13.62
C PRO B 27 46.60 2.25 -14.44
N SER B 28 46.87 2.04 -15.72
CA SER B 28 47.42 3.11 -16.55
C SER B 28 46.43 4.27 -16.67
N LYS B 29 45.16 3.95 -16.92
CA LYS B 29 44.15 5.00 -16.98
C LYS B 29 43.99 5.70 -15.64
N LEU B 30 44.06 4.94 -14.55
CA LEU B 30 43.96 5.54 -13.23
C LEU B 30 45.11 6.52 -12.99
N TRP B 31 46.32 6.13 -13.38
CA TRP B 31 47.46 7.04 -13.22
C TRP B 31 47.31 8.28 -14.08
N GLU B 32 46.85 8.10 -15.32
CA GLU B 32 46.64 9.25 -16.19
C GLU B 32 45.62 10.20 -15.57
N LEU B 33 44.54 9.65 -15.01
CA LEU B 33 43.55 10.48 -14.34
C LEU B 33 44.15 11.21 -13.15
N LEU B 34 44.90 10.49 -12.32
CA LEU B 34 45.43 11.09 -11.10
C LEU B 34 46.42 12.22 -11.41
N GLN B 35 47.33 12.00 -12.35
CA GLN B 35 48.29 13.04 -12.70
C GLN B 35 47.67 14.12 -13.57
N HIS B 36 46.54 13.83 -14.23
CA HIS B 36 45.82 14.79 -15.06
C HIS B 36 44.36 14.75 -14.67
N PRO B 37 44.01 15.23 -13.48
CA PRO B 37 42.65 15.07 -12.98
C PRO B 37 41.62 15.83 -13.78
N ARG B 38 40.40 15.32 -13.77
CA ARG B 38 39.26 15.93 -14.43
C ARG B 38 38.05 15.80 -13.52
N ASP B 39 37.00 16.57 -13.83
CA ASP B 39 35.80 16.60 -13.01
C ASP B 39 35.04 15.29 -13.21
N VAL B 40 35.56 14.24 -12.58
CA VAL B 40 35.00 12.91 -12.76
C VAL B 40 33.62 12.81 -12.12
N GLN B 41 33.43 13.47 -10.97
CA GLN B 41 32.19 13.32 -10.22
C GLN B 41 31.00 13.73 -11.07
N SER B 42 29.89 13.04 -10.85
CA SER B 42 28.66 13.29 -11.61
C SER B 42 27.47 12.90 -10.76
N ARG B 43 26.30 13.37 -11.19
CA ARG B 43 25.07 13.02 -10.51
C ARG B 43 24.89 11.51 -10.52
N ILE B 44 24.40 10.97 -9.40
CA ILE B 44 24.18 9.53 -9.28
C ILE B 44 23.32 9.07 -10.45
N PRO B 45 23.85 8.27 -11.38
CA PRO B 45 23.05 7.86 -12.54
C PRO B 45 21.79 7.13 -12.11
N LYS B 46 20.70 7.38 -12.83
CA LYS B 46 19.45 6.69 -12.54
C LYS B 46 19.59 5.19 -12.72
N GLU B 47 20.56 4.77 -13.53
CA GLU B 47 20.81 3.34 -13.69
C GLU B 47 21.22 2.69 -12.38
N ARG B 48 21.84 3.46 -11.49
CA ARG B 48 22.23 2.95 -10.18
C ARG B 48 21.10 3.15 -9.17
N PHE B 49 20.75 4.42 -8.92
CA PHE B 49 19.54 4.76 -8.20
C PHE B 49 19.30 6.25 -8.33
N ASP B 50 18.06 6.66 -8.59
CA ASP B 50 17.76 8.06 -8.81
C ASP B 50 17.89 8.82 -7.50
N VAL B 51 19.07 9.39 -7.26
CA VAL B 51 19.31 10.10 -6.00
C VAL B 51 18.37 11.28 -5.86
N ASP B 52 17.92 11.84 -6.99
CA ASP B 52 16.93 12.90 -6.92
C ASP B 52 15.67 12.44 -6.20
N THR B 53 15.36 11.14 -6.28
CA THR B 53 14.29 10.58 -5.48
C THR B 53 14.63 10.52 -4.00
N PHE B 54 15.90 10.75 -3.65
CA PHE B 54 16.33 10.78 -2.25
C PHE B 54 17.05 12.06 -1.88
N TYR B 55 17.26 12.97 -2.82
CA TYR B 55 18.01 14.19 -2.54
C TYR B 55 17.16 15.17 -1.74
N HIS B 56 17.83 15.87 -0.82
CA HIS B 56 17.21 16.96 -0.08
C HIS B 56 18.33 17.88 0.41
N PRO B 57 18.18 19.20 0.31
CA PRO B 57 19.29 20.08 0.73
C PRO B 57 19.73 19.84 2.15
N ASP B 58 18.81 19.56 3.06
CA ASP B 58 19.15 19.26 4.45
C ASP B 58 19.55 17.80 4.56
N GLY B 59 20.81 17.56 4.93
CA GLY B 59 21.30 16.19 5.01
C GLY B 59 20.56 15.36 6.05
N LYS B 60 20.24 15.97 7.19
CA LYS B 60 19.59 15.25 8.27
C LYS B 60 18.10 15.03 8.02
N HIS B 61 17.59 15.43 6.86
CA HIS B 61 16.20 15.17 6.54
C HIS B 61 15.95 13.67 6.48
N HIS B 62 14.82 13.24 7.04
CA HIS B 62 14.52 11.83 7.14
C HIS B 62 14.49 11.17 5.76
N GLY B 63 15.23 10.07 5.64
CA GLY B 63 15.21 9.30 4.39
C GLY B 63 15.65 10.09 3.18
N ARG B 64 16.63 10.99 3.35
CA ARG B 64 17.15 11.78 2.24
C ARG B 64 18.67 11.87 2.37
N THR B 65 19.31 12.32 1.31
CA THR B 65 20.74 12.56 1.29
C THR B 65 21.02 13.91 0.64
N ASN B 66 21.90 14.69 1.26
CA ASN B 66 22.26 15.99 0.73
C ASN B 66 23.39 15.93 -0.29
N ALA B 67 23.92 14.72 -0.57
CA ALA B 67 25.01 14.53 -1.50
C ALA B 67 24.50 13.79 -2.73
N PRO B 68 23.91 14.48 -3.70
CA PRO B 68 23.42 13.81 -4.92
C PRO B 68 24.49 13.54 -5.96
N TYR B 69 25.77 13.69 -5.63
CA TYR B 69 26.86 13.47 -6.55
C TYR B 69 27.78 12.39 -5.99
N ALA B 70 28.58 11.81 -6.88
CA ALA B 70 29.57 10.82 -6.49
C ALA B 70 30.49 10.56 -7.67
N TYR B 71 31.69 10.08 -7.35
CA TYR B 71 32.66 9.69 -8.37
C TYR B 71 32.33 8.25 -8.77
N VAL B 72 31.33 8.13 -9.63
CA VAL B 72 30.73 6.87 -10.00
C VAL B 72 31.46 6.27 -11.19
N LEU B 73 31.52 4.93 -11.21
CA LEU B 73 32.10 4.24 -12.36
C LEU B 73 31.19 4.40 -13.57
N GLN B 74 31.82 4.56 -14.74
CA GLN B 74 31.10 4.70 -16.00
C GLN B 74 30.87 3.36 -16.69
N ASP B 75 30.86 2.27 -15.93
CA ASP B 75 30.67 0.93 -16.46
C ASP B 75 29.42 0.31 -15.86
N ASP B 76 28.78 -0.56 -16.62
CA ASP B 76 27.60 -1.29 -16.16
C ASP B 76 28.06 -2.39 -15.23
N LEU B 77 27.90 -2.18 -13.93
CA LEU B 77 28.39 -3.16 -12.95
C LEU B 77 27.67 -4.50 -13.05
N GLY B 78 26.43 -4.50 -13.55
CA GLY B 78 25.77 -5.76 -13.81
C GLY B 78 26.34 -6.52 -14.98
N ALA B 79 27.00 -5.82 -15.90
CA ALA B 79 27.68 -6.47 -17.01
C ALA B 79 28.94 -7.16 -16.50
N PHE B 80 28.88 -8.48 -16.37
CA PHE B 80 29.94 -9.26 -15.74
C PHE B 80 30.15 -10.54 -16.52
N ASP B 81 31.41 -10.94 -16.66
CA ASP B 81 31.76 -12.16 -17.40
C ASP B 81 31.62 -13.37 -16.47
N ALA B 82 30.37 -13.70 -16.18
CA ALA B 82 30.09 -14.83 -15.31
C ALA B 82 30.65 -16.13 -15.88
N ALA B 83 30.55 -16.31 -17.20
CA ALA B 83 31.11 -17.49 -17.83
C ALA B 83 32.60 -17.60 -17.60
N PHE B 84 33.29 -16.46 -17.57
CA PHE B 84 34.73 -16.47 -17.34
C PHE B 84 35.07 -17.06 -15.98
N PHE B 85 34.31 -16.68 -14.96
CA PHE B 85 34.58 -17.10 -13.59
C PHE B 85 33.79 -18.33 -13.18
N ASN B 86 33.22 -19.06 -14.15
CA ASN B 86 32.50 -20.30 -13.87
C ASN B 86 31.37 -20.07 -12.87
N ILE B 87 30.68 -18.94 -13.01
CA ILE B 87 29.56 -18.57 -12.16
C ILE B 87 28.29 -18.62 -13.01
N GLN B 88 27.28 -19.31 -12.51
CA GLN B 88 26.03 -19.43 -13.25
C GLN B 88 25.29 -18.10 -13.24
N ALA B 89 24.32 -17.99 -14.17
CA ALA B 89 23.59 -16.74 -14.31
C ALA B 89 22.88 -16.36 -13.03
N GLY B 90 22.21 -17.32 -12.40
CA GLY B 90 21.51 -17.02 -11.15
C GLY B 90 22.46 -16.58 -10.06
N GLU B 91 23.56 -17.31 -9.89
CA GLU B 91 24.55 -16.95 -8.88
C GLU B 91 25.18 -15.61 -9.20
N ALA B 92 25.50 -15.36 -10.47
CA ALA B 92 26.12 -14.09 -10.84
C ALA B 92 25.18 -12.93 -10.55
N GLU B 93 23.90 -13.08 -10.86
CA GLU B 93 22.93 -12.06 -10.48
C GLU B 93 22.87 -11.89 -8.97
N SER B 94 22.91 -13.00 -8.24
CA SER B 94 22.91 -12.94 -6.79
C SER B 94 24.15 -12.24 -6.24
N MET B 95 25.24 -12.23 -7.00
CA MET B 95 26.50 -11.70 -6.50
C MET B 95 26.42 -10.21 -6.27
N ASP B 96 27.16 -9.75 -5.26
CA ASP B 96 27.34 -8.32 -5.06
C ASP B 96 28.21 -7.76 -6.17
N PRO B 97 27.79 -6.68 -6.84
CA PRO B 97 28.67 -6.06 -7.82
C PRO B 97 30.06 -5.81 -7.28
N GLN B 98 30.18 -5.58 -5.97
CA GLN B 98 31.50 -5.47 -5.36
C GLN B 98 32.30 -6.75 -5.59
N HIS B 99 31.67 -7.91 -5.38
CA HIS B 99 32.38 -9.17 -5.57
C HIS B 99 32.74 -9.39 -7.03
N ARG B 100 31.82 -9.06 -7.94
CA ARG B 100 32.09 -9.26 -9.36
C ARG B 100 33.24 -8.39 -9.83
N LEU B 101 33.20 -7.10 -9.48
CA LEU B 101 34.29 -6.21 -9.86
C LEU B 101 35.57 -6.56 -9.13
N LEU B 102 35.47 -7.12 -7.92
CA LEU B 102 36.66 -7.60 -7.24
C LEU B 102 37.31 -8.75 -7.99
N LEU B 103 36.49 -9.69 -8.46
CA LEU B 103 37.02 -10.78 -9.27
C LEU B 103 37.70 -10.24 -10.52
N GLU B 104 37.03 -9.32 -11.21
CA GLU B 104 37.60 -8.76 -12.43
C GLU B 104 38.91 -8.03 -12.16
N THR B 105 38.94 -7.21 -11.10
CA THR B 105 40.13 -6.43 -10.79
C THR B 105 41.27 -7.32 -10.30
N VAL B 106 40.95 -8.38 -9.55
CA VAL B 106 41.99 -9.29 -9.10
C VAL B 106 42.60 -10.03 -10.28
N TYR B 107 41.76 -10.46 -11.23
CA TYR B 107 42.31 -11.08 -12.43
C TYR B 107 43.16 -10.08 -13.21
N GLU B 108 42.71 -8.82 -13.30
CA GLU B 108 43.49 -7.81 -13.98
C GLU B 108 44.84 -7.59 -13.30
N ALA B 109 44.85 -7.58 -11.96
CA ALA B 109 46.08 -7.38 -11.23
C ALA B 109 47.02 -8.56 -11.41
N VAL B 110 46.48 -9.77 -11.38
CA VAL B 110 47.30 -10.97 -11.62
C VAL B 110 47.89 -10.90 -13.02
N THR B 111 47.09 -10.51 -14.00
CA THR B 111 47.57 -10.39 -15.38
C THR B 111 48.67 -9.36 -15.48
N ASN B 112 48.47 -8.19 -14.89
CA ASN B 112 49.46 -7.12 -14.99
C ASN B 112 50.74 -7.49 -14.27
N ALA B 113 50.63 -8.18 -13.13
CA ALA B 113 51.81 -8.65 -12.42
C ALA B 113 52.60 -9.66 -13.24
N GLY B 114 51.99 -10.27 -14.24
CA GLY B 114 52.67 -11.22 -15.09
C GLY B 114 52.59 -12.62 -14.54
N MET B 115 51.38 -13.06 -14.18
CA MET B 115 51.16 -14.36 -13.56
C MET B 115 50.06 -15.10 -14.28
N ARG B 116 50.28 -16.40 -14.50
CA ARG B 116 49.25 -17.26 -15.04
C ARG B 116 48.36 -17.78 -13.91
N ILE B 117 47.04 -17.78 -14.16
CA ILE B 117 46.12 -18.31 -13.15
C ILE B 117 46.46 -19.75 -12.83
N GLN B 118 46.95 -20.51 -13.82
CA GLN B 118 47.37 -21.88 -13.57
C GLN B 118 48.52 -21.93 -12.57
N ASP B 119 49.49 -21.02 -12.71
CA ASP B 119 50.63 -21.01 -11.80
C ASP B 119 50.18 -20.76 -10.36
N LEU B 120 49.29 -19.78 -10.16
CA LEU B 120 48.77 -19.51 -8.83
C LEU B 120 47.69 -20.49 -8.41
N GLN B 121 47.06 -21.18 -9.37
CA GLN B 121 46.01 -22.12 -9.04
C GLN B 121 46.52 -23.19 -8.07
N GLY B 122 45.88 -23.24 -6.90
CA GLY B 122 46.25 -24.20 -5.87
C GLY B 122 47.32 -23.74 -4.92
N THR B 123 47.89 -22.54 -5.11
CA THR B 123 48.94 -22.06 -4.23
C THR B 123 48.33 -21.48 -2.95
N SER B 124 49.21 -21.01 -2.06
CA SER B 124 48.81 -20.48 -0.77
C SER B 124 48.58 -18.97 -0.81
N THR B 125 48.20 -18.43 -1.96
CA THR B 125 47.97 -16.99 -2.06
C THR B 125 46.86 -16.57 -1.13
N ALA B 126 47.08 -15.45 -0.45
CA ALA B 126 46.10 -14.90 0.49
C ALA B 126 45.27 -13.83 -0.20
N VAL B 127 44.16 -13.48 0.44
CA VAL B 127 43.28 -12.42 -0.04
C VAL B 127 42.79 -11.62 1.15
N TYR B 128 42.81 -10.30 1.03
CA TYR B 128 42.36 -9.40 2.09
C TYR B 128 41.61 -8.27 1.40
N VAL B 129 40.29 -8.28 1.54
CA VAL B 129 39.41 -7.36 0.82
C VAL B 129 38.81 -6.38 1.82
N GLY B 130 38.93 -5.10 1.53
CA GLY B 130 38.31 -4.07 2.33
C GLY B 130 37.02 -3.57 1.72
N VAL B 131 35.91 -3.89 2.35
CA VAL B 131 34.59 -3.49 1.90
C VAL B 131 33.84 -2.90 3.07
N MET B 132 33.21 -1.75 2.83
CA MET B 132 32.46 -1.03 3.86
C MET B 132 31.03 -0.72 3.47
N THR B 133 30.71 -0.68 2.18
CA THR B 133 29.50 -0.04 1.70
C THR B 133 28.67 -0.99 0.85
N HIS B 134 28.35 -2.17 1.39
CA HIS B 134 27.69 -3.33 0.81
C HIS B 134 26.24 -2.99 0.51
N ASP B 135 26.03 -2.10 -0.45
CA ASP B 135 24.68 -1.77 -0.88
C ASP B 135 23.94 -3.02 -1.33
N TYR B 136 24.59 -3.85 -2.14
CA TYR B 136 24.12 -5.21 -2.32
C TYR B 136 24.22 -5.95 -0.98
N GLU B 137 23.30 -6.87 -0.76
CA GLU B 137 22.79 -7.50 0.45
C GLU B 137 21.74 -6.61 1.09
N THR B 138 21.51 -5.41 0.57
CA THR B 138 20.36 -4.58 0.93
C THR B 138 19.48 -4.31 -0.26
N VAL B 139 20.05 -3.81 -1.37
CA VAL B 139 19.27 -3.61 -2.59
C VAL B 139 18.69 -4.93 -3.07
N SER B 140 19.54 -5.96 -3.17
CA SER B 140 19.10 -7.26 -3.61
C SER B 140 18.27 -7.99 -2.56
N THR B 141 18.25 -7.49 -1.32
CA THR B 141 17.55 -8.15 -0.24
C THR B 141 16.56 -7.25 0.48
N ARG B 142 16.39 -6.00 0.03
CA ARG B 142 15.42 -5.13 0.67
C ARG B 142 14.03 -5.76 0.63
N ASP B 143 13.67 -6.33 -0.51
CA ASP B 143 12.47 -7.15 -0.64
C ASP B 143 12.88 -8.60 -0.52
N LEU B 144 12.57 -9.22 0.62
CA LEU B 144 12.98 -10.59 0.85
C LEU B 144 12.45 -11.53 -0.23
N GLU B 145 11.27 -11.24 -0.76
CA GLU B 145 10.79 -11.94 -1.94
C GLU B 145 11.60 -11.51 -3.16
N SER B 146 11.74 -12.42 -4.11
CA SER B 146 12.58 -12.28 -5.29
C SER B 146 14.05 -12.45 -4.99
N ILE B 147 14.42 -12.69 -3.73
CA ILE B 147 15.81 -12.95 -3.37
C ILE B 147 16.24 -14.23 -4.07
N PRO B 148 17.33 -14.22 -4.82
CA PRO B 148 17.76 -15.44 -5.51
C PRO B 148 18.30 -16.48 -4.54
N THR B 149 18.36 -17.72 -5.02
CA THR B 149 18.81 -18.82 -4.16
C THR B 149 20.23 -18.59 -3.66
N TYR B 150 21.12 -18.13 -4.54
CA TYR B 150 22.52 -17.92 -4.20
C TYR B 150 22.77 -16.52 -3.63
N SER B 151 21.74 -15.87 -3.10
CA SER B 151 21.94 -14.54 -2.53
C SER B 151 22.84 -14.59 -1.32
N ALA B 152 22.69 -15.61 -0.48
CA ALA B 152 23.48 -15.70 0.75
C ALA B 152 24.96 -15.51 0.46
N THR B 153 25.53 -16.40 -0.34
CA THR B 153 26.95 -16.30 -0.66
C THR B 153 27.23 -15.18 -1.65
N GLY B 154 26.28 -14.86 -2.52
CA GLY B 154 26.51 -13.84 -3.52
C GLY B 154 26.73 -12.47 -2.92
N VAL B 155 25.99 -12.14 -1.86
CA VAL B 155 26.04 -10.82 -1.26
C VAL B 155 26.74 -10.80 0.08
N ALA B 156 27.04 -11.95 0.66
CA ALA B 156 27.71 -11.99 1.95
C ALA B 156 29.02 -11.21 1.87
N VAL B 157 29.26 -10.36 2.87
CA VAL B 157 30.44 -9.51 2.85
C VAL B 157 31.71 -10.35 2.75
N SER B 158 31.77 -11.42 3.54
CA SER B 158 32.98 -12.25 3.59
C SER B 158 33.32 -12.82 2.22
N VAL B 159 32.32 -13.29 1.50
CA VAL B 159 32.53 -13.95 0.22
C VAL B 159 33.32 -13.06 -0.71
N ALA B 160 33.17 -11.74 -0.54
CA ALA B 160 33.92 -10.79 -1.35
C ALA B 160 35.37 -11.22 -1.50
N SER B 161 35.98 -11.69 -0.41
CA SER B 161 37.33 -12.23 -0.49
C SER B 161 37.29 -13.70 -0.89
N ASN B 162 36.49 -14.50 -0.20
CA ASN B 162 36.54 -15.94 -0.37
C ASN B 162 36.34 -16.32 -1.83
N ARG B 163 35.30 -15.78 -2.46
CA ARG B 163 35.01 -16.12 -3.85
C ARG B 163 36.24 -15.93 -4.72
N ILE B 164 36.98 -14.83 -4.52
CA ILE B 164 38.20 -14.62 -5.27
C ILE B 164 39.08 -15.85 -5.18
N SER B 165 39.47 -16.21 -3.96
CA SER B 165 40.30 -17.39 -3.78
C SER B 165 39.62 -18.65 -4.29
N TYR B 166 38.28 -18.67 -4.23
CA TYR B 166 37.55 -19.82 -4.78
C TYR B 166 37.77 -19.94 -6.28
N PHE B 167 37.73 -18.81 -7.00
CA PHE B 167 37.89 -18.87 -8.45
C PHE B 167 39.35 -19.19 -8.81
N PHE B 168 40.29 -18.54 -8.14
CA PHE B 168 41.70 -18.73 -8.44
C PHE B 168 42.29 -19.95 -7.74
N ASP B 169 41.48 -20.72 -7.02
CA ASP B 169 41.94 -21.93 -6.34
C ASP B 169 43.07 -21.61 -5.36
N TRP B 170 42.94 -20.48 -4.67
CA TRP B 170 43.91 -20.08 -3.67
C TRP B 170 43.57 -20.66 -2.31
N HIS B 171 44.61 -20.90 -1.52
CA HIS B 171 44.45 -21.52 -0.21
C HIS B 171 44.92 -20.62 0.93
N GLY B 172 45.37 -19.41 0.64
CA GLY B 172 45.78 -18.51 1.69
C GLY B 172 44.60 -17.87 2.36
N PRO B 173 44.88 -17.10 3.41
CA PRO B 173 43.79 -16.41 4.12
C PRO B 173 43.00 -15.51 3.18
N SER B 174 41.69 -15.48 3.39
CA SER B 174 40.75 -14.77 2.53
C SER B 174 39.89 -13.81 3.34
N MET B 175 40.54 -13.01 4.18
CA MET B 175 39.81 -12.04 4.99
C MET B 175 39.07 -11.05 4.11
N THR B 176 37.90 -10.64 4.57
CA THR B 176 37.20 -9.47 4.04
C THR B 176 37.15 -8.44 5.16
N ILE B 177 38.01 -7.45 5.07
CA ILE B 177 38.18 -6.48 6.14
C ILE B 177 37.13 -5.39 6.01
N ASP B 178 36.79 -4.77 7.14
CA ASP B 178 35.92 -3.60 7.17
C ASP B 178 36.35 -2.74 8.33
N THR B 179 37.20 -1.75 8.05
CA THR B 179 37.58 -0.72 9.02
C THR B 179 37.13 0.64 8.53
N ALA B 180 35.98 0.66 7.86
CA ALA B 180 35.42 1.88 7.27
C ALA B 180 36.38 2.35 6.17
N CYS B 181 36.66 3.65 6.08
CA CYS B 181 37.42 4.16 4.95
C CYS B 181 38.82 3.54 4.86
N SER B 182 39.36 3.07 5.99
CA SER B 182 40.70 2.51 6.02
C SER B 182 40.73 1.04 5.60
N SER B 183 39.57 0.40 5.44
CA SER B 183 39.49 -1.05 5.28
C SER B 183 40.56 -1.59 4.35
N SER B 184 40.53 -1.15 3.08
CA SER B 184 41.45 -1.71 2.10
C SER B 184 42.89 -1.56 2.54
N LEU B 185 43.27 -0.36 3.01
CA LEU B 185 44.64 -0.18 3.46
C LEU B 185 44.95 -1.13 4.61
N VAL B 186 44.02 -1.27 5.55
CA VAL B 186 44.20 -2.24 6.62
C VAL B 186 44.44 -3.62 6.03
N ALA B 187 43.65 -3.99 5.03
CA ALA B 187 43.85 -5.26 4.35
C ALA B 187 45.30 -5.37 3.88
N VAL B 188 45.80 -4.32 3.22
CA VAL B 188 47.20 -4.33 2.78
C VAL B 188 48.09 -4.72 3.95
N HIS B 189 47.93 -4.03 5.07
CA HIS B 189 48.74 -4.34 6.24
C HIS B 189 48.66 -5.82 6.57
N LEU B 190 47.44 -6.34 6.69
CA LEU B 190 47.29 -7.76 6.96
C LEU B 190 47.98 -8.59 5.89
N ALA B 191 47.73 -8.26 4.62
CA ALA B 191 48.41 -8.94 3.54
C ALA B 191 49.91 -8.85 3.74
N VAL B 192 50.40 -7.64 4.06
CA VAL B 192 51.82 -7.48 4.30
C VAL B 192 52.28 -8.43 5.39
N GLN B 193 51.55 -8.47 6.50
CA GLN B 193 51.88 -9.40 7.56
C GLN B 193 51.85 -10.83 7.04
N GLN B 194 50.79 -11.17 6.32
CA GLN B 194 50.68 -12.53 5.77
C GLN B 194 51.84 -12.84 4.84
N LEU B 195 52.39 -11.81 4.19
CA LEU B 195 53.52 -12.04 3.30
C LEU B 195 54.83 -12.11 4.08
N ARG B 196 54.89 -11.45 5.23
CA ARG B 196 56.12 -11.47 6.02
C ARG B 196 56.26 -12.73 6.86
N THR B 197 55.17 -13.50 7.02
CA THR B 197 55.27 -14.79 7.69
C THR B 197 55.81 -15.87 6.77
N GLY B 198 55.79 -15.66 5.46
CA GLY B 198 56.23 -16.65 4.51
C GLY B 198 55.23 -17.74 4.21
N GLN B 199 54.05 -17.69 4.83
CA GLN B 199 53.03 -18.70 4.58
C GLN B 199 52.31 -18.49 3.25
N SER B 200 52.41 -17.30 2.67
CA SER B 200 51.78 -16.99 1.40
C SER B 200 52.79 -16.30 0.51
N SER B 201 53.16 -16.95 -0.61
CA SER B 201 54.07 -16.34 -1.56
C SER B 201 53.47 -15.10 -2.21
N MET B 202 52.15 -14.96 -2.19
CA MET B 202 51.47 -13.85 -2.81
C MET B 202 50.24 -13.52 -1.99
N ALA B 203 49.80 -12.26 -2.07
CA ALA B 203 48.64 -11.82 -1.32
C ALA B 203 47.94 -10.71 -2.09
N ILE B 204 46.67 -10.92 -2.40
CA ILE B 204 45.86 -9.87 -2.98
C ILE B 204 45.38 -8.96 -1.85
N ALA B 205 45.67 -7.67 -1.97
CA ALA B 205 45.07 -6.65 -1.11
C ALA B 205 44.09 -5.89 -1.99
N ALA B 206 42.81 -6.09 -1.75
CA ALA B 206 41.77 -5.52 -2.58
C ALA B 206 40.86 -4.64 -1.75
N GLY B 207 40.08 -3.83 -2.44
CA GLY B 207 39.08 -2.99 -1.80
C GLY B 207 37.96 -2.74 -2.77
N ALA B 208 36.76 -2.56 -2.23
CA ALA B 208 35.58 -2.39 -3.06
C ALA B 208 34.58 -1.48 -2.36
N ASN B 209 34.25 -0.36 -3.00
CA ASN B 209 33.15 0.49 -2.59
C ASN B 209 32.33 0.81 -3.82
N LEU B 210 31.03 0.55 -3.75
CA LEU B 210 30.14 0.75 -4.89
C LEU B 210 28.88 1.47 -4.44
N ILE B 211 28.29 2.20 -5.38
CA ILE B 211 27.08 2.98 -5.13
C ILE B 211 25.92 2.29 -5.84
N LEU B 212 25.25 1.40 -5.13
CA LEU B 212 24.13 0.65 -5.68
C LEU B 212 22.81 0.99 -5.02
N GLY B 213 22.83 1.62 -3.86
CA GLY B 213 21.62 1.99 -3.17
C GLY B 213 21.80 3.24 -2.34
N PRO B 214 20.68 3.86 -1.95
CA PRO B 214 20.76 5.09 -1.17
C PRO B 214 21.09 4.86 0.30
N MET B 215 21.10 3.60 0.76
CA MET B 215 21.33 3.29 2.16
C MET B 215 22.54 4.04 2.70
N THR B 216 23.69 3.84 2.07
CA THR B 216 24.91 4.50 2.52
C THR B 216 24.78 6.01 2.46
N PHE B 217 24.21 6.53 1.38
CA PHE B 217 24.09 7.97 1.24
C PHE B 217 23.23 8.56 2.36
N VAL B 218 22.07 7.95 2.62
CA VAL B 218 21.19 8.44 3.66
C VAL B 218 21.85 8.35 5.02
N LEU B 219 22.49 7.20 5.29
CA LEU B 219 23.15 7.02 6.58
C LEU B 219 24.23 8.07 6.82
N GLU B 220 25.11 8.25 5.84
CA GLU B 220 26.21 9.20 6.00
C GLU B 220 25.70 10.63 6.07
N SER B 221 24.69 10.97 5.26
CA SER B 221 24.15 12.32 5.29
C SER B 221 23.41 12.59 6.59
N LYS B 222 22.91 11.56 7.26
CA LYS B 222 22.30 11.75 8.56
C LYS B 222 23.31 12.34 9.55
N LEU B 223 24.57 11.97 9.43
CA LEU B 223 25.65 12.56 10.21
C LEU B 223 26.33 13.72 9.49
N SER B 224 25.83 14.10 8.32
CA SER B 224 26.43 15.17 7.52
C SER B 224 27.86 14.83 7.11
N MET B 225 28.19 13.53 7.09
CA MET B 225 29.53 13.12 6.68
C MET B 225 29.79 13.44 5.22
N LEU B 226 28.79 13.24 4.36
CA LEU B 226 28.98 13.44 2.93
C LEU B 226 29.07 14.93 2.60
N SER B 227 29.67 15.21 1.45
CA SER B 227 29.81 16.58 0.99
C SER B 227 28.57 16.97 0.18
N PRO B 228 27.75 17.93 0.65
CA PRO B 228 26.62 18.36 -0.17
C PRO B 228 27.04 18.90 -1.53
N SER B 229 28.20 19.56 -1.60
CA SER B 229 28.72 20.01 -2.89
C SER B 229 29.06 18.85 -3.81
N GLY B 230 29.24 17.65 -3.26
CA GLY B 230 29.51 16.49 -4.06
C GLY B 230 30.97 16.25 -4.37
N ARG B 231 31.88 16.89 -3.64
CA ARG B 231 33.31 16.72 -3.87
C ARG B 231 34.06 16.76 -2.54
N SER B 232 35.05 15.88 -2.41
CA SER B 232 35.88 15.80 -1.21
C SER B 232 36.96 16.87 -1.30
N ARG B 233 36.61 18.09 -0.89
CA ARG B 233 37.54 19.21 -0.94
C ARG B 233 38.54 19.05 0.20
N MET B 234 39.63 18.34 -0.09
CA MET B 234 40.65 18.09 0.92
C MET B 234 41.25 19.38 1.42
N TRP B 235 41.22 19.57 2.73
CA TRP B 235 41.88 20.67 3.43
C TRP B 235 41.48 22.04 2.90
N ASP B 236 40.39 22.13 2.15
CA ASP B 236 39.97 23.39 1.56
C ASP B 236 38.94 24.09 2.46
N ALA B 237 38.85 25.41 2.30
CA ALA B 237 37.86 26.17 3.06
C ALA B 237 36.44 25.71 2.76
N GLY B 238 36.20 25.12 1.60
CA GLY B 238 34.92 24.58 1.25
C GLY B 238 34.66 23.19 1.78
N ALA B 239 35.52 22.70 2.67
CA ALA B 239 35.36 21.36 3.26
C ALA B 239 34.00 21.25 3.93
N ASP B 240 33.14 20.37 3.40
CA ASP B 240 31.81 20.16 3.94
C ASP B 240 31.43 18.69 3.98
N GLY B 241 32.41 17.79 3.98
CA GLY B 241 32.19 16.36 3.99
C GLY B 241 33.06 15.70 2.95
N TYR B 242 32.71 14.47 2.61
CA TYR B 242 33.42 13.70 1.59
C TYR B 242 32.44 13.18 0.56
N ALA B 243 32.85 13.21 -0.70
CA ALA B 243 32.03 12.72 -1.80
C ALA B 243 32.29 11.24 -1.99
N ARG B 244 31.23 10.44 -1.91
CA ARG B 244 31.37 9.00 -2.11
C ARG B 244 31.86 8.73 -3.53
N GLY B 245 32.70 7.71 -3.65
CA GLY B 245 33.22 7.32 -4.95
C GLY B 245 33.15 5.81 -5.12
N GLU B 246 32.85 5.39 -6.35
CA GLU B 246 32.82 3.97 -6.69
C GLU B 246 34.21 3.57 -7.19
N ALA B 247 34.82 2.62 -6.50
CA ALA B 247 36.12 2.13 -6.91
C ALA B 247 36.30 0.70 -6.42
N VAL B 248 36.89 -0.13 -7.28
CA VAL B 248 37.28 -1.49 -6.94
C VAL B 248 38.74 -1.64 -7.33
N CYS B 249 39.61 -1.82 -6.34
CA CYS B 249 41.03 -1.92 -6.55
C CYS B 249 41.51 -3.29 -6.11
N SER B 250 42.53 -3.81 -6.80
CA SER B 250 43.20 -5.03 -6.39
C SER B 250 44.69 -4.83 -6.60
N VAL B 251 45.48 -5.23 -5.61
CA VAL B 251 46.93 -5.03 -5.64
C VAL B 251 47.58 -6.34 -5.26
N VAL B 252 48.42 -6.87 -6.15
CA VAL B 252 49.17 -8.09 -5.88
C VAL B 252 50.40 -7.71 -5.06
N LEU B 253 50.52 -8.28 -3.87
CA LEU B 253 51.59 -7.98 -2.94
C LEU B 253 52.44 -9.23 -2.74
N LYS B 254 53.75 -9.03 -2.68
CA LYS B 254 54.68 -10.12 -2.43
C LYS B 254 55.87 -9.57 -1.67
N THR B 255 56.60 -10.46 -1.03
CA THR B 255 57.87 -10.07 -0.43
C THR B 255 58.85 -9.76 -1.56
N LEU B 256 59.63 -8.69 -1.37
CA LEU B 256 60.50 -8.24 -2.45
C LEU B 256 61.36 -9.37 -2.97
N SER B 257 61.92 -10.18 -2.07
CA SER B 257 62.69 -11.35 -2.50
C SER B 257 61.82 -12.33 -3.28
N GLN B 258 60.59 -12.56 -2.81
CA GLN B 258 59.71 -13.49 -3.50
C GLN B 258 59.37 -12.99 -4.89
N ALA B 259 59.12 -11.69 -5.04
CA ALA B 259 58.83 -11.15 -6.36
C ALA B 259 60.04 -11.26 -7.28
N LEU B 260 61.23 -10.94 -6.75
CA LEU B 260 62.43 -10.97 -7.60
C LEU B 260 62.74 -12.40 -8.05
N ARG B 261 62.67 -13.37 -7.13
CA ARG B 261 62.94 -14.74 -7.51
C ARG B 261 61.93 -15.24 -8.53
N ASP B 262 60.72 -14.69 -8.53
CA ASP B 262 59.70 -15.04 -9.49
C ASP B 262 59.73 -14.18 -10.75
N GLY B 263 60.62 -13.19 -10.80
CA GLY B 263 60.74 -12.37 -11.99
C GLY B 263 59.49 -11.59 -12.33
N ASP B 264 58.85 -10.99 -11.32
CA ASP B 264 57.64 -10.21 -11.52
C ASP B 264 57.99 -8.73 -11.55
N THR B 265 57.55 -8.04 -12.60
CA THR B 265 57.77 -6.60 -12.69
C THR B 265 57.11 -5.90 -11.51
N ILE B 266 57.82 -4.97 -10.92
CA ILE B 266 57.42 -4.34 -9.67
C ILE B 266 56.81 -2.98 -9.95
N GLU B 267 55.65 -2.72 -9.34
CA GLU B 267 55.03 -1.41 -9.40
C GLU B 267 55.55 -0.49 -8.30
N CYS B 268 55.72 -1.02 -7.09
CA CYS B 268 56.31 -0.22 -6.02
C CYS B 268 56.66 -1.16 -4.87
N VAL B 269 57.21 -0.58 -3.81
CA VAL B 269 57.65 -1.33 -2.63
C VAL B 269 56.92 -0.76 -1.42
N ILE B 270 56.03 -1.55 -0.83
CA ILE B 270 55.41 -1.21 0.44
C ILE B 270 56.43 -1.60 1.51
N ARG B 271 57.19 -0.60 1.97
CA ARG B 271 58.23 -0.86 2.96
C ARG B 271 57.63 -1.23 4.31
N GLU B 272 56.57 -0.55 4.71
CA GLU B 272 55.93 -0.81 5.99
C GLU B 272 54.50 -0.31 5.94
N THR B 273 53.62 -0.97 6.68
CA THR B 273 52.21 -0.61 6.73
C THR B 273 51.73 -0.81 8.16
N GLY B 274 51.73 0.26 8.95
CA GLY B 274 51.23 0.22 10.30
C GLY B 274 49.75 0.55 10.36
N VAL B 275 49.08 0.00 11.36
CA VAL B 275 47.67 0.25 11.60
C VAL B 275 47.50 0.59 13.07
N ASN B 276 46.81 1.70 13.35
CA ASN B 276 46.50 2.11 14.71
C ASN B 276 45.07 2.63 14.73
N GLN B 277 44.60 2.98 15.92
CA GLN B 277 43.21 3.37 16.13
C GLN B 277 43.15 4.64 16.96
N ASP B 278 42.08 5.40 16.77
CA ASP B 278 41.85 6.60 17.56
C ASP B 278 41.23 6.22 18.91
N GLY B 279 41.71 6.88 19.96
CA GLY B 279 41.19 6.64 21.29
C GLY B 279 39.78 7.17 21.46
N ARG B 280 39.41 7.49 22.70
CA ARG B 280 38.08 8.02 22.99
C ARG B 280 38.03 9.49 22.58
N THR B 281 38.06 9.70 21.27
CA THR B 281 38.01 11.05 20.71
C THR B 281 36.65 11.68 21.02
N THR B 282 36.52 12.96 20.66
CA THR B 282 35.26 13.69 20.84
C THR B 282 34.27 13.19 19.80
N GLY B 283 33.76 12.00 20.03
CA GLY B 283 32.84 11.36 19.12
C GLY B 283 33.48 10.18 18.41
N ILE B 284 32.67 9.18 18.11
CA ILE B 284 33.17 7.99 17.43
C ILE B 284 33.70 8.35 16.05
N THR B 285 33.00 9.23 15.34
CA THR B 285 33.41 9.63 14.01
C THR B 285 34.64 10.53 14.00
N MET B 286 34.91 11.22 15.11
CA MET B 286 35.99 12.20 15.13
C MET B 286 37.34 11.50 15.08
N PRO B 287 38.19 11.81 14.10
CA PRO B 287 39.56 11.28 14.12
C PRO B 287 40.42 11.98 15.15
N ASN B 288 41.51 11.33 15.52
CA ASN B 288 42.44 11.84 16.51
C ASN B 288 43.76 12.14 15.83
N HIS B 289 44.21 13.40 15.93
CA HIS B 289 45.50 13.77 15.36
C HIS B 289 46.64 13.07 16.09
N SER B 290 46.56 12.95 17.41
CA SER B 290 47.61 12.30 18.16
C SER B 290 47.75 10.84 17.77
N ALA B 291 46.62 10.15 17.60
CA ALA B 291 46.66 8.74 17.22
C ALA B 291 47.30 8.56 15.85
N GLN B 292 46.95 9.43 14.89
CA GLN B 292 47.52 9.32 13.55
C GLN B 292 49.01 9.68 13.55
N GLU B 293 49.40 10.67 14.34
CA GLU B 293 50.82 10.99 14.48
C GLU B 293 51.58 9.80 15.04
N ALA B 294 51.04 9.17 16.07
CA ALA B 294 51.69 7.99 16.64
C ALA B 294 51.75 6.87 15.61
N LEU B 295 50.70 6.72 14.81
CA LEU B 295 50.71 5.69 13.76
C LEU B 295 51.83 5.95 12.78
N ILE B 296 51.97 7.19 12.32
CA ILE B 296 53.00 7.51 11.34
C ILE B 296 54.38 7.27 11.94
N LYS B 297 54.60 7.74 13.17
CA LYS B 297 55.90 7.58 13.80
C LYS B 297 56.24 6.10 13.98
N ALA B 298 55.27 5.31 14.45
CA ALA B 298 55.51 3.88 14.66
C ALA B 298 55.77 3.17 13.34
N THR B 299 55.03 3.54 12.29
CA THR B 299 55.25 2.91 10.99
C THR B 299 56.64 3.21 10.47
N TYR B 300 57.08 4.46 10.60
CA TYR B 300 58.42 4.80 10.14
C TYR B 300 59.49 4.11 10.99
N ALA B 301 59.27 4.01 12.30
CA ALA B 301 60.22 3.29 13.15
C ALA B 301 60.31 1.83 12.75
N GLN B 302 59.17 1.19 12.49
CA GLN B 302 59.17 -0.20 12.06
C GLN B 302 59.89 -0.36 10.73
N ALA B 303 59.73 0.61 9.83
CA ALA B 303 60.43 0.59 8.56
C ALA B 303 61.92 0.85 8.70
N GLY B 304 62.39 1.22 9.89
CA GLY B 304 63.76 1.63 10.05
C GLY B 304 64.03 3.04 9.59
N LEU B 305 63.00 3.88 9.52
CA LEU B 305 63.09 5.23 9.01
C LEU B 305 62.98 6.23 10.16
N ASP B 306 63.90 7.17 10.23
CA ASP B 306 63.85 8.23 11.22
C ASP B 306 62.92 9.33 10.72
N ILE B 307 61.85 9.60 11.48
CA ILE B 307 60.88 10.59 11.03
C ILE B 307 61.53 11.97 11.02
N THR B 308 62.49 12.21 11.91
CA THR B 308 63.13 13.52 11.98
C THR B 308 64.02 13.77 10.75
N LYS B 309 64.58 12.71 10.18
CA LYS B 309 65.49 12.87 9.05
C LYS B 309 64.72 13.05 7.75
N ALA B 310 65.11 14.05 6.97
CA ALA B 310 64.49 14.24 5.66
C ALA B 310 64.79 13.09 4.72
N GLU B 311 65.98 12.50 4.83
CA GLU B 311 66.33 11.37 3.96
C GLU B 311 65.38 10.21 4.18
N ASP B 312 65.07 9.91 5.44
CA ASP B 312 64.14 8.84 5.78
C ASP B 312 62.68 9.28 5.65
N ARG B 313 62.44 10.57 5.38
CA ARG B 313 61.09 11.09 5.27
C ARG B 313 60.47 10.71 3.93
N CYS B 314 59.17 10.91 3.83
CA CYS B 314 58.43 10.71 2.59
C CYS B 314 58.16 12.07 1.95
N GLN B 315 58.53 12.21 0.67
CA GLN B 315 58.34 13.45 -0.04
C GLN B 315 56.90 13.68 -0.45
N PHE B 316 56.10 12.61 -0.54
CA PHE B 316 54.69 12.70 -0.84
C PHE B 316 53.91 11.97 0.24
N PHE B 317 52.70 12.43 0.51
CA PHE B 317 51.86 11.85 1.56
C PHE B 317 50.43 11.80 1.06
N GLU B 318 50.00 10.62 0.63
CA GLU B 318 48.61 10.46 0.23
C GLU B 318 47.75 10.48 1.48
N ALA B 319 47.26 11.67 1.82
CA ALA B 319 46.47 11.85 3.02
C ALA B 319 45.07 11.28 2.84
N HIS B 320 44.45 10.97 3.97
CA HIS B 320 43.03 10.61 3.96
C HIS B 320 42.23 11.66 3.21
N GLY B 321 42.45 12.93 3.54
CA GLY B 321 41.92 14.05 2.76
C GLY B 321 40.50 13.85 2.27
N THR B 322 39.56 13.68 3.20
CA THR B 322 38.18 13.43 2.85
C THR B 322 37.35 14.69 2.68
N GLY B 323 37.91 15.86 3.01
CA GLY B 323 37.15 17.08 2.95
C GLY B 323 36.22 17.32 4.11
N THR B 324 36.34 16.52 5.17
CA THR B 324 35.54 16.75 6.37
C THR B 324 36.12 17.91 7.17
N PRO B 325 35.33 18.93 7.49
CA PRO B 325 35.91 20.08 8.21
C PRO B 325 36.52 19.71 9.55
N ALA B 326 36.01 18.67 10.20
CA ALA B 326 36.52 18.25 11.51
C ALA B 326 37.66 17.25 11.41
N GLY B 327 37.71 16.48 10.33
CA GLY B 327 38.71 15.45 10.20
C GLY B 327 39.98 15.92 9.52
N ASP B 328 39.84 16.73 8.48
CA ASP B 328 41.02 17.21 7.76
C ASP B 328 41.99 17.96 8.68
N PRO B 329 41.54 18.87 9.55
CA PRO B 329 42.50 19.52 10.46
C PRO B 329 43.24 18.54 11.34
N GLN B 330 42.56 17.49 11.82
CA GLN B 330 43.23 16.49 12.64
C GLN B 330 44.32 15.78 11.85
N GLU B 331 44.02 15.42 10.60
CA GLU B 331 45.03 14.75 9.76
C GLU B 331 46.20 15.67 9.48
N ALA B 332 45.94 16.94 9.18
CA ALA B 332 47.02 17.87 8.92
C ALA B 332 47.90 18.04 10.16
N GLU B 333 47.28 18.15 11.33
CA GLU B 333 48.06 18.25 12.56
C GLU B 333 48.90 17.00 12.79
N ALA B 334 48.31 15.82 12.54
CA ALA B 334 49.06 14.59 12.73
C ALA B 334 50.27 14.55 11.79
N ILE B 335 50.05 14.90 10.53
CA ILE B 335 51.15 14.88 9.56
C ILE B 335 52.24 15.85 9.97
N ALA B 336 51.85 17.07 10.35
CA ALA B 336 52.84 18.08 10.71
C ALA B 336 53.62 17.65 11.94
N THR B 337 52.95 17.12 12.96
CA THR B 337 53.61 16.73 14.19
C THR B 337 54.42 15.45 14.03
N ALA B 338 54.11 14.63 13.03
CA ALA B 338 54.89 13.42 12.80
C ALA B 338 56.14 13.73 12.00
N PHE B 339 56.00 14.50 10.92
CA PHE B 339 57.14 14.85 10.09
C PHE B 339 57.80 16.16 10.50
N PHE B 340 57.19 16.91 11.40
CA PHE B 340 57.73 18.20 11.84
C PHE B 340 57.34 18.40 13.30
N GLY B 341 57.47 19.63 13.77
CA GLY B 341 57.21 19.92 15.16
C GLY B 341 58.19 19.24 16.09
N HIS B 342 59.45 19.10 15.67
CA HIS B 342 60.48 18.48 16.49
C HIS B 342 61.79 19.25 16.44
N GLU B 343 61.76 20.51 16.03
CA GLU B 343 62.97 21.31 15.90
C GLU B 343 63.23 22.09 17.19
N ARG B 353 64.41 24.23 1.35
CA ARG B 353 63.55 23.52 2.28
C ARG B 353 62.25 23.15 1.59
N ALA B 354 62.29 22.08 0.79
CA ALA B 354 61.11 21.67 0.06
C ALA B 354 60.03 21.18 1.01
N PRO B 355 58.76 21.46 0.73
CA PRO B 355 57.68 20.99 1.62
C PRO B 355 57.36 19.52 1.38
N LEU B 356 56.66 18.96 2.36
CA LEU B 356 56.18 17.58 2.26
C LEU B 356 54.83 17.61 1.57
N PHE B 357 54.80 17.22 0.30
CA PHE B 357 53.57 17.28 -0.48
C PHE B 357 52.54 16.31 0.08
N VAL B 358 51.31 16.79 0.23
CA VAL B 358 50.20 16.00 0.74
C VAL B 358 49.07 16.09 -0.28
N GLY B 359 48.62 14.93 -0.77
CA GLY B 359 47.55 14.91 -1.75
C GLY B 359 46.73 13.64 -1.70
N SER B 360 45.41 13.78 -1.54
CA SER B 360 44.51 12.65 -1.42
C SER B 360 43.90 12.33 -2.78
N ALA B 361 43.95 11.05 -3.16
CA ALA B 361 43.33 10.63 -4.41
C ALA B 361 41.83 10.88 -4.40
N LYS B 362 41.23 10.98 -3.21
CA LYS B 362 39.79 11.15 -3.10
C LYS B 362 39.32 12.51 -3.62
N THR B 363 40.24 13.44 -3.85
CA THR B 363 39.87 14.69 -4.52
C THR B 363 39.61 14.45 -6.01
N VAL B 364 40.18 13.40 -6.57
CA VAL B 364 40.09 13.11 -8.00
C VAL B 364 39.09 11.98 -8.27
N VAL B 365 39.21 10.88 -7.54
CA VAL B 365 38.34 9.73 -7.74
C VAL B 365 37.29 9.63 -6.63
N GLY B 366 37.27 10.58 -5.71
CA GLY B 366 36.28 10.58 -4.65
C GLY B 366 36.67 9.70 -3.48
N HIS B 367 35.97 9.91 -2.37
CA HIS B 367 36.16 9.10 -1.18
C HIS B 367 35.50 7.75 -1.42
N THR B 368 36.31 6.75 -1.78
CA THR B 368 35.81 5.42 -2.13
C THR B 368 35.74 4.49 -0.93
N GLU B 369 35.59 5.05 0.27
CA GLU B 369 35.30 4.28 1.47
C GLU B 369 36.21 3.06 1.62
N GLY B 370 35.67 1.85 1.41
CA GLY B 370 36.43 0.65 1.71
C GLY B 370 37.73 0.57 0.95
N THR B 371 37.69 0.85 -0.35
CA THR B 371 38.88 0.82 -1.18
C THR B 371 39.67 2.12 -1.12
N ALA B 372 39.17 3.13 -0.41
CA ALA B 372 39.81 4.43 -0.38
C ALA B 372 41.29 4.30 -0.07
N GLY B 373 41.61 3.58 1.00
CA GLY B 373 42.99 3.30 1.34
C GLY B 373 43.78 2.85 0.13
N LEU B 374 43.36 1.72 -0.46
CA LEU B 374 44.04 1.21 -1.64
C LEU B 374 44.11 2.27 -2.73
N ALA B 375 43.02 3.01 -2.94
CA ALA B 375 43.05 4.07 -3.93
C ALA B 375 44.22 5.01 -3.66
N GLY B 376 44.32 5.50 -2.43
CA GLY B 376 45.45 6.33 -2.06
C GLY B 376 46.77 5.60 -2.31
N LEU B 377 46.83 4.33 -1.92
CA LEU B 377 48.03 3.55 -2.18
C LEU B 377 48.40 3.61 -3.66
N MET B 378 47.41 3.42 -4.54
CA MET B 378 47.68 3.50 -5.97
C MET B 378 48.26 4.86 -6.31
N LYS B 379 47.65 5.93 -5.79
CA LYS B 379 48.17 7.27 -6.04
C LYS B 379 49.60 7.39 -5.53
N ALA B 380 49.88 6.77 -4.38
CA ALA B 380 51.24 6.78 -3.87
C ALA B 380 52.13 5.85 -4.69
N SER B 381 51.57 4.77 -5.22
CA SER B 381 52.37 3.82 -5.98
C SER B 381 52.79 4.41 -7.32
N PHE B 382 51.81 4.67 -8.19
CA PHE B 382 52.12 5.18 -9.51
C PHE B 382 53.03 6.39 -9.41
N ALA B 383 52.66 7.36 -8.57
CA ALA B 383 53.49 8.53 -8.34
C ALA B 383 54.94 8.13 -8.10
N VAL B 384 55.17 7.31 -7.06
CA VAL B 384 56.54 7.00 -6.70
C VAL B 384 57.23 6.25 -7.81
N ARG B 385 56.48 5.50 -8.63
CA ARG B 385 57.09 4.80 -9.75
C ARG B 385 57.42 5.74 -10.90
N HIS B 386 56.61 6.78 -11.08
CA HIS B 386 56.80 7.72 -12.19
C HIS B 386 57.45 9.02 -11.77
N GLY B 387 57.81 9.16 -10.48
CA GLY B 387 58.47 10.37 -10.04
C GLY B 387 57.65 11.63 -10.20
N VAL B 388 56.32 11.50 -10.28
CA VAL B 388 55.42 12.64 -10.43
C VAL B 388 54.49 12.67 -9.23
N ILE B 389 54.42 13.83 -8.58
CA ILE B 389 53.50 14.03 -7.48
C ILE B 389 52.15 14.47 -8.05
N PRO B 390 51.15 13.59 -8.09
CA PRO B 390 49.89 13.97 -8.72
C PRO B 390 49.22 15.10 -7.97
N PRO B 391 48.47 15.94 -8.66
CA PRO B 391 47.82 17.08 -8.01
C PRO B 391 46.51 16.66 -7.35
N ASN B 392 45.84 17.65 -6.75
CA ASN B 392 44.52 17.48 -6.16
C ASN B 392 43.55 18.38 -6.90
N LEU B 393 42.47 17.79 -7.42
CA LEU B 393 41.57 18.53 -8.28
C LEU B 393 40.86 19.65 -7.53
N LEU B 394 40.43 19.40 -6.29
CA LEU B 394 39.66 20.36 -5.51
C LEU B 394 40.52 20.88 -4.37
N PHE B 395 41.27 21.96 -4.65
CA PHE B 395 41.98 22.69 -3.61
C PHE B 395 42.18 24.11 -4.12
N ASP B 396 41.34 25.03 -3.65
CA ASP B 396 41.41 26.44 -4.05
C ASP B 396 41.88 27.36 -2.95
N LYS B 397 41.51 27.08 -1.70
CA LYS B 397 41.92 27.93 -0.57
C LYS B 397 42.10 27.03 0.65
N ILE B 398 43.26 27.15 1.29
CA ILE B 398 43.56 26.32 2.44
C ILE B 398 42.54 26.61 3.54
N SER B 399 42.04 25.54 4.15
CA SER B 399 41.07 25.70 5.22
C SER B 399 41.70 26.45 6.39
N PRO B 400 40.98 27.40 7.01
CA PRO B 400 41.57 28.09 8.16
C PRO B 400 41.96 27.15 9.28
N ARG B 401 41.20 26.07 9.49
CA ARG B 401 41.54 25.11 10.53
C ARG B 401 42.80 24.34 10.19
N VAL B 402 43.08 24.15 8.90
CA VAL B 402 44.28 23.43 8.48
C VAL B 402 45.49 24.34 8.30
N ALA B 403 45.28 25.64 8.18
CA ALA B 403 46.40 26.55 7.97
C ALA B 403 47.49 26.42 9.02
N PRO B 404 47.19 26.31 10.31
CA PRO B 404 48.28 26.23 11.31
C PRO B 404 49.24 25.08 11.04
N PHE B 405 48.74 23.95 10.57
CA PHE B 405 49.55 22.77 10.30
C PHE B 405 50.00 22.69 8.84
N TYR B 406 49.69 23.71 8.04
CA TYR B 406 50.04 23.74 6.63
C TYR B 406 51.38 24.42 6.38
N LYS B 407 52.08 24.83 7.43
CA LYS B 407 53.35 25.54 7.24
C LYS B 407 54.34 24.69 6.46
N ASN B 408 54.52 23.44 6.87
CA ASN B 408 55.49 22.54 6.25
C ASN B 408 54.87 21.64 5.20
N LEU B 409 53.61 21.86 4.84
CA LEU B 409 52.89 21.00 3.91
C LEU B 409 52.42 21.82 2.72
N ARG B 410 52.31 21.16 1.58
CA ARG B 410 51.85 21.81 0.35
C ARG B 410 51.03 20.81 -0.45
N ILE B 411 49.77 21.13 -0.68
CA ILE B 411 48.88 20.32 -1.51
C ILE B 411 49.17 20.64 -2.97
N PRO B 412 49.58 19.67 -3.78
CA PRO B 412 49.92 19.98 -5.18
C PRO B 412 48.67 20.25 -6.00
N THR B 413 48.63 21.43 -6.62
CA THR B 413 47.59 21.76 -7.58
C THR B 413 47.99 21.46 -9.00
N GLU B 414 49.22 20.99 -9.22
CA GLU B 414 49.73 20.66 -10.54
C GLU B 414 50.57 19.40 -10.44
N ALA B 415 50.75 18.74 -11.58
CA ALA B 415 51.58 17.55 -11.64
C ALA B 415 53.03 17.96 -11.42
N THR B 416 53.50 17.79 -10.19
CA THR B 416 54.80 18.29 -9.77
C THR B 416 55.84 17.17 -9.81
N GLN B 417 57.00 17.49 -10.36
CA GLN B 417 58.10 16.54 -10.37
C GLN B 417 58.56 16.26 -8.94
N TRP B 418 59.07 15.05 -8.74
CA TRP B 418 59.42 14.63 -7.39
C TRP B 418 60.54 15.53 -6.84
N PRO B 419 60.50 15.89 -5.56
CA PRO B 419 61.57 16.70 -4.98
C PRO B 419 62.91 15.99 -5.07
N ALA B 420 63.98 16.79 -5.16
CA ALA B 420 65.32 16.24 -5.24
C ALA B 420 65.60 15.36 -4.03
N LEU B 421 66.30 14.25 -4.27
CA LEU B 421 66.59 13.27 -3.24
C LEU B 421 68.10 13.03 -3.14
N PRO B 422 68.58 12.60 -1.98
CA PRO B 422 69.97 12.16 -1.89
C PRO B 422 70.22 10.98 -2.82
N PRO B 423 71.40 10.88 -3.41
CA PRO B 423 71.65 9.77 -4.34
C PRO B 423 71.49 8.43 -3.65
N GLY B 424 70.84 7.49 -4.35
CA GLY B 424 70.62 6.17 -3.82
C GLY B 424 69.41 6.02 -2.94
N GLN B 425 68.72 7.12 -2.63
CA GLN B 425 67.51 7.05 -1.80
C GLN B 425 66.29 6.93 -2.71
N PRO B 426 65.48 5.88 -2.59
CA PRO B 426 64.30 5.77 -3.45
C PRO B 426 63.28 6.85 -3.11
N ARG B 427 62.51 7.23 -4.12
CA ARG B 427 61.36 8.10 -3.88
C ARG B 427 60.46 7.44 -2.86
N ARG B 428 60.03 8.21 -1.87
CA ARG B 428 59.22 7.67 -0.77
C ARG B 428 57.95 8.49 -0.64
N ALA B 429 56.81 7.79 -0.60
CA ALA B 429 55.51 8.38 -0.38
C ALA B 429 54.85 7.71 0.81
N SER B 430 53.77 8.33 1.30
CA SER B 430 53.04 7.80 2.43
C SER B 430 51.55 7.87 2.14
N VAL B 431 50.82 6.89 2.64
CA VAL B 431 49.38 6.76 2.44
C VAL B 431 48.72 6.67 3.80
N ASN B 432 47.70 7.50 4.01
CA ASN B 432 46.92 7.49 5.24
C ASN B 432 45.46 7.28 4.90
N SER B 433 44.81 6.39 5.63
CA SER B 433 43.38 6.13 5.45
C SER B 433 42.76 5.95 6.82
N PHE B 434 41.85 6.85 7.19
CA PHE B 434 41.17 6.80 8.47
C PHE B 434 39.71 6.47 8.26
N GLY B 435 39.26 5.38 8.88
CA GLY B 435 37.86 5.00 8.82
C GLY B 435 37.12 5.54 10.03
N PHE B 436 35.90 6.02 9.78
CA PHE B 436 35.08 6.53 10.88
C PHE B 436 34.95 5.45 11.94
N GLY B 437 35.15 5.85 13.19
CA GLY B 437 35.40 4.91 14.25
C GLY B 437 36.84 5.07 14.72
N GLY B 438 37.71 5.42 13.77
CA GLY B 438 39.06 5.83 14.09
C GLY B 438 40.16 4.87 13.69
N THR B 439 39.83 3.78 12.99
CA THR B 439 40.86 2.84 12.55
C THR B 439 41.71 3.51 11.47
N ASN B 440 42.93 3.89 11.84
CA ASN B 440 43.83 4.57 10.94
C ASN B 440 44.87 3.58 10.42
N ALA B 441 45.03 3.53 9.11
CA ALA B 441 46.04 2.71 8.46
C ALA B 441 47.01 3.62 7.74
N HIS B 442 48.31 3.41 7.98
CA HIS B 442 49.36 4.18 7.34
C HIS B 442 50.32 3.24 6.66
N ALA B 443 50.66 3.56 5.42
CA ALA B 443 51.58 2.77 4.61
C ALA B 443 52.70 3.64 4.11
N ILE B 444 53.92 3.10 4.15
CA ILE B 444 55.09 3.77 3.58
C ILE B 444 55.44 3.03 2.30
N ILE B 445 55.50 3.76 1.19
CA ILE B 445 55.72 3.16 -0.12
C ILE B 445 56.93 3.84 -0.75
N GLU B 446 57.59 3.12 -1.65
CA GLU B 446 58.81 3.62 -2.28
C GLU B 446 58.87 3.09 -3.70
N GLU B 447 59.69 3.74 -4.52
CA GLU B 447 59.97 3.21 -5.85
C GLU B 447 60.93 2.04 -5.73
N TYR B 448 60.72 1.03 -6.57
CA TYR B 448 61.69 -0.07 -6.64
C TYR B 448 62.90 0.40 -7.43
N MET B 449 64.06 0.36 -6.78
CA MET B 449 65.26 0.97 -7.35
C MET B 449 65.76 0.23 -8.59
N GLU B 450 65.36 -1.02 -8.78
CA GLU B 450 65.81 -1.84 -9.89
C GLU B 450 67.34 -1.84 -10.01
N PRO B 451 68.05 -2.22 -8.94
CA PRO B 451 69.51 -2.24 -8.98
C PRO B 451 70.07 -3.38 -9.82
N LEU B 471 63.76 -14.35 -35.22
CA LEU B 471 63.10 -15.43 -34.50
C LEU B 471 62.43 -14.88 -33.25
N SER B 472 61.13 -15.09 -33.15
CA SER B 472 60.36 -14.64 -31.99
C SER B 472 59.29 -15.67 -31.67
N LEU B 473 58.86 -15.66 -30.41
CA LEU B 473 57.82 -16.56 -29.98
C LEU B 473 56.48 -16.18 -30.62
N PRO B 474 55.57 -17.14 -30.76
CA PRO B 474 54.23 -16.80 -31.25
C PRO B 474 53.49 -15.91 -30.27
N LEU B 475 52.66 -15.02 -30.81
CA LEU B 475 51.84 -14.14 -30.00
C LEU B 475 50.60 -14.90 -29.58
N VAL B 476 50.54 -15.33 -28.33
CA VAL B 476 49.51 -16.22 -27.85
C VAL B 476 48.45 -15.44 -27.10
N LEU B 477 47.18 -15.76 -27.37
CA LEU B 477 46.05 -15.15 -26.68
C LEU B 477 45.10 -16.27 -26.27
N SER B 478 44.41 -16.04 -25.16
CA SER B 478 43.48 -17.04 -24.65
C SER B 478 42.37 -16.35 -23.85
N ALA B 479 41.18 -16.92 -23.93
CA ALA B 479 40.02 -16.40 -23.23
C ALA B 479 39.09 -17.56 -22.89
N LYS B 480 38.19 -17.32 -21.94
CA LYS B 480 37.21 -18.33 -21.57
C LYS B 480 36.11 -18.50 -22.61
N SER B 481 36.01 -17.59 -23.58
CA SER B 481 35.03 -17.68 -24.64
C SER B 481 35.67 -17.23 -25.95
N GLN B 482 35.26 -17.86 -27.05
CA GLN B 482 35.81 -17.47 -28.35
C GLN B 482 35.48 -16.02 -28.69
N ARG B 483 34.32 -15.53 -28.23
CA ARG B 483 34.02 -14.11 -28.38
C ARG B 483 35.04 -13.26 -27.65
N SER B 484 35.35 -13.62 -26.40
CA SER B 484 36.37 -12.91 -25.65
C SER B 484 37.74 -13.02 -26.32
N LEU B 485 38.04 -14.18 -26.91
CA LEU B 485 39.32 -14.35 -27.61
C LEU B 485 39.39 -13.45 -28.83
N LYS B 486 38.29 -13.33 -29.58
CA LYS B 486 38.27 -12.43 -30.73
C LYS B 486 38.42 -10.98 -30.30
N ILE B 487 37.77 -10.60 -29.20
CA ILE B 487 37.93 -9.25 -28.70
C ILE B 487 39.37 -9.03 -28.24
N MET B 488 39.99 -10.07 -27.67
CA MET B 488 41.39 -9.96 -27.30
C MET B 488 42.27 -9.75 -28.52
N MET B 489 41.99 -10.46 -29.61
CA MET B 489 42.77 -10.27 -30.83
C MET B 489 42.60 -8.86 -31.35
N GLU B 490 41.37 -8.33 -31.35
CA GLU B 490 41.14 -6.97 -31.80
C GLU B 490 41.90 -5.97 -30.93
N GLU B 491 41.81 -6.14 -29.60
CA GLU B 491 42.46 -5.21 -28.69
C GLU B 491 43.98 -5.29 -28.84
N MET B 492 44.52 -6.49 -29.04
CA MET B 492 45.95 -6.64 -29.21
C MET B 492 46.42 -6.02 -30.52
N LEU B 493 45.61 -6.13 -31.58
CA LEU B 493 45.95 -5.45 -32.83
C LEU B 493 45.98 -3.94 -32.63
N GLN B 494 44.97 -3.41 -31.94
CA GLN B 494 44.94 -1.97 -31.67
C GLN B 494 46.12 -1.56 -30.79
N PHE B 495 46.49 -2.39 -29.83
CA PHE B 495 47.63 -2.10 -28.96
C PHE B 495 48.94 -2.09 -29.73
N LEU B 496 49.12 -3.06 -30.64
CA LEU B 496 50.30 -3.07 -31.48
C LEU B 496 50.36 -1.84 -32.37
N GLN B 497 49.21 -1.45 -32.94
CA GLN B 497 49.17 -0.22 -33.72
C GLN B 497 49.53 0.99 -32.86
N SER B 498 49.07 1.01 -31.61
CA SER B 498 49.35 2.12 -30.72
C SER B 498 50.76 2.09 -30.16
N HIS B 499 51.33 0.89 -30.00
CA HIS B 499 52.65 0.72 -29.38
C HIS B 499 53.54 -0.14 -30.27
N PRO B 500 53.87 0.35 -31.46
CA PRO B 500 54.88 -0.35 -32.27
C PRO B 500 56.26 -0.34 -31.65
N GLU B 501 56.52 0.59 -30.71
CA GLU B 501 57.84 0.69 -30.10
C GLU B 501 58.14 -0.51 -29.21
N ILE B 502 57.11 -1.14 -28.65
CA ILE B 502 57.31 -2.23 -27.70
C ILE B 502 57.96 -3.40 -28.41
N HIS B 503 59.01 -3.95 -27.79
CA HIS B 503 59.73 -5.08 -28.38
C HIS B 503 58.79 -6.27 -28.53
N LEU B 504 58.82 -6.89 -29.71
CA LEU B 504 57.94 -8.03 -29.97
C LEU B 504 58.34 -9.24 -29.14
N HIS B 505 59.64 -9.44 -28.96
CA HIS B 505 60.11 -10.57 -28.14
C HIS B 505 59.53 -10.49 -26.74
N ASP B 506 59.65 -9.33 -26.09
CA ASP B 506 59.13 -9.19 -24.74
C ASP B 506 57.61 -9.36 -24.72
N LEU B 507 56.92 -8.81 -25.73
CA LEU B 507 55.48 -8.93 -25.77
C LEU B 507 55.05 -10.40 -25.83
N THR B 508 55.63 -11.16 -26.76
CA THR B 508 55.25 -12.56 -26.90
C THR B 508 55.65 -13.36 -25.68
N TRP B 509 56.82 -13.07 -25.10
CA TRP B 509 57.24 -13.80 -23.90
C TRP B 509 56.31 -13.52 -22.74
N SER B 510 55.85 -12.28 -22.60
CA SER B 510 54.87 -11.97 -21.55
C SER B 510 53.55 -12.69 -21.81
N LEU B 511 53.12 -12.73 -23.08
CA LEU B 511 51.86 -13.41 -23.39
C LEU B 511 51.95 -14.91 -23.16
N LEU B 512 53.14 -15.49 -23.27
CA LEU B 512 53.32 -16.92 -23.07
C LEU B 512 53.55 -17.27 -21.61
N ARG B 513 54.60 -16.74 -21.01
CA ARG B 513 55.03 -17.11 -19.67
C ARG B 513 54.38 -16.29 -18.58
N LYS B 514 53.99 -15.04 -18.87
CA LYS B 514 53.49 -14.13 -17.86
C LYS B 514 52.03 -13.76 -18.09
N ARG B 515 51.28 -14.58 -18.83
CA ARG B 515 49.87 -14.34 -19.05
C ARG B 515 49.12 -15.67 -18.96
N SER B 516 47.93 -15.63 -18.36
CA SER B 516 47.20 -16.84 -18.08
C SER B 516 46.74 -17.54 -19.36
N VAL B 517 46.72 -18.87 -19.31
CA VAL B 517 46.17 -19.69 -20.39
C VAL B 517 44.73 -20.01 -20.06
N LEU B 518 43.87 -19.96 -21.07
CA LEU B 518 42.43 -20.12 -20.92
C LEU B 518 41.90 -21.06 -21.97
N PRO B 519 40.73 -21.66 -21.75
CA PRO B 519 40.24 -22.73 -22.64
C PRO B 519 40.33 -22.39 -24.12
N PHE B 520 39.70 -21.30 -24.55
CA PHE B 520 39.75 -20.92 -25.95
C PHE B 520 41.09 -20.26 -26.22
N ARG B 521 41.84 -20.82 -27.17
CA ARG B 521 43.21 -20.40 -27.44
C ARG B 521 43.37 -20.01 -28.90
N ARG B 522 44.25 -19.04 -29.14
CA ARG B 522 44.70 -18.73 -30.48
C ARG B 522 46.15 -18.27 -30.41
N ALA B 523 46.87 -18.48 -31.50
CA ALA B 523 48.27 -18.09 -31.60
C ALA B 523 48.51 -17.44 -32.95
N ILE B 524 49.31 -16.38 -32.95
CA ILE B 524 49.59 -15.58 -34.12
C ILE B 524 51.06 -15.70 -34.44
N VAL B 525 51.38 -15.82 -35.73
CA VAL B 525 52.74 -16.05 -36.19
C VAL B 525 53.20 -14.81 -36.94
N GLY B 526 54.34 -14.26 -36.53
CA GLY B 526 54.91 -13.10 -37.18
C GLY B 526 56.28 -12.74 -36.64
N HIS B 527 57.23 -12.49 -37.54
CA HIS B 527 58.58 -12.16 -37.12
C HIS B 527 58.67 -10.73 -36.58
N SER B 528 57.98 -9.80 -37.21
CA SER B 528 58.06 -8.38 -36.85
C SER B 528 56.67 -7.84 -36.53
N HIS B 529 56.61 -6.55 -36.22
CA HIS B 529 55.34 -5.93 -35.84
C HIS B 529 54.35 -5.97 -37.00
N GLU B 530 54.81 -5.66 -38.22
CA GLU B 530 53.90 -5.69 -39.36
C GLU B 530 53.40 -7.10 -39.62
N THR B 531 54.31 -8.09 -39.56
CA THR B 531 53.91 -9.47 -39.80
C THR B 531 52.91 -9.93 -38.76
N ILE B 532 53.17 -9.63 -37.50
CA ILE B 532 52.28 -10.08 -36.44
C ILE B 532 50.93 -9.37 -36.53
N ARG B 533 50.93 -8.09 -36.91
CA ARG B 533 49.68 -7.36 -37.08
C ARG B 533 48.85 -7.97 -38.21
N ARG B 534 49.49 -8.28 -39.34
CA ARG B 534 48.75 -8.87 -40.45
C ARG B 534 48.24 -10.26 -40.09
N ALA B 535 49.05 -11.04 -39.35
CA ALA B 535 48.58 -12.36 -38.92
C ALA B 535 47.42 -12.24 -37.94
N LEU B 536 47.45 -11.21 -37.08
CA LEU B 536 46.32 -10.96 -36.19
C LEU B 536 45.07 -10.60 -36.98
N GLU B 537 45.23 -9.79 -38.03
CA GLU B 537 44.10 -9.48 -38.90
C GLU B 537 43.53 -10.75 -39.52
N ASP B 538 44.41 -11.63 -40.00
CA ASP B 538 43.97 -12.88 -40.61
C ASP B 538 43.23 -13.74 -39.58
N ALA B 539 43.75 -13.83 -38.36
CA ALA B 539 43.10 -14.63 -37.33
C ALA B 539 41.73 -14.05 -36.98
N ILE B 540 41.65 -12.72 -36.87
CA ILE B 540 40.38 -12.08 -36.55
C ILE B 540 39.36 -12.37 -37.64
N GLU B 541 39.76 -12.24 -38.90
CA GLU B 541 38.84 -12.54 -39.99
C GLU B 541 38.44 -14.01 -40.00
N ASP B 542 39.37 -14.91 -39.73
CA ASP B 542 39.07 -16.34 -39.77
C ASP B 542 38.12 -16.73 -38.63
N GLY B 543 38.44 -16.30 -37.41
CA GLY B 543 37.67 -16.73 -36.26
C GLY B 543 37.94 -18.14 -35.81
N ILE B 544 38.99 -18.77 -36.34
CA ILE B 544 39.33 -20.15 -36.02
C ILE B 544 40.20 -20.15 -34.76
N VAL B 545 39.74 -20.85 -33.72
CA VAL B 545 40.44 -20.91 -32.45
C VAL B 545 40.36 -22.34 -31.90
N SER B 546 41.26 -22.64 -30.98
CA SER B 546 41.31 -23.94 -30.32
C SER B 546 40.72 -23.82 -28.92
N SER B 547 40.03 -24.88 -28.49
CA SER B 547 39.36 -24.91 -27.20
C SER B 547 39.87 -26.07 -26.37
N ASP B 548 40.09 -25.82 -25.08
CA ASP B 548 40.54 -26.84 -24.15
C ASP B 548 41.82 -27.51 -24.65
N GLY B 555 49.93 -30.04 -18.83
CA GLY B 555 51.00 -31.00 -18.57
C GLY B 555 51.08 -32.08 -19.62
N GLN B 556 51.12 -31.68 -20.90
CA GLN B 556 51.18 -32.60 -22.03
C GLN B 556 52.25 -32.14 -23.00
N PRO B 557 53.52 -32.20 -22.60
CA PRO B 557 54.63 -31.86 -23.51
C PRO B 557 55.18 -33.03 -24.31
N SER B 558 54.50 -34.17 -24.34
CA SER B 558 55.03 -35.36 -25.00
C SER B 558 54.86 -35.24 -26.51
N VAL B 559 55.99 -35.19 -27.22
CA VAL B 559 55.99 -35.07 -28.67
C VAL B 559 56.81 -36.20 -29.27
N LEU B 560 56.42 -36.59 -30.48
CA LEU B 560 57.14 -37.59 -31.26
C LEU B 560 57.86 -36.89 -32.40
N GLY B 561 59.18 -37.02 -32.46
CA GLY B 561 59.97 -36.36 -33.47
C GLY B 561 60.08 -37.19 -34.74
N ILE B 562 59.33 -36.81 -35.77
CA ILE B 562 59.37 -37.46 -37.08
C ILE B 562 60.30 -36.65 -37.96
N PHE B 563 61.38 -37.27 -38.41
CA PHE B 563 62.48 -36.55 -39.04
C PHE B 563 62.42 -36.72 -40.56
N THR B 564 62.38 -35.59 -41.27
CA THR B 564 62.27 -35.60 -42.72
C THR B 564 63.62 -35.98 -43.35
N GLY B 565 63.54 -36.56 -44.54
CA GLY B 565 64.73 -37.05 -45.22
C GLY B 565 65.01 -36.38 -46.55
N GLN B 566 65.97 -36.92 -47.29
CA GLN B 566 66.32 -36.38 -48.58
C GLN B 566 65.16 -36.53 -49.56
N GLY B 567 65.08 -35.60 -50.51
CA GLY B 567 63.97 -35.52 -51.43
C GLY B 567 62.85 -34.61 -50.97
N ALA B 568 62.83 -34.26 -49.67
CA ALA B 568 61.86 -33.31 -49.13
C ALA B 568 62.46 -31.95 -48.84
N GLN B 569 63.79 -31.82 -48.90
CA GLN B 569 64.43 -30.55 -48.60
C GLN B 569 63.98 -29.48 -49.59
N TRP B 570 63.64 -28.32 -49.06
CA TRP B 570 63.18 -27.19 -49.86
C TRP B 570 64.32 -26.21 -50.08
N PRO B 571 64.26 -25.42 -51.16
CA PRO B 571 65.34 -24.44 -51.39
C PRO B 571 65.39 -23.39 -50.29
N GLY B 572 66.62 -22.98 -49.95
CA GLY B 572 66.80 -21.88 -49.02
C GLY B 572 66.22 -22.13 -47.64
N MET B 573 66.40 -23.32 -47.09
CA MET B 573 65.95 -23.60 -45.73
C MET B 573 66.92 -22.98 -44.72
N LEU B 574 66.35 -22.52 -43.61
CA LEU B 574 67.06 -21.87 -42.52
C LEU B 574 67.68 -20.53 -42.92
N LYS B 575 67.41 -20.04 -44.12
CA LYS B 575 68.02 -18.78 -44.56
C LYS B 575 67.60 -17.64 -43.64
N ASN B 576 66.32 -17.59 -43.27
CA ASN B 576 65.85 -16.53 -42.39
C ASN B 576 66.27 -16.79 -40.95
N LEU B 577 66.21 -18.05 -40.51
CA LEU B 577 66.63 -18.38 -39.15
C LEU B 577 68.10 -18.06 -38.93
N ILE B 578 68.95 -18.43 -39.90
CA ILE B 578 70.38 -18.17 -39.75
C ILE B 578 70.66 -16.68 -39.75
N GLU B 579 69.99 -15.93 -40.62
CA GLU B 579 70.23 -14.50 -40.77
C GLU B 579 69.39 -13.65 -39.82
N ALA B 580 68.66 -14.27 -38.90
CA ALA B 580 67.85 -13.54 -37.94
C ALA B 580 68.06 -13.95 -36.49
N SER B 581 68.72 -15.08 -36.23
CA SER B 581 68.91 -15.57 -34.87
C SER B 581 70.39 -15.81 -34.61
N PRO B 582 71.04 -15.03 -33.73
CA PRO B 582 72.45 -15.32 -33.42
C PRO B 582 72.67 -16.70 -32.82
N TYR B 583 71.67 -17.23 -32.10
CA TYR B 583 71.78 -18.59 -31.58
C TYR B 583 71.87 -19.60 -32.72
N VAL B 584 71.04 -19.43 -33.75
CA VAL B 584 71.11 -20.29 -34.91
C VAL B 584 72.45 -20.10 -35.63
N ARG B 585 72.97 -18.87 -35.63
CA ARG B 585 74.27 -18.63 -36.25
C ARG B 585 75.39 -19.37 -35.50
N ASN B 586 75.32 -19.37 -34.16
CA ASN B 586 76.30 -20.13 -33.39
C ASN B 586 76.18 -21.62 -33.64
N ILE B 587 74.94 -22.11 -33.75
CA ILE B 587 74.74 -23.52 -34.09
C ILE B 587 75.36 -23.82 -35.45
N VAL B 588 75.19 -22.91 -36.41
CA VAL B 588 75.75 -23.09 -37.74
C VAL B 588 77.27 -23.08 -37.68
N ARG B 589 77.85 -22.25 -36.81
CA ARG B 589 79.30 -22.26 -36.63
C ARG B 589 79.76 -23.59 -36.07
N GLU B 590 79.02 -24.15 -35.12
CA GLU B 590 79.35 -25.48 -34.63
C GLU B 590 79.27 -26.52 -35.73
N LEU B 591 78.24 -26.42 -36.58
CA LEU B 591 78.12 -27.34 -37.71
C LEU B 591 79.30 -27.19 -38.67
N ASP B 592 79.74 -25.95 -38.90
CA ASP B 592 80.91 -25.74 -39.75
C ASP B 592 82.16 -26.35 -39.14
N ASP B 593 82.32 -26.22 -37.82
CA ASP B 593 83.45 -26.84 -37.14
C ASP B 593 83.41 -28.35 -37.30
N SER B 594 82.23 -28.94 -37.16
CA SER B 594 82.08 -30.37 -37.38
C SER B 594 82.42 -30.74 -38.82
N LEU B 595 82.00 -29.92 -39.77
CA LEU B 595 82.29 -30.16 -41.17
C LEU B 595 83.80 -30.17 -41.42
N GLN B 596 84.52 -29.21 -40.81
CA GLN B 596 85.96 -29.15 -40.95
C GLN B 596 86.67 -30.26 -40.20
N SER B 597 85.95 -31.02 -39.37
CA SER B 597 86.53 -32.17 -38.67
C SER B 597 86.49 -33.44 -39.51
N LEU B 598 86.01 -33.37 -40.75
CA LEU B 598 85.92 -34.55 -41.60
C LEU B 598 87.32 -35.04 -41.96
N PRO B 599 87.43 -36.30 -42.39
CA PRO B 599 88.72 -36.77 -42.94
C PRO B 599 89.12 -35.94 -44.14
N GLU B 600 90.44 -35.74 -44.28
CA GLU B 600 90.94 -34.83 -45.30
C GLU B 600 90.44 -35.20 -46.68
N LYS B 601 90.18 -36.48 -46.93
CA LYS B 601 89.62 -36.87 -48.22
C LYS B 601 88.26 -36.23 -48.46
N TYR B 602 87.45 -36.09 -47.41
CA TYR B 602 86.12 -35.52 -47.51
C TYR B 602 86.01 -34.19 -46.76
N ARG B 603 87.12 -33.59 -46.36
CA ARG B 603 87.10 -32.37 -45.56
C ARG B 603 87.50 -31.19 -46.43
N PRO B 604 86.63 -30.19 -46.65
CA PRO B 604 85.21 -30.11 -46.29
C PRO B 604 84.28 -30.34 -47.47
N SER B 605 83.16 -31.02 -47.25
CA SER B 605 82.06 -30.95 -48.19
C SER B 605 81.56 -29.51 -48.23
N TRP B 606 81.59 -28.91 -49.41
CA TRP B 606 81.48 -27.46 -49.52
C TRP B 606 80.29 -26.94 -48.72
N THR B 607 80.53 -25.86 -47.98
CA THR B 607 79.62 -25.40 -46.94
C THR B 607 78.34 -24.87 -47.57
N LEU B 608 77.27 -25.67 -47.50
CA LEU B 608 75.95 -25.17 -47.86
C LEU B 608 75.48 -24.10 -46.89
N LEU B 609 75.95 -24.16 -45.64
CA LEU B 609 75.54 -23.20 -44.62
C LEU B 609 75.91 -21.78 -45.00
N ASP B 610 76.90 -21.60 -45.88
CA ASP B 610 77.32 -20.28 -46.33
C ASP B 610 77.24 -20.12 -47.85
N GLN B 611 76.66 -21.11 -48.55
CA GLN B 611 76.60 -21.07 -50.00
C GLN B 611 75.16 -21.24 -50.50
N PHE B 612 74.38 -22.08 -49.82
CA PHE B 612 73.01 -22.35 -50.21
C PHE B 612 71.97 -21.85 -49.22
N MET B 613 72.29 -21.82 -47.92
CA MET B 613 71.38 -21.26 -46.92
C MET B 613 71.58 -19.74 -46.84
N LEU B 614 71.32 -19.09 -47.97
CA LEU B 614 71.53 -17.66 -48.14
C LEU B 614 70.22 -17.01 -48.56
N GLU B 615 69.91 -15.86 -47.95
CA GLU B 615 68.73 -15.10 -48.33
C GLU B 615 68.93 -14.47 -49.70
N GLY B 616 67.84 -14.32 -50.42
CA GLY B 616 67.88 -13.76 -51.77
C GLY B 616 68.23 -14.76 -52.85
N GLU B 617 69.26 -15.58 -52.63
CA GLU B 617 69.63 -16.58 -53.62
C GLU B 617 68.58 -17.69 -53.68
N ALA B 618 68.34 -18.36 -52.56
CA ALA B 618 67.35 -19.44 -52.49
C ALA B 618 67.60 -20.48 -53.58
N SER B 619 68.87 -20.81 -53.78
CA SER B 619 69.24 -21.77 -54.82
C SER B 619 68.67 -23.15 -54.51
N ASN B 620 68.25 -23.85 -55.56
CA ASN B 620 67.76 -25.21 -55.41
C ASN B 620 68.88 -26.10 -54.89
N VAL B 621 68.54 -27.00 -53.97
CA VAL B 621 69.49 -27.92 -53.36
C VAL B 621 68.91 -29.33 -53.52
N GLN B 622 69.27 -29.99 -54.62
CA GLN B 622 68.95 -31.40 -54.82
C GLN B 622 70.17 -32.30 -54.84
N TYR B 623 71.37 -31.72 -54.93
CA TYR B 623 72.58 -32.52 -54.94
C TYR B 623 72.76 -33.21 -53.59
N ALA B 624 73.15 -34.49 -53.63
CA ALA B 624 73.34 -35.23 -52.39
C ALA B 624 74.34 -34.51 -51.48
N THR B 625 75.47 -34.08 -52.05
CA THR B 625 76.53 -33.48 -51.26
C THR B 625 76.05 -32.30 -50.44
N PHE B 626 75.01 -31.60 -50.92
CA PHE B 626 74.43 -30.47 -50.21
C PHE B 626 73.04 -30.76 -49.68
N SER B 627 72.22 -31.50 -50.43
CA SER B 627 70.86 -31.79 -49.98
C SER B 627 70.87 -32.61 -48.69
N GLN B 628 71.74 -33.62 -48.60
CA GLN B 628 71.76 -34.43 -47.39
C GLN B 628 72.22 -33.62 -46.19
N PRO B 629 73.42 -33.03 -46.18
CA PRO B 629 73.81 -32.20 -45.03
C PRO B 629 72.91 -31.01 -44.81
N LEU B 630 72.32 -30.45 -45.87
CA LEU B 630 71.39 -29.33 -45.68
C LEU B 630 70.21 -29.75 -44.82
N CYS B 631 69.57 -30.87 -45.18
CA CYS B 631 68.44 -31.36 -44.40
C CYS B 631 68.89 -31.75 -42.99
N CYS B 632 70.07 -32.38 -42.88
CA CYS B 632 70.56 -32.76 -41.56
C CYS B 632 70.75 -31.54 -40.67
N ALA B 633 71.35 -30.48 -41.20
CA ALA B 633 71.54 -29.26 -40.43
C ALA B 633 70.21 -28.60 -40.10
N VAL B 634 69.26 -28.62 -41.05
CA VAL B 634 67.94 -28.07 -40.77
C VAL B 634 67.32 -28.77 -39.57
N GLN B 635 67.32 -30.10 -39.59
CA GLN B 635 66.69 -30.85 -38.52
C GLN B 635 67.45 -30.71 -37.20
N ILE B 636 68.79 -30.63 -37.27
CA ILE B 636 69.58 -30.44 -36.06
C ILE B 636 69.25 -29.10 -35.41
N VAL B 637 69.21 -28.04 -36.23
CA VAL B 637 68.89 -26.71 -35.69
C VAL B 637 67.48 -26.70 -35.12
N LEU B 638 66.53 -27.29 -35.83
CA LEU B 638 65.16 -27.28 -35.35
C LEU B 638 65.00 -28.05 -34.04
N VAL B 639 65.63 -29.22 -33.94
CA VAL B 639 65.52 -30.01 -32.71
C VAL B 639 66.24 -29.32 -31.57
N ARG B 640 67.37 -28.67 -31.85
CA ARG B 640 68.06 -27.91 -30.80
C ARG B 640 67.18 -26.76 -30.31
N LEU B 641 66.50 -26.07 -31.23
CA LEU B 641 65.57 -25.02 -30.81
C LEU B 641 64.44 -25.58 -29.98
N LEU B 642 63.88 -26.73 -30.39
CA LEU B 642 62.78 -27.32 -29.65
C LEU B 642 63.22 -27.72 -28.25
N GLU B 643 64.42 -28.31 -28.12
CA GLU B 643 64.94 -28.66 -26.81
C GLU B 643 65.23 -27.41 -25.98
N ALA B 644 65.65 -26.32 -26.63
CA ALA B 644 65.81 -25.06 -25.92
C ALA B 644 64.50 -24.61 -25.30
N ALA B 645 63.39 -24.92 -25.95
CA ALA B 645 62.06 -24.69 -25.38
C ALA B 645 61.67 -25.76 -24.37
N ARG B 646 62.58 -26.67 -24.05
CA ARG B 646 62.33 -27.74 -23.08
C ARG B 646 61.13 -28.59 -23.50
N ILE B 647 61.16 -29.05 -24.74
CA ILE B 647 60.15 -29.99 -25.25
C ILE B 647 60.69 -31.40 -25.07
N ARG B 648 59.93 -32.24 -24.39
CA ARG B 648 60.34 -33.62 -24.13
C ARG B 648 59.92 -34.49 -25.31
N PHE B 649 60.86 -35.29 -25.81
CA PHE B 649 60.75 -35.90 -27.13
C PHE B 649 60.67 -37.42 -27.04
N THR B 650 59.97 -37.99 -28.02
CA THR B 650 60.14 -39.37 -28.44
C THR B 650 60.53 -39.36 -29.90
N ALA B 651 61.46 -40.24 -30.27
CA ALA B 651 62.15 -40.11 -31.56
C ALA B 651 61.88 -41.33 -32.44
N VAL B 652 61.55 -41.05 -33.70
CA VAL B 652 61.48 -42.05 -34.76
C VAL B 652 62.24 -41.50 -35.96
N VAL B 653 63.11 -42.31 -36.53
CA VAL B 653 63.96 -41.86 -37.62
C VAL B 653 63.18 -41.88 -38.93
N GLY B 654 63.61 -41.04 -39.87
CA GLY B 654 63.06 -41.04 -41.20
C GLY B 654 63.93 -41.80 -42.17
N HIS B 655 64.39 -41.12 -43.22
CA HIS B 655 65.30 -41.71 -44.20
C HIS B 655 66.41 -40.71 -44.52
N SER B 656 67.60 -41.25 -44.80
CA SER B 656 68.77 -40.44 -45.16
C SER B 656 68.99 -39.40 -44.07
N SER B 657 68.91 -38.10 -44.36
CA SER B 657 69.14 -37.10 -43.32
C SER B 657 68.20 -37.30 -42.15
N GLY B 658 66.95 -37.65 -42.42
CA GLY B 658 65.96 -37.84 -41.38
C GLY B 658 66.43 -38.82 -40.33
N GLU B 659 67.30 -39.75 -40.73
CA GLU B 659 67.88 -40.67 -39.76
C GLU B 659 69.01 -40.01 -38.98
N ILE B 660 69.97 -39.41 -39.70
CA ILE B 660 71.18 -38.91 -39.05
C ILE B 660 70.81 -37.90 -37.97
N ALA B 661 70.00 -36.90 -38.34
CA ALA B 661 69.57 -35.92 -37.35
C ALA B 661 68.83 -36.59 -36.21
N CYS B 662 67.96 -37.56 -36.52
CA CYS B 662 67.24 -38.27 -35.47
C CYS B 662 68.21 -38.94 -34.51
N ALA B 663 69.35 -39.41 -35.02
CA ALA B 663 70.33 -40.04 -34.15
C ALA B 663 70.80 -39.05 -33.08
N PHE B 664 70.97 -37.78 -33.46
CA PHE B 664 71.30 -36.76 -32.47
C PHE B 664 70.14 -36.53 -31.52
N ALA B 665 68.91 -36.57 -32.03
CA ALA B 665 67.74 -36.33 -31.19
C ALA B 665 67.57 -37.40 -30.11
N ALA B 666 68.19 -38.57 -30.29
CA ALA B 666 68.11 -39.63 -29.29
C ALA B 666 68.79 -39.26 -27.98
N GLY B 667 69.60 -38.20 -27.97
CA GLY B 667 70.35 -37.84 -26.77
C GLY B 667 71.62 -38.62 -26.57
N LEU B 668 71.98 -39.49 -27.53
CA LEU B 668 73.18 -40.32 -27.42
C LEU B 668 74.28 -39.92 -28.41
N ILE B 669 73.92 -39.39 -29.57
CA ILE B 669 74.88 -38.98 -30.59
C ILE B 669 74.95 -37.46 -30.60
N SER B 670 76.17 -36.93 -30.64
CA SER B 670 76.36 -35.49 -30.65
C SER B 670 75.88 -34.90 -31.98
N ALA B 671 75.39 -33.66 -31.91
CA ALA B 671 74.96 -32.96 -33.12
C ALA B 671 76.11 -32.79 -34.09
N SER B 672 77.30 -32.51 -33.56
CA SER B 672 78.48 -32.40 -34.42
C SER B 672 78.70 -33.69 -35.20
N LEU B 673 78.59 -34.83 -34.52
CA LEU B 673 78.74 -36.11 -35.21
C LEU B 673 77.66 -36.30 -36.26
N ALA B 674 76.42 -35.90 -35.95
CA ALA B 674 75.34 -36.08 -36.90
C ALA B 674 75.58 -35.27 -38.18
N ILE B 675 75.92 -33.99 -38.03
CA ILE B 675 76.14 -33.15 -39.21
C ILE B 675 77.38 -33.62 -39.96
N ARG B 676 78.41 -34.06 -39.24
CA ARG B 676 79.61 -34.57 -39.88
C ARG B 676 79.31 -35.81 -40.70
N ILE B 677 78.50 -36.72 -40.15
CA ILE B 677 78.13 -37.93 -40.89
C ILE B 677 77.28 -37.58 -42.08
N ALA B 678 76.39 -36.59 -41.96
CA ALA B 678 75.58 -36.17 -43.09
C ALA B 678 76.46 -35.63 -44.22
N TYR B 679 77.43 -34.79 -43.88
CA TYR B 679 78.33 -34.26 -44.89
C TYR B 679 79.15 -35.39 -45.51
N LEU B 680 79.62 -36.34 -44.70
CA LEU B 680 80.39 -37.46 -45.23
C LEU B 680 79.56 -38.28 -46.21
N ARG B 681 78.30 -38.57 -45.84
CA ARG B 681 77.43 -39.32 -46.72
C ARG B 681 77.09 -38.55 -47.98
N GLY B 682 77.08 -37.22 -47.90
CA GLY B 682 76.87 -36.43 -49.10
C GLY B 682 77.91 -36.71 -50.17
N VAL B 683 79.18 -36.83 -49.76
CA VAL B 683 80.26 -37.14 -50.68
C VAL B 683 80.70 -38.59 -50.50
N ALA B 723 60.60 -46.54 -49.14
CA ALA B 723 60.32 -46.56 -47.71
C ALA B 723 58.84 -46.81 -47.46
N SER B 724 58.54 -47.49 -46.34
CA SER B 724 57.16 -47.78 -45.95
C SER B 724 56.72 -46.71 -44.96
N ASN B 725 56.25 -45.57 -45.50
CA ASN B 725 55.85 -44.46 -44.65
C ASN B 725 54.61 -44.81 -43.82
N SER B 726 53.70 -45.60 -44.37
CA SER B 726 52.47 -45.96 -43.68
C SER B 726 51.97 -47.28 -44.25
N PRO B 727 50.99 -47.92 -43.61
CA PRO B 727 50.45 -49.16 -44.17
C PRO B 727 49.92 -48.99 -45.58
N ASP B 728 49.40 -47.81 -45.92
CA ASP B 728 48.87 -47.54 -47.25
C ASP B 728 49.84 -46.76 -48.13
N SER B 729 51.03 -46.43 -47.63
CA SER B 729 52.00 -45.64 -48.38
C SER B 729 53.32 -46.39 -48.46
N VAL B 730 53.80 -46.61 -49.68
CA VAL B 730 55.11 -47.17 -49.93
C VAL B 730 55.75 -46.37 -51.07
N THR B 731 57.00 -45.94 -50.87
CA THR B 731 57.67 -45.05 -51.81
C THR B 731 59.09 -45.51 -52.10
N PHE B 732 59.27 -46.81 -52.31
CA PHE B 732 60.57 -47.31 -52.76
C PHE B 732 60.85 -46.79 -54.16
N SER B 733 62.05 -46.28 -54.37
CA SER B 733 62.40 -45.60 -55.61
C SER B 733 63.71 -46.14 -56.17
N GLY B 734 63.87 -45.99 -57.48
CA GLY B 734 65.07 -46.41 -58.17
C GLY B 734 65.24 -45.68 -59.49
N ASP B 735 65.68 -46.40 -60.52
CA ASP B 735 65.84 -45.80 -61.84
C ASP B 735 64.49 -45.63 -62.52
N ALA B 761 69.98 -42.77 -56.69
CA ALA B 761 68.85 -43.13 -55.85
C ALA B 761 69.32 -43.84 -54.59
N TYR B 762 68.52 -43.74 -53.53
CA TYR B 762 68.82 -44.34 -52.25
C TYR B 762 67.91 -45.54 -52.01
N HIS B 763 68.35 -46.41 -51.09
CA HIS B 763 67.66 -47.67 -50.81
C HIS B 763 67.70 -48.61 -52.00
N SER B 764 68.61 -48.36 -52.94
CA SER B 764 68.79 -49.21 -54.11
C SER B 764 70.28 -49.32 -54.39
N HIS B 765 70.62 -50.10 -55.42
CA HIS B 765 72.04 -50.34 -55.72
C HIS B 765 72.75 -49.07 -56.17
N HIS B 766 72.02 -48.06 -56.65
CA HIS B 766 72.66 -46.86 -57.18
C HIS B 766 73.64 -46.27 -56.18
N MET B 767 73.20 -46.07 -54.94
CA MET B 767 74.07 -45.56 -53.89
C MET B 767 74.75 -46.67 -53.09
N LEU B 768 74.50 -47.92 -53.43
CA LEU B 768 75.12 -49.02 -52.68
C LEU B 768 76.65 -48.99 -52.74
N PRO B 769 77.29 -48.85 -53.92
CA PRO B 769 78.76 -48.87 -53.93
C PRO B 769 79.37 -47.73 -53.14
N CYS B 770 78.90 -46.49 -53.35
CA CYS B 770 79.45 -45.36 -52.61
C CYS B 770 79.28 -45.51 -51.11
N ALA B 771 78.30 -46.32 -50.67
CA ALA B 771 78.13 -46.56 -49.24
C ALA B 771 79.33 -47.28 -48.64
N ASP B 772 80.02 -48.11 -49.43
CA ASP B 772 81.15 -48.86 -48.90
C ASP B 772 82.27 -47.93 -48.42
N PRO B 773 82.91 -47.12 -49.28
CA PRO B 773 83.95 -46.22 -48.76
C PRO B 773 83.43 -45.26 -47.71
N TYR B 774 82.21 -44.75 -47.89
CA TYR B 774 81.63 -43.83 -46.92
C TYR B 774 81.65 -44.45 -45.52
N MET B 775 81.11 -45.67 -45.39
CA MET B 775 81.16 -46.35 -44.10
C MET B 775 82.60 -46.52 -43.63
N GLN B 776 83.50 -46.87 -44.56
CA GLN B 776 84.91 -47.00 -44.20
C GLN B 776 85.44 -45.70 -43.61
N ALA B 777 84.97 -44.56 -44.10
CA ALA B 777 85.35 -43.29 -43.49
C ALA B 777 84.60 -43.07 -42.19
N LEU B 778 83.32 -43.45 -42.14
CA LEU B 778 82.52 -43.23 -40.93
C LEU B 778 83.09 -44.01 -39.75
N GLU B 779 83.77 -45.13 -40.01
CA GLU B 779 84.42 -45.85 -38.92
C GLU B 779 85.47 -44.99 -38.24
N GLU B 780 86.22 -44.22 -39.02
CA GLU B 780 87.18 -43.26 -38.48
C GLU B 780 86.58 -41.87 -38.31
N CYS B 781 85.28 -41.72 -38.60
CA CYS B 781 84.60 -40.44 -38.51
C CYS B 781 83.27 -40.59 -37.79
N GLY B 782 83.29 -41.29 -36.66
CA GLY B 782 82.09 -41.51 -35.87
C GLY B 782 81.26 -42.67 -36.38
N SER B 794 69.00 -40.95 -24.11
CA SER B 794 68.11 -40.42 -23.09
C SER B 794 66.67 -40.38 -23.59
N VAL B 795 66.51 -40.03 -24.86
CA VAL B 795 65.19 -39.91 -25.48
C VAL B 795 64.76 -41.27 -26.00
N PRO B 796 63.54 -41.74 -25.70
CA PRO B 796 63.05 -42.96 -26.36
C PRO B 796 63.15 -42.84 -27.86
N TRP B 797 64.01 -43.65 -28.46
CA TRP B 797 64.36 -43.52 -29.87
C TRP B 797 64.20 -44.87 -30.56
N TYR B 798 63.56 -44.85 -31.74
CA TYR B 798 63.25 -46.05 -32.48
C TYR B 798 63.77 -45.91 -33.91
N SER B 799 64.64 -46.83 -34.33
CA SER B 799 65.11 -46.85 -35.70
C SER B 799 64.03 -47.39 -36.63
N SER B 800 64.13 -46.99 -37.90
CA SER B 800 63.21 -47.44 -38.93
C SER B 800 64.01 -47.98 -40.11
N VAL B 801 65.20 -47.41 -40.33
CA VAL B 801 66.12 -47.96 -41.31
C VAL B 801 66.39 -49.44 -40.99
N ASP B 802 66.69 -49.72 -39.73
CA ASP B 802 66.69 -51.07 -39.20
C ASP B 802 65.34 -51.29 -38.52
N ALA B 803 64.62 -52.32 -38.96
CA ALA B 803 63.21 -52.44 -38.60
C ALA B 803 63.02 -52.47 -37.08
N GLU B 804 63.68 -53.39 -36.41
CA GLU B 804 63.47 -53.57 -34.98
C GLU B 804 64.76 -53.62 -34.17
N ASN B 805 65.82 -54.22 -34.71
CA ASN B 805 66.98 -54.57 -33.87
C ASN B 805 67.68 -53.34 -33.33
N ARG B 806 67.83 -52.29 -34.14
CA ARG B 806 68.65 -51.14 -33.78
C ARG B 806 67.81 -49.99 -33.23
N GLN B 807 66.73 -50.32 -32.52
CA GLN B 807 65.96 -49.34 -31.75
C GLN B 807 66.51 -49.20 -30.32
N MET B 808 67.80 -49.47 -30.13
CA MET B 808 68.41 -49.54 -28.83
C MET B 808 69.64 -48.63 -28.79
N ALA B 809 69.99 -48.18 -27.58
CA ALA B 809 71.00 -47.14 -27.44
C ALA B 809 72.36 -47.59 -27.97
N ALA B 810 72.79 -48.80 -27.63
CA ALA B 810 74.14 -49.23 -27.94
C ALA B 810 74.30 -49.74 -29.37
N ARG B 811 73.24 -50.28 -29.97
CA ARG B 811 73.32 -50.88 -31.30
C ARG B 811 73.17 -49.88 -32.43
N ASP B 812 72.86 -48.61 -32.12
CA ASP B 812 72.69 -47.60 -33.16
C ASP B 812 73.96 -46.83 -33.47
N VAL B 813 75.06 -47.08 -32.75
CA VAL B 813 76.30 -46.36 -32.98
C VAL B 813 77.19 -47.03 -34.01
N THR B 814 76.86 -48.25 -34.45
CA THR B 814 77.69 -48.96 -35.40
C THR B 814 77.66 -48.30 -36.76
N ALA B 815 78.80 -48.33 -37.46
CA ALA B 815 78.88 -47.74 -38.79
C ALA B 815 77.94 -48.44 -39.76
N LYS B 816 77.68 -49.74 -39.56
CA LYS B 816 76.78 -50.46 -40.45
C LYS B 816 75.38 -49.89 -40.41
N TYR B 817 74.97 -49.33 -39.26
CA TYR B 817 73.66 -48.68 -39.21
C TYR B 817 73.63 -47.42 -40.08
N TRP B 818 74.70 -46.62 -40.01
CA TRP B 818 74.77 -45.42 -40.86
C TRP B 818 74.84 -45.81 -42.33
N LYS B 819 75.40 -46.97 -42.64
CA LYS B 819 75.38 -47.46 -44.02
C LYS B 819 73.97 -47.88 -44.42
N ASP B 820 73.29 -48.64 -43.55
CA ASP B 820 71.91 -49.02 -43.81
C ASP B 820 71.00 -47.81 -43.97
N ASN B 821 71.40 -46.66 -43.38
CA ASN B 821 70.60 -45.45 -43.54
C ASN B 821 70.30 -45.18 -45.01
N LEU B 822 71.26 -45.42 -45.89
CA LEU B 822 71.08 -45.26 -47.32
C LEU B 822 70.98 -46.57 -48.07
N VAL B 823 71.31 -47.70 -47.44
CA VAL B 823 71.27 -49.00 -48.11
C VAL B 823 69.96 -49.71 -47.81
N SER B 824 69.70 -49.97 -46.53
CA SER B 824 68.57 -50.79 -46.16
C SER B 824 67.25 -50.06 -46.41
N PRO B 825 66.17 -50.78 -46.72
CA PRO B 825 64.86 -50.14 -46.83
C PRO B 825 64.40 -49.61 -45.48
N VAL B 826 63.60 -48.56 -45.53
CA VAL B 826 63.17 -47.84 -44.33
C VAL B 826 61.74 -48.26 -44.01
N LEU B 827 61.54 -48.86 -42.83
CA LEU B 827 60.21 -49.18 -42.34
C LEU B 827 59.72 -48.10 -41.38
N PHE B 828 59.53 -46.91 -41.94
CA PHE B 828 59.10 -45.77 -41.14
C PHE B 828 57.78 -46.05 -40.44
N SER B 829 56.86 -46.71 -41.13
CA SER B 829 55.57 -47.03 -40.53
C SER B 829 55.74 -47.93 -39.31
N HIS B 830 56.63 -48.93 -39.40
CA HIS B 830 56.85 -49.83 -38.27
C HIS B 830 57.45 -49.08 -37.09
N ALA B 831 58.41 -48.19 -37.35
CA ALA B 831 59.00 -47.41 -36.26
C ALA B 831 57.97 -46.50 -35.60
N VAL B 832 57.12 -45.87 -36.40
CA VAL B 832 56.07 -45.03 -35.83
C VAL B 832 55.12 -45.88 -34.99
N GLN B 833 54.75 -47.06 -35.49
CA GLN B 833 53.90 -47.95 -34.73
C GLN B 833 54.54 -48.30 -33.39
N ARG B 834 55.82 -48.65 -33.40
CA ARG B 834 56.51 -49.00 -32.16
C ARG B 834 56.51 -47.83 -31.20
N ALA B 835 56.85 -46.63 -31.70
CA ALA B 835 56.94 -45.47 -30.82
C ALA B 835 55.59 -45.12 -30.21
N VAL B 836 54.52 -45.21 -31.00
CA VAL B 836 53.21 -44.79 -30.49
C VAL B 836 52.51 -45.89 -29.71
N VAL B 837 52.90 -47.15 -29.87
CA VAL B 837 52.29 -48.23 -29.10
C VAL B 837 53.01 -48.44 -27.78
N THR B 838 54.34 -48.27 -27.76
CA THR B 838 55.08 -48.37 -26.51
C THR B 838 54.92 -47.13 -25.65
N HIS B 839 54.38 -46.04 -26.19
CA HIS B 839 54.19 -44.78 -25.49
C HIS B 839 52.80 -44.23 -25.77
N LYS B 840 51.79 -45.08 -25.59
CA LYS B 840 50.41 -44.69 -25.88
C LYS B 840 50.06 -43.34 -25.27
N ALA B 841 50.74 -42.94 -24.20
CA ALA B 841 50.51 -41.64 -23.59
C ALA B 841 51.05 -40.49 -24.44
N LEU B 842 51.55 -40.75 -25.64
CA LEU B 842 52.02 -39.68 -26.51
C LEU B 842 50.89 -38.72 -26.82
N ASP B 843 51.22 -37.43 -26.91
CA ASP B 843 50.24 -36.38 -27.13
C ASP B 843 50.31 -35.77 -28.51
N ILE B 844 51.50 -35.37 -28.97
CA ILE B 844 51.65 -34.64 -30.23
C ILE B 844 52.81 -35.24 -31.02
N GLY B 845 52.87 -34.90 -32.29
CA GLY B 845 54.00 -35.25 -33.13
C GLY B 845 54.42 -34.06 -33.96
N ILE B 846 55.74 -33.89 -34.10
CA ILE B 846 56.32 -32.79 -34.84
C ILE B 846 57.17 -33.36 -35.97
N GLU B 847 56.89 -32.90 -37.19
CA GLU B 847 57.71 -33.24 -38.37
C GLU B 847 58.90 -32.31 -38.40
N VAL B 848 59.95 -32.69 -37.68
CA VAL B 848 61.17 -31.89 -37.64
C VAL B 848 61.75 -31.81 -39.04
N GLY B 849 61.90 -30.60 -39.54
CA GLY B 849 62.52 -30.38 -40.84
C GLY B 849 61.50 -29.96 -41.89
N CYS B 850 61.49 -30.68 -43.01
CA CYS B 850 60.82 -30.21 -44.23
C CYS B 850 59.39 -30.75 -44.29
N HIS B 851 58.52 -30.06 -43.58
CA HIS B 851 57.09 -30.29 -43.71
C HIS B 851 56.64 -29.89 -45.12
N PRO B 852 55.60 -30.55 -45.68
CA PRO B 852 54.75 -31.65 -45.24
C PRO B 852 55.09 -33.02 -45.86
N ALA B 853 56.38 -33.37 -45.92
CA ALA B 853 56.76 -34.60 -46.59
C ALA B 853 56.17 -35.83 -45.89
N LEU B 854 56.21 -35.86 -44.57
CA LEU B 854 55.83 -37.05 -43.80
C LEU B 854 54.51 -36.87 -43.05
N LYS B 855 53.76 -35.81 -43.30
CA LYS B 855 52.59 -35.52 -42.49
C LYS B 855 51.50 -36.58 -42.69
N SER B 856 51.00 -36.73 -43.91
CA SER B 856 49.86 -37.60 -44.14
C SER B 856 50.15 -39.05 -43.79
N PRO B 857 51.19 -39.69 -44.33
CA PRO B 857 51.43 -41.10 -43.96
C PRO B 857 51.70 -41.29 -42.48
N CYS B 858 52.41 -40.36 -41.85
CA CYS B 858 52.73 -40.52 -40.43
C CYS B 858 51.48 -40.42 -39.58
N VAL B 859 50.63 -39.42 -39.83
CA VAL B 859 49.43 -39.27 -39.03
C VAL B 859 48.48 -40.44 -39.29
N ALA B 860 48.43 -40.92 -40.54
CA ALA B 860 47.60 -42.09 -40.83
C ALA B 860 48.09 -43.31 -40.06
N THR B 861 49.42 -43.50 -40.02
CA THR B 861 49.97 -44.63 -39.27
C THR B 861 49.67 -44.49 -37.78
N ILE B 862 49.77 -43.28 -37.25
CA ILE B 862 49.46 -43.06 -35.84
C ILE B 862 48.01 -43.41 -35.55
N LYS B 863 47.09 -42.96 -36.41
CA LYS B 863 45.68 -43.26 -36.20
C LYS B 863 45.39 -44.74 -36.34
N ASP B 864 46.07 -45.42 -37.28
CA ASP B 864 45.84 -46.85 -37.46
C ASP B 864 46.35 -47.65 -36.27
N VAL B 865 47.58 -47.35 -35.81
CA VAL B 865 48.16 -48.07 -34.69
C VAL B 865 47.34 -47.81 -33.42
N LEU B 866 47.04 -46.54 -33.16
CA LEU B 866 46.16 -46.14 -32.06
C LEU B 866 44.79 -45.88 -32.68
N SER B 867 43.97 -46.94 -32.70
CA SER B 867 42.72 -46.91 -33.46
C SER B 867 41.88 -45.70 -33.08
N GLY B 868 41.68 -44.81 -34.07
CA GLY B 868 40.85 -43.64 -33.87
C GLY B 868 41.47 -42.54 -33.06
N VAL B 869 42.75 -42.64 -32.70
CA VAL B 869 43.42 -41.63 -31.89
C VAL B 869 44.12 -40.69 -32.85
N ASP B 870 43.46 -39.57 -33.16
CA ASP B 870 44.00 -38.57 -34.07
C ASP B 870 44.91 -37.63 -33.28
N LEU B 871 46.12 -38.11 -33.02
CA LEU B 871 47.09 -37.30 -32.29
C LEU B 871 47.47 -36.07 -33.11
N ALA B 872 47.75 -34.97 -32.40
CA ALA B 872 48.08 -33.72 -33.05
C ALA B 872 49.36 -33.85 -33.86
N TYR B 873 49.42 -33.13 -34.98
CA TYR B 873 50.58 -33.12 -35.85
C TYR B 873 50.96 -31.68 -36.15
N THR B 874 52.27 -31.42 -36.21
CA THR B 874 52.76 -30.05 -36.37
C THR B 874 54.01 -30.01 -37.23
N GLY B 875 54.03 -29.11 -38.21
CA GLY B 875 55.20 -28.85 -39.00
C GLY B 875 55.92 -27.60 -38.51
N CYS B 876 57.24 -27.58 -38.68
CA CYS B 876 58.07 -26.49 -38.20
C CYS B 876 58.89 -25.80 -39.28
N LEU B 877 58.97 -26.37 -40.49
CA LEU B 877 59.64 -25.71 -41.62
C LEU B 877 58.86 -26.09 -42.87
N GLU B 878 57.95 -25.21 -43.28
CA GLU B 878 57.05 -25.49 -44.38
C GLU B 878 57.76 -25.32 -45.72
N ARG B 879 57.03 -25.57 -46.80
CA ARG B 879 57.57 -25.56 -48.15
C ARG B 879 57.59 -24.13 -48.67
N GLY B 880 58.76 -23.51 -48.64
CA GLY B 880 58.92 -22.16 -49.16
C GLY B 880 58.46 -21.06 -48.24
N LYS B 881 58.11 -21.37 -46.99
CA LYS B 881 57.64 -20.36 -46.06
C LYS B 881 58.80 -19.80 -45.24
N ASN B 882 58.54 -18.67 -44.58
CA ASN B 882 59.56 -18.05 -43.74
C ASN B 882 59.94 -18.97 -42.59
N ASP B 883 61.25 -19.10 -42.35
CA ASP B 883 61.74 -20.01 -41.33
C ASP B 883 61.25 -19.57 -39.94
N LEU B 884 61.40 -18.28 -39.63
CA LEU B 884 60.91 -17.78 -38.35
C LEU B 884 59.42 -18.04 -38.20
N ASP B 885 58.66 -17.75 -39.26
CA ASP B 885 57.22 -17.99 -39.21
C ASP B 885 56.91 -19.47 -39.05
N SER B 886 57.67 -20.33 -39.72
CA SER B 886 57.42 -21.77 -39.62
C SER B 886 57.64 -22.26 -38.20
N PHE B 887 58.78 -21.91 -37.60
CA PHE B 887 59.05 -22.37 -36.24
C PHE B 887 58.08 -21.75 -35.24
N SER B 888 57.75 -20.47 -35.41
CA SER B 888 56.78 -19.83 -34.54
C SER B 888 55.41 -20.45 -34.68
N ARG B 889 55.05 -20.91 -35.88
CA ARG B 889 53.77 -21.59 -36.06
C ARG B 889 53.79 -22.97 -35.40
N ALA B 890 54.94 -23.65 -35.43
CA ALA B 890 55.05 -24.91 -34.71
C ALA B 890 54.83 -24.68 -33.22
N LEU B 891 55.50 -23.67 -32.66
CA LEU B 891 55.31 -23.35 -31.24
C LEU B 891 53.87 -22.92 -30.97
N ALA B 892 53.26 -22.21 -31.93
CA ALA B 892 51.88 -21.78 -31.78
C ALA B 892 50.93 -22.98 -31.70
N TYR B 893 51.15 -23.97 -32.56
CA TYR B 893 50.34 -25.18 -32.51
C TYR B 893 50.54 -25.89 -31.18
N LEU B 894 51.80 -26.01 -30.74
CA LEU B 894 52.07 -26.65 -29.46
C LEU B 894 51.33 -25.94 -28.33
N TRP B 895 51.37 -24.62 -28.32
CA TRP B 895 50.70 -23.87 -27.26
C TRP B 895 49.19 -24.03 -27.34
N GLU B 896 48.61 -23.82 -28.53
CA GLU B 896 47.16 -23.96 -28.68
C GLU B 896 46.70 -25.35 -28.27
N ARG B 897 47.58 -26.34 -28.36
CA ARG B 897 47.20 -27.70 -27.98
C ARG B 897 47.37 -27.99 -26.50
N PHE B 898 48.46 -27.52 -25.87
CA PHE B 898 48.76 -27.91 -24.50
C PHE B 898 49.20 -26.71 -23.66
N GLY B 899 48.50 -25.59 -23.78
CA GLY B 899 48.73 -24.48 -22.87
C GLY B 899 50.20 -24.11 -22.78
N ALA B 900 50.59 -23.60 -21.61
CA ALA B 900 51.99 -23.29 -21.36
C ALA B 900 52.82 -24.54 -21.10
N SER B 901 52.19 -25.64 -20.70
CA SER B 901 52.91 -26.88 -20.46
C SER B 901 53.53 -27.43 -21.74
N SER B 902 53.07 -26.96 -22.90
CA SER B 902 53.61 -27.47 -24.16
C SER B 902 55.11 -27.21 -24.26
N PHE B 903 55.55 -26.02 -23.88
CA PHE B 903 56.97 -25.68 -23.92
C PHE B 903 57.21 -24.52 -22.98
N ASP B 904 58.49 -24.29 -22.68
CA ASP B 904 58.92 -23.22 -21.80
C ASP B 904 59.52 -22.10 -22.63
N ALA B 905 58.85 -20.94 -22.61
CA ALA B 905 59.34 -19.79 -23.36
C ALA B 905 60.52 -19.12 -22.65
N ASP B 906 60.53 -19.14 -21.32
CA ASP B 906 61.63 -18.52 -20.58
C ASP B 906 62.96 -19.17 -20.94
N GLU B 907 62.99 -20.51 -20.94
CA GLU B 907 64.22 -21.20 -21.32
C GLU B 907 64.55 -20.97 -22.79
N PHE B 908 63.52 -20.93 -23.64
CA PHE B 908 63.76 -20.72 -25.07
C PHE B 908 64.45 -19.39 -25.32
N MET B 909 63.98 -18.33 -24.66
CA MET B 909 64.63 -17.03 -24.79
C MET B 909 65.93 -16.96 -23.99
N ARG B 910 66.11 -17.84 -23.00
CA ARG B 910 67.42 -17.98 -22.39
C ARG B 910 68.44 -18.46 -23.41
N ALA B 911 68.03 -19.41 -24.26
CA ALA B 911 68.90 -19.90 -25.33
C ALA B 911 68.91 -18.92 -26.50
N VAL B 912 67.73 -18.56 -27.01
CA VAL B 912 67.63 -17.65 -28.14
C VAL B 912 67.70 -16.21 -27.64
N ALA B 913 68.62 -15.43 -28.21
CA ALA B 913 68.81 -14.05 -27.84
C ALA B 913 69.07 -13.90 -26.34
N PRO B 914 70.19 -14.44 -25.84
CA PRO B 914 70.49 -14.25 -24.41
C PRO B 914 70.55 -12.79 -23.99
N ASP B 915 71.07 -11.93 -24.87
CA ASP B 915 71.07 -10.50 -24.59
C ASP B 915 69.65 -9.96 -24.58
N ARG B 916 69.44 -8.93 -23.77
CA ARG B 916 68.12 -8.34 -23.62
C ARG B 916 67.12 -9.41 -23.17
N PRO B 917 67.22 -9.89 -21.92
CA PRO B 917 66.22 -10.82 -21.42
C PRO B 917 64.83 -10.19 -21.46
N CYS B 918 63.84 -11.01 -21.78
CA CYS B 918 62.49 -10.50 -22.00
C CYS B 918 61.94 -9.88 -20.72
N MET B 919 61.29 -8.74 -20.88
CA MET B 919 60.66 -8.04 -19.77
C MET B 919 59.18 -8.36 -19.72
N SER B 920 58.65 -8.46 -18.50
CA SER B 920 57.22 -8.74 -18.30
C SER B 920 56.46 -7.47 -18.61
N VAL B 921 56.08 -7.31 -19.88
CA VAL B 921 55.39 -6.13 -20.35
C VAL B 921 53.89 -6.27 -20.13
N SER B 922 53.49 -7.30 -19.37
CA SER B 922 52.07 -7.52 -19.10
C SER B 922 51.40 -6.28 -18.54
N LYS B 923 52.16 -5.37 -17.93
CA LYS B 923 51.58 -4.12 -17.45
C LYS B 923 50.91 -3.37 -18.59
N LEU B 924 51.61 -3.22 -19.70
CA LEU B 924 51.11 -2.45 -20.84
C LEU B 924 50.16 -3.24 -21.73
N LEU B 925 50.11 -4.56 -21.59
CA LEU B 925 49.23 -5.35 -22.42
C LEU B 925 47.77 -5.04 -22.08
N PRO B 926 46.87 -5.10 -23.06
CA PRO B 926 45.47 -4.77 -22.79
C PRO B 926 44.86 -5.70 -21.76
N ALA B 927 43.98 -5.15 -20.93
CA ALA B 927 43.30 -5.95 -19.94
C ALA B 927 42.34 -6.92 -20.63
N TYR B 928 41.93 -7.94 -19.88
CA TYR B 928 41.06 -8.95 -20.45
C TYR B 928 39.74 -8.32 -20.88
N PRO B 929 39.27 -8.56 -22.11
CA PRO B 929 38.00 -7.98 -22.55
C PRO B 929 36.81 -8.72 -21.97
N TRP B 930 36.40 -8.34 -20.77
CA TRP B 930 35.31 -9.02 -20.10
C TRP B 930 34.05 -8.99 -20.97
N ASP B 931 33.34 -10.12 -21.00
CA ASP B 931 32.25 -10.28 -21.96
C ASP B 931 31.25 -9.14 -21.85
N ARG B 932 30.75 -8.89 -20.65
CA ARG B 932 29.82 -7.80 -20.37
C ARG B 932 28.54 -7.87 -21.20
N SER B 933 28.31 -8.98 -21.91
CA SER B 933 27.14 -9.06 -22.78
C SER B 933 25.84 -9.07 -21.97
N ARG B 934 25.81 -9.82 -20.87
CA ARG B 934 24.62 -9.97 -20.05
C ARG B 934 24.80 -9.21 -18.74
N ARG B 935 23.77 -8.45 -18.37
CA ARG B 935 23.78 -7.67 -17.13
C ARG B 935 23.22 -8.54 -16.02
N TYR B 936 24.11 -8.99 -15.13
CA TYR B 936 23.71 -9.83 -13.99
C TYR B 936 23.42 -8.91 -12.82
N TRP B 937 22.13 -8.74 -12.51
CA TRP B 937 21.71 -7.87 -11.42
C TRP B 937 20.40 -8.38 -10.87
N VAL B 938 20.11 -7.99 -9.63
CA VAL B 938 18.89 -8.39 -8.94
C VAL B 938 18.13 -7.13 -8.56
N GLU B 939 16.86 -7.07 -8.95
CA GLU B 939 16.02 -5.92 -8.60
C GLU B 939 14.57 -6.38 -8.60
N SER B 940 14.03 -6.62 -7.41
CA SER B 940 12.58 -6.74 -7.30
C SER B 940 11.94 -5.46 -7.79
N ARG B 941 10.86 -5.60 -8.56
CA ARG B 941 10.23 -4.41 -9.13
C ARG B 941 9.89 -3.40 -8.05
N ALA B 942 9.59 -3.87 -6.84
CA ALA B 942 9.48 -2.96 -5.70
C ALA B 942 10.82 -2.28 -5.42
N THR B 943 11.90 -3.06 -5.45
CA THR B 943 13.23 -2.46 -5.24
C THR B 943 13.56 -1.48 -6.34
N ARG B 944 13.21 -1.81 -7.59
CA ARG B 944 13.45 -0.89 -8.69
C ARG B 944 12.66 0.40 -8.52
N HIS B 945 11.39 0.30 -8.15
CA HIS B 945 10.60 1.49 -7.87
C HIS B 945 11.12 2.25 -6.67
N HIS B 946 11.86 1.58 -5.78
CA HIS B 946 12.45 2.23 -4.63
C HIS B 946 13.69 3.03 -5.03
N LEU B 947 14.65 2.38 -5.68
CA LEU B 947 15.86 3.08 -6.11
C LEU B 947 15.52 4.18 -7.11
N ARG B 948 14.67 3.87 -8.08
CA ARG B 948 14.08 4.69 -9.14
C ARG B 948 12.77 5.28 -8.62
N GLY B 949 11.96 5.81 -9.52
CA GLY B 949 10.64 6.28 -9.17
C GLY B 949 10.52 7.79 -9.19
N PRO B 950 9.37 8.28 -8.75
CA PRO B 950 9.12 9.72 -8.78
C PRO B 950 9.89 10.44 -7.68
N LYS B 951 9.90 11.78 -7.79
CA LYS B 951 10.52 12.59 -6.76
C LYS B 951 9.76 12.41 -5.45
N PRO B 952 10.43 12.63 -4.31
CA PRO B 952 9.72 12.48 -3.03
C PRO B 952 8.78 13.65 -2.80
N HIS B 953 7.59 13.56 -3.38
CA HIS B 953 6.69 14.70 -3.40
C HIS B 953 6.43 15.21 -1.99
N LEU B 954 6.50 16.52 -1.83
CA LEU B 954 6.27 17.13 -0.54
C LEU B 954 4.86 16.83 -0.05
N LEU B 955 4.73 16.63 1.26
CA LEU B 955 3.46 16.29 1.90
C LEU B 955 3.08 14.84 1.63
N LEU B 956 3.83 14.17 0.76
CA LEU B 956 3.48 12.81 0.37
C LEU B 956 4.66 11.87 0.58
N GLY B 957 5.88 12.38 0.39
CA GLY B 957 7.03 11.52 0.46
C GLY B 957 7.14 10.70 -0.81
N LYS B 958 7.69 9.50 -0.65
CA LYS B 958 7.92 8.60 -1.77
C LYS B 958 6.73 7.66 -1.96
N LEU B 959 6.34 7.49 -3.21
CA LEU B 959 5.31 6.51 -3.53
C LEU B 959 5.76 5.13 -3.13
N SER B 960 4.84 4.34 -2.58
CA SER B 960 5.20 3.02 -2.08
C SER B 960 5.73 2.15 -3.20
N GLU B 961 6.70 1.29 -2.87
CA GLU B 961 7.30 0.44 -3.87
C GLU B 961 6.27 -0.45 -4.55
N TYR B 962 5.22 -0.84 -3.81
CA TYR B 962 4.20 -1.76 -4.31
C TYR B 962 2.97 -1.02 -4.83
N SER B 963 3.16 0.20 -5.30
CA SER B 963 2.06 0.98 -5.86
C SER B 963 1.79 0.56 -7.30
N THR B 964 0.63 0.99 -7.79
CA THR B 964 0.15 0.68 -9.13
C THR B 964 -0.46 1.91 -9.76
N PRO B 965 -0.64 1.91 -11.08
CA PRO B 965 -1.40 3.00 -11.72
C PRO B 965 -2.82 3.10 -11.19
N LEU B 966 -3.35 2.02 -10.61
CA LEU B 966 -4.69 2.03 -10.04
C LEU B 966 -4.69 2.18 -8.52
N SER B 967 -3.59 1.85 -7.86
CA SER B 967 -3.48 1.97 -6.41
C SER B 967 -2.12 2.55 -6.06
N PHE B 968 -2.12 3.52 -5.14
CA PHE B 968 -0.91 4.25 -4.78
C PHE B 968 -0.86 4.37 -3.27
N GLN B 969 0.35 4.48 -2.73
CA GLN B 969 0.53 4.72 -1.30
C GLN B 969 1.79 5.55 -1.12
N TRP B 970 1.62 6.84 -0.95
CA TRP B 970 2.74 7.73 -0.67
C TRP B 970 3.10 7.66 0.81
N LEU B 971 4.37 7.35 1.08
CA LEU B 971 4.86 7.16 2.43
C LEU B 971 5.75 8.33 2.80
N ASN B 972 5.53 8.90 3.98
CA ASN B 972 6.30 10.03 4.46
C ASN B 972 6.40 9.96 5.97
N PHE B 973 7.41 10.62 6.52
CA PHE B 973 7.59 10.74 7.97
C PHE B 973 7.77 12.21 8.27
N VAL B 974 6.66 12.92 8.44
CA VAL B 974 6.67 14.37 8.57
C VAL B 974 7.13 14.74 9.97
N ARG B 975 8.15 15.58 10.06
CA ARG B 975 8.49 16.27 11.29
C ARG B 975 8.48 17.77 11.03
N PRO B 976 7.99 18.58 11.97
CA PRO B 976 7.77 20.00 11.66
C PRO B 976 9.02 20.73 11.18
N ARG B 977 10.20 20.42 11.70
CA ARG B 977 11.38 21.15 11.26
C ARG B 977 11.74 20.85 9.81
N ASP B 978 11.41 19.64 9.34
CA ASP B 978 11.63 19.32 7.94
C ASP B 978 10.62 19.99 7.02
N ILE B 979 9.47 20.41 7.56
CA ILE B 979 8.48 21.18 6.82
C ILE B 979 8.43 22.55 7.51
N GLU B 980 9.18 23.50 6.97
CA GLU B 980 9.40 24.77 7.66
C GLU B 980 8.09 25.42 8.08
N TRP B 981 7.10 25.42 7.20
CA TRP B 981 5.84 26.11 7.49
C TRP B 981 4.97 25.36 8.48
N LEU B 982 5.18 24.05 8.65
CA LEU B 982 4.30 23.26 9.50
C LEU B 982 4.32 23.71 10.94
N ASP B 983 5.36 24.43 11.37
CA ASP B 983 5.39 24.94 12.73
C ASP B 983 4.28 25.95 13.00
N GLY B 984 3.70 26.53 11.95
CA GLY B 984 2.70 27.57 12.12
C GLY B 984 1.35 27.06 12.58
N HIS B 985 1.05 25.79 12.33
CA HIS B 985 -0.24 25.22 12.72
C HIS B 985 -0.11 24.55 14.08
N ALA B 986 -0.47 25.30 15.11
CA ALA B 986 -0.42 24.81 16.49
C ALA B 986 -1.81 24.85 17.08
N LEU B 987 -2.21 23.77 17.74
CA LEU B 987 -3.48 23.67 18.44
C LEU B 987 -3.19 23.31 19.90
N GLN B 988 -3.62 24.18 20.81
CA GLN B 988 -3.36 23.99 22.24
C GLN B 988 -1.86 23.90 22.49
N GLY B 989 -1.09 24.69 21.75
CA GLY B 989 0.36 24.70 21.86
C GLY B 989 1.05 23.65 21.01
N GLN B 990 0.50 22.44 20.99
CA GLN B 990 1.08 21.36 20.20
C GLN B 990 0.97 21.68 18.71
N THR B 991 2.05 21.39 17.98
CA THR B 991 2.00 21.50 16.52
C THR B 991 1.18 20.35 15.96
N VAL B 992 0.15 20.68 15.20
CA VAL B 992 -0.80 19.70 14.69
C VAL B 992 -0.84 19.81 13.18
N PHE B 993 -0.81 18.67 12.50
CA PHE B 993 -0.88 18.68 11.05
C PHE B 993 -2.24 19.20 10.62
N PRO B 994 -2.32 20.25 9.80
CA PRO B 994 -3.62 20.82 9.47
C PRO B 994 -4.49 19.85 8.70
N ALA B 995 -5.80 19.98 8.91
CA ALA B 995 -6.75 19.28 8.04
C ALA B 995 -6.59 19.75 6.61
N ALA B 996 -6.33 21.04 6.42
CA ALA B 996 -5.92 21.53 5.11
C ALA B 996 -4.70 20.79 4.62
N GLY B 997 -3.83 20.35 5.54
CA GLY B 997 -2.70 19.54 5.13
C GLY B 997 -3.13 18.22 4.51
N TYR B 998 -4.09 17.54 5.15
CA TYR B 998 -4.61 16.30 4.59
C TYR B 998 -5.26 16.55 3.23
N ILE B 999 -6.00 17.66 3.12
CA ILE B 999 -6.68 17.98 1.87
C ILE B 999 -5.66 18.22 0.76
N VAL B 1000 -4.61 18.98 1.06
CA VAL B 1000 -3.58 19.24 0.05
C VAL B 1000 -2.85 17.95 -0.31
N MET B 1001 -2.65 17.07 0.67
CA MET B 1001 -2.04 15.78 0.39
C MET B 1001 -2.90 14.99 -0.59
N ALA B 1002 -4.22 14.98 -0.34
CA ALA B 1002 -5.12 14.25 -1.23
C ALA B 1002 -5.11 14.84 -2.63
N MET B 1003 -5.09 16.17 -2.72
CA MET B 1003 -5.12 16.81 -4.04
C MET B 1003 -3.82 16.57 -4.79
N GLU B 1004 -2.68 16.60 -4.10
CA GLU B 1004 -1.41 16.29 -4.74
C GLU B 1004 -1.36 14.83 -5.16
N ALA B 1005 -1.93 13.94 -4.35
CA ALA B 1005 -2.03 12.54 -4.75
C ALA B 1005 -2.88 12.40 -6.01
N ALA B 1006 -3.97 13.17 -6.10
CA ALA B 1006 -4.78 13.16 -7.31
C ALA B 1006 -3.97 13.64 -8.50
N LEU B 1007 -3.17 14.69 -8.32
CA LEU B 1007 -2.32 15.17 -9.39
C LEU B 1007 -1.36 14.09 -9.85
N MET B 1008 -0.70 13.42 -8.91
CA MET B 1008 0.27 12.39 -9.25
C MET B 1008 -0.42 11.21 -9.94
N ILE B 1009 -1.62 10.85 -9.50
CA ILE B 1009 -2.35 9.76 -10.13
C ILE B 1009 -2.70 10.13 -11.57
N ALA B 1010 -3.19 11.36 -11.77
CA ALA B 1010 -3.52 11.80 -13.13
C ALA B 1010 -2.29 11.80 -14.01
N GLY B 1011 -1.16 12.27 -13.48
CA GLY B 1011 0.08 12.21 -14.23
C GLY B 1011 0.48 10.78 -14.58
N THR B 1012 0.24 9.85 -13.64
CA THR B 1012 0.52 8.44 -13.90
C THR B 1012 -0.29 7.94 -15.09
N HIS B 1013 -1.52 8.43 -15.25
CA HIS B 1013 -2.36 8.11 -16.39
C HIS B 1013 -2.22 9.11 -17.52
N ALA B 1014 -1.24 10.02 -17.43
CA ALA B 1014 -1.04 11.05 -18.44
C ALA B 1014 -2.28 11.92 -18.60
N LYS B 1015 -2.94 12.22 -17.49
CA LYS B 1015 -4.15 13.04 -17.48
C LYS B 1015 -3.88 14.35 -16.79
N GLN B 1016 -4.48 15.42 -17.31
CA GLN B 1016 -4.46 16.73 -16.65
C GLN B 1016 -5.83 16.94 -16.00
N VAL B 1017 -5.82 17.22 -14.70
CA VAL B 1017 -7.05 17.37 -13.94
C VAL B 1017 -7.62 18.76 -14.21
N LYS B 1018 -8.74 18.81 -14.93
CA LYS B 1018 -9.45 20.08 -15.11
C LYS B 1018 -10.09 20.52 -13.80
N LEU B 1019 -10.54 19.58 -12.99
CA LEU B 1019 -11.22 19.86 -11.74
C LEU B 1019 -10.90 18.76 -10.74
N LEU B 1020 -10.88 19.11 -9.45
CA LEU B 1020 -10.46 18.17 -8.41
C LEU B 1020 -11.37 18.35 -7.19
N GLU B 1021 -12.40 17.52 -7.10
CA GLU B 1021 -13.28 17.52 -5.94
C GLU B 1021 -12.78 16.52 -4.91
N ILE B 1022 -13.02 16.83 -3.65
CA ILE B 1022 -12.81 15.91 -2.53
C ILE B 1022 -14.14 15.74 -1.84
N LEU B 1023 -14.65 14.51 -1.84
CA LEU B 1023 -16.01 14.22 -1.39
C LEU B 1023 -15.98 13.42 -0.10
N ASP B 1024 -16.94 13.73 0.78
CA ASP B 1024 -17.16 12.97 2.01
C ASP B 1024 -15.86 12.78 2.78
N MET B 1025 -15.00 13.80 2.76
CA MET B 1025 -13.74 13.70 3.47
C MET B 1025 -13.96 13.80 4.97
N SER B 1026 -13.21 13.00 5.72
CA SER B 1026 -13.31 12.96 7.17
C SER B 1026 -11.91 12.95 7.76
N ILE B 1027 -11.68 13.84 8.72
CA ILE B 1027 -10.44 13.87 9.49
C ILE B 1027 -10.71 13.14 10.79
N ASP B 1028 -10.18 11.91 10.91
CA ASP B 1028 -10.50 11.05 12.04
C ASP B 1028 -9.61 11.30 13.24
N LYS B 1029 -8.32 11.52 13.04
CA LYS B 1029 -7.37 11.70 14.14
C LYS B 1029 -6.38 12.78 13.76
N ALA B 1030 -6.42 13.90 14.47
CA ALA B 1030 -5.45 14.96 14.25
C ALA B 1030 -4.06 14.47 14.62
N VAL B 1031 -3.09 14.75 13.77
CA VAL B 1031 -1.70 14.35 14.00
C VAL B 1031 -1.07 15.37 14.93
N ILE B 1032 -0.77 14.96 16.15
CA ILE B 1032 -0.14 15.83 17.14
C ILE B 1032 1.36 15.59 17.11
N PHE B 1033 2.13 16.66 16.89
CA PHE B 1033 3.59 16.59 16.88
C PHE B 1033 4.09 16.97 18.26
N ASP B 1034 4.74 16.01 18.94
CA ASP B 1034 5.27 16.28 20.27
C ASP B 1034 6.33 17.38 20.22
N ASP B 1035 7.18 17.35 19.20
CA ASP B 1035 8.25 18.34 19.06
C ASP B 1035 8.55 18.51 17.58
N GLU B 1036 9.22 19.62 17.26
CA GLU B 1036 9.52 19.91 15.86
C GLU B 1036 10.38 18.83 15.21
N ASP B 1037 11.11 18.06 16.00
CA ASP B 1037 11.93 16.97 15.49
C ASP B 1037 11.24 15.62 15.54
N SER B 1038 10.02 15.57 16.05
CA SER B 1038 9.30 14.30 16.15
C SER B 1038 8.80 13.88 14.77
N LEU B 1039 9.01 12.61 14.43
CA LEU B 1039 8.58 12.08 13.15
C LEU B 1039 7.22 11.40 13.32
N VAL B 1040 6.24 11.85 12.53
CA VAL B 1040 4.93 11.25 12.48
C VAL B 1040 4.75 10.66 11.08
N GLU B 1041 4.51 9.36 11.02
CA GLU B 1041 4.36 8.70 9.73
C GLU B 1041 3.01 9.02 9.13
N LEU B 1042 3.02 9.48 7.88
CA LEU B 1042 1.81 9.73 7.09
C LEU B 1042 1.88 8.86 5.85
N ASN B 1043 0.89 8.00 5.68
CA ASN B 1043 0.79 7.13 4.52
C ASN B 1043 -0.53 7.44 3.83
N LEU B 1044 -0.45 8.12 2.68
CA LEU B 1044 -1.64 8.44 1.91
C LEU B 1044 -1.86 7.33 0.89
N THR B 1045 -2.85 6.49 1.14
CA THR B 1045 -3.23 5.42 0.22
C THR B 1045 -4.40 5.90 -0.62
N ALA B 1046 -4.19 5.99 -1.93
CA ALA B 1046 -5.20 6.47 -2.86
C ALA B 1046 -5.44 5.40 -3.92
N ASP B 1047 -6.67 4.92 -4.01
CA ASP B 1047 -7.04 3.83 -4.91
C ASP B 1047 -8.14 4.33 -5.83
N VAL B 1048 -7.86 4.38 -7.13
CA VAL B 1048 -8.81 4.91 -8.10
C VAL B 1048 -9.88 3.86 -8.30
N SER B 1049 -10.99 4.00 -7.58
CA SER B 1049 -12.10 3.07 -7.73
C SER B 1049 -12.75 3.16 -9.09
N ARG B 1050 -12.59 4.28 -9.80
CA ARG B 1050 -13.14 4.44 -11.15
C ARG B 1050 -12.13 5.21 -11.97
N ASN B 1051 -11.73 4.64 -13.11
CA ASN B 1051 -10.86 5.32 -14.06
C ASN B 1051 -11.62 5.42 -15.39
N ALA B 1052 -12.43 6.46 -15.51
CA ALA B 1052 -13.31 6.64 -16.65
C ALA B 1052 -12.86 7.84 -17.46
N GLY B 1053 -11.55 7.90 -17.76
CA GLY B 1053 -11.05 8.94 -18.63
C GLY B 1053 -11.79 9.00 -19.95
N GLU B 1054 -12.37 7.87 -20.38
CA GLU B 1054 -13.29 7.90 -21.51
C GLU B 1054 -14.50 8.78 -21.18
N ALA B 1055 -15.00 8.68 -19.96
CA ALA B 1055 -16.04 9.58 -19.46
C ALA B 1055 -15.46 10.85 -18.88
N GLY B 1056 -14.14 10.99 -18.87
CA GLY B 1056 -13.51 12.18 -18.33
C GLY B 1056 -13.56 12.29 -16.83
N SER B 1057 -13.61 11.17 -16.11
CA SER B 1057 -13.75 11.20 -14.66
C SER B 1057 -12.80 10.20 -14.03
N MET B 1058 -12.48 10.46 -12.76
CA MET B 1058 -11.64 9.54 -12.00
C MET B 1058 -12.02 9.63 -10.53
N THR B 1059 -12.54 8.53 -9.99
CA THR B 1059 -12.92 8.44 -8.58
C THR B 1059 -11.88 7.65 -7.82
N ILE B 1060 -11.35 8.26 -6.75
CA ILE B 1060 -10.22 7.72 -6.02
C ILE B 1060 -10.49 7.80 -4.52
N SER B 1061 -10.70 6.65 -3.88
CA SER B 1061 -10.81 6.64 -2.43
C SER B 1061 -9.43 6.82 -1.81
N PHE B 1062 -9.32 7.82 -0.93
CA PHE B 1062 -8.03 8.16 -0.34
C PHE B 1062 -8.13 8.11 1.17
N LYS B 1063 -7.03 7.72 1.80
CA LYS B 1063 -6.95 7.59 3.26
C LYS B 1063 -5.54 8.00 3.68
N ILE B 1064 -5.45 9.08 4.46
CA ILE B 1064 -4.19 9.49 5.07
C ILE B 1064 -4.14 8.80 6.43
N ASP B 1065 -3.43 7.68 6.48
CA ASP B 1065 -3.17 7.01 7.74
C ASP B 1065 -2.01 7.69 8.46
N SER B 1066 -2.10 7.77 9.78
CA SER B 1066 -1.09 8.45 10.56
C SER B 1066 -0.65 7.60 11.75
N CYS B 1067 0.62 7.73 12.09
CA CYS B 1067 1.20 7.10 13.27
C CYS B 1067 2.09 8.11 13.96
N LEU B 1068 1.68 8.55 15.15
CA LEU B 1068 2.41 9.62 15.83
C LEU B 1068 3.82 9.19 16.22
N SER B 1069 3.98 7.97 16.73
CA SER B 1069 5.28 7.49 17.18
C SER B 1069 5.45 6.03 16.77
N LYS B 1070 6.69 5.65 16.49
CA LYS B 1070 6.96 4.30 16.00
C LYS B 1070 6.49 3.24 16.97
N GLU B 1071 6.33 3.59 18.25
CA GLU B 1071 5.83 2.63 19.23
C GLU B 1071 4.40 2.21 18.90
N GLY B 1072 3.57 3.14 18.44
CA GLY B 1072 2.18 2.84 18.16
C GLY B 1072 1.96 2.29 16.76
N ASN B 1073 0.75 1.78 16.55
CA ASN B 1073 0.36 1.25 15.25
C ASN B 1073 -0.07 2.38 14.31
N LEU B 1074 -0.21 2.03 13.04
CA LEU B 1074 -0.66 3.00 12.04
C LEU B 1074 -2.16 3.19 12.16
N SER B 1075 -2.59 4.44 12.31
CA SER B 1075 -3.98 4.79 12.48
C SER B 1075 -4.45 5.65 11.32
N LEU B 1076 -5.76 5.91 11.29
CA LEU B 1076 -6.36 6.72 10.25
C LEU B 1076 -6.39 8.18 10.70
N SER B 1077 -5.72 9.05 9.96
CA SER B 1077 -5.76 10.48 10.22
C SER B 1077 -6.90 11.15 9.46
N ALA B 1078 -7.11 10.75 8.21
CA ALA B 1078 -8.17 11.33 7.40
C ALA B 1078 -8.57 10.33 6.32
N LYS B 1079 -9.74 10.56 5.74
CA LYS B 1079 -10.22 9.72 4.65
C LYS B 1079 -11.19 10.52 3.81
N GLY B 1080 -11.45 10.02 2.60
CA GLY B 1080 -12.40 10.66 1.72
C GLY B 1080 -12.32 10.08 0.32
N GLN B 1081 -12.92 10.80 -0.63
CA GLN B 1081 -12.88 10.42 -2.03
C GLN B 1081 -12.40 11.62 -2.84
N LEU B 1082 -11.88 11.33 -4.03
CA LEU B 1082 -11.46 12.36 -4.97
C LEU B 1082 -12.16 12.13 -6.30
N ALA B 1083 -12.78 13.18 -6.83
CA ALA B 1083 -13.43 13.15 -8.13
C ALA B 1083 -12.68 14.09 -9.05
N LEU B 1084 -11.92 13.53 -9.98
CA LEU B 1084 -11.09 14.31 -10.89
C LEU B 1084 -11.80 14.39 -12.23
N THR B 1085 -12.08 15.60 -12.68
CA THR B 1085 -12.47 15.87 -14.06
C THR B 1085 -11.19 16.13 -14.84
N ILE B 1086 -10.89 15.26 -15.81
CA ILE B 1086 -9.56 15.15 -16.40
C ILE B 1086 -9.63 15.28 -17.91
N GLU B 1087 -8.47 15.54 -18.50
CA GLU B 1087 -8.29 15.55 -19.94
C GLU B 1087 -6.97 14.85 -20.28
N ASP B 1088 -6.82 14.49 -21.55
CA ASP B 1088 -5.66 13.71 -21.95
C ASP B 1088 -4.34 14.45 -21.77
N VAL B 1089 -4.38 15.76 -21.62
CA VAL B 1089 -3.15 16.53 -21.47
C VAL B 1089 -2.47 16.15 -20.16
N HIS B 1100 -13.80 28.90 -15.15
CA HIS B 1100 -15.23 28.88 -14.95
C HIS B 1100 -15.72 27.49 -14.58
N HIS B 1101 -14.78 26.60 -14.24
CA HIS B 1101 -15.13 25.24 -13.84
C HIS B 1101 -15.86 25.20 -12.51
N LEU B 1102 -15.85 26.31 -11.77
CA LEU B 1102 -16.54 26.42 -10.50
C LEU B 1102 -17.51 27.60 -10.52
N PRO B 1103 -18.57 27.55 -9.71
CA PRO B 1103 -19.54 28.65 -9.71
C PRO B 1103 -18.88 29.96 -9.32
N PRO B 1104 -19.28 31.07 -9.92
CA PRO B 1104 -18.73 32.36 -9.51
C PRO B 1104 -19.07 32.62 -8.05
N PRO B 1105 -18.21 33.31 -7.33
CA PRO B 1105 -18.48 33.58 -5.91
C PRO B 1105 -19.67 34.51 -5.75
N GLU B 1106 -20.29 34.43 -4.57
CA GLU B 1106 -21.39 35.32 -4.26
C GLU B 1106 -20.92 36.78 -4.32
N GLU B 1107 -21.89 37.69 -4.26
CA GLU B 1107 -21.63 39.10 -4.57
C GLU B 1107 -21.01 39.84 -3.38
N GLU B 1108 -19.88 39.31 -2.91
CA GLU B 1108 -19.03 40.00 -1.95
C GLU B 1108 -19.88 40.59 -0.81
N HIS B 1109 -20.39 39.68 0.03
CA HIS B 1109 -21.48 39.93 0.96
C HIS B 1109 -21.42 41.37 1.49
N PRO B 1110 -22.55 42.08 1.45
CA PRO B 1110 -22.50 43.55 1.40
C PRO B 1110 -21.83 44.24 2.57
N HIS B 1111 -22.38 44.06 3.76
CA HIS B 1111 -21.92 44.75 4.96
C HIS B 1111 -21.31 43.72 5.89
N MET B 1112 -20.04 43.90 6.22
CA MET B 1112 -19.35 42.97 7.10
C MET B 1112 -18.39 43.79 7.94
N ASN B 1113 -18.61 43.80 9.25
CA ASN B 1113 -17.71 44.49 10.16
C ASN B 1113 -16.29 44.00 9.93
N ARG B 1114 -15.37 44.94 9.81
CA ARG B 1114 -13.98 44.64 9.50
C ARG B 1114 -13.33 43.91 10.66
N VAL B 1115 -13.13 42.59 10.51
CA VAL B 1115 -12.53 41.79 11.56
C VAL B 1115 -11.06 42.18 11.69
N ASN B 1116 -10.70 42.67 12.88
CA ASN B 1116 -9.30 42.96 13.17
C ASN B 1116 -8.52 41.65 13.15
N ILE B 1117 -7.71 41.45 12.11
CA ILE B 1117 -7.03 40.17 11.93
C ILE B 1117 -6.17 39.85 13.14
N ASN B 1118 -5.45 40.85 13.66
CA ASN B 1118 -4.63 40.62 14.84
C ASN B 1118 -5.49 40.20 16.02
N ALA B 1119 -6.61 40.90 16.24
CA ALA B 1119 -7.51 40.52 17.33
C ALA B 1119 -8.16 39.17 17.06
N PHE B 1120 -8.50 38.91 15.80
CA PHE B 1120 -9.10 37.62 15.44
C PHE B 1120 -8.16 36.48 15.82
N TYR B 1121 -6.90 36.56 15.41
CA TYR B 1121 -5.96 35.50 15.73
C TYR B 1121 -5.61 35.48 17.21
N HIS B 1122 -5.64 36.64 17.88
CA HIS B 1122 -5.44 36.66 19.32
C HIS B 1122 -6.53 35.85 20.02
N GLU B 1123 -7.79 36.09 19.67
CA GLU B 1123 -8.87 35.31 20.25
C GLU B 1123 -8.75 33.84 19.89
N LEU B 1124 -8.39 33.55 18.63
CA LEU B 1124 -8.21 32.17 18.22
C LEU B 1124 -7.17 31.48 19.08
N GLY B 1125 -6.04 32.14 19.33
CA GLY B 1125 -5.05 31.58 20.24
C GLY B 1125 -5.59 31.42 21.65
N LEU B 1126 -6.37 32.39 22.11
CA LEU B 1126 -7.01 32.24 23.42
C LEU B 1126 -7.86 30.98 23.49
N MET B 1127 -8.45 30.58 22.37
CA MET B 1127 -9.26 29.38 22.31
C MET B 1127 -8.47 28.16 21.82
N GLY B 1128 -7.14 28.24 21.84
CA GLY B 1128 -6.29 27.12 21.50
C GLY B 1128 -5.76 27.10 20.09
N TYR B 1129 -6.29 27.94 19.21
CA TYR B 1129 -5.82 28.02 17.82
C TYR B 1129 -4.58 28.90 17.76
N ASN B 1130 -3.45 28.32 18.15
CA ASN B 1130 -2.21 29.09 18.18
C ASN B 1130 -1.59 29.18 16.79
N TYR B 1131 -2.36 29.69 15.82
CA TYR B 1131 -1.85 29.84 14.47
C TYR B 1131 -0.69 30.82 14.45
N SER B 1132 0.28 30.57 13.56
CA SER B 1132 1.48 31.39 13.50
C SER B 1132 1.98 31.47 12.07
N LYS B 1133 2.84 32.46 11.83
CA LYS B 1133 3.49 32.69 10.55
C LYS B 1133 2.56 32.43 9.36
N ASP B 1134 2.82 31.38 8.59
CA ASP B 1134 2.09 31.19 7.34
C ASP B 1134 0.60 31.00 7.57
N PHE B 1135 0.20 30.53 8.75
CA PHE B 1135 -1.20 30.30 9.05
C PHE B 1135 -1.90 31.53 9.60
N ARG B 1136 -1.16 32.63 9.79
CA ARG B 1136 -1.75 33.93 10.04
C ARG B 1136 -1.82 34.77 8.76
N ARG B 1137 -1.78 34.11 7.60
CA ARG B 1137 -1.72 34.78 6.31
C ARG B 1137 -3.05 35.37 5.87
N LEU B 1138 -4.04 35.45 6.76
CA LEU B 1138 -5.31 36.07 6.43
C LEU B 1138 -5.13 37.58 6.33
N HIS B 1139 -4.93 38.08 5.10
CA HIS B 1139 -4.60 39.49 4.92
C HIS B 1139 -5.66 40.39 5.55
N ASN B 1140 -6.92 40.16 5.20
CA ASN B 1140 -8.01 40.97 5.75
C ASN B 1140 -9.29 40.14 5.69
N MET B 1141 -10.16 40.38 6.67
CA MET B 1141 -11.43 39.70 6.74
C MET B 1141 -12.49 40.65 7.30
N GLN B 1142 -13.74 40.35 6.97
CA GLN B 1142 -14.87 41.12 7.47
C GLN B 1142 -16.08 40.20 7.50
N ARG B 1143 -16.83 40.24 8.61
CA ARG B 1143 -17.86 39.26 8.88
C ARG B 1143 -19.18 39.95 9.20
N ALA B 1144 -20.28 39.27 8.85
CA ALA B 1144 -21.62 39.69 9.25
C ALA B 1144 -22.62 38.68 8.73
N ASP B 1145 -23.82 38.70 9.33
CA ASP B 1145 -24.93 37.86 8.88
C ASP B 1145 -24.51 36.40 8.78
N LEU B 1146 -23.79 35.92 9.78
CA LEU B 1146 -23.31 34.54 9.80
C LEU B 1146 -22.48 34.25 8.55
N ARG B 1147 -21.67 35.23 8.15
CA ARG B 1147 -20.89 35.13 6.93
C ARG B 1147 -19.60 35.91 7.09
N ALA B 1148 -18.61 35.58 6.27
CA ALA B 1148 -17.35 36.31 6.27
C ALA B 1148 -16.83 36.38 4.85
N SER B 1149 -15.92 37.33 4.63
CA SER B 1149 -15.29 37.49 3.32
C SER B 1149 -14.01 38.28 3.53
N GLY B 1150 -13.30 38.48 2.45
CA GLY B 1150 -12.10 39.30 2.49
C GLY B 1150 -11.05 38.77 1.53
N THR B 1151 -9.79 38.87 1.94
CA THR B 1151 -8.67 38.43 1.13
C THR B 1151 -7.67 37.71 2.01
N LEU B 1152 -7.23 36.53 1.55
CA LEU B 1152 -6.20 35.75 2.22
C LEU B 1152 -5.06 35.52 1.25
N ASP B 1153 -3.84 35.47 1.77
CA ASP B 1153 -2.65 35.32 0.93
C ASP B 1153 -2.59 33.90 0.40
N PHE B 1154 -2.71 33.75 -0.92
CA PHE B 1154 -2.55 32.46 -1.58
C PHE B 1154 -1.05 32.14 -1.70
N ILE B 1155 -0.41 32.04 -0.56
CA ILE B 1155 1.05 31.86 -0.52
C ILE B 1155 1.42 30.61 -1.30
N PRO B 1156 2.36 30.68 -2.24
CA PRO B 1156 2.72 29.48 -2.99
C PRO B 1156 3.60 28.54 -2.20
N LEU B 1157 3.45 27.25 -2.49
CA LEU B 1157 4.29 26.20 -1.92
C LEU B 1157 4.80 25.33 -3.04
N MET B 1158 6.11 25.12 -3.08
CA MET B 1158 6.75 24.34 -4.13
C MET B 1158 7.69 23.32 -3.51
N ASP B 1159 7.79 22.16 -4.13
CA ASP B 1159 8.70 21.11 -3.67
C ASP B 1159 10.08 21.39 -4.20
N GLU B 1160 11.01 21.72 -3.31
CA GLU B 1160 12.38 22.00 -3.74
C GLU B 1160 13.01 20.80 -4.41
N GLY B 1161 12.64 19.58 -3.98
CA GLY B 1161 13.16 18.39 -4.62
C GLY B 1161 12.58 18.13 -6.00
N ASN B 1162 11.46 18.78 -6.33
CA ASN B 1162 10.84 18.65 -7.63
C ASN B 1162 10.90 19.92 -8.45
N GLY B 1163 11.03 21.08 -7.82
CA GLY B 1163 11.12 22.33 -8.55
C GLY B 1163 9.83 22.79 -9.17
N CYS B 1164 8.68 22.31 -8.69
CA CYS B 1164 7.39 22.70 -9.21
C CYS B 1164 6.47 23.11 -8.07
N PRO B 1165 5.53 24.02 -8.31
CA PRO B 1165 4.62 24.45 -7.25
C PRO B 1165 3.55 23.42 -6.96
N LEU B 1166 3.01 23.50 -5.75
CA LEU B 1166 1.88 22.67 -5.36
C LEU B 1166 0.57 23.40 -5.60
N LEU B 1167 -0.52 22.63 -5.61
CA LEU B 1167 -1.84 23.22 -5.80
C LEU B 1167 -2.14 24.25 -4.72
N LEU B 1168 -1.93 23.88 -3.46
CA LEU B 1168 -2.25 24.74 -2.35
C LEU B 1168 -1.14 24.66 -1.31
N HIS B 1169 -0.79 25.81 -0.75
CA HIS B 1169 -0.03 25.83 0.48
C HIS B 1169 -1.00 25.54 1.63
N PRO B 1170 -0.84 24.43 2.36
CA PRO B 1170 -1.83 24.11 3.41
C PRO B 1170 -2.12 25.27 4.33
N ALA B 1171 -1.18 26.21 4.44
CA ALA B 1171 -1.44 27.42 5.21
C ALA B 1171 -2.58 28.22 4.62
N SER B 1172 -2.60 28.38 3.29
CA SER B 1172 -3.66 29.16 2.66
C SER B 1172 -5.03 28.47 2.84
N LEU B 1173 -5.07 27.16 2.65
CA LEU B 1173 -6.34 26.44 2.81
C LEU B 1173 -6.80 26.45 4.26
N ASP B 1174 -5.85 26.34 5.20
CA ASP B 1174 -6.23 26.41 6.60
C ASP B 1174 -6.72 27.80 6.97
N VAL B 1175 -6.15 28.85 6.36
CA VAL B 1175 -6.68 30.19 6.56
C VAL B 1175 -8.09 30.30 6.00
N ALA B 1176 -8.32 29.70 4.83
CA ALA B 1176 -9.67 29.66 4.28
C ALA B 1176 -10.62 29.00 5.26
N PHE B 1177 -10.19 27.92 5.90
CA PHE B 1177 -11.01 27.29 6.94
C PHE B 1177 -11.24 28.25 8.10
N GLN B 1178 -10.19 28.96 8.52
CA GLN B 1178 -10.33 29.94 9.58
C GLN B 1178 -11.38 30.99 9.22
N THR B 1179 -11.57 31.23 7.93
CA THR B 1179 -12.61 32.16 7.51
C THR B 1179 -13.98 31.69 7.97
N VAL B 1180 -14.21 30.38 8.02
CA VAL B 1180 -15.47 29.86 8.52
C VAL B 1180 -15.66 30.24 9.98
N ILE B 1181 -14.61 30.07 10.78
CA ILE B 1181 -14.68 30.46 12.18
C ILE B 1181 -14.93 31.96 12.31
N GLY B 1182 -14.24 32.75 11.49
CA GLY B 1182 -14.46 34.18 11.52
C GLY B 1182 -15.92 34.55 11.26
N ALA B 1183 -16.51 33.93 10.23
CA ALA B 1183 -17.94 34.11 10.01
C ALA B 1183 -18.74 33.66 11.21
N TYR B 1184 -18.27 32.62 11.89
CA TYR B 1184 -18.96 32.12 13.07
C TYR B 1184 -18.76 33.03 14.27
N SER B 1185 -17.56 33.59 14.42
CA SER B 1185 -17.21 34.35 15.61
C SER B 1185 -16.42 35.58 15.22
N SER B 1186 -16.78 36.72 15.82
CA SER B 1186 -16.02 37.95 15.67
C SER B 1186 -14.90 38.01 16.69
N PRO B 1187 -13.86 38.80 16.43
CA PRO B 1187 -12.81 38.97 17.45
C PRO B 1187 -13.40 39.59 18.71
N GLY B 1188 -12.95 39.07 19.86
CA GLY B 1188 -13.35 39.61 21.13
C GLY B 1188 -14.74 39.25 21.59
N ASP B 1189 -15.43 38.34 20.90
CA ASP B 1189 -16.77 37.92 21.30
C ASP B 1189 -16.78 36.61 22.07
N ARG B 1190 -15.88 35.69 21.73
CA ARG B 1190 -15.74 34.39 22.41
C ARG B 1190 -16.90 33.46 22.09
N ARG B 1191 -17.50 33.61 20.91
CA ARG B 1191 -18.45 32.62 20.43
C ARG B 1191 -17.78 31.29 20.13
N LEU B 1192 -16.45 31.27 20.03
CA LEU B 1192 -15.69 30.06 19.76
C LEU B 1192 -15.17 29.49 21.08
N ARG B 1193 -16.12 29.07 21.93
CA ARG B 1193 -15.81 28.68 23.29
C ARG B 1193 -15.04 27.37 23.38
N CYS B 1194 -14.93 26.61 22.29
CA CYS B 1194 -14.12 25.40 22.28
C CYS B 1194 -13.40 25.30 20.94
N LEU B 1195 -12.29 24.55 20.96
CA LEU B 1195 -11.42 24.42 19.78
C LEU B 1195 -12.05 23.44 18.81
N TYR B 1196 -12.62 23.95 17.73
CA TYR B 1196 -13.16 23.13 16.66
C TYR B 1196 -12.06 22.85 15.65
N VAL B 1197 -11.90 21.59 15.28
CA VAL B 1197 -10.96 21.20 14.23
C VAL B 1197 -11.75 20.60 13.08
N PRO B 1198 -11.36 20.85 11.82
CA PRO B 1198 -12.10 20.25 10.71
C PRO B 1198 -12.16 18.74 10.83
N THR B 1199 -13.36 18.21 10.97
CA THR B 1199 -13.56 16.77 11.14
C THR B 1199 -14.14 16.12 9.89
N HIS B 1200 -15.08 16.76 9.21
CA HIS B 1200 -15.71 16.15 8.04
C HIS B 1200 -16.05 17.17 6.97
N VAL B 1201 -15.35 17.10 5.85
CA VAL B 1201 -15.57 18.04 4.75
C VAL B 1201 -16.47 17.36 3.74
N ASP B 1202 -17.66 17.91 3.53
CA ASP B 1202 -18.61 17.30 2.62
C ASP B 1202 -18.09 17.37 1.18
N ARG B 1203 -17.61 18.54 0.75
CA ARG B 1203 -17.05 18.62 -0.59
C ARG B 1203 -16.10 19.81 -0.72
N ILE B 1204 -14.81 19.54 -0.82
CA ILE B 1204 -13.90 20.53 -1.39
C ILE B 1204 -13.93 20.41 -2.91
N THR B 1205 -13.57 21.49 -3.59
CA THR B 1205 -13.47 21.43 -5.04
C THR B 1205 -12.50 22.50 -5.51
N LEU B 1206 -11.42 22.06 -6.15
CA LEU B 1206 -10.32 22.95 -6.53
C LEU B 1206 -10.11 22.91 -8.03
N VAL B 1207 -9.86 24.08 -8.60
CA VAL B 1207 -9.50 24.20 -10.01
C VAL B 1207 -7.98 24.26 -10.07
N PRO B 1208 -7.30 23.14 -10.30
CA PRO B 1208 -5.83 23.17 -10.21
C PRO B 1208 -5.17 24.16 -11.16
N SER B 1209 -5.72 24.33 -12.35
CA SER B 1209 -5.15 25.28 -13.29
C SER B 1209 -5.12 26.68 -12.70
N LEU B 1210 -6.26 27.12 -12.15
CA LEU B 1210 -6.33 28.48 -11.59
C LEU B 1210 -5.45 28.62 -10.36
N CYS B 1211 -5.42 27.59 -9.51
CA CYS B 1211 -4.59 27.67 -8.31
C CYS B 1211 -3.11 27.78 -8.68
N LEU B 1212 -2.66 26.96 -9.64
CA LEU B 1212 -1.27 27.04 -10.07
C LEU B 1212 -0.98 28.39 -10.73
N ALA B 1213 -1.94 28.89 -11.52
CA ALA B 1213 -1.75 30.18 -12.16
C ALA B 1213 -1.59 31.28 -11.13
N THR B 1214 -2.42 31.27 -10.09
CA THR B 1214 -2.30 32.26 -9.03
C THR B 1214 -0.99 32.12 -8.28
N ALA B 1215 -0.58 30.88 -8.00
CA ALA B 1215 0.67 30.67 -7.28
C ALA B 1215 1.85 31.21 -8.07
N GLU B 1216 1.88 30.97 -9.38
CA GLU B 1216 3.00 31.41 -10.21
C GLU B 1216 2.87 32.86 -10.62
N SER B 1217 1.70 33.48 -10.45
CA SER B 1217 1.51 34.86 -10.89
C SER B 1217 2.31 35.83 -10.04
N GLY B 1218 2.54 35.50 -8.78
CA GLY B 1218 3.24 36.37 -7.86
C GLY B 1218 2.34 37.21 -6.98
N CYS B 1219 1.07 37.38 -7.36
CA CYS B 1219 0.13 38.10 -6.49
C CYS B 1219 -0.05 37.37 -5.16
N GLU B 1220 -0.17 36.04 -5.20
CA GLU B 1220 -0.30 35.21 -4.02
C GLU B 1220 -1.21 35.84 -2.98
N LYS B 1221 -2.30 36.45 -3.43
CA LYS B 1221 -3.27 37.06 -2.53
C LYS B 1221 -4.62 37.03 -3.23
N VAL B 1222 -5.53 36.20 -2.74
CA VAL B 1222 -6.78 35.91 -3.41
C VAL B 1222 -7.94 36.21 -2.47
N ALA B 1223 -9.06 36.62 -3.06
CA ALA B 1223 -10.23 36.95 -2.27
C ALA B 1223 -10.97 35.69 -1.87
N PHE B 1224 -11.89 35.84 -0.91
CA PHE B 1224 -12.63 34.70 -0.39
C PHE B 1224 -13.97 35.17 0.16
N ASN B 1225 -14.95 34.27 0.06
CA ASN B 1225 -16.22 34.40 0.76
C ASN B 1225 -16.47 33.08 1.49
N THR B 1226 -17.29 33.14 2.54
CA THR B 1226 -17.55 31.95 3.33
C THR B 1226 -18.85 32.11 4.10
N ILE B 1227 -19.65 31.06 4.11
CA ILE B 1227 -20.90 30.99 4.85
C ILE B 1227 -20.68 30.04 6.01
N ASN B 1228 -21.02 30.50 7.22
CA ASN B 1228 -21.05 29.62 8.38
C ASN B 1228 -22.43 28.94 8.42
N THR B 1229 -22.59 27.96 7.52
CA THR B 1229 -23.91 27.39 7.27
C THR B 1229 -24.56 26.89 8.54
N TYR B 1230 -23.80 26.18 9.38
CA TYR B 1230 -24.30 25.71 10.66
C TYR B 1230 -23.44 26.31 11.77
N ASP B 1231 -24.10 26.87 12.78
CA ASP B 1231 -23.39 27.59 13.83
C ASP B 1231 -23.96 27.34 15.22
N LYS B 1232 -24.85 26.35 15.38
CA LYS B 1232 -25.50 26.17 16.67
C LYS B 1232 -24.49 25.92 17.78
N GLY B 1233 -23.34 25.32 17.44
CA GLY B 1233 -22.21 25.20 18.36
C GLY B 1233 -21.66 23.80 18.47
N ASP B 1234 -22.50 22.78 18.36
CA ASP B 1234 -22.03 21.41 18.54
C ASP B 1234 -20.95 21.08 17.53
N TYR B 1235 -21.14 21.50 16.27
CA TYR B 1235 -20.06 21.51 15.30
C TYR B 1235 -20.39 22.53 14.23
N LEU B 1236 -19.39 23.30 13.82
CA LEU B 1236 -19.59 24.34 12.81
C LEU B 1236 -19.56 23.73 11.42
N SER B 1237 -20.48 24.18 10.57
CA SER B 1237 -20.50 23.77 9.17
C SER B 1237 -20.35 25.01 8.31
N GLY B 1238 -19.38 24.99 7.40
CA GLY B 1238 -19.12 26.14 6.56
C GLY B 1238 -18.87 25.81 5.10
N ASP B 1239 -19.28 26.72 4.21
CA ASP B 1239 -18.99 26.61 2.79
C ASP B 1239 -18.09 27.76 2.38
N ILE B 1240 -16.95 27.45 1.77
CA ILE B 1240 -15.95 28.44 1.42
C ILE B 1240 -15.86 28.55 -0.09
N VAL B 1241 -15.54 29.74 -0.57
CA VAL B 1241 -15.31 30.00 -1.99
C VAL B 1241 -14.16 30.97 -2.11
N VAL B 1242 -12.99 30.47 -2.51
CA VAL B 1242 -11.81 31.30 -2.70
C VAL B 1242 -11.66 31.57 -4.20
N PHE B 1243 -11.43 32.83 -4.56
CA PHE B 1243 -11.41 33.23 -5.96
C PHE B 1243 -10.28 34.23 -6.19
N ASP B 1244 -9.94 34.39 -7.46
CA ASP B 1244 -8.84 35.24 -7.87
C ASP B 1244 -9.27 36.70 -7.90
N ALA B 1245 -8.36 37.58 -8.30
CA ALA B 1245 -8.70 38.99 -8.43
C ALA B 1245 -9.78 39.18 -9.50
N GLU B 1246 -9.68 38.44 -10.60
CA GLU B 1246 -10.71 38.47 -11.63
C GLU B 1246 -12.00 37.77 -11.20
N GLN B 1247 -12.07 37.28 -9.97
CA GLN B 1247 -13.25 36.67 -9.38
C GLN B 1247 -13.51 35.25 -9.90
N THR B 1248 -12.51 34.62 -10.48
CA THR B 1248 -12.62 33.21 -10.85
C THR B 1248 -12.32 32.35 -9.62
N THR B 1249 -13.16 31.34 -9.40
CA THR B 1249 -13.08 30.52 -8.20
C THR B 1249 -11.93 29.54 -8.34
N LEU B 1250 -10.86 29.76 -7.58
CA LEU B 1250 -9.76 28.80 -7.52
C LEU B 1250 -10.22 27.50 -6.88
N PHE B 1251 -10.85 27.61 -5.71
CA PHE B 1251 -11.42 26.44 -5.05
C PHE B 1251 -12.50 26.91 -4.09
N GLN B 1252 -13.40 25.98 -3.78
CA GLN B 1252 -14.50 26.21 -2.86
C GLN B 1252 -14.62 25.03 -1.91
N VAL B 1253 -15.36 25.26 -0.83
CA VAL B 1253 -15.63 24.22 0.17
C VAL B 1253 -17.12 24.23 0.45
N GLU B 1254 -17.66 23.05 0.75
CA GLU B 1254 -19.08 22.87 1.03
C GLU B 1254 -19.21 22.00 2.26
N ASN B 1255 -19.83 22.56 3.30
CA ASN B 1255 -20.13 21.85 4.54
C ASN B 1255 -18.88 21.18 5.12
N ILE B 1256 -17.81 21.96 5.20
CA ILE B 1256 -16.69 21.58 6.06
C ILE B 1256 -17.15 21.68 7.50
N THR B 1257 -17.00 20.57 8.23
CA THR B 1257 -17.52 20.43 9.58
C THR B 1257 -16.35 20.41 10.54
N PHE B 1258 -16.20 21.50 11.27
CA PHE B 1258 -15.27 21.64 12.37
C PHE B 1258 -15.96 21.12 13.62
N LYS B 1259 -15.46 20.08 14.19
CA LYS B 1259 -16.01 19.57 15.43
C LYS B 1259 -15.06 19.87 16.58
N PRO B 1260 -15.56 20.04 17.80
CA PRO B 1260 -14.67 20.38 18.91
C PRO B 1260 -13.57 19.34 19.08
N PHE B 1261 -12.37 19.83 19.41
CA PHE B 1261 -11.26 18.93 19.70
C PHE B 1261 -11.66 17.93 20.77
N SER B 1262 -12.40 18.39 21.77
CA SER B 1262 -13.06 17.55 22.75
C SER B 1262 -14.50 17.99 22.90
N PRO B 1263 -15.41 17.07 23.22
CA PRO B 1263 -16.82 17.45 23.30
C PRO B 1263 -17.04 18.58 24.28
N PRO B 1264 -17.92 19.52 23.99
CA PRO B 1264 -18.12 20.65 24.90
C PRO B 1264 -18.62 20.18 26.26
N ASP B 1265 -18.17 20.88 27.29
CA ASP B 1265 -18.55 20.58 28.67
C ASP B 1265 -19.30 21.76 29.27
N ALA B 1266 -19.86 21.53 30.46
CA ALA B 1266 -20.56 22.60 31.15
C ALA B 1266 -19.62 23.76 31.46
N SER B 1267 -18.32 23.49 31.60
CA SER B 1267 -17.37 24.56 31.82
C SER B 1267 -17.32 25.52 30.64
N THR B 1268 -17.64 25.03 29.43
CA THR B 1268 -17.70 25.87 28.26
C THR B 1268 -19.03 26.60 28.12
N ASP B 1269 -19.97 26.36 29.03
CA ASP B 1269 -21.27 27.01 28.94
C ASP B 1269 -21.17 28.52 29.07
N HIS B 1270 -22.00 29.22 28.29
CA HIS B 1270 -22.08 30.67 28.33
C HIS B 1270 -23.14 31.09 29.34
N ALA B 1271 -22.69 31.65 30.47
CA ALA B 1271 -23.57 31.99 31.59
C ALA B 1271 -24.08 33.43 31.52
N MET B 1272 -24.21 34.00 30.32
CA MET B 1272 -24.59 35.40 30.21
C MET B 1272 -25.97 35.63 30.81
N PHE B 1273 -26.93 34.75 30.51
CA PHE B 1273 -28.29 34.94 30.97
C PHE B 1273 -28.35 34.98 32.50
N ALA B 1274 -29.19 35.85 33.03
CA ALA B 1274 -29.39 35.97 34.46
C ALA B 1274 -30.78 36.55 34.72
N ARG B 1275 -31.30 36.28 35.91
CA ARG B 1275 -32.61 36.76 36.32
C ARG B 1275 -32.51 37.48 37.66
N TRP B 1276 -33.41 38.44 37.85
CA TRP B 1276 -33.52 39.17 39.11
C TRP B 1276 -34.28 38.31 40.11
N SER B 1277 -33.57 37.34 40.68
CA SER B 1277 -34.14 36.61 41.80
C SER B 1277 -34.50 37.62 42.88
N TRP B 1278 -35.79 37.80 43.12
CA TRP B 1278 -36.28 38.78 44.09
C TRP B 1278 -36.57 38.03 45.38
N GLY B 1279 -35.74 38.25 46.40
CA GLY B 1279 -35.88 37.54 47.64
C GLY B 1279 -35.86 38.48 48.84
N PRO B 1280 -36.36 38.01 49.98
CA PRO B 1280 -36.55 38.90 51.12
C PRO B 1280 -35.26 39.58 51.56
N LEU B 1281 -35.40 40.82 52.01
CA LEU B 1281 -34.30 41.56 52.63
C LEU B 1281 -33.88 40.94 53.95
N THR B 1282 -34.71 40.08 54.54
CA THR B 1282 -34.36 39.35 55.75
C THR B 1282 -35.17 38.07 55.77
N PRO B 1283 -34.63 37.00 56.36
CA PRO B 1283 -35.40 35.76 56.44
C PRO B 1283 -36.67 35.94 57.25
N ASP B 1284 -37.71 35.22 56.85
CA ASP B 1284 -39.00 35.33 57.53
C ASP B 1284 -38.83 34.98 59.02
N SER B 1285 -39.43 35.81 59.88
CA SER B 1285 -39.35 35.56 61.31
C SER B 1285 -40.05 34.27 61.71
N LEU B 1286 -40.93 33.74 60.86
CA LEU B 1286 -41.64 32.50 61.14
C LEU B 1286 -41.78 31.73 59.83
N LEU B 1287 -40.99 30.66 59.68
CA LEU B 1287 -41.10 29.80 58.50
C LEU B 1287 -42.40 29.03 58.60
N ASP B 1288 -43.41 29.45 57.83
CA ASP B 1288 -44.77 28.93 57.95
C ASP B 1288 -45.33 28.56 56.58
N ASN B 1289 -44.54 27.86 55.77
CA ASN B 1289 -45.02 27.42 54.48
C ASN B 1289 -46.10 26.35 54.68
N PRO B 1290 -47.30 26.52 54.10
CA PRO B 1290 -48.32 25.48 54.25
C PRO B 1290 -47.89 24.12 53.71
N GLU B 1291 -47.09 24.10 52.63
CA GLU B 1291 -46.63 22.84 52.08
C GLU B 1291 -45.82 22.04 53.08
N TYR B 1292 -45.22 22.70 54.08
CA TYR B 1292 -44.39 22.05 55.07
C TYR B 1292 -45.05 22.02 56.45
N TRP B 1293 -46.37 22.08 56.50
CA TRP B 1293 -47.10 21.86 57.75
C TRP B 1293 -47.17 20.37 58.05
N ALA B 1294 -47.53 20.06 59.30
CA ALA B 1294 -47.76 18.68 59.70
C ALA B 1294 -49.05 18.20 59.05
N THR B 1295 -48.92 17.48 57.94
CA THR B 1295 -50.09 17.05 57.19
C THR B 1295 -51.00 16.19 58.05
N ALA B 1296 -52.21 15.97 57.56
CA ALA B 1296 -53.21 15.24 58.35
C ALA B 1296 -52.72 13.84 58.69
N GLN B 1297 -52.09 13.14 57.73
CA GLN B 1297 -51.57 11.82 58.02
C GLN B 1297 -50.48 11.89 59.08
N ASP B 1298 -49.59 12.88 59.01
CA ASP B 1298 -48.62 13.09 60.08
C ASP B 1298 -49.32 13.44 61.38
N LYS B 1299 -50.32 14.33 61.30
CA LYS B 1299 -51.21 14.62 62.42
C LYS B 1299 -52.18 13.48 62.69
N GLU B 1300 -52.03 12.37 61.96
CA GLU B 1300 -52.53 11.07 62.37
C GLU B 1300 -51.42 10.08 62.65
N ALA B 1301 -50.23 10.31 62.12
CA ALA B 1301 -49.06 9.48 62.41
C ALA B 1301 -48.71 9.55 63.88
N ILE B 1302 -48.29 10.73 64.33
CA ILE B 1302 -47.83 10.88 65.71
C ILE B 1302 -48.98 10.68 66.68
N PRO B 1303 -50.15 11.27 66.45
CA PRO B 1303 -51.26 11.09 67.39
C PRO B 1303 -51.71 9.64 67.55
N ILE B 1304 -51.46 8.77 66.57
CA ILE B 1304 -51.79 7.36 66.76
C ILE B 1304 -50.88 6.73 67.81
N ILE B 1305 -49.56 6.97 67.70
CA ILE B 1305 -48.66 6.47 68.73
C ILE B 1305 -48.90 7.17 70.05
N GLU B 1306 -49.48 8.37 70.02
CA GLU B 1306 -49.94 9.02 71.25
C GLU B 1306 -51.08 8.23 71.88
N ARG B 1307 -52.06 7.85 71.06
CA ARG B 1307 -53.23 7.10 71.50
C ARG B 1307 -52.79 5.84 72.25
N ILE B 1308 -51.69 5.24 71.79
CA ILE B 1308 -51.16 4.07 72.46
C ILE B 1308 -50.78 4.40 73.89
N VAL B 1309 -50.24 5.60 74.12
CA VAL B 1309 -49.68 5.96 75.42
C VAL B 1309 -50.52 6.99 76.18
N TYR B 1310 -51.50 7.63 75.54
CA TYR B 1310 -52.14 8.79 76.15
C TYR B 1310 -52.88 8.44 77.44
N PHE B 1311 -53.17 7.17 77.68
CA PHE B 1311 -54.03 6.81 78.81
C PHE B 1311 -53.40 7.22 80.14
N TYR B 1312 -52.14 6.84 80.36
CA TYR B 1312 -51.46 7.09 81.63
C TYR B 1312 -50.18 7.89 81.41
N ILE B 1313 -50.17 8.74 80.39
CA ILE B 1313 -48.95 9.50 80.07
C ILE B 1313 -48.50 10.32 81.27
N ARG B 1314 -49.44 10.95 81.97
CA ARG B 1314 -49.05 11.78 83.11
C ARG B 1314 -48.31 10.97 84.16
N SER B 1315 -48.60 9.67 84.25
CA SER B 1315 -47.86 8.81 85.18
C SER B 1315 -46.58 8.26 84.55
N PHE B 1316 -46.57 8.12 83.22
CA PHE B 1316 -45.40 7.58 82.55
C PHE B 1316 -44.24 8.57 82.52
N LEU B 1317 -44.54 9.86 82.64
CA LEU B 1317 -43.55 10.90 82.36
C LEU B 1317 -42.20 10.58 82.98
N SER B 1318 -42.14 10.53 84.31
CA SER B 1318 -40.86 10.28 84.97
C SER B 1318 -40.26 8.97 84.50
N GLN B 1319 -41.06 7.90 84.46
CA GLN B 1319 -40.56 6.62 83.97
C GLN B 1319 -39.92 6.79 82.60
N LEU B 1320 -40.60 7.51 81.70
CA LEU B 1320 -40.05 7.71 80.37
C LEU B 1320 -38.65 8.31 80.45
N THR B 1321 -38.48 9.35 81.29
CA THR B 1321 -37.16 9.95 81.43
C THR B 1321 -36.15 8.92 81.88
N LEU B 1322 -36.52 8.06 82.82
CA LEU B 1322 -35.64 6.98 83.24
C LEU B 1322 -35.23 6.14 82.03
N GLU B 1323 -36.21 5.78 81.19
CA GLU B 1323 -35.90 5.00 80.00
C GLU B 1323 -34.92 5.76 79.10
N GLU B 1324 -35.06 7.09 79.05
CA GLU B 1324 -34.18 7.89 78.21
C GLU B 1324 -32.77 8.02 78.80
N ARG B 1325 -32.56 7.56 80.03
CA ARG B 1325 -31.25 7.58 80.66
C ARG B 1325 -30.42 6.34 80.32
N GLN B 1326 -30.83 5.56 79.32
CA GLN B 1326 -30.17 4.29 79.03
C GLN B 1326 -28.72 4.47 78.62
N GLN B 1327 -28.30 5.67 78.25
CA GLN B 1327 -26.89 5.91 77.99
C GLN B 1327 -26.12 6.24 79.25
N ALA B 1328 -26.76 6.93 80.20
CA ALA B 1328 -26.07 7.49 81.36
C ALA B 1328 -26.36 6.74 82.65
N ALA B 1329 -27.63 6.59 83.03
CA ALA B 1329 -27.95 6.12 84.37
C ALA B 1329 -29.10 5.12 84.46
N PHE B 1330 -29.77 4.78 83.35
CA PHE B 1330 -30.88 3.83 83.44
C PHE B 1330 -30.41 2.49 83.95
N HIS B 1331 -29.22 2.05 83.52
CA HIS B 1331 -28.68 0.78 84.00
C HIS B 1331 -28.37 0.82 85.49
N LEU B 1332 -28.36 2.00 86.11
CA LEU B 1332 -28.21 2.14 87.56
C LEU B 1332 -29.50 2.49 88.27
N GLN B 1333 -30.47 3.09 87.56
CA GLN B 1333 -31.67 3.59 88.22
C GLN B 1333 -32.47 2.47 88.89
N LYS B 1334 -32.63 1.33 88.21
CA LYS B 1334 -33.28 0.16 88.81
C LYS B 1334 -32.37 -1.05 88.76
N GLN B 1335 -31.06 -0.83 88.91
CA GLN B 1335 -30.08 -1.91 88.76
C GLN B 1335 -30.27 -2.62 87.42
N ILE B 1336 -30.51 -1.82 86.37
CA ILE B 1336 -30.80 -2.38 85.05
C ILE B 1336 -29.55 -2.77 84.30
N GLU B 1337 -28.37 -2.56 84.88
CA GLU B 1337 -27.16 -3.14 84.31
C GLU B 1337 -27.19 -4.66 84.37
N TRP B 1338 -28.09 -5.23 85.17
CA TRP B 1338 -28.24 -6.68 85.28
C TRP B 1338 -29.33 -7.13 84.32
N LEU B 1339 -29.05 -8.21 83.57
CA LEU B 1339 -29.91 -8.58 82.45
C LEU B 1339 -31.34 -8.88 82.88
N GLU B 1340 -31.54 -9.36 84.11
CA GLU B 1340 -32.90 -9.56 84.60
C GLU B 1340 -33.64 -8.23 84.65
N GLN B 1341 -33.04 -7.25 85.31
CA GLN B 1341 -33.61 -5.91 85.32
C GLN B 1341 -33.66 -5.31 83.92
N VAL B 1342 -32.83 -5.78 82.99
CA VAL B 1342 -32.94 -5.35 81.60
C VAL B 1342 -34.25 -5.84 81.00
N LEU B 1343 -34.46 -7.16 81.02
CA LEU B 1343 -35.70 -7.71 80.47
C LEU B 1343 -36.92 -7.14 81.18
N ALA B 1344 -36.76 -6.69 82.43
CA ALA B 1344 -37.87 -6.04 83.11
C ALA B 1344 -38.07 -4.62 82.59
N SER B 1345 -37.05 -3.77 82.73
CA SER B 1345 -37.19 -2.33 82.54
C SER B 1345 -37.29 -1.92 81.08
N ALA B 1346 -36.64 -2.64 80.16
CA ALA B 1346 -36.79 -2.31 78.74
C ALA B 1346 -38.24 -2.54 78.29
N LYS B 1347 -38.80 -3.70 78.64
CA LYS B 1347 -40.19 -3.97 78.31
C LYS B 1347 -41.12 -3.04 79.07
N GLU B 1348 -40.75 -2.64 80.29
CA GLU B 1348 -41.55 -1.64 81.01
C GLU B 1348 -41.50 -0.30 80.32
N GLY B 1349 -40.35 0.07 79.74
CA GLY B 1349 -40.26 1.31 78.98
C GLY B 1349 -41.13 1.27 77.74
N ARG B 1350 -41.12 0.14 77.02
CA ARG B 1350 -42.02 0.00 75.88
C ARG B 1350 -43.48 0.00 76.31
N HIS B 1351 -43.78 -0.56 77.49
CA HIS B 1351 -45.13 -0.57 78.01
C HIS B 1351 -45.55 0.78 78.55
N LEU B 1352 -44.60 1.66 78.86
CA LEU B 1352 -44.96 3.06 79.13
C LEU B 1352 -45.77 3.65 77.99
N TRP B 1353 -45.81 2.98 76.85
CA TRP B 1353 -46.76 3.26 75.79
C TRP B 1353 -47.72 2.10 75.57
N TYR B 1354 -47.25 0.86 75.68
CA TYR B 1354 -48.09 -0.30 75.41
C TYR B 1354 -48.92 -0.74 76.61
N ASP B 1355 -48.73 -0.13 77.78
CA ASP B 1355 -49.45 -0.56 78.98
C ASP B 1355 -50.97 -0.56 78.81
N PRO B 1356 -51.60 0.47 78.23
CA PRO B 1356 -53.07 0.53 78.26
C PRO B 1356 -53.74 -0.53 77.39
N GLY B 1357 -53.47 -1.81 77.69
CA GLY B 1357 -54.09 -2.92 77.00
C GLY B 1357 -53.47 -3.27 75.67
N TRP B 1358 -52.63 -2.40 75.10
CA TRP B 1358 -52.03 -2.70 73.81
C TRP B 1358 -50.97 -3.78 73.94
N GLU B 1359 -50.08 -3.66 74.94
CA GLU B 1359 -49.02 -4.63 75.18
C GLU B 1359 -48.33 -5.01 73.88
N ASN B 1360 -47.93 -6.28 73.75
CA ASN B 1360 -47.19 -6.71 72.56
C ASN B 1360 -48.02 -6.56 71.29
N ASP B 1361 -49.35 -6.48 71.40
CA ASP B 1361 -50.17 -6.23 70.22
C ASP B 1361 -49.80 -4.91 69.55
N THR B 1362 -49.22 -3.97 70.29
CA THR B 1362 -48.75 -2.73 69.69
C THR B 1362 -47.79 -3.00 68.55
N GLU B 1363 -47.03 -4.10 68.64
CA GLU B 1363 -46.11 -4.45 67.55
C GLU B 1363 -46.87 -4.57 66.24
N ALA B 1364 -48.04 -5.21 66.27
CA ALA B 1364 -48.90 -5.21 65.09
C ALA B 1364 -49.39 -3.81 64.78
N GLN B 1365 -49.84 -3.08 65.81
CA GLN B 1365 -50.32 -1.72 65.60
C GLN B 1365 -49.23 -0.86 64.96
N ILE B 1366 -48.01 -0.98 65.46
CA ILE B 1366 -46.88 -0.25 64.84
C ILE B 1366 -46.80 -0.61 63.37
N GLU B 1367 -46.89 -1.89 63.04
CA GLU B 1367 -46.86 -2.31 61.65
C GLU B 1367 -48.01 -1.66 60.87
N HIS B 1368 -49.19 -1.58 61.50
CA HIS B 1368 -50.33 -0.95 60.83
C HIS B 1368 -49.99 0.45 60.37
N LEU B 1369 -49.09 1.13 61.08
CA LEU B 1369 -48.60 2.43 60.61
C LEU B 1369 -47.54 2.25 59.53
N CYS B 1370 -46.55 1.39 59.77
CA CYS B 1370 -45.44 1.26 58.84
C CYS B 1370 -45.89 0.94 57.42
N THR B 1371 -47.13 0.46 57.25
CA THR B 1371 -47.60 0.03 55.94
C THR B 1371 -47.72 1.19 54.95
N ALA B 1372 -47.87 2.42 55.42
CA ALA B 1372 -48.16 3.54 54.53
C ALA B 1372 -47.27 4.74 54.94
N ASN B 1373 -47.57 5.89 54.35
CA ASN B 1373 -46.72 7.07 54.44
C ASN B 1373 -47.07 7.93 55.65
N SER B 1374 -46.19 8.89 55.94
CA SER B 1374 -46.30 9.88 57.01
C SER B 1374 -46.01 9.27 58.38
N TYR B 1375 -45.86 7.96 58.49
CA TYR B 1375 -45.52 7.33 59.76
C TYR B 1375 -44.54 6.18 59.63
N HIS B 1376 -44.05 5.89 58.42
CA HIS B 1376 -43.25 4.69 58.21
C HIS B 1376 -41.94 4.75 58.99
N PRO B 1377 -41.02 5.67 58.66
CA PRO B 1377 -39.69 5.60 59.29
C PRO B 1377 -39.71 5.72 60.80
N HIS B 1378 -40.51 6.65 61.35
CA HIS B 1378 -40.45 6.92 62.79
C HIS B 1378 -40.91 5.71 63.59
N VAL B 1379 -42.15 5.27 63.37
CA VAL B 1379 -42.67 4.15 64.14
C VAL B 1379 -41.98 2.84 63.74
N ARG B 1380 -41.49 2.73 62.51
CA ARG B 1380 -40.70 1.56 62.13
C ARG B 1380 -39.42 1.48 62.94
N LEU B 1381 -38.74 2.62 63.14
CA LEU B 1381 -37.60 2.64 64.04
C LEU B 1381 -38.01 2.36 65.47
N VAL B 1382 -39.18 2.86 65.88
CA VAL B 1382 -39.67 2.51 67.21
C VAL B 1382 -39.72 1.00 67.36
N GLN B 1383 -40.31 0.32 66.38
CA GLN B 1383 -40.37 -1.14 66.41
C GLN B 1383 -38.97 -1.75 66.45
N ARG B 1384 -38.12 -1.34 65.51
CA ARG B 1384 -36.81 -1.96 65.31
C ARG B 1384 -35.86 -1.75 66.48
N VAL B 1385 -36.04 -0.67 67.26
CA VAL B 1385 -35.13 -0.39 68.36
C VAL B 1385 -35.73 -0.92 69.66
N GLY B 1386 -37.05 -0.82 69.80
CA GLY B 1386 -37.69 -1.37 70.98
C GLY B 1386 -37.55 -2.88 71.04
N GLN B 1387 -37.60 -3.54 69.89
CA GLN B 1387 -37.39 -4.99 69.87
C GLN B 1387 -35.95 -5.37 70.18
N HIS B 1388 -35.02 -4.42 70.22
CA HIS B 1388 -33.61 -4.74 70.40
C HIS B 1388 -32.92 -3.74 71.33
N LEU B 1389 -33.68 -3.02 72.17
CA LEU B 1389 -33.06 -2.10 73.11
C LEU B 1389 -32.55 -2.79 74.36
N LEU B 1390 -32.83 -4.09 74.53
CA LEU B 1390 -32.41 -4.78 75.75
C LEU B 1390 -30.90 -4.72 75.95
N PRO B 1391 -30.08 -5.13 74.99
CA PRO B 1391 -28.62 -4.96 75.17
C PRO B 1391 -28.19 -3.52 75.33
N THR B 1392 -28.89 -2.59 74.65
CA THR B 1392 -28.55 -1.18 74.78
C THR B 1392 -29.02 -0.61 76.11
N VAL B 1393 -30.11 -1.15 76.66
CA VAL B 1393 -30.64 -0.63 77.92
C VAL B 1393 -29.63 -0.81 79.05
N ARG B 1394 -28.87 -1.91 79.03
CA ARG B 1394 -27.78 -2.11 79.99
C ARG B 1394 -26.50 -1.40 79.59
N SER B 1395 -26.57 -0.46 78.65
CA SER B 1395 -25.41 0.32 78.22
C SER B 1395 -24.31 -0.58 77.66
N ASN B 1396 -24.71 -1.68 77.01
CA ASN B 1396 -23.76 -2.61 76.41
C ASN B 1396 -23.73 -2.47 74.89
N GLY B 1397 -24.89 -2.59 74.25
CA GLY B 1397 -24.95 -2.48 72.80
C GLY B 1397 -25.05 -1.05 72.33
N ASN B 1398 -24.86 -0.89 71.02
CA ASN B 1398 -24.97 0.44 70.42
C ASN B 1398 -26.43 0.85 70.36
N PRO B 1399 -26.78 2.06 70.80
CA PRO B 1399 -28.21 2.43 70.87
C PRO B 1399 -28.93 2.40 69.53
N PHE B 1400 -28.25 2.78 68.44
CA PHE B 1400 -28.89 2.84 67.13
C PHE B 1400 -28.33 1.86 66.11
N ASP B 1401 -27.13 1.31 66.32
CA ASP B 1401 -26.63 0.30 65.42
C ASP B 1401 -27.34 -1.04 65.61
N LEU B 1402 -28.19 -1.17 66.63
CA LEU B 1402 -28.99 -2.38 66.81
C LEU B 1402 -29.67 -2.78 65.51
N LEU B 1403 -29.97 -1.81 64.65
CA LEU B 1403 -30.39 -2.08 63.29
C LEU B 1403 -29.20 -1.80 62.37
N ASP B 1404 -28.85 -2.78 61.55
CA ASP B 1404 -27.57 -2.77 60.86
C ASP B 1404 -27.40 -1.50 60.02
N HIS B 1405 -26.26 -0.83 60.22
CA HIS B 1405 -25.83 0.27 59.37
C HIS B 1405 -26.91 1.34 59.22
N ASP B 1406 -27.52 1.73 60.33
CA ASP B 1406 -28.50 2.81 60.34
C ASP B 1406 -29.60 2.53 59.30
N GLY B 1407 -30.36 1.46 59.58
CA GLY B 1407 -31.36 1.02 58.63
C GLY B 1407 -32.36 2.10 58.28
N LEU B 1408 -32.87 2.82 59.29
CA LEU B 1408 -33.91 3.80 59.04
C LEU B 1408 -33.72 5.13 59.78
N LEU B 1409 -32.71 5.27 60.63
CA LEU B 1409 -32.52 6.54 61.33
C LEU B 1409 -32.26 7.66 60.33
N THR B 1410 -31.45 7.40 59.31
CA THR B 1410 -31.30 8.37 58.22
C THR B 1410 -32.65 8.59 57.53
N GLU B 1411 -33.41 7.51 57.32
CA GLU B 1411 -34.75 7.66 56.75
C GLU B 1411 -35.64 8.45 57.70
N PHE B 1412 -35.50 8.25 59.00
CA PHE B 1412 -36.28 9.04 59.96
C PHE B 1412 -35.95 10.52 59.84
N TYR B 1413 -34.67 10.85 59.71
CA TYR B 1413 -34.27 12.24 59.56
C TYR B 1413 -34.80 12.84 58.26
N THR B 1414 -34.72 12.08 57.16
CA THR B 1414 -34.91 12.66 55.84
C THR B 1414 -36.35 12.60 55.33
N ASN B 1415 -37.13 11.60 55.73
CA ASN B 1415 -38.42 11.33 55.13
C ASN B 1415 -39.60 11.56 56.04
N THR B 1416 -39.43 11.44 57.36
CA THR B 1416 -40.56 11.61 58.27
C THR B 1416 -41.20 12.98 58.07
N LEU B 1417 -42.52 13.00 57.98
CA LEU B 1417 -43.25 14.24 57.78
C LEU B 1417 -43.41 15.03 59.07
N SER B 1418 -42.73 14.63 60.15
CA SER B 1418 -42.54 15.44 61.34
C SER B 1418 -41.13 15.99 61.42
N PHE B 1419 -40.13 15.15 61.13
CA PHE B 1419 -38.76 15.63 61.03
C PHE B 1419 -38.52 16.37 59.71
N GLY B 1420 -39.14 15.89 58.64
CA GLY B 1420 -38.88 16.40 57.31
C GLY B 1420 -39.25 17.86 57.10
N PRO B 1421 -40.46 18.26 57.52
CA PRO B 1421 -40.86 19.66 57.31
C PRO B 1421 -39.94 20.65 57.99
N ALA B 1422 -39.35 20.28 59.13
CA ALA B 1422 -38.35 21.14 59.75
C ALA B 1422 -37.16 21.32 58.84
N LEU B 1423 -36.75 20.24 58.16
CA LEU B 1423 -35.63 20.35 57.22
C LEU B 1423 -36.01 21.19 55.99
N HIS B 1424 -37.27 21.08 55.55
CA HIS B 1424 -37.73 21.95 54.47
C HIS B 1424 -37.67 23.42 54.90
N TYR B 1425 -38.11 23.71 56.12
CA TYR B 1425 -38.01 25.08 56.63
C TYR B 1425 -36.56 25.51 56.75
N ALA B 1426 -35.67 24.58 57.12
CA ALA B 1426 -34.24 24.90 57.15
C ALA B 1426 -33.74 25.28 55.76
N ARG B 1427 -34.15 24.52 54.74
CA ARG B 1427 -33.77 24.89 53.38
C ARG B 1427 -34.30 26.27 53.01
N GLU B 1428 -35.55 26.55 53.37
CA GLU B 1428 -36.11 27.86 53.06
C GLU B 1428 -35.33 28.97 53.73
N LEU B 1429 -35.00 28.78 55.01
CA LEU B 1429 -34.26 29.79 55.76
C LEU B 1429 -32.87 30.00 55.17
N VAL B 1430 -32.18 28.90 54.85
CA VAL B 1430 -30.83 29.01 54.29
C VAL B 1430 -30.90 29.68 52.92
N ALA B 1431 -31.92 29.36 52.13
CA ALA B 1431 -32.08 29.99 50.83
C ALA B 1431 -32.26 31.50 50.98
N GLN B 1432 -33.14 31.91 51.89
CA GLN B 1432 -33.36 33.34 52.10
C GLN B 1432 -32.09 34.03 52.57
N ILE B 1433 -31.38 33.41 53.51
CA ILE B 1433 -30.18 34.04 54.07
C ILE B 1433 -29.10 34.15 53.00
N ALA B 1434 -28.86 33.08 52.26
CA ALA B 1434 -27.83 33.09 51.23
C ALA B 1434 -28.21 34.03 50.08
N HIS B 1435 -29.49 34.18 49.81
CA HIS B 1435 -29.93 35.17 48.84
C HIS B 1435 -29.60 36.58 49.32
N ARG B 1436 -30.02 36.91 50.54
CA ARG B 1436 -29.76 38.25 51.05
C ARG B 1436 -28.27 38.49 51.25
N TYR B 1437 -27.58 37.53 51.88
CA TYR B 1437 -26.12 37.57 52.00
C TYR B 1437 -25.57 36.54 51.01
N GLN B 1438 -24.93 37.03 49.95
CA GLN B 1438 -24.34 36.14 48.96
C GLN B 1438 -22.88 35.89 49.28
N SER B 1439 -22.33 34.86 48.64
CA SER B 1439 -20.92 34.50 48.83
C SER B 1439 -20.61 34.28 50.30
N MET B 1440 -21.55 33.67 51.02
CA MET B 1440 -21.35 33.38 52.43
C MET B 1440 -20.38 32.22 52.60
N ASP B 1441 -19.49 32.36 53.59
CA ASP B 1441 -18.68 31.22 54.03
C ASP B 1441 -19.55 30.39 54.97
N ILE B 1442 -19.92 29.19 54.50
CA ILE B 1442 -20.92 28.37 55.17
C ILE B 1442 -20.22 27.20 55.84
N LEU B 1443 -20.55 26.96 57.11
CA LEU B 1443 -20.00 25.86 57.88
C LEU B 1443 -21.16 25.08 58.49
N GLU B 1444 -21.35 23.84 58.06
CA GLU B 1444 -22.42 22.99 58.56
C GLU B 1444 -21.86 22.03 59.59
N ILE B 1445 -22.19 22.26 60.85
CA ILE B 1445 -21.83 21.38 61.95
C ILE B 1445 -22.96 20.38 62.14
N GLY B 1446 -22.60 19.13 62.43
CA GLY B 1446 -23.60 18.09 62.54
C GLY B 1446 -24.11 17.57 61.22
N ALA B 1447 -23.39 17.83 60.13
CA ALA B 1447 -23.85 17.38 58.82
C ALA B 1447 -23.96 15.86 58.76
N GLY B 1448 -22.98 15.16 59.30
CA GLY B 1448 -23.03 13.70 59.32
C GLY B 1448 -23.15 13.16 57.90
N THR B 1449 -24.18 12.34 57.68
CA THR B 1449 -24.40 11.76 56.35
C THR B 1449 -24.72 12.83 55.32
N GLY B 1450 -25.11 14.03 55.75
CA GLY B 1450 -25.39 15.12 54.84
C GLY B 1450 -26.84 15.30 54.46
N GLY B 1451 -27.77 14.65 55.17
CA GLY B 1451 -29.18 14.83 54.84
C GLY B 1451 -29.61 16.27 54.97
N ALA B 1452 -29.25 16.92 56.07
CA ALA B 1452 -29.51 18.36 56.20
C ALA B 1452 -28.70 19.14 55.17
N THR B 1453 -27.46 18.72 54.92
CA THR B 1453 -26.67 19.35 53.86
C THR B 1453 -27.37 19.21 52.52
N LYS B 1454 -27.87 18.01 52.22
CA LYS B 1454 -28.61 17.81 50.97
C LYS B 1454 -29.80 18.76 50.90
N TYR B 1455 -30.59 18.82 51.97
CA TYR B 1455 -31.80 19.63 51.96
C TYR B 1455 -31.48 21.10 51.74
N VAL B 1456 -30.59 21.66 52.57
CA VAL B 1456 -30.35 23.09 52.52
C VAL B 1456 -29.57 23.48 51.26
N LEU B 1457 -28.52 22.72 50.95
CA LEU B 1457 -27.69 23.03 49.80
C LEU B 1457 -28.33 22.68 48.47
N ALA B 1458 -29.45 21.95 48.50
CA ALA B 1458 -30.17 21.66 47.26
C ALA B 1458 -30.89 22.88 46.70
N THR B 1459 -30.92 23.98 47.44
CA THR B 1459 -31.57 25.18 46.93
C THR B 1459 -30.92 25.58 45.61
N PRO B 1460 -31.70 25.85 44.56
CA PRO B 1460 -31.09 26.15 43.25
C PRO B 1460 -30.38 27.49 43.27
N GLN B 1461 -29.08 27.47 43.01
CA GLN B 1461 -28.29 28.69 42.83
C GLN B 1461 -28.27 29.54 44.10
N LEU B 1462 -27.80 28.95 45.19
CA LEU B 1462 -27.62 29.69 46.42
C LEU B 1462 -26.17 30.14 46.54
N GLY B 1463 -25.98 31.33 47.13
CA GLY B 1463 -24.69 31.99 47.12
C GLY B 1463 -23.71 31.52 48.18
N PHE B 1464 -23.09 30.37 47.97
CA PHE B 1464 -22.07 29.84 48.87
C PHE B 1464 -20.70 30.17 48.30
N ASN B 1465 -19.93 31.00 49.03
CA ASN B 1465 -18.55 31.24 48.67
C ASN B 1465 -17.66 30.08 49.08
N SER B 1466 -17.99 29.42 50.20
CA SER B 1466 -17.27 28.25 50.66
C SER B 1466 -18.14 27.51 51.66
N TYR B 1467 -18.36 26.22 51.40
CA TYR B 1467 -19.20 25.38 52.26
C TYR B 1467 -18.28 24.43 53.02
N THR B 1468 -18.12 24.67 54.31
CA THR B 1468 -17.25 23.85 55.14
C THR B 1468 -18.09 22.72 55.72
N TYR B 1469 -18.16 21.62 54.98
CA TYR B 1469 -18.82 20.42 55.50
C TYR B 1469 -18.08 19.96 56.74
N THR B 1470 -18.83 19.69 57.81
CA THR B 1470 -18.21 19.49 59.11
C THR B 1470 -19.06 18.56 59.96
N ASP B 1471 -18.38 17.72 60.73
CA ASP B 1471 -19.01 16.88 61.74
C ASP B 1471 -17.94 16.52 62.76
N ILE B 1472 -18.40 16.07 63.94
CA ILE B 1472 -17.47 15.70 64.99
C ILE B 1472 -16.58 14.54 64.56
N SER B 1473 -17.02 13.75 63.59
CA SER B 1473 -16.25 12.62 63.07
C SER B 1473 -16.04 12.79 61.57
N THR B 1474 -14.82 12.49 61.12
CA THR B 1474 -14.47 12.60 59.71
C THR B 1474 -15.01 11.45 58.87
N GLY B 1475 -15.55 10.41 59.48
CA GLY B 1475 -15.97 9.24 58.73
C GLY B 1475 -16.97 9.55 57.64
N PHE B 1476 -17.84 10.53 57.88
CA PHE B 1476 -18.86 10.87 56.89
C PHE B 1476 -18.30 11.64 55.70
N PHE B 1477 -17.12 12.25 55.85
CA PHE B 1477 -16.63 13.16 54.81
C PHE B 1477 -16.56 12.47 53.45
N GLU B 1478 -16.05 11.23 53.41
CA GLU B 1478 -16.00 10.50 52.15
C GLU B 1478 -17.38 10.49 51.49
N GLN B 1479 -18.40 10.09 52.25
CA GLN B 1479 -19.76 10.09 51.71
C GLN B 1479 -20.12 11.47 51.18
N ALA B 1480 -19.81 12.51 51.94
CA ALA B 1480 -20.07 13.87 51.46
C ALA B 1480 -19.34 14.12 50.14
N ARG B 1481 -18.07 13.73 50.08
CA ARG B 1481 -17.30 13.91 48.84
C ARG B 1481 -17.94 13.17 47.69
N GLU B 1482 -18.76 12.15 47.97
CA GLU B 1482 -19.51 11.46 46.93
C GLU B 1482 -20.87 12.12 46.69
N GLN B 1483 -21.50 12.63 47.75
CA GLN B 1483 -22.83 13.21 47.62
C GLN B 1483 -22.78 14.64 47.10
N PHE B 1484 -21.73 15.39 47.43
CA PHE B 1484 -21.65 16.82 47.13
C PHE B 1484 -20.49 17.13 46.21
N ALA B 1485 -20.19 16.23 45.28
CA ALA B 1485 -19.20 16.51 44.26
C ALA B 1485 -19.51 17.77 43.46
N PRO B 1486 -20.76 18.05 43.06
CA PRO B 1486 -21.02 19.29 42.32
C PRO B 1486 -20.58 20.53 43.06
N PHE B 1487 -20.69 20.54 44.38
CA PHE B 1487 -20.27 21.67 45.20
C PHE B 1487 -18.83 21.56 45.68
N GLU B 1488 -18.12 20.51 45.26
CA GLU B 1488 -16.76 20.30 45.73
C GLU B 1488 -15.84 21.46 45.38
N ASP B 1489 -16.11 22.15 44.27
CA ASP B 1489 -15.30 23.31 43.92
C ASP B 1489 -15.38 24.38 44.99
N ARG B 1490 -16.57 24.60 45.56
CA ARG B 1490 -16.75 25.54 46.66
C ARG B 1490 -16.72 24.87 48.02
N MET B 1491 -16.92 23.55 48.09
CA MET B 1491 -17.02 22.85 49.36
C MET B 1491 -15.66 22.33 49.80
N VAL B 1492 -15.39 22.47 51.10
CA VAL B 1492 -14.20 21.93 51.73
C VAL B 1492 -14.63 21.16 52.97
N PHE B 1493 -13.89 20.12 53.31
CA PHE B 1493 -14.27 19.21 54.40
C PHE B 1493 -13.26 19.36 55.53
N GLU B 1494 -13.77 19.62 56.75
CA GLU B 1494 -12.96 19.75 57.94
C GLU B 1494 -13.79 19.32 59.14
N PRO B 1495 -13.23 18.53 60.06
CA PRO B 1495 -13.98 18.14 61.25
C PRO B 1495 -13.92 19.19 62.35
N LEU B 1496 -15.02 19.28 63.10
CA LEU B 1496 -15.11 20.20 64.22
C LEU B 1496 -15.79 19.51 65.38
N ASP B 1497 -15.17 19.60 66.56
CA ASP B 1497 -15.81 19.17 67.81
C ASP B 1497 -16.40 20.41 68.45
N ILE B 1498 -17.73 20.54 68.37
CA ILE B 1498 -18.40 21.72 68.92
C ILE B 1498 -18.10 21.85 70.40
N ARG B 1499 -17.76 20.74 71.07
CA ARG B 1499 -17.36 20.75 72.47
C ARG B 1499 -16.00 21.36 72.68
N ARG B 1500 -15.27 21.68 71.61
CA ARG B 1500 -13.91 22.19 71.69
C ARG B 1500 -13.81 23.49 70.91
N SER B 1501 -12.83 24.31 71.28
CA SER B 1501 -12.61 25.58 70.61
C SER B 1501 -12.29 25.32 69.13
N PRO B 1502 -12.92 26.05 68.20
CA PRO B 1502 -12.64 25.78 66.78
C PRO B 1502 -11.27 26.27 66.34
N ALA B 1503 -10.79 27.39 66.88
CA ALA B 1503 -9.48 27.90 66.49
C ALA B 1503 -8.40 26.88 66.79
N GLU B 1504 -8.53 26.15 67.90
CA GLU B 1504 -7.58 25.09 68.21
C GLU B 1504 -7.62 23.99 67.15
N GLN B 1505 -8.74 23.84 66.45
CA GLN B 1505 -8.92 22.79 65.46
C GLN B 1505 -8.54 23.21 64.05
N GLY B 1506 -8.01 24.43 63.88
CA GLY B 1506 -7.56 24.90 62.59
C GLY B 1506 -8.50 25.85 61.89
N PHE B 1507 -9.75 25.96 62.34
CA PHE B 1507 -10.71 26.87 61.71
C PHE B 1507 -10.34 28.31 62.02
N GLU B 1508 -10.36 29.15 61.00
CA GLU B 1508 -10.00 30.55 61.18
C GLU B 1508 -11.09 31.26 61.98
N PRO B 1509 -10.74 31.99 63.04
CA PRO B 1509 -11.78 32.64 63.84
C PRO B 1509 -12.51 33.72 63.05
N HIS B 1510 -13.81 33.83 63.29
CA HIS B 1510 -14.64 34.86 62.68
C HIS B 1510 -14.40 34.93 61.17
N ALA B 1511 -14.25 33.78 60.55
CA ALA B 1511 -14.02 33.68 59.12
C ALA B 1511 -15.19 33.06 58.36
N TYR B 1512 -16.33 32.88 59.03
CA TYR B 1512 -17.50 32.24 58.43
C TYR B 1512 -18.68 33.18 58.47
N ASP B 1513 -19.36 33.32 57.33
CA ASP B 1513 -20.53 34.17 57.26
C ASP B 1513 -21.74 33.49 57.89
N LEU B 1514 -21.85 32.16 57.76
CA LEU B 1514 -23.02 31.46 58.25
C LEU B 1514 -22.62 30.07 58.73
N ILE B 1515 -23.31 29.63 59.79
CA ILE B 1515 -23.13 28.30 60.36
C ILE B 1515 -24.49 27.64 60.47
N ILE B 1516 -24.52 26.32 60.26
CA ILE B 1516 -25.74 25.53 60.29
C ILE B 1516 -25.50 24.35 61.22
N ALA B 1517 -26.12 24.39 62.40
CA ALA B 1517 -26.03 23.30 63.36
C ALA B 1517 -27.23 22.39 63.15
N SER B 1518 -26.99 21.22 62.56
CA SER B 1518 -28.06 20.30 62.16
C SER B 1518 -28.25 19.26 63.26
N ASN B 1519 -29.18 19.55 64.18
CA ASN B 1519 -29.58 18.61 65.23
C ASN B 1519 -28.37 17.97 65.89
N VAL B 1520 -27.37 18.79 66.18
CA VAL B 1520 -26.15 18.31 66.83
C VAL B 1520 -25.83 19.06 68.12
N LEU B 1521 -26.40 20.22 68.36
CA LEU B 1521 -26.16 20.93 69.62
C LEU B 1521 -26.68 20.14 70.82
N HIS B 1522 -27.63 19.24 70.61
CA HIS B 1522 -28.11 18.37 71.69
C HIS B 1522 -27.16 17.23 71.97
N ALA B 1523 -26.17 16.99 71.10
CA ALA B 1523 -25.19 15.93 71.28
C ALA B 1523 -23.97 16.40 72.07
N THR B 1524 -24.01 17.62 72.62
CA THR B 1524 -22.91 18.18 73.37
C THR B 1524 -23.44 18.72 74.70
N PRO B 1525 -22.86 18.32 75.84
CA PRO B 1525 -23.27 18.93 77.12
C PRO B 1525 -22.74 20.33 77.34
N ASP B 1526 -21.97 20.86 76.39
CA ASP B 1526 -21.38 22.20 76.49
C ASP B 1526 -22.14 23.18 75.60
N LEU B 1527 -23.47 23.04 75.56
CA LEU B 1527 -24.30 23.84 74.66
C LEU B 1527 -23.88 25.30 74.60
N GLU B 1528 -23.79 25.95 75.76
CA GLU B 1528 -23.41 27.36 75.78
C GLU B 1528 -22.02 27.55 75.21
N LYS B 1529 -21.07 26.70 75.59
CA LYS B 1529 -19.71 26.84 75.09
C LYS B 1529 -19.63 26.51 73.61
N THR B 1530 -20.42 25.53 73.15
CA THR B 1530 -20.44 25.22 71.73
C THR B 1530 -20.97 26.40 70.92
N MET B 1531 -22.02 27.05 71.42
CA MET B 1531 -22.55 28.22 70.72
C MET B 1531 -21.57 29.39 70.77
N ALA B 1532 -20.83 29.53 71.87
CA ALA B 1532 -19.78 30.53 71.93
C ALA B 1532 -18.70 30.24 70.90
N HIS B 1533 -18.36 28.96 70.71
CA HIS B 1533 -17.42 28.57 69.66
C HIS B 1533 -17.96 28.96 68.29
N ALA B 1534 -19.24 28.68 68.05
CA ALA B 1534 -19.84 29.06 66.78
C ALA B 1534 -19.74 30.56 66.56
N ARG B 1535 -19.97 31.34 67.61
CA ARG B 1535 -19.77 32.79 67.51
C ARG B 1535 -18.32 33.10 67.16
N SER B 1536 -17.38 32.41 67.80
CA SER B 1536 -15.97 32.65 67.54
C SER B 1536 -15.65 32.45 66.07
N LEU B 1537 -16.25 31.44 65.43
CA LEU B 1537 -16.02 31.23 64.00
C LEU B 1537 -16.83 32.16 63.11
N LEU B 1538 -17.97 32.65 63.59
CA LEU B 1538 -18.81 33.52 62.78
C LEU B 1538 -18.26 34.93 62.73
N LYS B 1539 -18.32 35.55 61.54
CA LYS B 1539 -18.04 36.96 61.43
C LYS B 1539 -19.13 37.75 62.16
N PRO B 1540 -18.85 38.97 62.60
CA PRO B 1540 -19.88 39.76 63.27
C PRO B 1540 -21.10 39.92 62.37
N GLY B 1541 -22.27 39.63 62.92
CA GLY B 1541 -23.49 39.61 62.14
C GLY B 1541 -23.74 38.32 61.39
N GLY B 1542 -22.85 37.33 61.50
CA GLY B 1542 -23.06 36.08 60.81
C GLY B 1542 -24.33 35.38 61.27
N GLN B 1543 -24.84 34.52 60.40
CA GLN B 1543 -26.14 33.88 60.59
C GLN B 1543 -25.95 32.45 61.09
N MET B 1544 -26.51 32.17 62.27
CA MET B 1544 -26.53 30.84 62.84
C MET B 1544 -27.92 30.25 62.62
N VAL B 1545 -27.98 29.10 61.95
CA VAL B 1545 -29.22 28.40 61.67
C VAL B 1545 -29.17 27.08 62.43
N ILE B 1546 -30.06 26.91 63.40
CA ILE B 1546 -30.03 25.78 64.30
C ILE B 1546 -31.28 24.95 64.08
N LEU B 1547 -31.09 23.68 63.72
CA LEU B 1547 -32.12 22.66 63.83
C LEU B 1547 -31.82 21.86 65.09
N GLU B 1548 -32.74 21.87 66.04
CA GLU B 1548 -32.48 21.19 67.30
C GLU B 1548 -33.79 20.91 68.03
N ILE B 1549 -33.71 20.00 68.98
CA ILE B 1549 -34.88 19.61 69.77
C ILE B 1549 -35.34 20.79 70.61
N THR B 1550 -36.66 20.95 70.70
CA THR B 1550 -37.25 21.98 71.53
C THR B 1550 -38.66 21.56 71.92
N HIS B 1551 -39.18 22.17 72.98
CA HIS B 1551 -40.57 21.98 73.40
C HIS B 1551 -40.94 20.50 73.42
N LYS B 1552 -40.29 19.76 74.33
CA LYS B 1552 -40.48 18.33 74.41
C LYS B 1552 -41.95 17.96 74.49
N GLU B 1553 -42.30 16.83 73.89
CA GLU B 1553 -43.62 16.23 74.01
C GLU B 1553 -43.44 14.74 74.25
N HIS B 1554 -43.92 14.27 75.41
CA HIS B 1554 -43.58 12.93 75.85
C HIS B 1554 -44.23 11.86 74.99
N THR B 1555 -45.45 12.11 74.51
CA THR B 1555 -46.26 11.10 73.85
C THR B 1555 -45.85 10.82 72.41
N ARG B 1556 -44.71 11.31 71.95
CA ARG B 1556 -44.44 11.35 70.52
C ARG B 1556 -43.07 10.87 70.08
N LEU B 1557 -42.03 10.92 70.93
CA LEU B 1557 -40.69 10.59 70.46
C LEU B 1557 -39.83 9.86 71.48
N GLY B 1558 -40.42 9.21 72.49
CA GLY B 1558 -39.61 8.67 73.57
C GLY B 1558 -38.65 7.59 73.12
N PHE B 1559 -39.15 6.62 72.35
CA PHE B 1559 -38.40 5.38 72.11
C PHE B 1559 -37.01 5.64 71.54
N ILE B 1560 -36.97 6.17 70.31
CA ILE B 1560 -35.70 6.26 69.59
C ILE B 1560 -34.79 7.29 70.23
N PHE B 1561 -35.35 8.43 70.64
CA PHE B 1561 -34.53 9.48 71.22
C PHE B 1561 -33.85 9.03 72.50
N GLY B 1562 -34.57 8.29 73.35
CA GLY B 1562 -34.04 7.92 74.64
C GLY B 1562 -32.86 6.96 74.60
N LEU B 1563 -32.40 6.57 73.41
CA LEU B 1563 -31.37 5.54 73.31
C LEU B 1563 -29.97 6.09 73.07
N PHE B 1564 -29.84 7.10 72.20
CA PHE B 1564 -28.53 7.44 71.63
C PHE B 1564 -27.47 7.65 72.68
N ALA B 1565 -26.19 7.53 72.29
CA ALA B 1565 -25.08 7.45 73.21
C ALA B 1565 -24.55 8.81 73.65
N ASP B 1566 -25.00 9.91 73.04
CA ASP B 1566 -24.61 11.23 73.51
C ASP B 1566 -25.75 12.24 73.51
N TRP B 1567 -26.97 11.84 73.14
CA TRP B 1567 -28.09 12.77 73.22
C TRP B 1567 -28.45 13.08 74.66
N TRP B 1568 -28.24 12.12 75.57
CA TRP B 1568 -28.45 12.38 76.98
C TRP B 1568 -27.25 13.06 77.63
N ALA B 1569 -26.11 13.13 76.94
CA ALA B 1569 -24.98 13.92 77.40
C ALA B 1569 -25.38 15.38 77.31
N GLY B 1570 -25.68 15.98 78.45
CA GLY B 1570 -26.27 17.31 78.48
C GLY B 1570 -27.27 17.44 79.61
N VAL B 1571 -27.64 16.31 80.21
CA VAL B 1571 -28.43 16.35 81.43
C VAL B 1571 -27.73 17.14 82.51
N ASP B 1572 -26.40 17.30 82.39
CA ASP B 1572 -25.68 18.20 83.29
C ASP B 1572 -26.22 19.62 83.21
N ASP B 1573 -26.81 19.98 82.07
CA ASP B 1573 -27.40 21.31 81.93
C ASP B 1573 -28.54 21.53 82.91
N GLY B 1574 -29.17 20.46 83.40
CA GLY B 1574 -30.18 20.58 84.42
C GLY B 1574 -31.45 19.79 84.16
N ARG B 1575 -31.85 19.67 82.90
CA ARG B 1575 -33.08 18.98 82.54
C ARG B 1575 -32.77 17.64 81.88
N CYS B 1576 -33.82 16.96 81.45
CA CYS B 1576 -33.66 15.70 80.72
C CYS B 1576 -32.83 15.94 79.46
N THR B 1577 -31.93 15.00 79.18
CA THR B 1577 -31.01 15.07 78.05
C THR B 1577 -30.39 16.46 77.95
N GLU B 1578 -29.69 16.74 76.84
CA GLU B 1578 -29.41 18.13 76.55
C GLU B 1578 -30.77 18.78 76.33
N PRO B 1579 -31.23 19.65 77.22
CA PRO B 1579 -32.66 19.94 77.31
C PRO B 1579 -33.34 20.21 75.98
N PHE B 1580 -34.63 19.89 75.90
CA PHE B 1580 -35.44 20.29 74.76
C PHE B 1580 -35.68 21.79 74.85
N VAL B 1581 -34.60 22.56 74.69
CA VAL B 1581 -34.60 23.99 74.97
C VAL B 1581 -35.75 24.65 74.22
N SER B 1582 -36.63 25.32 74.97
CA SER B 1582 -37.68 26.12 74.34
C SER B 1582 -37.06 27.27 73.58
N PHE B 1583 -37.77 27.75 72.55
CA PHE B 1583 -37.23 28.86 71.77
C PHE B 1583 -36.96 30.08 72.65
N ASP B 1584 -37.67 30.22 73.76
CA ASP B 1584 -37.38 31.30 74.70
C ASP B 1584 -36.04 31.07 75.41
N ARG B 1585 -35.83 29.86 75.93
CA ARG B 1585 -34.55 29.56 76.54
C ARG B 1585 -33.45 29.47 75.49
N TRP B 1586 -33.78 29.03 74.28
CA TRP B 1586 -32.84 29.13 73.17
C TRP B 1586 -32.40 30.58 73.01
N ASP B 1587 -33.36 31.51 73.00
CA ASP B 1587 -33.02 32.92 72.86
C ASP B 1587 -32.15 33.39 74.01
N ALA B 1588 -32.47 32.99 75.24
CA ALA B 1588 -31.69 33.42 76.39
C ALA B 1588 -30.24 32.94 76.28
N ILE B 1589 -30.05 31.65 76.05
CA ILE B 1589 -28.70 31.09 75.93
C ILE B 1589 -27.98 31.72 74.76
N LEU B 1590 -28.68 31.86 73.63
CA LEU B 1590 -28.07 32.37 72.40
C LEU B 1590 -27.61 33.81 72.57
N LYS B 1591 -28.40 34.63 73.26
CA LYS B 1591 -27.96 35.98 73.60
C LYS B 1591 -26.76 35.95 74.54
N ARG B 1592 -26.79 35.05 75.53
CA ARG B 1592 -25.71 35.00 76.50
C ARG B 1592 -24.38 34.65 75.83
N VAL B 1593 -24.43 33.83 74.78
CA VAL B 1593 -23.21 33.35 74.13
C VAL B 1593 -22.82 34.27 72.98
N GLY B 1594 -23.40 35.46 72.94
CA GLY B 1594 -22.96 36.48 72.00
C GLY B 1594 -23.62 36.43 70.64
N PHE B 1595 -24.96 36.49 70.61
CA PHE B 1595 -25.70 36.53 69.36
C PHE B 1595 -26.84 37.54 69.51
N SER B 1596 -27.65 37.65 68.45
CA SER B 1596 -28.73 38.62 68.38
C SER B 1596 -30.06 38.08 68.89
N GLY B 1597 -30.08 36.84 69.39
CA GLY B 1597 -31.33 36.23 69.81
C GLY B 1597 -32.02 35.51 68.67
N VAL B 1598 -33.20 34.97 68.97
CA VAL B 1598 -33.96 34.19 68.00
C VAL B 1598 -34.61 35.14 67.02
N ASP B 1599 -33.96 35.34 65.86
CA ASP B 1599 -34.50 36.23 64.85
C ASP B 1599 -35.63 35.59 64.06
N SER B 1600 -35.55 34.28 63.81
CA SER B 1600 -36.56 33.56 63.06
C SER B 1600 -36.84 32.23 63.72
N ARG B 1601 -38.02 31.69 63.45
CA ARG B 1601 -38.45 30.41 63.99
C ARG B 1601 -39.26 29.67 62.94
N THR B 1602 -39.53 28.40 63.21
CA THR B 1602 -40.41 27.60 62.38
C THR B 1602 -41.78 27.48 63.04
N THR B 1603 -42.82 27.49 62.21
CA THR B 1603 -44.18 27.36 62.74
C THR B 1603 -44.31 26.09 63.55
N ASP B 1604 -44.61 26.24 64.84
CA ASP B 1604 -44.74 25.13 65.77
C ASP B 1604 -46.04 25.26 66.55
N ARG B 1605 -47.11 25.65 65.85
CA ARG B 1605 -48.37 25.95 66.53
C ARG B 1605 -48.98 24.71 67.16
N ASP B 1606 -48.90 23.56 66.51
CA ASP B 1606 -49.62 22.37 66.96
C ASP B 1606 -48.70 21.26 67.46
N ALA B 1607 -47.81 20.74 66.61
CA ALA B 1607 -47.02 19.57 66.97
C ALA B 1607 -46.09 19.12 65.85
N ASN B 1608 -45.28 18.11 66.13
CA ASN B 1608 -44.50 17.34 65.16
C ASN B 1608 -43.30 18.11 64.64
N LEU B 1609 -43.13 19.38 65.00
CA LEU B 1609 -41.96 20.15 64.61
C LEU B 1609 -41.13 20.59 65.81
N PHE B 1610 -41.51 20.19 67.01
CA PHE B 1610 -40.78 20.54 68.22
C PHE B 1610 -39.42 19.85 68.30
N PRO B 1611 -39.24 18.62 67.78
CA PRO B 1611 -37.92 18.00 67.85
C PRO B 1611 -36.91 18.59 66.88
N THR B 1612 -37.37 19.37 65.90
CA THR B 1612 -36.48 19.89 64.87
C THR B 1612 -36.77 21.34 64.49
N SER B 1613 -37.61 22.05 65.23
CA SER B 1613 -37.94 23.43 64.90
C SER B 1613 -36.67 24.24 64.71
N VAL B 1614 -36.61 24.95 63.59
CA VAL B 1614 -35.40 25.66 63.19
C VAL B 1614 -35.46 27.09 63.65
N PHE B 1615 -34.28 27.64 63.95
CA PHE B 1615 -34.16 29.02 64.40
C PHE B 1615 -33.01 29.69 63.66
N SER B 1616 -33.16 31.00 63.44
CA SER B 1616 -32.15 31.81 62.78
C SER B 1616 -31.75 32.95 63.70
N THR B 1617 -30.45 33.21 63.80
CA THR B 1617 -29.95 34.27 64.67
C THR B 1617 -28.77 34.95 64.01
N HIS B 1618 -28.50 36.18 64.44
CA HIS B 1618 -27.33 36.92 63.97
C HIS B 1618 -26.23 36.89 65.03
N ALA B 1619 -24.98 36.92 64.56
CA ALA B 1619 -23.83 37.02 65.45
C ALA B 1619 -23.68 38.50 65.83
N ILE B 1620 -24.48 38.90 66.82
CA ILE B 1620 -24.61 40.32 67.14
C ILE B 1620 -23.27 40.90 67.54
N ASP B 1621 -23.12 42.20 67.30
CA ASP B 1621 -21.90 42.95 67.58
C ASP B 1621 -22.31 44.42 67.68
N ALA B 1622 -21.33 45.32 67.56
CA ALA B 1622 -21.63 46.74 67.43
C ALA B 1622 -22.83 46.94 66.51
N THR B 1623 -22.88 46.15 65.44
CA THR B 1623 -23.93 45.85 64.47
C THR B 1623 -24.77 47.08 64.11
N VAL B 1624 -25.97 46.83 63.61
CA VAL B 1624 -26.86 47.92 63.22
C VAL B 1624 -27.18 48.80 64.42
N GLU B 1625 -27.59 50.03 64.14
CA GLU B 1625 -27.89 51.01 65.18
C GLU B 1625 -29.38 51.37 65.14
N TYR B 1626 -30.23 50.36 64.97
CA TYR B 1626 -31.68 50.52 64.88
C TYR B 1626 -32.19 51.77 65.62
N TYR B 1641 -25.28 60.39 62.92
CA TYR B 1641 -24.31 61.40 63.33
C TYR B 1641 -24.00 62.39 62.20
N PRO B 1642 -23.69 61.88 61.00
CA PRO B 1642 -23.49 62.80 59.87
C PRO B 1642 -24.76 63.57 59.58
N PRO B 1643 -24.65 64.79 59.05
CA PRO B 1643 -25.83 65.60 58.82
C PRO B 1643 -26.82 64.88 57.90
N LEU B 1644 -28.11 65.06 58.19
CA LEU B 1644 -29.18 64.44 57.42
C LEU B 1644 -30.01 65.53 56.75
N VAL B 1645 -30.27 65.34 55.46
CA VAL B 1645 -31.01 66.30 54.65
C VAL B 1645 -32.12 65.54 53.94
N VAL B 1646 -33.37 65.96 54.17
CA VAL B 1646 -34.53 65.35 53.54
C VAL B 1646 -35.00 66.26 52.42
N VAL B 1647 -35.22 65.68 51.25
CA VAL B 1647 -35.67 66.42 50.07
C VAL B 1647 -36.95 65.77 49.56
N GLY B 1648 -37.96 66.58 49.30
CA GLY B 1648 -39.26 66.10 48.84
C GLY B 1648 -40.35 66.48 49.83
N GLY B 1649 -41.27 65.54 50.05
CA GLY B 1649 -42.36 65.76 50.98
C GLY B 1649 -43.48 66.61 50.46
N GLN B 1650 -43.53 66.88 49.16
CA GLN B 1650 -44.60 67.72 48.61
C GLN B 1650 -45.93 66.99 48.58
N THR B 1651 -45.93 65.74 48.12
CA THR B 1651 -47.17 64.99 48.01
C THR B 1651 -47.70 64.66 49.41
N PRO B 1652 -49.03 64.61 49.58
CA PRO B 1652 -49.56 64.32 50.92
C PRO B 1652 -49.00 63.05 51.54
N GLN B 1653 -48.85 61.98 50.76
CA GLN B 1653 -48.15 60.80 51.24
C GLN B 1653 -46.69 61.13 51.52
N SER B 1654 -46.08 61.94 50.65
CA SER B 1654 -44.71 62.38 50.89
C SER B 1654 -44.63 63.23 52.15
N GLN B 1655 -45.64 64.09 52.38
CA GLN B 1655 -45.68 64.87 53.62
C GLN B 1655 -45.75 63.95 54.84
N ARG B 1656 -46.62 62.94 54.78
CA ARG B 1656 -46.75 62.01 55.88
C ARG B 1656 -45.43 61.29 56.13
N LEU B 1657 -44.76 60.85 55.07
CA LEU B 1657 -43.51 60.12 55.24
C LEU B 1657 -42.40 61.04 55.76
N LEU B 1658 -42.40 62.31 55.34
CA LEU B 1658 -41.44 63.26 55.89
C LEU B 1658 -41.66 63.47 57.38
N ASN B 1659 -42.92 63.61 57.80
CA ASN B 1659 -43.22 63.76 59.22
C ASN B 1659 -42.83 62.51 59.99
N ASP B 1660 -43.07 61.33 59.42
CA ASP B 1660 -42.66 60.10 60.06
C ASP B 1660 -41.15 60.00 60.18
N ILE B 1661 -40.43 60.47 59.16
CA ILE B 1661 -38.98 60.50 59.21
C ILE B 1661 -38.52 61.41 60.33
N LYS B 1662 -39.13 62.59 60.44
CA LYS B 1662 -38.75 63.52 61.50
C LYS B 1662 -39.01 62.91 62.88
N ALA B 1663 -40.16 62.28 63.06
CA ALA B 1663 -40.51 61.74 64.37
C ALA B 1663 -39.65 60.54 64.73
N ILE B 1664 -39.39 59.65 63.76
CA ILE B 1664 -38.72 58.40 64.03
C ILE B 1664 -37.20 58.51 63.97
N MET B 1665 -36.67 59.48 63.23
CA MET B 1665 -35.23 59.62 63.13
C MET B 1665 -34.63 59.91 64.51
N PRO B 1666 -33.49 59.32 64.84
CA PRO B 1666 -32.84 59.63 66.10
C PRO B 1666 -32.32 61.06 66.10
N PRO B 1667 -31.95 61.60 67.26
CA PRO B 1667 -31.44 62.98 67.29
C PRO B 1667 -30.26 63.16 66.34
N ARG B 1668 -30.46 63.94 65.28
CA ARG B 1668 -29.45 64.17 64.27
C ARG B 1668 -29.61 65.58 63.75
N PRO B 1669 -28.54 66.20 63.25
CA PRO B 1669 -28.70 67.46 62.50
C PRO B 1669 -29.62 67.23 61.32
N LEU B 1670 -30.52 68.19 61.08
CA LEU B 1670 -31.57 68.01 60.09
C LEU B 1670 -31.71 69.24 59.21
N GLN B 1671 -31.84 69.00 57.91
CA GLN B 1671 -32.26 70.00 56.95
C GLN B 1671 -33.41 69.43 56.14
N THR B 1672 -34.29 70.31 55.66
CA THR B 1672 -35.46 69.88 54.91
C THR B 1672 -35.70 70.81 53.74
N TYR B 1673 -36.04 70.23 52.59
CA TYR B 1673 -36.34 71.00 51.39
C TYR B 1673 -37.51 70.35 50.67
N LYS B 1674 -38.47 71.17 50.24
CA LYS B 1674 -39.68 70.63 49.60
C LYS B 1674 -39.35 69.94 48.29
N ARG B 1675 -38.44 70.53 47.50
CA ARG B 1675 -38.14 70.04 46.17
C ARG B 1675 -36.63 70.06 45.96
N LEU B 1676 -36.19 69.24 45.00
CA LEU B 1676 -34.77 69.23 44.65
C LEU B 1676 -34.33 70.56 44.06
N VAL B 1677 -35.22 71.23 43.32
CA VAL B 1677 -34.90 72.57 42.85
C VAL B 1677 -34.68 73.51 44.04
N ASP B 1678 -35.47 73.35 45.10
CA ASP B 1678 -35.24 74.12 46.31
C ASP B 1678 -33.88 73.81 46.91
N LEU B 1679 -33.46 72.54 46.83
CA LEU B 1679 -32.12 72.18 47.29
C LEU B 1679 -31.06 72.92 46.47
N LEU B 1680 -31.26 72.99 45.15
CA LEU B 1680 -30.35 73.78 44.33
C LEU B 1680 -30.35 75.25 44.76
N ASP B 1681 -31.48 75.74 45.27
CA ASP B 1681 -31.56 77.09 45.81
C ASP B 1681 -31.07 77.18 47.24
N ALA B 1682 -30.72 76.06 47.87
CA ALA B 1682 -30.25 76.08 49.24
C ALA B 1682 -28.98 76.90 49.36
N GLU B 1683 -28.91 77.75 50.37
CA GLU B 1683 -27.75 78.61 50.57
C GLU B 1683 -26.56 77.83 51.11
N GLU B 1684 -26.81 76.89 52.02
CA GLU B 1684 -25.75 76.11 52.65
C GLU B 1684 -26.19 74.68 52.79
N LEU B 1685 -25.30 73.75 52.46
CA LEU B 1685 -25.53 72.33 52.63
C LEU B 1685 -24.26 71.67 53.15
N PRO B 1686 -24.38 70.63 53.97
CA PRO B 1686 -23.19 69.89 54.40
C PRO B 1686 -22.72 68.92 53.32
N MET B 1687 -21.40 68.89 53.11
CA MET B 1687 -20.83 68.08 52.04
C MET B 1687 -20.69 66.61 52.43
N LYS B 1688 -20.80 66.27 53.72
CA LYS B 1688 -20.87 64.90 54.17
C LYS B 1688 -22.31 64.51 54.50
N SER B 1689 -23.26 65.08 53.77
CA SER B 1689 -24.67 64.90 54.08
C SER B 1689 -25.13 63.47 53.81
N THR B 1690 -26.10 63.03 54.61
CA THR B 1690 -26.86 61.83 54.33
C THR B 1690 -28.24 62.28 53.85
N PHE B 1691 -28.54 62.02 52.58
CA PHE B 1691 -29.75 62.53 51.97
C PHE B 1691 -30.85 61.46 51.96
N VAL B 1692 -32.07 61.91 52.24
CA VAL B 1692 -33.27 61.08 52.14
C VAL B 1692 -34.19 61.79 51.16
N MET B 1693 -34.36 61.21 49.98
CA MET B 1693 -35.01 61.88 48.87
C MET B 1693 -36.41 61.30 48.66
N LEU B 1694 -37.42 62.09 48.97
CA LEU B 1694 -38.81 61.76 48.66
C LEU B 1694 -39.27 62.38 47.34
N THR B 1695 -38.34 62.95 46.57
CA THR B 1695 -38.72 63.65 45.35
C THR B 1695 -39.42 62.71 44.38
N GLU B 1696 -38.92 61.47 44.25
CA GLU B 1696 -39.52 60.53 43.32
C GLU B 1696 -40.97 60.22 43.70
N LEU B 1697 -41.29 60.23 45.00
CA LEU B 1697 -42.68 60.17 45.40
C LEU B 1697 -43.44 61.39 44.90
N ASP B 1698 -42.80 62.55 44.95
CA ASP B 1698 -43.32 63.77 44.33
C ASP B 1698 -42.98 63.75 42.85
N GLU B 1699 -43.12 64.89 42.18
CA GLU B 1699 -42.72 65.01 40.78
C GLU B 1699 -41.30 64.47 40.60
N GLU B 1700 -41.14 63.56 39.65
CA GLU B 1700 -39.85 62.90 39.45
C GLU B 1700 -38.85 63.84 38.81
N LEU B 1701 -37.57 63.55 39.04
CA LEU B 1701 -36.51 64.32 38.41
C LEU B 1701 -36.56 64.20 36.90
N PHE B 1702 -36.76 62.98 36.40
CA PHE B 1702 -36.71 62.70 34.98
C PHE B 1702 -37.97 63.11 34.24
N ALA B 1703 -39.00 63.55 34.96
CA ALA B 1703 -40.15 64.20 34.33
C ALA B 1703 -39.97 65.71 34.20
N GLY B 1704 -39.03 66.29 34.94
CA GLY B 1704 -38.83 67.73 34.94
C GLY B 1704 -37.37 68.17 34.92
N LEU B 1705 -36.51 67.41 34.25
CA LEU B 1705 -35.09 67.77 34.22
C LEU B 1705 -34.86 69.15 33.63
N THR B 1706 -35.78 69.64 32.81
CA THR B 1706 -35.62 70.94 32.18
C THR B 1706 -35.67 72.09 33.18
N GLU B 1707 -36.07 71.81 34.43
CA GLU B 1707 -36.15 72.84 35.46
C GLU B 1707 -34.89 72.93 36.30
N GLU B 1708 -33.72 72.63 35.71
CA GLU B 1708 -32.44 72.61 36.41
C GLU B 1708 -32.38 71.53 37.47
N THR B 1709 -33.34 70.59 37.45
CA THR B 1709 -33.32 69.48 38.39
C THR B 1709 -32.08 68.63 38.20
N PHE B 1710 -31.50 68.63 37.00
CA PHE B 1710 -30.29 67.87 36.73
C PHE B 1710 -29.07 68.54 37.35
N GLU B 1711 -28.98 69.87 37.26
CA GLU B 1711 -27.93 70.58 37.99
C GLU B 1711 -28.13 70.43 39.49
N ALA B 1712 -29.38 70.41 39.94
CA ALA B 1712 -29.66 70.16 41.35
C ALA B 1712 -29.18 68.77 41.75
N THR B 1713 -29.34 67.78 40.86
CA THR B 1713 -28.84 66.45 41.13
C THR B 1713 -27.31 66.45 41.23
N LYS B 1714 -26.65 67.20 40.34
CA LYS B 1714 -25.20 67.34 40.45
C LYS B 1714 -24.82 67.88 41.82
N LEU B 1715 -25.52 68.94 42.25
CA LEU B 1715 -25.24 69.53 43.55
C LEU B 1715 -25.48 68.53 44.67
N LEU B 1716 -26.55 67.75 44.56
CA LEU B 1716 -26.85 66.73 45.56
C LEU B 1716 -25.71 65.72 45.65
N LEU B 1717 -25.22 65.25 44.50
CA LEU B 1717 -24.10 64.32 44.52
C LEU B 1717 -22.87 64.96 45.13
N THR B 1718 -22.61 66.23 44.82
CA THR B 1718 -21.44 66.91 45.35
C THR B 1718 -21.51 67.01 46.87
N TYR B 1719 -22.67 67.35 47.41
CA TYR B 1719 -22.82 67.54 48.85
C TYR B 1719 -23.16 66.25 49.59
N ALA B 1720 -23.33 65.14 48.90
CA ALA B 1720 -23.81 63.91 49.51
C ALA B 1720 -22.66 62.92 49.67
N SER B 1721 -22.54 62.36 50.88
CA SER B 1721 -21.72 61.18 51.12
C SER B 1721 -22.56 59.91 51.20
N ASN B 1722 -23.79 60.03 51.69
CA ASN B 1722 -24.76 58.95 51.68
C ASN B 1722 -26.10 59.51 51.22
N THR B 1723 -26.91 58.67 50.60
CA THR B 1723 -28.22 59.12 50.17
C THR B 1723 -29.15 57.93 49.97
N VAL B 1724 -30.42 58.17 50.27
CA VAL B 1724 -31.50 57.20 50.06
C VAL B 1724 -32.62 57.90 49.30
N TRP B 1725 -33.03 57.31 48.18
CA TRP B 1725 -34.17 57.78 47.42
C TRP B 1725 -35.36 56.87 47.67
N LEU B 1726 -36.55 57.46 47.73
CA LEU B 1726 -37.79 56.72 47.90
C LEU B 1726 -38.64 56.89 46.64
N THR B 1727 -39.06 55.77 46.07
CA THR B 1727 -39.88 55.76 44.87
C THR B 1727 -41.17 55.00 45.13
N GLU B 1728 -42.25 55.44 44.49
CA GLU B 1728 -43.57 54.83 44.66
C GLU B 1728 -43.82 53.91 43.48
N ASN B 1729 -43.46 52.64 43.64
CA ASN B 1729 -43.65 51.62 42.62
C ASN B 1729 -43.05 52.08 41.29
N ALA B 1730 -41.76 52.43 41.33
CA ALA B 1730 -41.10 52.98 40.17
C ALA B 1730 -41.14 52.02 39.00
N TRP B 1731 -40.81 50.75 39.25
CA TRP B 1731 -40.64 49.81 38.16
C TRP B 1731 -41.97 49.39 37.53
N VAL B 1732 -43.06 49.50 38.28
CA VAL B 1732 -44.35 49.00 37.80
C VAL B 1732 -45.37 50.11 37.51
N GLN B 1733 -45.17 51.31 38.05
CA GLN B 1733 -46.14 52.37 37.87
C GLN B 1733 -45.53 53.73 37.49
N HIS B 1734 -44.27 53.99 37.81
CA HIS B 1734 -43.65 55.30 37.58
C HIS B 1734 -42.30 55.10 36.91
N PRO B 1735 -42.28 54.95 35.58
CA PRO B 1735 -40.99 54.76 34.89
C PRO B 1735 -40.00 55.89 35.09
N HIS B 1736 -40.47 57.12 35.35
CA HIS B 1736 -39.52 58.21 35.62
C HIS B 1736 -38.76 57.94 36.91
N GLN B 1737 -39.46 57.45 37.93
CA GLN B 1737 -38.77 57.04 39.15
C GLN B 1737 -37.75 55.96 38.87
N ALA B 1738 -38.04 55.07 37.92
CA ALA B 1738 -37.07 54.03 37.56
C ALA B 1738 -35.89 54.61 36.81
N SER B 1739 -36.10 55.65 36.01
CA SER B 1739 -34.99 56.33 35.38
C SER B 1739 -34.08 56.95 36.43
N THR B 1740 -34.69 57.54 37.46
CA THR B 1740 -33.90 58.03 38.59
C THR B 1740 -33.16 56.88 39.25
N ILE B 1741 -33.82 55.74 39.42
CA ILE B 1741 -33.17 54.58 40.04
C ILE B 1741 -31.96 54.16 39.23
N GLY B 1742 -32.07 54.16 37.90
CA GLY B 1742 -30.93 53.80 37.07
C GLY B 1742 -29.81 54.81 37.14
N MET B 1743 -30.15 56.10 37.13
CA MET B 1743 -29.13 57.13 37.28
C MET B 1743 -28.36 56.94 38.59
N LEU B 1744 -29.08 56.66 39.67
CA LEU B 1744 -28.44 56.47 40.97
C LEU B 1744 -27.67 55.16 41.01
N ARG B 1745 -28.15 54.15 40.29
CA ARG B 1745 -27.44 52.89 40.18
C ARG B 1745 -26.07 53.09 39.54
N SER B 1746 -26.03 53.91 38.49
CA SER B 1746 -24.74 54.24 37.88
C SER B 1746 -23.91 55.13 38.79
N ILE B 1747 -24.56 56.04 39.51
CA ILE B 1747 -23.84 56.90 40.44
C ILE B 1747 -23.12 56.06 41.49
N ARG B 1748 -23.77 55.00 41.97
CA ARG B 1748 -23.15 54.15 42.97
C ARG B 1748 -21.82 53.59 42.48
N ARG B 1749 -21.66 53.48 41.15
CA ARG B 1749 -20.40 53.08 40.54
C ARG B 1749 -19.48 54.27 40.32
N GLU B 1750 -20.03 55.39 39.84
CA GLU B 1750 -19.22 56.57 39.59
C GLU B 1750 -18.58 57.07 40.87
N HIS B 1751 -19.38 57.21 41.93
CA HIS B 1751 -18.90 57.71 43.21
C HIS B 1751 -18.97 56.60 44.24
N PRO B 1752 -18.02 55.66 44.24
CA PRO B 1752 -18.10 54.55 45.21
C PRO B 1752 -18.11 55.03 46.64
N ASP B 1753 -17.45 56.15 46.94
CA ASP B 1753 -17.53 56.72 48.28
C ASP B 1753 -18.93 57.23 48.61
N LEU B 1754 -19.76 57.46 47.60
CA LEU B 1754 -21.12 57.96 47.79
C LEU B 1754 -22.06 56.77 47.94
N GLY B 1755 -22.47 56.49 49.17
CA GLY B 1755 -23.47 55.47 49.40
C GLY B 1755 -24.77 55.83 48.73
N VAL B 1756 -25.30 54.95 47.90
CA VAL B 1756 -26.53 55.18 47.15
C VAL B 1756 -27.50 54.05 47.47
N HIS B 1757 -28.71 54.42 47.89
CA HIS B 1757 -29.76 53.45 48.15
C HIS B 1757 -31.06 53.92 47.50
N VAL B 1758 -31.86 52.95 47.05
CA VAL B 1758 -33.17 53.23 46.48
C VAL B 1758 -34.17 52.27 47.11
N LEU B 1759 -35.33 52.81 47.47
CA LEU B 1759 -36.39 52.04 48.13
C LEU B 1759 -37.65 52.18 47.30
N ASP B 1760 -38.03 51.12 46.61
CA ASP B 1760 -39.21 51.10 45.77
C ASP B 1760 -40.38 50.52 46.56
N VAL B 1761 -41.43 51.30 46.73
CA VAL B 1761 -42.59 50.93 47.53
C VAL B 1761 -43.78 50.78 46.60
N ASP B 1762 -44.35 49.58 46.55
CA ASP B 1762 -45.55 49.36 45.74
C ASP B 1762 -46.70 50.25 46.19
N ALA B 1763 -46.75 50.61 47.48
CA ALA B 1763 -47.78 51.50 48.00
C ALA B 1763 -47.17 52.26 49.18
N VAL B 1764 -47.02 53.57 49.01
CA VAL B 1764 -46.36 54.37 50.04
C VAL B 1764 -47.15 54.33 51.35
N GLU B 1765 -48.48 54.26 51.26
CA GLU B 1765 -49.30 54.27 52.47
C GLU B 1765 -49.00 53.07 53.37
N THR B 1766 -48.38 52.03 52.83
CA THR B 1766 -48.06 50.82 53.60
C THR B 1766 -46.62 50.79 54.08
N VAL B 1773 -43.41 52.46 56.34
CA VAL B 1773 -43.00 53.31 57.45
C VAL B 1773 -41.87 52.65 58.23
N GLU B 1774 -41.03 53.45 58.87
CA GLU B 1774 -40.00 53.02 59.82
C GLU B 1774 -38.80 52.34 59.17
N GLN B 1775 -38.83 52.10 57.86
CA GLN B 1775 -37.72 51.40 57.21
C GLN B 1775 -36.77 52.31 56.46
N VAL B 1776 -37.23 53.47 56.00
CA VAL B 1776 -36.33 54.41 55.33
C VAL B 1776 -35.29 54.94 56.32
N LEU B 1777 -35.69 55.18 57.56
CA LEU B 1777 -34.71 55.51 58.58
C LEU B 1777 -33.71 54.39 58.76
N ARG B 1778 -34.21 53.14 58.76
CA ARG B 1778 -33.32 51.99 58.90
C ARG B 1778 -32.32 51.93 57.76
N LEU B 1779 -32.78 52.14 56.53
CA LEU B 1779 -31.88 52.06 55.39
C LEU B 1779 -30.89 53.22 55.38
N GLU B 1780 -31.33 54.40 55.81
CA GLU B 1780 -30.43 55.54 55.91
C GLU B 1780 -29.32 55.26 56.91
N GLU B 1781 -29.68 54.74 58.09
CA GLU B 1781 -28.67 54.41 59.09
C GLU B 1781 -27.79 53.27 58.62
N HIS B 1782 -28.34 52.34 57.83
CA HIS B 1782 -27.53 51.31 57.20
C HIS B 1782 -26.49 51.92 56.29
N THR B 1783 -26.90 52.90 55.48
CA THR B 1783 -25.95 53.59 54.61
C THR B 1783 -24.86 54.28 55.44
N ASP B 1784 -25.26 54.89 56.55
CA ASP B 1784 -24.27 55.44 57.47
C ASP B 1784 -23.33 54.35 57.97
N GLU B 1785 -23.79 53.11 58.01
CA GLU B 1785 -22.94 51.99 58.41
C GLU B 1785 -22.17 51.49 57.21
N LEU B 1786 -20.86 51.30 57.38
CA LEU B 1786 -19.96 50.89 56.30
C LEU B 1786 -19.03 49.77 56.78
N ALA B 1787 -19.60 48.76 57.42
CA ALA B 1787 -18.84 47.61 57.89
C ALA B 1787 -18.56 46.71 56.69
N SER B 1788 -17.41 46.93 56.05
CA SER B 1788 -17.07 46.17 54.85
C SER B 1788 -16.61 44.76 55.16
N SER B 1789 -16.02 44.54 56.33
CA SER B 1789 -15.43 43.25 56.68
C SER B 1789 -16.41 42.32 57.40
N THR B 1790 -17.66 42.72 57.56
CA THR B 1790 -18.65 41.91 58.28
C THR B 1790 -19.70 41.38 57.30
N THR B 1791 -20.48 40.40 57.78
CA THR B 1791 -21.42 39.72 56.91
C THR B 1791 -22.47 40.68 56.37
N TRP B 1792 -23.00 41.56 57.24
CA TRP B 1792 -24.07 42.46 56.82
C TRP B 1792 -23.66 43.23 55.58
N THR B 1793 -24.58 43.32 54.63
CA THR B 1793 -24.32 43.92 53.32
C THR B 1793 -25.00 45.27 53.21
N GLN B 1794 -24.60 46.02 52.18
CA GLN B 1794 -24.97 47.43 52.10
C GLN B 1794 -26.48 47.60 51.93
N GLU B 1795 -27.12 46.74 51.14
CA GLU B 1795 -28.46 46.70 50.58
C GLU B 1795 -28.63 47.83 49.57
N PRO B 1796 -27.89 47.80 48.46
CA PRO B 1796 -27.88 48.98 47.56
C PRO B 1796 -29.24 49.36 47.02
N GLU B 1797 -30.12 48.40 46.76
CA GLU B 1797 -31.43 48.71 46.18
C GLU B 1797 -32.47 47.78 46.78
N VAL B 1798 -33.39 48.36 47.55
CA VAL B 1798 -34.44 47.61 48.23
C VAL B 1798 -35.78 47.97 47.61
N SER B 1799 -36.73 47.05 47.73
CA SER B 1799 -38.09 47.25 47.24
C SER B 1799 -39.07 46.81 48.31
N TRP B 1800 -39.99 47.69 48.68
CA TRP B 1800 -41.01 47.40 49.67
C TRP B 1800 -42.25 46.90 48.95
N CYS B 1801 -42.53 45.60 49.08
CA CYS B 1801 -43.64 44.97 48.40
C CYS B 1801 -44.43 44.12 49.39
N LYS B 1802 -45.75 44.17 49.28
CA LYS B 1802 -46.63 43.37 50.14
C LYS B 1802 -46.31 43.57 51.61
N GLY B 1803 -45.89 44.78 51.96
CA GLY B 1803 -45.61 45.10 53.34
C GLY B 1803 -44.31 44.54 53.88
N ARG B 1804 -43.41 44.12 53.01
CA ARG B 1804 -42.13 43.56 53.44
C ARG B 1804 -41.02 44.06 52.53
N PRO B 1805 -39.78 44.13 53.03
CA PRO B 1805 -38.66 44.53 52.18
C PRO B 1805 -38.05 43.35 51.45
N TRP B 1806 -37.63 43.60 50.21
CA TRP B 1806 -37.04 42.58 49.36
C TRP B 1806 -35.88 43.20 48.60
N ILE B 1807 -35.02 42.33 48.05
CA ILE B 1807 -33.86 42.76 47.28
C ILE B 1807 -33.72 41.86 46.07
N PRO B 1808 -33.22 42.42 44.97
CA PRO B 1808 -32.92 41.62 43.79
C PRO B 1808 -31.47 41.17 43.76
N ARG B 1809 -31.28 39.95 43.25
CA ARG B 1809 -29.95 39.40 43.05
C ARG B 1809 -29.91 38.70 41.71
N LEU B 1810 -28.81 38.88 40.99
CA LEU B 1810 -28.68 38.32 39.65
C LEU B 1810 -28.23 36.87 39.75
N LYS B 1811 -29.11 35.96 39.35
CA LYS B 1811 -28.83 34.52 39.41
C LYS B 1811 -28.99 33.92 38.02
N ARG B 1812 -27.99 33.13 37.61
CA ARG B 1812 -28.00 32.55 36.28
C ARG B 1812 -29.30 31.80 36.04
N ASP B 1813 -30.09 32.29 35.09
CA ASP B 1813 -31.37 31.66 34.75
C ASP B 1813 -31.06 30.37 34.00
N LEU B 1814 -30.85 29.31 34.77
CA LEU B 1814 -30.38 28.05 34.20
C LEU B 1814 -31.33 27.52 33.14
N ALA B 1815 -32.61 27.88 33.18
CA ALA B 1815 -33.53 27.45 32.14
C ALA B 1815 -33.11 27.98 30.78
N ARG B 1816 -33.02 29.31 30.65
CA ARG B 1816 -32.67 29.89 29.36
C ARG B 1816 -31.18 29.73 29.05
N ASN B 1817 -30.32 29.66 30.07
CA ASN B 1817 -28.93 29.33 29.82
C ASN B 1817 -28.82 27.94 29.20
N ASN B 1818 -29.57 26.97 29.73
CA ASN B 1818 -29.59 25.64 29.17
C ASN B 1818 -30.18 25.65 27.76
N ARG B 1819 -31.22 26.47 27.53
CA ARG B 1819 -31.78 26.56 26.20
C ARG B 1819 -30.75 27.06 25.20
N MET B 1820 -30.02 28.11 25.57
CA MET B 1820 -29.01 28.66 24.68
C MET B 1820 -27.88 27.65 24.43
N ASN B 1821 -27.41 26.99 25.49
CA ASN B 1821 -26.28 26.09 25.36
C ASN B 1821 -26.64 24.76 24.72
N SER B 1822 -27.93 24.39 24.71
CA SER B 1822 -28.34 23.18 24.02
C SER B 1822 -28.06 23.27 22.53
N SER B 1823 -28.03 24.49 21.98
CA SER B 1823 -27.61 24.69 20.60
C SER B 1823 -26.18 24.21 20.38
N ARG B 1824 -25.38 24.11 21.44
CA ARG B 1824 -23.97 23.78 21.33
C ARG B 1824 -23.60 22.42 21.90
N ARG B 1825 -24.41 21.86 22.79
CA ARG B 1825 -24.11 20.56 23.37
C ARG B 1825 -25.42 19.94 23.87
N PRO B 1826 -25.44 18.64 24.15
CA PRO B 1826 -26.68 18.00 24.59
C PRO B 1826 -27.04 18.33 26.03
N ILE B 1827 -27.69 19.48 26.22
CA ILE B 1827 -28.13 19.89 27.55
C ILE B 1827 -29.41 19.14 27.89
N TYR B 1828 -29.44 18.55 29.08
CA TYR B 1828 -30.59 17.78 29.55
C TYR B 1828 -31.24 18.49 30.73
N GLU B 1829 -32.56 18.57 30.71
CA GLU B 1829 -33.34 19.16 31.79
C GLU B 1829 -34.49 18.24 32.13
N MET B 1830 -34.88 18.22 33.41
CA MET B 1830 -35.96 17.36 33.88
C MET B 1830 -37.28 17.97 33.41
N ILE B 1831 -37.83 17.41 32.35
CA ILE B 1831 -39.05 17.94 31.73
C ILE B 1831 -40.14 16.88 31.81
N ASP B 1832 -41.37 17.33 32.03
CA ASP B 1832 -42.53 16.44 32.10
C ASP B 1832 -43.18 16.39 30.72
N SER B 1833 -42.92 15.32 29.98
CA SER B 1833 -43.47 15.19 28.63
C SER B 1833 -44.98 15.05 28.63
N SER B 1834 -45.57 14.65 29.76
CA SER B 1834 -47.03 14.49 29.81
C SER B 1834 -47.73 15.83 29.61
N ARG B 1835 -47.20 16.89 30.22
CA ARG B 1835 -47.80 18.21 30.15
C ARG B 1835 -46.96 19.21 29.37
N ALA B 1836 -45.71 18.90 29.06
CA ALA B 1836 -44.85 19.76 28.26
C ALA B 1836 -44.53 19.09 26.94
N PRO B 1837 -44.64 19.76 25.80
CA PRO B 1837 -44.32 19.11 24.52
C PRO B 1837 -42.88 18.61 24.50
N VAL B 1838 -42.73 17.30 24.31
CA VAL B 1838 -41.43 16.66 24.20
C VAL B 1838 -41.44 15.82 22.93
N ALA B 1839 -40.51 16.13 22.02
CA ALA B 1839 -40.42 15.45 20.74
C ALA B 1839 -39.31 14.41 20.76
N LEU B 1840 -39.61 13.23 20.23
CA LEU B 1840 -38.61 12.18 20.08
C LEU B 1840 -37.85 12.46 18.78
N GLN B 1841 -36.91 13.39 18.89
CA GLN B 1841 -36.23 13.95 17.72
C GLN B 1841 -35.04 13.09 17.32
N THR B 1842 -34.86 12.93 16.01
CA THR B 1842 -33.68 12.27 15.49
C THR B 1842 -32.47 13.20 15.58
N ALA B 1843 -31.29 12.60 15.74
CA ALA B 1843 -30.07 13.38 15.78
C ALA B 1843 -29.85 14.08 14.43
N ARG B 1844 -29.07 15.16 14.47
CA ARG B 1844 -28.79 15.90 13.24
C ARG B 1844 -28.16 14.98 12.21
N ASP B 1845 -27.15 14.21 12.62
CA ASP B 1845 -26.52 13.23 11.76
C ASP B 1845 -27.34 11.95 11.65
N SER B 1846 -28.52 11.91 12.25
CA SER B 1846 -29.38 10.73 12.25
C SER B 1846 -28.70 9.55 12.93
N SER B 1847 -27.81 9.85 13.88
CA SER B 1847 -27.12 8.78 14.60
C SER B 1847 -28.10 7.95 15.43
N SER B 1848 -29.02 8.62 16.11
CA SER B 1848 -30.00 7.94 16.96
C SER B 1848 -31.13 8.91 17.25
N TYR B 1849 -32.00 8.52 18.19
CA TYR B 1849 -33.13 9.34 18.61
C TYR B 1849 -32.96 9.74 20.07
N PHE B 1850 -33.48 10.92 20.40
CA PHE B 1850 -33.42 11.42 21.78
C PHE B 1850 -34.64 12.29 22.05
N LEU B 1851 -35.04 12.33 23.31
CA LEU B 1851 -36.12 13.21 23.72
C LEU B 1851 -35.59 14.64 23.83
N GLU B 1852 -36.32 15.59 23.25
CA GLU B 1852 -35.95 16.99 23.32
C GLU B 1852 -37.19 17.83 23.58
N SER B 1853 -36.97 19.04 24.08
CA SER B 1853 -38.07 19.94 24.34
C SER B 1853 -38.67 20.43 23.03
N ALA B 1854 -39.98 20.25 22.89
CA ALA B 1854 -40.70 20.65 21.68
C ALA B 1854 -41.53 21.91 21.90
N GLU B 1855 -41.25 22.66 22.97
CA GLU B 1855 -42.03 23.85 23.28
C GLU B 1855 -41.99 24.81 22.10
N THR B 1856 -43.17 25.17 21.59
CA THR B 1856 -43.27 26.18 20.53
C THR B 1856 -43.10 27.59 21.07
N TRP B 1857 -43.15 27.77 22.39
CA TRP B 1857 -42.93 29.07 23.02
C TRP B 1857 -43.92 30.12 22.49
N PHE B 1858 -45.20 29.72 22.43
CA PHE B 1858 -46.30 30.65 22.26
C PHE B 1858 -46.19 31.45 20.97
N VAL B 1859 -46.25 30.74 19.85
CA VAL B 1859 -46.40 31.37 18.54
C VAL B 1859 -47.88 31.68 18.35
N PRO B 1860 -48.26 32.94 18.13
CA PRO B 1860 -49.68 33.30 18.12
C PRO B 1860 -50.42 32.96 16.84
N GLU B 1861 -49.79 32.29 15.88
CA GLU B 1861 -50.44 32.00 14.60
C GLU B 1861 -51.28 30.73 14.75
N SER B 1862 -52.57 30.90 14.98
CA SER B 1862 -53.52 29.79 15.04
C SER B 1862 -54.83 30.18 14.36
N VAL B 1863 -54.76 31.09 13.38
CA VAL B 1863 -55.92 31.56 12.64
C VAL B 1863 -55.91 31.05 11.20
N GLN B 1864 -54.80 31.28 10.48
CA GLN B 1864 -54.64 30.64 9.19
C GLN B 1864 -54.44 29.13 9.37
N GLN B 1865 -53.69 28.75 10.40
CA GLN B 1865 -53.68 27.37 10.88
C GLN B 1865 -54.81 27.21 11.90
N MET B 1866 -56.03 27.33 11.38
CA MET B 1866 -57.19 27.53 12.22
C MET B 1866 -57.41 26.36 13.17
N GLU B 1867 -57.81 26.68 14.40
CA GLU B 1867 -58.26 25.68 15.37
C GLU B 1867 -57.25 24.56 15.53
N THR B 1868 -55.98 24.94 15.66
CA THR B 1868 -54.92 23.95 15.85
C THR B 1868 -55.19 23.19 17.14
N LYS B 1869 -55.58 21.92 17.01
CA LYS B 1869 -55.92 21.11 18.17
C LYS B 1869 -54.66 20.64 18.88
N THR B 1870 -54.73 20.59 20.21
CA THR B 1870 -53.64 20.11 21.05
C THR B 1870 -53.93 18.65 21.39
N ILE B 1871 -53.05 17.76 20.96
CA ILE B 1871 -53.19 16.33 21.17
C ILE B 1871 -52.13 15.91 22.17
N TYR B 1872 -52.57 15.42 23.33
CA TYR B 1872 -51.66 14.83 24.31
C TYR B 1872 -51.46 13.38 23.92
N VAL B 1873 -50.30 13.09 23.33
CA VAL B 1873 -50.08 11.81 22.66
C VAL B 1873 -49.79 10.74 23.69
N HIS B 1874 -50.53 9.63 23.61
CA HIS B 1874 -50.24 8.43 24.37
C HIS B 1874 -49.37 7.47 23.58
N PHE B 1875 -49.65 7.33 22.28
CA PHE B 1875 -48.89 6.45 21.41
C PHE B 1875 -48.65 7.16 20.09
N SER B 1876 -47.52 6.84 19.45
CA SER B 1876 -47.16 7.47 18.20
C SER B 1876 -46.30 6.56 17.36
N CYS B 1877 -46.17 6.88 16.09
CA CYS B 1877 -45.27 6.16 15.20
C CYS B 1877 -43.93 6.89 15.14
N PRO B 1878 -42.81 6.22 15.44
CA PRO B 1878 -41.52 6.93 15.46
C PRO B 1878 -41.19 7.61 14.14
N HIS B 1879 -41.52 6.99 13.02
CA HIS B 1879 -41.14 7.48 11.71
C HIS B 1879 -42.30 8.24 11.08
N ALA B 1880 -41.98 9.35 10.42
CA ALA B 1880 -42.99 10.13 9.71
C ALA B 1880 -43.31 9.47 8.38
N LEU B 1881 -44.60 9.39 8.06
CA LEU B 1881 -45.06 8.74 6.84
C LEU B 1881 -45.52 9.79 5.84
N ARG B 1882 -45.08 9.62 4.59
CA ARG B 1882 -45.52 10.51 3.52
C ARG B 1882 -47.01 10.34 3.29
N VAL B 1883 -47.69 11.45 3.05
CA VAL B 1883 -49.14 11.48 2.94
C VAL B 1883 -49.52 12.20 1.65
N GLN B 1884 -49.92 11.41 0.64
CA GLN B 1884 -50.43 11.93 -0.63
C GLN B 1884 -49.66 13.16 -1.08
N ALA B 1885 -48.33 13.07 -1.02
CA ALA B 1885 -47.45 14.11 -1.52
C ALA B 1885 -47.61 15.43 -0.74
N LEU B 1886 -48.42 15.43 0.31
CA LEU B 1886 -48.56 16.63 1.13
C LEU B 1886 -47.33 16.86 2.00
N GLY B 1887 -46.64 15.78 2.34
CA GLY B 1887 -45.48 15.87 3.21
C GLY B 1887 -45.40 14.62 4.07
N PHE B 1888 -44.52 14.68 5.06
CA PHE B 1888 -44.30 13.57 5.99
C PHE B 1888 -44.89 13.93 7.35
N PHE B 1889 -45.74 13.06 7.87
CA PHE B 1889 -46.42 13.28 9.13
C PHE B 1889 -46.27 12.03 10.00
N TYR B 1890 -46.05 12.25 11.30
CA TYR B 1890 -45.97 11.14 12.25
C TYR B 1890 -47.36 10.76 12.69
N LEU B 1891 -47.70 9.48 12.58
CA LEU B 1891 -49.01 9.02 13.03
C LEU B 1891 -49.02 8.99 14.55
N VAL B 1892 -49.91 9.75 15.16
CA VAL B 1892 -49.98 9.87 16.61
C VAL B 1892 -51.39 9.51 17.06
N GLN B 1893 -51.49 9.02 18.29
CA GLN B 1893 -52.76 8.71 18.93
C GLN B 1893 -52.72 9.24 20.35
N GLY B 1894 -53.83 9.76 20.84
CA GLY B 1894 -53.87 10.22 22.20
C GLY B 1894 -55.08 11.09 22.48
N HIS B 1895 -55.06 11.70 23.66
CA HIS B 1895 -56.20 12.46 24.15
C HIS B 1895 -56.25 13.86 23.54
N VAL B 1896 -57.47 14.41 23.51
CA VAL B 1896 -57.70 15.83 23.29
C VAL B 1896 -58.70 16.29 24.32
N GLN B 1897 -58.48 17.48 24.88
CA GLN B 1897 -59.32 18.01 25.94
C GLN B 1897 -60.47 18.78 25.31
N GLU B 1898 -61.68 18.24 25.42
CA GLU B 1898 -62.90 18.88 24.93
C GLU B 1898 -63.88 18.96 26.11
N GLY B 1899 -63.98 20.13 26.72
CA GLY B 1899 -64.81 20.26 27.90
C GLY B 1899 -64.36 19.35 29.02
N ASN B 1900 -63.05 19.23 29.22
CA ASN B 1900 -62.41 18.33 30.17
C ASN B 1900 -62.59 16.86 29.78
N ARG B 1901 -63.17 16.57 28.62
CA ARG B 1901 -63.24 15.21 28.13
C ARG B 1901 -61.91 14.85 27.46
N GLU B 1902 -61.34 13.73 27.87
CA GLU B 1902 -60.09 13.23 27.28
C GLU B 1902 -60.43 12.33 26.09
N VAL B 1903 -60.91 12.97 25.03
CA VAL B 1903 -61.41 12.25 23.86
C VAL B 1903 -60.23 11.62 23.13
N PRO B 1904 -60.19 10.30 22.96
CA PRO B 1904 -59.13 9.70 22.14
C PRO B 1904 -59.29 10.07 20.68
N VAL B 1905 -58.15 10.29 20.02
CA VAL B 1905 -58.12 10.64 18.61
C VAL B 1905 -56.82 10.14 18.00
N VAL B 1906 -56.79 10.08 16.67
CA VAL B 1906 -55.61 9.72 15.90
C VAL B 1906 -55.39 10.80 14.85
N ALA B 1907 -54.16 11.28 14.73
CA ALA B 1907 -53.85 12.41 13.89
C ALA B 1907 -52.51 12.21 13.20
N LEU B 1908 -52.24 13.10 12.24
CA LEU B 1908 -50.98 13.12 11.48
C LEU B 1908 -50.19 14.34 11.96
N ALA B 1909 -49.42 14.15 13.03
CA ALA B 1909 -48.63 15.22 13.61
C ALA B 1909 -47.43 15.54 12.72
N GLU B 1910 -46.68 16.57 13.12
CA GLU B 1910 -45.49 16.98 12.39
C GLU B 1910 -44.24 17.07 13.27
N ARG B 1911 -44.31 16.61 14.53
CA ARG B 1911 -43.19 16.72 15.44
C ARG B 1911 -42.90 15.46 16.23
N ASN B 1912 -43.80 14.48 16.25
CA ASN B 1912 -43.58 13.24 17.00
C ASN B 1912 -43.31 13.54 18.47
N ALA B 1913 -44.25 14.23 19.09
CA ALA B 1913 -44.07 14.73 20.46
C ALA B 1913 -45.19 14.23 21.36
N SER B 1914 -44.88 14.16 22.65
CA SER B 1914 -45.89 13.80 23.65
C SER B 1914 -47.11 14.71 23.52
N ILE B 1915 -46.88 15.98 23.18
CA ILE B 1915 -47.95 16.94 22.94
C ILE B 1915 -47.73 17.55 21.57
N VAL B 1916 -48.77 17.54 20.75
CA VAL B 1916 -48.71 18.04 19.38
C VAL B 1916 -49.75 19.13 19.20
N HIS B 1917 -49.48 20.04 18.28
CA HIS B 1917 -50.43 21.08 17.88
C HIS B 1917 -50.66 20.93 16.38
N VAL B 1918 -51.77 20.30 16.00
CA VAL B 1918 -52.01 19.92 14.60
C VAL B 1918 -53.41 20.36 14.20
N ARG B 1919 -53.54 20.80 12.94
CA ARG B 1919 -54.82 21.27 12.45
C ARG B 1919 -55.84 20.13 12.46
N PRO B 1920 -57.13 20.44 12.62
CA PRO B 1920 -58.14 19.37 12.63
C PRO B 1920 -58.20 18.57 11.35
N ASP B 1921 -57.77 19.15 10.22
CA ASP B 1921 -57.80 18.43 8.95
C ASP B 1921 -56.97 17.16 8.99
N TYR B 1922 -56.01 17.07 9.92
CA TYR B 1922 -55.11 15.92 10.03
C TYR B 1922 -55.44 15.06 11.25
N ILE B 1923 -56.69 15.11 11.71
CA ILE B 1923 -57.10 14.42 12.92
C ILE B 1923 -58.33 13.55 12.61
N TYR B 1924 -58.29 12.31 13.08
CA TYR B 1924 -59.45 11.43 13.07
C TYR B 1924 -60.01 11.41 14.49
N THR B 1925 -61.16 12.05 14.69
CA THR B 1925 -61.65 12.37 16.02
C THR B 1925 -62.46 11.26 16.67
N GLU B 1926 -62.80 10.20 15.94
CA GLU B 1926 -63.63 9.16 16.52
C GLU B 1926 -62.85 8.40 17.59
N ALA B 1927 -63.53 8.12 18.71
CA ALA B 1927 -62.93 7.37 19.81
C ALA B 1927 -63.27 5.89 19.69
N ASP B 1928 -62.83 5.30 18.59
CA ASP B 1928 -63.12 3.90 18.30
C ASP B 1928 -62.17 3.01 19.11
N ASN B 1929 -62.74 2.21 20.01
CA ASN B 1929 -61.93 1.28 20.79
C ASN B 1929 -61.30 0.19 19.93
N ASN B 1930 -61.88 -0.09 18.75
CA ASN B 1930 -61.26 -1.04 17.84
C ASN B 1930 -59.85 -0.60 17.48
N LEU B 1931 -59.67 0.70 17.26
CA LEU B 1931 -58.32 1.29 17.13
C LEU B 1931 -57.72 1.36 18.54
N SER B 1932 -57.36 0.18 19.04
CA SER B 1932 -57.00 0.02 20.44
C SER B 1932 -55.72 0.80 20.75
N GLU B 1933 -55.35 0.77 22.03
CA GLU B 1933 -54.16 1.48 22.49
C GLU B 1933 -52.93 0.93 21.80
N GLY B 1934 -52.24 1.77 21.06
CA GLY B 1934 -51.04 1.33 20.33
C GLY B 1934 -51.34 0.56 19.08
N GLY B 1935 -52.15 -0.50 19.17
CA GLY B 1935 -52.48 -1.27 17.99
C GLY B 1935 -53.17 -0.43 16.93
N GLY B 1936 -54.13 0.38 17.36
CA GLY B 1936 -54.82 1.24 16.40
C GLY B 1936 -53.87 2.20 15.71
N SER B 1937 -52.93 2.76 16.46
CA SER B 1937 -51.93 3.63 15.84
C SER B 1937 -51.11 2.86 14.82
N LEU B 1938 -50.74 1.63 15.14
CA LEU B 1938 -49.98 0.81 14.20
C LEU B 1938 -50.76 0.60 12.91
N MET B 1939 -52.04 0.24 13.03
CA MET B 1939 -52.84 -0.02 11.84
C MET B 1939 -53.02 1.25 11.02
N VAL B 1940 -53.28 2.38 11.68
CA VAL B 1940 -53.48 3.62 10.93
C VAL B 1940 -52.19 4.05 10.25
N THR B 1941 -51.05 3.82 10.90
CA THR B 1941 -49.76 4.09 10.27
C THR B 1941 -49.57 3.22 9.04
N VAL B 1942 -49.86 1.93 9.18
CA VAL B 1942 -49.71 1.01 8.07
C VAL B 1942 -50.58 1.46 6.90
N LEU B 1943 -51.80 1.88 7.19
CA LEU B 1943 -52.71 2.29 6.12
C LEU B 1943 -52.33 3.63 5.54
N ALA B 1944 -51.75 4.54 6.33
CA ALA B 1944 -51.21 5.75 5.76
C ALA B 1944 -50.14 5.44 4.74
N ALA B 1945 -49.22 4.54 5.10
CA ALA B 1945 -48.17 4.15 4.17
C ALA B 1945 -48.77 3.49 2.92
N ALA B 1946 -49.73 2.59 3.11
CA ALA B 1946 -50.33 1.88 1.98
C ALA B 1946 -51.06 2.83 1.05
N VAL B 1947 -51.84 3.76 1.62
CA VAL B 1947 -52.58 4.71 0.80
C VAL B 1947 -51.63 5.64 0.08
N LEU B 1948 -50.52 6.02 0.73
CA LEU B 1948 -49.51 6.80 0.04
C LEU B 1948 -48.97 6.03 -1.17
N ALA B 1949 -48.64 4.76 -0.97
CA ALA B 1949 -48.10 3.96 -2.06
C ALA B 1949 -49.11 3.86 -3.20
N GLU B 1950 -50.38 3.63 -2.87
CA GLU B 1950 -51.40 3.50 -3.91
C GLU B 1950 -51.68 4.81 -4.63
N THR B 1951 -51.56 5.94 -3.92
CA THR B 1951 -51.98 7.22 -4.48
C THR B 1951 -50.87 7.86 -5.30
N VAL B 1952 -49.66 7.92 -4.75
CA VAL B 1952 -48.57 8.59 -5.47
C VAL B 1952 -48.32 7.91 -6.80
N ILE B 1953 -48.61 6.62 -6.90
CA ILE B 1953 -48.41 5.88 -8.14
C ILE B 1953 -49.64 5.96 -9.03
N SER B 1954 -50.83 5.84 -8.45
CA SER B 1954 -52.07 5.92 -9.21
C SER B 1954 -52.21 7.29 -9.86
N VAL B 1961 -49.75 6.76 -12.90
CA VAL B 1961 -50.79 5.74 -13.01
C VAL B 1961 -50.15 4.40 -13.34
N THR B 1962 -50.67 3.33 -12.74
CA THR B 1962 -50.16 1.99 -13.00
C THR B 1962 -51.29 0.99 -12.90
N ASP B 1963 -51.11 -0.14 -13.59
CA ASP B 1963 -52.04 -1.26 -13.51
C ASP B 1963 -51.57 -2.35 -12.57
N SER B 1964 -50.27 -2.41 -12.28
CA SER B 1964 -49.74 -3.38 -11.33
C SER B 1964 -48.44 -2.84 -10.75
N ILE B 1965 -48.24 -3.07 -9.44
CA ILE B 1965 -47.05 -2.62 -8.73
C ILE B 1965 -46.55 -3.75 -7.85
N LEU B 1966 -45.29 -3.64 -7.43
CA LEU B 1966 -44.66 -4.58 -6.53
C LEU B 1966 -44.13 -3.84 -5.31
N VAL B 1967 -44.40 -4.38 -4.13
CA VAL B 1967 -43.94 -3.82 -2.86
C VAL B 1967 -43.01 -4.84 -2.23
N LEU B 1968 -41.79 -4.40 -1.90
CA LEU B 1968 -40.73 -5.29 -1.45
C LEU B 1968 -40.57 -5.21 0.06
N ASN B 1969 -40.55 -6.37 0.70
CA ASN B 1969 -40.34 -6.49 2.14
C ASN B 1969 -41.17 -5.49 2.95
N PRO B 1970 -42.48 -5.45 2.78
CA PRO B 1970 -43.32 -4.63 3.64
C PRO B 1970 -43.64 -5.36 4.93
N PRO B 1971 -44.01 -4.63 5.98
CA PRO B 1971 -44.49 -5.31 7.19
C PRO B 1971 -45.69 -6.19 6.88
N SER B 1972 -45.77 -7.33 7.58
CA SER B 1972 -46.87 -8.26 7.36
C SER B 1972 -48.22 -7.55 7.43
N ILE B 1973 -48.41 -6.74 8.47
CA ILE B 1973 -49.59 -5.89 8.52
C ILE B 1973 -49.62 -5.00 7.28
N CYS B 1974 -48.47 -4.44 6.92
CA CYS B 1974 -48.41 -3.59 5.74
C CYS B 1974 -48.73 -4.37 4.48
N GLY B 1975 -48.27 -5.63 4.40
CA GLY B 1975 -48.61 -6.44 3.24
C GLY B 1975 -50.10 -6.67 3.10
N GLN B 1976 -50.75 -7.07 4.20
CA GLN B 1976 -52.19 -7.31 4.16
C GLN B 1976 -52.94 -6.03 3.80
N MET B 1977 -52.56 -4.91 4.42
CA MET B 1977 -53.28 -3.67 4.17
C MET B 1977 -53.00 -3.14 2.77
N LEU B 1978 -51.81 -3.37 2.24
CA LEU B 1978 -51.51 -3.00 0.86
C LEU B 1978 -52.36 -3.82 -0.11
N LEU B 1979 -52.53 -5.12 0.18
CA LEU B 1979 -53.42 -5.93 -0.65
C LEU B 1979 -54.85 -5.40 -0.60
N HIS B 1980 -55.32 -5.04 0.60
CA HIS B 1980 -56.66 -4.49 0.73
C HIS B 1980 -56.80 -3.19 -0.06
N ALA B 1981 -55.80 -2.31 0.05
CA ALA B 1981 -55.86 -1.04 -0.65
C ALA B 1981 -55.83 -1.24 -2.17
N GLY B 1982 -55.01 -2.16 -2.64
CA GLY B 1982 -54.98 -2.46 -4.06
C GLY B 1982 -56.30 -3.01 -4.55
N GLU B 1983 -56.93 -3.89 -3.76
CA GLU B 1983 -58.24 -4.40 -4.13
C GLU B 1983 -59.26 -3.27 -4.21
N GLU B 1984 -59.26 -2.37 -3.22
CA GLU B 1984 -60.23 -1.28 -3.20
C GLU B 1984 -60.01 -0.33 -4.37
N ILE B 1985 -58.75 0.01 -4.66
CA ILE B 1985 -58.43 0.95 -5.74
C ILE B 1985 -58.30 0.25 -7.08
N GLY B 1986 -58.41 -1.07 -7.12
CA GLY B 1986 -58.27 -1.79 -8.37
C GLY B 1986 -56.87 -1.75 -8.95
N LEU B 1987 -55.85 -1.80 -8.11
CA LEU B 1987 -54.46 -1.85 -8.54
C LEU B 1987 -53.84 -3.17 -8.09
N GLN B 1988 -53.28 -3.91 -9.04
CA GLN B 1988 -52.74 -5.25 -8.77
C GLN B 1988 -51.44 -5.10 -7.99
N VAL B 1989 -51.50 -5.34 -6.68
CA VAL B 1989 -50.36 -5.19 -5.80
C VAL B 1989 -49.76 -6.57 -5.56
N HIS B 1990 -48.46 -6.70 -5.79
CA HIS B 1990 -47.71 -7.91 -5.48
C HIS B 1990 -46.84 -7.64 -4.25
N LEU B 1991 -46.72 -8.66 -3.41
CA LEU B 1991 -45.92 -8.56 -2.18
C LEU B 1991 -44.70 -9.45 -2.30
N ALA B 1992 -43.53 -8.89 -2.00
CA ALA B 1992 -42.29 -9.64 -1.97
C ALA B 1992 -41.65 -9.45 -0.59
N THR B 1993 -41.22 -10.54 0.03
CA THR B 1993 -40.60 -10.50 1.34
C THR B 1993 -39.27 -11.25 1.30
N THR B 1994 -38.26 -10.69 1.97
CA THR B 1994 -36.95 -11.30 2.07
C THR B 1994 -36.77 -12.09 3.36
N SER B 1995 -37.83 -12.20 4.17
CA SER B 1995 -37.75 -12.93 5.43
C SER B 1995 -37.40 -14.40 5.17
N SER B 2008 -50.26 -14.75 -1.88
CA SER B 2008 -49.35 -14.71 -0.74
C SER B 2008 -48.10 -13.92 -1.06
N TRP B 2009 -47.25 -13.74 -0.07
CA TRP B 2009 -46.01 -13.00 -0.27
C TRP B 2009 -45.08 -13.78 -1.20
N LEU B 2010 -44.42 -13.05 -2.10
CA LEU B 2010 -43.38 -13.62 -2.94
C LEU B 2010 -42.10 -13.69 -2.13
N THR B 2011 -41.82 -14.85 -1.55
CA THR B 2011 -40.72 -15.00 -0.59
C THR B 2011 -39.40 -14.97 -1.36
N LEU B 2012 -38.95 -13.75 -1.66
CA LEU B 2012 -37.65 -13.55 -2.26
C LEU B 2012 -36.57 -13.70 -1.19
N HIS B 2013 -35.33 -13.43 -1.59
CA HIS B 2013 -34.20 -13.47 -0.68
C HIS B 2013 -33.21 -12.40 -1.08
N ALA B 2014 -32.58 -11.77 -0.07
CA ALA B 2014 -31.54 -10.81 -0.36
C ALA B 2014 -30.40 -11.49 -1.09
N ARG B 2015 -29.70 -10.73 -1.92
CA ARG B 2015 -28.61 -11.22 -2.76
C ARG B 2015 -29.09 -12.18 -3.83
N ASP B 2016 -30.39 -12.16 -4.15
CA ASP B 2016 -30.89 -12.99 -5.24
C ASP B 2016 -30.39 -12.50 -6.58
N THR B 2017 -30.18 -13.43 -7.51
CA THR B 2017 -29.67 -13.08 -8.83
C THR B 2017 -30.74 -12.42 -9.67
N ASP B 2018 -30.29 -11.59 -10.61
CA ASP B 2018 -31.23 -10.93 -11.52
C ASP B 2018 -32.00 -11.93 -12.36
N TRP B 2019 -31.35 -13.03 -12.76
CA TRP B 2019 -32.05 -14.06 -13.52
C TRP B 2019 -33.19 -14.67 -12.73
N HIS B 2020 -32.94 -14.96 -11.44
CA HIS B 2020 -34.00 -15.50 -10.60
C HIS B 2020 -35.15 -14.52 -10.47
N LEU B 2021 -34.84 -13.23 -10.32
CA LEU B 2021 -35.89 -12.22 -10.24
C LEU B 2021 -36.69 -12.17 -11.53
N ARG B 2022 -36.03 -12.23 -12.68
CA ARG B 2022 -36.75 -12.31 -13.94
C ARG B 2022 -37.66 -13.53 -13.97
N ARG B 2023 -37.17 -14.66 -13.45
CA ARG B 2023 -37.97 -15.87 -13.45
C ARG B 2023 -39.21 -15.73 -12.59
N VAL B 2024 -39.08 -15.12 -11.41
CA VAL B 2024 -40.15 -15.11 -10.42
C VAL B 2024 -40.95 -13.81 -10.46
N LEU B 2025 -40.29 -12.66 -10.60
CA LEU B 2025 -41.00 -11.40 -10.52
C LEU B 2025 -42.02 -11.30 -11.65
N PRO B 2026 -43.24 -10.86 -11.37
CA PRO B 2026 -44.21 -10.67 -12.46
C PRO B 2026 -43.76 -9.57 -13.39
N ARG B 2027 -44.06 -9.74 -14.67
CA ARG B 2027 -43.65 -8.78 -15.69
C ARG B 2027 -44.65 -7.64 -15.88
N GLY B 2028 -45.82 -7.72 -15.26
CA GLY B 2028 -46.80 -6.64 -15.36
C GLY B 2028 -46.56 -5.48 -14.42
N VAL B 2029 -45.57 -5.59 -13.54
CA VAL B 2029 -45.30 -4.54 -12.56
C VAL B 2029 -44.80 -3.30 -13.28
N GLN B 2030 -45.36 -2.14 -12.92
CA GLN B 2030 -44.94 -0.86 -13.46
C GLN B 2030 -44.27 0.03 -12.43
N ALA B 2031 -44.39 -0.28 -11.13
CA ALA B 2031 -43.78 0.50 -10.09
C ALA B 2031 -43.25 -0.42 -9.01
N LEU B 2032 -42.17 0.01 -8.36
CA LEU B 2032 -41.55 -0.72 -7.26
C LEU B 2032 -41.54 0.17 -6.02
N VAL B 2033 -41.97 -0.40 -4.90
CA VAL B 2033 -42.05 0.31 -3.63
C VAL B 2033 -41.22 -0.51 -2.64
N ASP B 2034 -39.98 -0.07 -2.39
CA ASP B 2034 -39.08 -0.77 -1.48
C ASP B 2034 -39.31 -0.23 -0.08
N LEU B 2035 -40.04 -0.99 0.74
CA LEU B 2035 -40.26 -0.64 2.14
C LEU B 2035 -39.32 -1.39 3.06
N SER B 2036 -38.30 -2.05 2.52
CA SER B 2036 -37.34 -2.77 3.33
C SER B 2036 -36.58 -1.82 4.24
N ALA B 2037 -36.89 -1.85 5.54
CA ALA B 2037 -36.18 -0.99 6.47
C ALA B 2037 -34.69 -1.31 6.48
N ASP B 2038 -34.35 -2.59 6.47
CA ASP B 2038 -32.94 -2.99 6.37
C ASP B 2038 -32.42 -2.64 4.99
N GLN B 2039 -31.26 -2.00 4.95
CA GLN B 2039 -30.67 -1.57 3.68
C GLN B 2039 -30.05 -2.72 2.91
N SER B 2040 -29.97 -3.92 3.51
CA SER B 2040 -29.37 -5.05 2.82
C SER B 2040 -30.08 -5.34 1.51
N CYS B 2041 -31.42 -5.19 1.49
CA CYS B 2041 -32.19 -5.45 0.28
C CYS B 2041 -31.92 -4.43 -0.82
N GLU B 2042 -31.24 -3.34 -0.51
CA GLU B 2042 -31.04 -2.28 -1.50
C GLU B 2042 -30.49 -2.84 -2.80
N GLY B 2043 -29.43 -3.65 -2.71
CA GLY B 2043 -28.87 -4.23 -3.92
C GLY B 2043 -29.90 -5.03 -4.69
N LEU B 2044 -30.65 -5.87 -3.99
CA LEU B 2044 -31.75 -6.59 -4.62
C LEU B 2044 -32.64 -5.62 -5.37
N THR B 2045 -33.03 -4.54 -4.71
CA THR B 2045 -33.88 -3.53 -5.34
C THR B 2045 -33.27 -3.05 -6.64
N GLN B 2046 -31.97 -2.76 -6.63
CA GLN B 2046 -31.31 -2.34 -7.86
C GLN B 2046 -31.49 -3.39 -8.96
N ARG B 2047 -31.27 -4.66 -8.61
CA ARG B 2047 -31.46 -5.73 -9.59
C ARG B 2047 -32.89 -5.73 -10.12
N MET B 2048 -33.86 -5.42 -9.25
CA MET B 2048 -35.24 -5.36 -9.72
C MET B 2048 -35.37 -4.32 -10.83
N MET B 2049 -34.74 -3.16 -10.66
CA MET B 2049 -34.80 -2.13 -11.69
C MET B 2049 -34.24 -2.62 -13.01
N LYS B 2050 -33.38 -3.64 -12.98
CA LYS B 2050 -32.86 -4.21 -14.22
C LYS B 2050 -33.83 -5.20 -14.85
N VAL B 2051 -34.64 -5.89 -14.05
CA VAL B 2051 -35.51 -6.93 -14.56
C VAL B 2051 -36.92 -6.41 -14.81
N LEU B 2052 -37.38 -5.47 -13.99
CA LEU B 2052 -38.72 -4.95 -14.14
C LEU B 2052 -38.83 -4.12 -15.42
N MET B 2053 -40.03 -3.58 -15.65
CA MET B 2053 -40.26 -2.82 -16.86
C MET B 2053 -39.30 -1.63 -16.93
N PRO B 2054 -38.73 -1.34 -18.11
CA PRO B 2054 -37.87 -0.16 -18.20
C PRO B 2054 -38.60 1.10 -17.80
N GLY B 2055 -37.89 1.98 -17.09
CA GLY B 2055 -38.51 3.17 -16.54
C GLY B 2055 -39.50 2.91 -15.43
N CYS B 2056 -39.47 1.72 -14.83
CA CYS B 2056 -40.40 1.41 -13.75
C CYS B 2056 -40.22 2.37 -12.60
N ALA B 2057 -41.33 2.90 -12.10
CA ALA B 2057 -41.28 3.84 -10.99
C ALA B 2057 -40.73 3.17 -9.75
N HIS B 2058 -39.84 3.87 -9.05
CA HIS B 2058 -39.17 3.34 -7.87
C HIS B 2058 -39.43 4.25 -6.67
N TYR B 2059 -39.76 3.63 -5.54
CA TYR B 2059 -39.95 4.34 -4.29
C TYR B 2059 -39.32 3.54 -3.18
N ARG B 2060 -38.36 4.15 -2.48
CA ARG B 2060 -37.66 3.49 -1.38
C ARG B 2060 -38.38 3.77 -0.06
N ALA B 2061 -37.92 3.08 0.99
CA ALA B 2061 -38.48 3.30 2.31
C ALA B 2061 -38.33 4.76 2.74
N ALA B 2062 -37.23 5.40 2.35
CA ALA B 2062 -37.04 6.82 2.65
C ALA B 2062 -38.11 7.68 2.00
N ASP B 2063 -38.70 7.22 0.90
CA ASP B 2063 -39.74 7.97 0.21
C ASP B 2063 -41.10 7.84 0.90
N LEU B 2064 -41.27 6.87 1.79
CA LEU B 2064 -42.51 6.70 2.53
C LEU B 2064 -42.33 6.77 4.04
N PHE B 2065 -41.12 6.56 4.55
CA PHE B 2065 -40.83 6.66 5.98
C PHE B 2065 -39.56 7.48 6.16
N THR B 2066 -39.58 8.40 7.12
CA THR B 2066 -38.45 9.27 7.35
C THR B 2066 -38.47 9.74 8.81
N ASP B 2067 -37.33 10.28 9.23
CA ASP B 2067 -37.18 10.81 10.58
C ASP B 2067 -37.19 12.34 10.62
N THR B 2068 -37.41 13.00 9.49
CA THR B 2068 -37.37 14.45 9.40
C THR B 2068 -38.63 14.96 8.74
N VAL B 2069 -39.19 16.04 9.30
CA VAL B 2069 -40.36 16.70 8.73
C VAL B 2069 -40.04 18.18 8.51
N SER B 2070 -39.09 18.70 9.28
CA SER B 2070 -38.69 20.10 9.18
C SER B 2070 -39.90 21.02 9.34
N LEU B 2083 -55.96 18.70 4.20
CA LEU B 2083 -56.15 17.27 4.00
C LEU B 2083 -57.64 16.92 3.97
N PRO B 2084 -58.09 16.25 2.91
CA PRO B 2084 -59.50 15.83 2.86
C PRO B 2084 -59.83 14.89 4.00
N ALA B 2085 -61.04 15.04 4.54
CA ALA B 2085 -61.51 14.09 5.54
C ALA B 2085 -61.65 12.69 4.94
N ALA B 2086 -61.97 12.63 3.66
CA ALA B 2086 -62.03 11.33 2.98
C ALA B 2086 -60.72 10.58 3.12
N TYR B 2087 -59.61 11.29 3.26
CA TYR B 2087 -58.32 10.61 3.42
C TYR B 2087 -58.32 9.71 4.64
N TRP B 2088 -58.49 10.30 5.84
CA TRP B 2088 -58.45 9.47 7.03
C TRP B 2088 -59.67 8.56 7.10
N GLU B 2089 -60.78 8.94 6.49
CA GLU B 2089 -61.92 8.03 6.44
C GLU B 2089 -61.56 6.74 5.71
N HIS B 2090 -60.95 6.87 4.53
CA HIS B 2090 -60.51 5.71 3.78
C HIS B 2090 -59.42 4.95 4.52
N VAL B 2091 -58.52 5.68 5.19
CA VAL B 2091 -57.44 5.03 5.94
C VAL B 2091 -58.02 4.13 7.03
N VAL B 2092 -58.94 4.68 7.83
CA VAL B 2092 -59.52 3.89 8.91
C VAL B 2092 -60.40 2.78 8.36
N SER B 2093 -61.08 3.02 7.24
CA SER B 2093 -61.88 1.96 6.63
C SER B 2093 -61.02 0.79 6.23
N LEU B 2094 -59.88 1.06 5.58
CA LEU B 2094 -58.97 -0.01 5.19
C LEU B 2094 -58.37 -0.69 6.42
N ALA B 2095 -58.02 0.09 7.44
CA ALA B 2095 -57.47 -0.49 8.65
C ALA B 2095 -58.46 -1.45 9.29
N ARG B 2096 -59.74 -1.08 9.30
CA ARG B 2096 -60.78 -1.94 9.87
C ARG B 2096 -60.91 -3.24 9.10
N GLN B 2097 -60.35 -3.32 7.89
CA GLN B 2097 -60.37 -4.57 7.15
C GLN B 2097 -59.36 -5.59 7.69
N GLY B 2098 -58.39 -5.14 8.47
CA GLY B 2098 -57.34 -6.04 8.93
C GLY B 2098 -56.84 -5.81 10.34
N LEU B 2099 -57.64 -5.15 11.18
CA LEU B 2099 -57.24 -4.93 12.58
C LEU B 2099 -56.94 -6.23 13.31
N PRO B 2100 -57.72 -7.30 13.18
CA PRO B 2100 -57.48 -8.51 13.99
C PRO B 2100 -56.19 -9.23 13.64
N SER B 2101 -55.45 -8.72 12.65
CA SER B 2101 -54.23 -9.40 12.20
C SER B 2101 -53.21 -9.54 13.33
N VAL B 2102 -53.20 -8.60 14.27
CA VAL B 2102 -52.21 -8.59 15.34
C VAL B 2102 -52.87 -8.12 16.63
N SER B 2103 -52.12 -8.19 17.73
CA SER B 2103 -52.59 -7.75 19.03
C SER B 2103 -52.39 -6.24 19.18
N GLU B 2104 -52.90 -5.69 20.29
CA GLU B 2104 -52.80 -4.26 20.53
C GLU B 2104 -51.36 -3.84 20.74
N GLY B 2105 -50.65 -4.51 21.64
CA GLY B 2105 -49.27 -4.19 21.93
C GLY B 2105 -48.29 -5.01 21.13
N TRP B 2106 -48.41 -4.95 19.80
CA TRP B 2106 -47.56 -5.77 18.94
C TRP B 2106 -46.09 -5.36 19.08
N GLU B 2107 -45.81 -4.07 18.96
CA GLU B 2107 -44.44 -3.55 19.05
C GLU B 2107 -44.40 -2.27 19.87
N VAL B 2108 -45.10 -2.27 21.01
CA VAL B 2108 -45.14 -1.09 21.86
C VAL B 2108 -43.87 -1.01 22.68
N MET B 2109 -43.23 0.16 22.67
CA MET B 2109 -42.09 0.38 23.55
C MET B 2109 -42.13 1.81 24.06
N PRO B 2110 -41.72 2.07 25.30
CA PRO B 2110 -41.75 3.45 25.81
C PRO B 2110 -40.80 4.35 25.03
N CYS B 2111 -41.14 5.64 25.00
CA CYS B 2111 -40.32 6.61 24.30
C CYS B 2111 -38.88 6.58 24.81
N THR B 2112 -38.71 6.43 26.13
CA THR B 2112 -37.37 6.36 26.70
C THR B 2112 -36.60 5.16 26.14
N GLN B 2113 -37.26 3.99 26.10
CA GLN B 2113 -36.59 2.80 25.58
C GLN B 2113 -36.22 2.97 24.11
N PHE B 2114 -37.13 3.54 23.32
CA PHE B 2114 -36.84 3.76 21.91
C PHE B 2114 -35.65 4.70 21.74
N ALA B 2115 -35.67 5.82 22.45
CA ALA B 2115 -34.56 6.76 22.35
C ALA B 2115 -33.25 6.13 22.78
N ALA B 2116 -33.30 5.23 23.76
CA ALA B 2116 -32.09 4.60 24.26
C ALA B 2116 -31.56 3.54 23.30
N HIS B 2117 -32.45 2.84 22.60
CA HIS B 2117 -32.06 1.68 21.81
C HIS B 2117 -32.45 1.73 20.35
N ALA B 2118 -33.18 2.76 19.91
CA ALA B 2118 -33.56 2.82 18.51
C ALA B 2118 -32.38 3.28 17.65
N ASP B 2119 -32.54 3.11 16.34
CA ASP B 2119 -31.50 3.49 15.39
C ASP B 2119 -32.17 4.00 14.12
N LYS B 2120 -31.78 5.21 13.70
CA LYS B 2120 -32.38 5.79 12.50
C LYS B 2120 -32.06 4.94 11.27
N THR B 2121 -30.81 4.49 11.15
CA THR B 2121 -30.44 3.68 9.99
C THR B 2121 -31.20 2.37 9.95
N ARG B 2122 -31.66 1.87 11.10
CA ARG B 2122 -32.48 0.66 11.15
C ARG B 2122 -33.88 1.02 11.61
N PRO B 2123 -34.68 1.71 10.79
CA PRO B 2123 -36.04 2.03 11.20
C PRO B 2123 -36.83 0.76 11.45
N ASP B 2124 -37.66 0.78 12.49
CA ASP B 2124 -38.51 -0.35 12.84
C ASP B 2124 -39.94 0.04 12.51
N LEU B 2125 -40.33 -0.19 11.25
CA LEU B 2125 -41.67 0.15 10.81
C LEU B 2125 -42.68 -0.72 11.55
N SER B 2126 -43.89 -0.17 11.72
CA SER B 2126 -44.95 -0.79 12.52
C SER B 2126 -44.58 -0.85 14.00
N THR B 2127 -43.64 -0.03 14.44
CA THR B 2127 -43.33 0.13 15.84
C THR B 2127 -44.05 1.35 16.39
N VAL B 2128 -44.43 1.28 17.66
CA VAL B 2128 -45.20 2.34 18.30
C VAL B 2128 -44.54 2.72 19.62
N ILE B 2129 -44.26 4.03 19.75
CA ILE B 2129 -43.78 4.60 21.00
C ILE B 2129 -44.96 4.84 21.91
N SER B 2130 -44.84 4.41 23.17
CA SER B 2130 -45.84 4.62 24.20
C SER B 2130 -45.41 5.79 25.05
N TRP B 2131 -46.02 6.95 24.83
CA TRP B 2131 -45.64 8.15 25.55
C TRP B 2131 -46.18 8.11 26.97
N PRO B 2132 -45.34 8.27 27.99
CA PRO B 2132 -45.85 8.29 29.36
C PRO B 2132 -46.83 9.44 29.56
N ARG B 2133 -47.85 9.18 30.39
CA ARG B 2133 -48.91 10.16 30.62
C ARG B 2133 -48.93 10.72 32.03
N GLU B 2134 -48.35 10.03 33.00
CA GLU B 2134 -48.29 10.53 34.37
C GLU B 2134 -46.99 11.31 34.56
N SER B 2135 -47.08 12.41 35.31
CA SER B 2135 -45.91 13.26 35.52
C SER B 2135 -44.73 12.45 36.02
N ASP B 2136 -44.97 11.53 36.96
CA ASP B 2136 -43.89 10.67 37.43
C ASP B 2136 -43.35 9.81 36.30
N GLU B 2137 -44.24 9.25 35.49
CA GLU B 2137 -43.80 8.45 34.34
C GLU B 2137 -43.14 9.32 33.28
N ALA B 2138 -43.65 10.55 33.10
CA ALA B 2138 -43.21 11.39 32.01
C ALA B 2138 -42.10 12.36 32.38
N THR B 2139 -41.90 12.62 33.67
CA THR B 2139 -40.79 13.49 34.10
C THR B 2139 -39.49 12.77 33.80
N LEU B 2140 -38.80 13.22 32.76
CA LEU B 2140 -37.64 12.54 32.22
C LEU B 2140 -36.56 13.55 31.89
N PRO B 2141 -35.30 13.12 31.80
CA PRO B 2141 -34.26 14.01 31.29
C PRO B 2141 -34.38 14.22 29.79
N THR B 2142 -34.87 15.39 29.39
CA THR B 2142 -35.13 15.72 28.01
C THR B 2142 -34.04 16.65 27.49
N ARG B 2143 -33.58 16.38 26.27
CA ARG B 2143 -32.51 17.18 25.68
C ARG B 2143 -33.05 18.56 25.32
N VAL B 2144 -32.63 19.57 26.07
CA VAL B 2144 -33.16 20.91 25.93
C VAL B 2144 -33.05 21.36 24.48
N ARG B 2145 -33.99 22.20 24.04
CA ARG B 2145 -34.02 22.76 22.70
C ARG B 2145 -33.71 24.24 22.76
N SER B 2146 -33.02 24.73 21.73
CA SER B 2146 -32.71 26.14 21.65
C SER B 2146 -34.00 26.96 21.55
N ILE B 2147 -33.96 28.16 22.15
CA ILE B 2147 -35.14 29.02 22.15
C ILE B 2147 -35.56 29.35 20.73
N ASP B 2148 -34.60 29.55 19.83
CA ASP B 2148 -34.86 29.90 18.44
C ASP B 2148 -34.73 28.71 17.51
N ALA B 2149 -34.83 27.48 18.04
CA ALA B 2149 -34.80 26.31 17.16
C ALA B 2149 -36.04 26.25 16.28
N GLU B 2150 -37.17 26.75 16.77
CA GLU B 2150 -38.44 26.71 16.06
C GLU B 2150 -38.86 28.12 15.66
N THR B 2151 -39.85 28.19 14.78
CA THR B 2151 -40.41 29.47 14.38
C THR B 2151 -40.95 30.21 15.60
N LEU B 2152 -40.65 31.51 15.67
CA LEU B 2152 -41.02 32.33 16.81
C LEU B 2152 -41.94 33.48 16.46
N PHE B 2153 -42.19 33.74 15.17
CA PHE B 2153 -42.88 34.93 14.74
C PHE B 2153 -43.94 34.58 13.70
N ALA B 2154 -44.95 35.43 13.63
CA ALA B 2154 -46.06 35.23 12.71
C ALA B 2154 -45.79 35.93 11.39
N ALA B 2155 -46.23 35.31 10.29
CA ALA B 2155 -46.03 35.86 8.96
C ALA B 2155 -46.99 36.99 8.64
N ASP B 2156 -48.08 37.14 9.41
CA ASP B 2156 -49.09 38.14 9.14
C ASP B 2156 -48.97 39.37 10.04
N LYS B 2157 -47.75 39.70 10.45
CA LYS B 2157 -47.52 40.83 11.35
C LYS B 2157 -46.20 41.50 11.00
N THR B 2158 -46.15 42.81 11.19
CA THR B 2158 -44.94 43.58 11.01
C THR B 2158 -44.21 43.70 12.34
N TYR B 2159 -42.91 43.45 12.31
CA TYR B 2159 -42.08 43.57 13.50
C TYR B 2159 -41.19 44.80 13.36
N LEU B 2160 -41.32 45.73 14.30
CA LEU B 2160 -40.75 47.06 14.18
C LEU B 2160 -39.51 47.15 15.06
N LEU B 2161 -38.34 47.14 14.42
CA LEU B 2161 -37.07 47.26 15.12
C LEU B 2161 -36.69 48.74 15.10
N VAL B 2162 -36.97 49.41 16.21
CA VAL B 2162 -36.78 50.86 16.32
C VAL B 2162 -35.33 51.13 16.69
N GLY B 2163 -34.66 51.95 15.87
CA GLY B 2163 -33.25 52.20 16.03
C GLY B 2163 -32.37 51.05 15.62
N LEU B 2164 -32.96 49.94 15.18
CA LEU B 2164 -32.22 48.75 14.76
C LEU B 2164 -32.01 48.71 13.26
N THR B 2165 -31.36 49.75 12.73
CA THR B 2165 -30.96 49.80 11.33
C THR B 2165 -29.48 49.50 11.13
N GLY B 2166 -28.71 49.43 12.21
CA GLY B 2166 -27.30 49.14 12.12
C GLY B 2166 -27.05 47.65 11.93
N ASP B 2167 -25.79 47.27 12.13
CA ASP B 2167 -25.43 45.86 11.97
C ASP B 2167 -26.20 44.99 12.96
N LEU B 2168 -26.32 45.43 14.21
CA LEU B 2168 -27.06 44.67 15.20
C LEU B 2168 -28.52 44.51 14.79
N GLY B 2169 -29.17 45.61 14.41
CA GLY B 2169 -30.56 45.55 14.04
C GLY B 2169 -30.79 44.74 12.78
N ARG B 2170 -29.90 44.89 11.80
CA ARG B 2170 -30.03 44.13 10.56
C ARG B 2170 -29.85 42.64 10.81
N SER B 2171 -28.89 42.27 11.66
CA SER B 2171 -28.73 40.87 12.03
C SER B 2171 -29.97 40.34 12.74
N LEU B 2172 -30.52 41.14 13.65
CA LEU B 2172 -31.73 40.72 14.35
C LEU B 2172 -32.88 40.52 13.37
N GLY B 2173 -33.01 41.42 12.40
CA GLY B 2173 -34.09 41.29 11.43
C GLY B 2173 -33.93 40.07 10.54
N ARG B 2174 -32.70 39.81 10.08
CA ARG B 2174 -32.48 38.64 9.25
C ARG B 2174 -32.76 37.36 10.04
N TRP B 2175 -32.37 37.35 11.31
CA TRP B 2175 -32.69 36.21 12.17
C TRP B 2175 -34.21 36.07 12.34
N MET B 2176 -34.89 37.19 12.54
CA MET B 2176 -36.36 37.16 12.66
C MET B 2176 -36.98 36.50 11.43
N VAL B 2177 -36.61 36.98 10.25
CA VAL B 2177 -37.20 36.41 9.03
C VAL B 2177 -36.79 34.95 8.88
N GLN B 2178 -35.58 34.60 9.29
CA GLN B 2178 -35.21 33.19 9.36
C GLN B 2178 -36.11 32.42 10.30
N HIS B 2179 -36.77 33.09 11.24
CA HIS B 2179 -37.63 32.44 12.22
C HIS B 2179 -39.05 33.00 12.17
N GLY B 2180 -39.58 33.18 10.96
CA GLY B 2180 -41.00 33.39 10.78
C GLY B 2180 -41.44 34.81 10.52
N ALA B 2181 -40.56 35.80 10.67
CA ALA B 2181 -40.95 37.20 10.50
C ALA B 2181 -40.92 37.53 9.01
N CYS B 2182 -42.09 37.48 8.39
CA CYS B 2182 -42.20 37.80 6.96
C CYS B 2182 -42.26 39.29 6.68
N HIS B 2183 -42.45 40.12 7.70
CA HIS B 2183 -42.54 41.57 7.52
C HIS B 2183 -41.80 42.26 8.64
N ILE B 2184 -40.72 42.95 8.29
CA ILE B 2184 -39.86 43.63 9.26
C ILE B 2184 -39.67 45.07 8.84
N VAL B 2185 -39.65 45.97 9.83
CA VAL B 2185 -39.53 47.41 9.59
C VAL B 2185 -38.41 47.93 10.49
N LEU B 2186 -37.26 48.21 9.89
CA LEU B 2186 -36.18 48.87 10.61
C LEU B 2186 -36.42 50.37 10.61
N THR B 2187 -36.20 51.00 11.77
CA THR B 2187 -36.45 52.42 11.91
C THR B 2187 -35.21 53.12 12.45
N SER B 2188 -34.96 54.32 11.96
CA SER B 2188 -33.82 55.13 12.37
C SER B 2188 -33.95 56.50 11.74
N ARG B 2189 -33.45 57.51 12.43
CA ARG B 2189 -33.42 58.85 11.86
C ARG B 2189 -32.54 58.90 10.60
N ASN B 2190 -31.56 58.01 10.51
CA ASN B 2190 -30.70 57.88 9.35
C ASN B 2190 -30.57 56.40 9.01
N PRO B 2191 -31.59 55.81 8.39
CA PRO B 2191 -31.57 54.34 8.13
C PRO B 2191 -30.75 53.98 6.90
N GLN B 2192 -29.43 53.98 7.06
CA GLN B 2192 -28.53 53.63 5.96
C GLN B 2192 -28.49 52.12 5.82
N VAL B 2193 -29.27 51.59 4.89
CA VAL B 2193 -29.32 50.16 4.61
C VAL B 2193 -29.31 49.97 3.10
N ASN B 2194 -28.49 49.04 2.62
CA ASN B 2194 -28.42 48.77 1.20
C ASN B 2194 -29.73 48.11 0.74
N PRO B 2195 -30.36 48.61 -0.33
CA PRO B 2195 -31.58 47.93 -0.81
C PRO B 2195 -31.33 46.48 -1.15
N LYS B 2196 -30.14 46.17 -1.65
CA LYS B 2196 -29.77 44.79 -1.93
C LYS B 2196 -29.77 43.95 -0.66
N TRP B 2197 -29.55 44.55 0.51
CA TRP B 2197 -29.69 43.81 1.76
C TRP B 2197 -31.15 43.46 2.01
N LEU B 2198 -32.06 44.38 1.69
CA LEU B 2198 -33.47 44.06 1.74
C LEU B 2198 -33.79 42.91 0.80
N ALA B 2199 -33.18 42.90 -0.39
CA ALA B 2199 -33.36 41.78 -1.31
C ALA B 2199 -32.86 40.49 -0.69
N HIS B 2200 -31.68 40.53 -0.05
CA HIS B 2200 -31.13 39.32 0.56
C HIS B 2200 -32.05 38.77 1.63
N VAL B 2201 -32.55 39.63 2.51
CA VAL B 2201 -33.47 39.16 3.54
C VAL B 2201 -34.78 38.71 2.93
N GLU B 2202 -35.17 39.28 1.79
CA GLU B 2202 -36.34 38.78 1.08
C GLU B 2202 -36.11 37.35 0.60
N GLU B 2203 -34.89 37.05 0.15
CA GLU B 2203 -34.56 35.67 -0.22
C GLU B 2203 -34.79 34.73 0.96
N LEU B 2204 -34.61 35.23 2.19
CA LEU B 2204 -34.88 34.41 3.37
C LEU B 2204 -36.37 34.18 3.59
N GLY B 2205 -37.23 34.94 2.91
CA GLY B 2205 -38.67 34.75 3.03
C GLY B 2205 -39.35 35.77 3.91
N GLY B 2206 -38.96 37.04 3.77
CA GLY B 2206 -39.61 38.10 4.51
C GLY B 2206 -39.36 39.47 3.92
N ARG B 2207 -40.41 40.29 3.85
CA ARG B 2207 -40.31 41.63 3.30
C ARG B 2207 -39.78 42.57 4.37
N VAL B 2208 -38.59 43.13 4.16
CA VAL B 2208 -37.96 44.03 5.10
C VAL B 2208 -37.89 45.41 4.47
N THR B 2209 -38.24 46.42 5.26
CA THR B 2209 -38.23 47.80 4.78
C THR B 2209 -37.65 48.70 5.86
N VAL B 2210 -37.15 49.86 5.44
CA VAL B 2210 -36.61 50.87 6.34
C VAL B 2210 -37.58 52.04 6.39
N LEU B 2211 -37.83 52.55 7.59
CA LEU B 2211 -38.91 53.49 7.81
C LEU B 2211 -38.47 54.95 7.91
N SER B 2212 -37.20 55.21 8.20
CA SER B 2212 -36.70 56.57 8.39
C SER B 2212 -37.50 57.30 9.45
N MET B 2213 -37.85 56.59 10.52
CA MET B 2213 -38.68 57.13 11.59
C MET B 2213 -37.80 57.56 12.75
N ASP B 2214 -37.87 58.84 13.12
CA ASP B 2214 -37.18 59.35 14.29
C ASP B 2214 -38.11 59.20 15.49
N VAL B 2215 -37.82 58.22 16.35
CA VAL B 2215 -38.72 57.91 17.45
C VAL B 2215 -38.78 58.99 18.50
N THR B 2216 -37.93 60.01 18.40
CA THR B 2216 -37.92 61.08 19.38
C THR B 2216 -39.19 61.92 19.30
N SER B 2217 -39.76 62.07 18.11
CA SER B 2217 -40.89 62.95 17.87
C SER B 2217 -42.17 62.15 17.68
N GLN B 2218 -43.25 62.62 18.30
CA GLN B 2218 -44.55 61.98 18.10
C GLN B 2218 -44.97 62.06 16.63
N ASN B 2219 -44.75 63.22 16.00
CA ASN B 2219 -45.14 63.38 14.60
C ASN B 2219 -44.39 62.40 13.71
N SER B 2220 -43.08 62.22 13.95
CA SER B 2220 -42.31 61.29 13.13
C SER B 2220 -42.80 59.86 13.32
N VAL B 2221 -43.09 59.47 14.55
CA VAL B 2221 -43.57 58.12 14.80
C VAL B 2221 -44.91 57.89 14.13
N GLU B 2222 -45.82 58.86 14.23
CA GLU B 2222 -47.12 58.72 13.59
C GLU B 2222 -46.97 58.66 12.08
N ALA B 2223 -46.07 59.47 11.51
CA ALA B 2223 -45.85 59.43 10.07
C ALA B 2223 -45.32 58.08 9.64
N GLY B 2224 -44.38 57.51 10.40
CA GLY B 2224 -43.86 56.19 10.05
C GLY B 2224 -44.92 55.11 10.15
N LEU B 2225 -45.72 55.13 11.23
CA LEU B 2225 -46.75 54.12 11.39
C LEU B 2225 -47.82 54.25 10.31
N ALA B 2226 -48.11 55.47 9.86
CA ALA B 2226 -49.04 55.64 8.75
C ALA B 2226 -48.42 55.18 7.44
N LYS B 2227 -47.13 55.42 7.24
CA LYS B 2227 -46.45 54.93 6.06
C LYS B 2227 -46.47 53.41 6.01
N LEU B 2228 -46.45 52.75 7.17
CA LEU B 2228 -46.59 51.30 7.20
C LEU B 2228 -47.89 50.88 6.51
N LYS B 2229 -49.00 51.55 6.85
CA LYS B 2229 -50.26 51.27 6.18
C LYS B 2229 -50.19 51.66 4.70
N ASP B 2230 -49.50 52.76 4.40
CA ASP B 2230 -49.33 53.15 3.00
C ASP B 2230 -48.61 52.05 2.22
N LEU B 2231 -47.59 51.44 2.84
CA LEU B 2231 -46.93 50.28 2.24
C LEU B 2231 -47.79 49.04 2.29
N HIS B 2232 -48.95 49.09 2.95
CA HIS B 2232 -49.87 47.95 3.03
C HIS B 2232 -49.28 46.80 3.82
N LEU B 2233 -48.40 47.10 4.76
CA LEU B 2233 -47.83 46.08 5.61
C LEU B 2233 -48.84 45.63 6.67
N PRO B 2234 -48.71 44.41 7.18
CA PRO B 2234 -49.62 43.95 8.23
C PRO B 2234 -49.50 44.81 9.47
N PRO B 2235 -50.45 44.71 10.40
CA PRO B 2235 -50.36 45.50 11.62
C PRO B 2235 -49.14 45.12 12.45
N VAL B 2236 -48.62 46.11 13.19
CA VAL B 2236 -47.44 45.88 14.00
C VAL B 2236 -47.78 44.87 15.10
N GLY B 2237 -47.12 43.72 15.06
CA GLY B 2237 -47.32 42.69 16.05
C GLY B 2237 -46.21 42.63 17.08
N GLY B 2238 -45.17 43.44 16.90
CA GLY B 2238 -44.08 43.46 17.85
C GLY B 2238 -43.14 44.62 17.57
N ILE B 2239 -42.39 44.99 18.59
CA ILE B 2239 -41.43 46.08 18.52
C ILE B 2239 -40.13 45.63 19.17
N ALA B 2240 -39.01 45.94 18.52
CA ALA B 2240 -37.68 45.73 19.09
C ALA B 2240 -37.05 47.11 19.26
N PHE B 2241 -37.30 47.72 20.41
CA PHE B 2241 -36.92 49.11 20.65
C PHE B 2241 -35.47 49.15 21.12
N GLY B 2242 -34.58 49.61 20.24
CA GLY B 2242 -33.18 49.73 20.59
C GLY B 2242 -32.48 50.96 20.05
N PRO B 2243 -33.17 52.10 19.94
CA PRO B 2243 -32.48 53.34 19.58
C PRO B 2243 -31.45 53.71 20.64
N LEU B 2244 -30.32 54.23 20.21
CA LEU B 2244 -29.20 54.46 21.11
C LEU B 2244 -28.49 55.76 20.76
N VAL B 2245 -28.23 56.57 21.80
CA VAL B 2245 -27.30 57.69 21.73
C VAL B 2245 -26.47 57.67 23.00
N LEU B 2246 -25.15 57.79 22.86
CA LEU B 2246 -24.23 57.63 23.97
C LEU B 2246 -23.47 58.92 24.23
N GLN B 2247 -23.29 59.24 25.51
CA GLN B 2247 -22.49 60.38 25.95
C GLN B 2247 -21.74 59.93 27.20
N ASP B 2248 -20.52 59.43 27.00
CA ASP B 2248 -19.69 58.93 28.10
C ASP B 2248 -19.14 60.12 28.85
N VAL B 2249 -19.88 60.54 29.88
CA VAL B 2249 -19.51 61.71 30.67
C VAL B 2249 -20.06 61.53 32.09
N MET B 2250 -19.35 62.12 33.04
CA MET B 2250 -19.77 62.09 34.43
C MET B 2250 -20.88 63.11 34.68
N LEU B 2251 -21.79 62.75 35.60
CA LEU B 2251 -22.91 63.64 35.89
C LEU B 2251 -22.43 65.01 36.34
N ASN B 2252 -21.41 65.06 37.19
CA ASN B 2252 -20.86 66.35 37.59
C ASN B 2252 -20.36 67.13 36.39
N ASN B 2253 -19.76 66.43 35.42
CA ASN B 2253 -19.31 67.03 34.18
C ASN B 2253 -20.33 66.94 33.06
N MET B 2254 -21.43 66.21 33.27
CA MET B 2254 -22.46 66.06 32.25
C MET B 2254 -23.31 67.32 32.19
N GLU B 2255 -24.02 67.48 31.07
CA GLU B 2255 -24.92 68.60 30.85
C GLU B 2255 -26.30 68.09 30.50
N LEU B 2256 -27.32 68.84 30.93
CA LEU B 2256 -28.70 68.46 30.67
C LEU B 2256 -28.98 68.17 29.21
N PRO B 2257 -28.46 68.94 28.25
CA PRO B 2257 -28.65 68.56 26.84
C PRO B 2257 -28.21 67.14 26.54
N MET B 2258 -27.10 66.68 27.14
CA MET B 2258 -26.70 65.30 26.96
C MET B 2258 -27.73 64.34 27.56
N MET B 2259 -28.26 64.69 28.74
CA MET B 2259 -29.28 63.86 29.35
C MET B 2259 -30.47 63.69 28.42
N GLU B 2260 -30.97 64.80 27.87
CA GLU B 2260 -32.07 64.72 26.92
C GLU B 2260 -31.68 63.94 25.68
N MET B 2261 -30.48 64.18 25.16
CA MET B 2261 -30.03 63.51 23.95
C MET B 2261 -30.07 62.00 24.11
N VAL B 2262 -29.66 61.50 25.27
CA VAL B 2262 -29.64 60.05 25.47
C VAL B 2262 -31.00 59.52 25.92
N LEU B 2263 -31.80 60.32 26.61
CA LEU B 2263 -33.08 59.85 27.12
C LEU B 2263 -34.14 59.83 26.04
N ASN B 2264 -34.39 60.98 25.42
CA ASN B 2264 -35.52 61.11 24.50
C ASN B 2264 -35.55 59.99 23.46
N PRO B 2265 -34.46 59.65 22.78
CA PRO B 2265 -34.51 58.49 21.88
C PRO B 2265 -34.98 57.24 22.58
N LYS B 2266 -34.54 57.03 23.83
CA LYS B 2266 -35.01 55.90 24.61
C LYS B 2266 -36.33 56.21 25.30
N VAL B 2267 -36.31 57.20 26.21
CA VAL B 2267 -37.46 57.47 27.07
C VAL B 2267 -38.65 57.90 26.23
N GLU B 2268 -38.50 59.01 25.48
CA GLU B 2268 -39.62 59.53 24.72
C GLU B 2268 -40.03 58.54 23.63
N GLY B 2269 -39.09 57.80 23.08
CA GLY B 2269 -39.43 56.79 22.08
C GLY B 2269 -40.34 55.71 22.65
N VAL B 2270 -39.97 55.16 23.80
CA VAL B 2270 -40.81 54.13 24.42
C VAL B 2270 -42.15 54.73 24.82
N ARG B 2271 -42.15 55.97 25.29
CA ARG B 2271 -43.40 56.61 25.68
C ARG B 2271 -44.34 56.72 24.50
N ILE B 2272 -43.82 57.21 23.36
CA ILE B 2272 -44.64 57.38 22.18
C ILE B 2272 -45.15 56.03 21.68
N LEU B 2273 -44.27 55.04 21.61
CA LEU B 2273 -44.67 53.74 21.08
C LEU B 2273 -45.66 53.04 22.01
N HIS B 2274 -45.46 53.16 23.33
CA HIS B 2274 -46.42 52.60 24.27
C HIS B 2274 -47.79 53.27 24.12
N GLU B 2275 -47.80 54.60 24.04
CA GLU B 2275 -49.07 55.29 23.83
C GLU B 2275 -49.73 54.84 22.53
N LYS B 2276 -48.94 54.57 21.51
CA LYS B 2276 -49.48 54.08 20.25
C LYS B 2276 -49.95 52.64 20.34
N PHE B 2277 -49.43 51.86 21.29
CA PHE B 2277 -49.76 50.45 21.43
C PHE B 2277 -50.07 50.11 22.89
N SER B 2278 -50.73 51.02 23.59
CA SER B 2278 -51.13 50.79 24.98
C SER B 2278 -52.51 50.20 25.12
N ASP B 2279 -53.15 49.82 24.00
CA ASP B 2279 -54.51 49.29 24.04
C ASP B 2279 -54.45 47.78 24.04
N PRO B 2280 -54.78 47.10 25.15
CA PRO B 2280 -54.83 45.63 25.11
C PRO B 2280 -56.04 45.08 24.39
N THR B 2281 -57.09 45.87 24.23
CA THR B 2281 -58.30 45.44 23.54
C THR B 2281 -58.20 45.63 22.03
N SER B 2282 -57.09 46.16 21.52
CA SER B 2282 -56.94 46.36 20.10
C SER B 2282 -56.94 45.02 19.38
N SER B 2283 -57.32 45.04 18.10
CA SER B 2283 -57.38 43.82 17.31
C SER B 2283 -56.00 43.22 17.10
N ASN B 2284 -54.93 44.03 17.18
CA ASN B 2284 -53.56 43.59 16.90
C ASN B 2284 -52.65 44.04 18.02
N PRO B 2285 -52.78 43.43 19.20
CA PRO B 2285 -51.83 43.71 20.27
C PRO B 2285 -50.45 43.18 19.94
N LEU B 2286 -49.43 43.87 20.45
CA LEU B 2286 -48.06 43.47 20.18
C LEU B 2286 -47.77 42.12 20.83
N ASP B 2287 -47.23 41.18 20.04
CA ASP B 2287 -46.76 39.93 20.60
C ASP B 2287 -45.63 40.18 21.59
N PHE B 2288 -44.84 41.22 21.36
CA PHE B 2288 -43.73 41.55 22.24
C PHE B 2288 -43.39 43.02 22.08
N PHE B 2289 -42.89 43.61 23.16
CA PHE B 2289 -42.31 44.96 23.15
C PHE B 2289 -40.96 44.83 23.85
N VAL B 2290 -39.94 44.48 23.09
CA VAL B 2290 -38.60 44.26 23.62
C VAL B 2290 -37.85 45.58 23.56
N MET B 2291 -37.42 46.07 24.72
CA MET B 2291 -36.66 47.30 24.83
C MET B 2291 -35.22 46.93 25.16
N PHE B 2292 -34.30 47.30 24.27
CA PHE B 2292 -32.91 46.87 24.37
C PHE B 2292 -32.20 47.70 25.44
N SER B 2293 -32.19 47.15 26.66
CA SER B 2293 -31.45 47.76 27.74
C SER B 2293 -30.01 47.26 27.76
N SER B 2294 -29.14 48.03 28.41
CA SER B 2294 -27.76 47.64 28.60
C SER B 2294 -27.57 47.10 30.01
N ILE B 2295 -26.61 46.19 30.16
CA ILE B 2295 -26.36 45.58 31.45
C ILE B 2295 -25.98 46.63 32.48
N VAL B 2296 -25.51 47.80 32.03
CA VAL B 2296 -25.27 48.91 32.93
C VAL B 2296 -26.57 49.34 33.59
N ALA B 2297 -27.71 49.09 32.93
CA ALA B 2297 -28.99 49.39 33.56
C ALA B 2297 -29.21 48.54 34.81
N VAL B 2298 -28.58 47.37 34.87
CA VAL B 2298 -28.74 46.48 36.02
C VAL B 2298 -27.67 46.69 37.07
N MET B 2299 -26.51 47.22 36.68
CA MET B 2299 -25.40 47.40 37.60
C MET B 2299 -24.80 48.79 37.57
N GLY B 2300 -25.12 49.61 36.57
CA GLY B 2300 -24.50 50.90 36.40
C GLY B 2300 -23.16 50.79 35.71
N ASN B 2301 -22.60 51.96 35.40
CA ASN B 2301 -21.30 52.03 34.76
C ASN B 2301 -20.77 53.45 34.83
N PRO B 2302 -19.52 53.67 35.23
CA PRO B 2302 -19.01 55.05 35.30
C PRO B 2302 -19.13 55.74 33.96
N GLY B 2303 -19.59 57.00 34.00
CA GLY B 2303 -19.73 57.80 32.81
C GLY B 2303 -20.96 57.50 31.99
N GLN B 2304 -21.86 56.63 32.45
CA GLN B 2304 -23.03 56.25 31.67
C GLN B 2304 -24.29 56.23 32.53
N ALA B 2305 -24.38 57.11 33.53
CA ALA B 2305 -25.61 57.22 34.30
C ALA B 2305 -26.77 57.67 33.42
N ASN B 2306 -26.47 58.51 32.43
CA ASN B 2306 -27.46 58.88 31.42
C ASN B 2306 -28.02 57.63 30.73
N TYR B 2307 -27.11 56.80 30.23
CA TYR B 2307 -27.51 55.58 29.52
C TYR B 2307 -28.26 54.63 30.44
N SER B 2308 -27.77 54.45 31.67
CA SER B 2308 -28.42 53.54 32.60
C SER B 2308 -29.82 54.02 32.97
N ALA B 2309 -29.98 55.33 33.16
CA ALA B 2309 -31.29 55.87 33.47
C ALA B 2309 -32.25 55.67 32.31
N ALA B 2310 -31.78 55.88 31.08
CA ALA B 2310 -32.65 55.64 29.93
C ALA B 2310 -33.07 54.18 29.88
N ASN B 2311 -32.11 53.27 30.06
CA ASN B 2311 -32.43 51.85 30.01
C ASN B 2311 -33.36 51.44 31.15
N CYS B 2312 -33.23 52.06 32.32
CA CYS B 2312 -34.13 51.76 33.42
C CYS B 2312 -35.53 52.30 33.18
N TYR B 2313 -35.66 53.43 32.48
CA TYR B 2313 -36.97 53.86 32.02
C TYR B 2313 -37.55 52.80 31.10
N LEU B 2314 -36.73 52.26 30.21
CA LEU B 2314 -37.19 51.18 29.34
C LEU B 2314 -37.67 49.98 30.16
N GLN B 2315 -36.90 49.59 31.17
CA GLN B 2315 -37.26 48.45 32.00
C GLN B 2315 -38.59 48.69 32.70
N ALA B 2316 -38.76 49.87 33.30
CA ALA B 2316 -39.98 50.15 34.02
C ALA B 2316 -41.18 50.27 33.09
N LEU B 2317 -40.98 50.82 31.89
CA LEU B 2317 -42.07 50.85 30.93
C LEU B 2317 -42.47 49.44 30.53
N ALA B 2318 -41.51 48.56 30.32
CA ALA B 2318 -41.83 47.17 30.01
C ALA B 2318 -42.60 46.53 31.15
N GLN B 2319 -42.16 46.76 32.39
CA GLN B 2319 -42.78 46.14 33.55
C GLN B 2319 -44.21 46.63 33.73
N GLN B 2320 -44.41 47.95 33.64
CA GLN B 2320 -45.75 48.51 33.80
C GLN B 2320 -46.64 48.20 32.61
N ARG B 2321 -46.05 47.93 31.44
CA ARG B 2321 -46.81 47.53 30.27
C ARG B 2321 -47.29 46.11 30.40
N VAL B 2322 -46.46 45.22 30.95
CA VAL B 2322 -46.92 43.88 31.29
C VAL B 2322 -47.98 43.94 32.37
N ALA B 2323 -47.76 44.77 33.39
CA ALA B 2323 -48.78 44.96 34.43
C ALA B 2323 -50.07 45.51 33.86
N SER B 2324 -50.02 46.15 32.69
CA SER B 2324 -51.19 46.68 32.02
C SER B 2324 -51.85 45.67 31.10
N GLY B 2325 -51.35 44.44 31.04
CA GLY B 2325 -51.91 43.43 30.18
C GLY B 2325 -51.35 43.43 28.76
N LEU B 2326 -50.18 44.02 28.55
CA LEU B 2326 -49.58 44.16 27.23
C LEU B 2326 -48.23 43.47 27.21
N ALA B 2327 -47.94 42.76 26.13
CA ALA B 2327 -46.66 42.08 25.99
C ALA B 2327 -45.52 43.08 26.02
N ALA B 2328 -44.48 42.77 26.78
CA ALA B 2328 -43.31 43.62 26.87
C ALA B 2328 -42.22 42.87 27.61
N SER B 2329 -40.99 43.34 27.47
CA SER B 2329 -39.83 42.76 28.13
C SER B 2329 -38.63 43.63 27.81
N THR B 2330 -37.56 43.40 28.56
CA THR B 2330 -36.29 44.08 28.34
C THR B 2330 -35.16 43.08 28.37
N ILE B 2331 -34.10 43.38 27.63
CA ILE B 2331 -32.90 42.57 27.58
C ILE B 2331 -31.75 43.47 27.99
N ASP B 2332 -31.13 43.16 29.14
CA ASP B 2332 -30.01 43.94 29.64
C ASP B 2332 -28.75 43.38 29.01
N ILE B 2333 -28.45 43.88 27.81
CA ILE B 2333 -27.39 43.34 26.98
C ILE B 2333 -26.03 43.80 27.51
N GLY B 2334 -25.04 42.93 27.39
CA GLY B 2334 -23.67 43.29 27.68
C GLY B 2334 -23.03 43.97 26.50
N ALA B 2335 -21.75 43.69 26.27
CA ALA B 2335 -21.02 44.27 25.15
C ALA B 2335 -21.20 43.38 23.93
N VAL B 2336 -21.91 43.88 22.92
CA VAL B 2336 -22.13 43.13 21.69
C VAL B 2336 -20.94 43.39 20.77
N TYR B 2337 -20.07 42.39 20.64
CA TYR B 2337 -18.85 42.55 19.86
C TYR B 2337 -19.08 42.32 18.37
N GLY B 2338 -19.86 41.30 18.01
CA GLY B 2338 -20.07 41.00 16.61
C GLY B 2338 -20.73 42.14 15.85
N VAL B 2339 -21.64 42.87 16.50
CA VAL B 2339 -22.41 43.92 15.86
C VAL B 2339 -22.76 44.97 16.90
N GLY B 2340 -23.17 46.13 16.43
CA GLY B 2340 -23.58 47.23 17.28
C GLY B 2340 -22.57 48.35 17.27
N PHE B 2341 -22.83 49.36 18.12
CA PHE B 2341 -21.94 50.50 18.19
C PHE B 2341 -20.54 50.09 18.62
N VAL B 2342 -20.43 49.03 19.44
CA VAL B 2342 -19.12 48.55 19.86
C VAL B 2342 -18.28 48.14 18.65
N THR B 2343 -18.93 47.67 17.59
CA THR B 2343 -18.21 47.19 16.41
C THR B 2343 -17.93 48.31 15.42
N ARG B 2344 -18.96 49.07 15.03
CA ARG B 2344 -18.74 50.16 14.09
C ARG B 2344 -17.80 51.22 14.65
N ALA B 2345 -17.89 51.47 15.96
CA ALA B 2345 -16.96 52.38 16.62
C ALA B 2345 -15.64 51.72 16.98
N GLU B 2346 -15.49 50.43 16.72
CA GLU B 2346 -14.25 49.70 16.99
C GLU B 2346 -13.84 49.82 18.45
N LEU B 2347 -14.80 49.54 19.34
CA LEU B 2347 -14.57 49.54 20.78
C LEU B 2347 -14.34 48.14 21.33
N GLU B 2348 -14.07 47.17 20.46
CA GLU B 2348 -13.91 45.79 20.92
C GLU B 2348 -12.77 45.67 21.93
N GLU B 2349 -11.63 46.31 21.64
CA GLU B 2349 -10.50 46.25 22.56
C GLU B 2349 -10.83 46.91 23.88
N ASP B 2350 -11.53 48.05 23.84
CA ASP B 2350 -11.87 48.76 25.07
C ASP B 2350 -12.75 47.91 25.97
N PHE B 2351 -13.76 47.24 25.39
CA PHE B 2351 -14.62 46.39 26.21
C PHE B 2351 -13.92 45.12 26.64
N ASN B 2352 -13.04 44.58 25.81
CA ASN B 2352 -12.24 43.43 26.23
C ASN B 2352 -11.37 43.77 27.43
N ALA B 2353 -10.82 44.98 27.46
CA ALA B 2353 -10.05 45.42 28.61
C ALA B 2353 -10.88 45.41 29.88
N ILE B 2354 -12.20 45.50 29.77
CA ILE B 2354 -13.09 45.46 30.93
C ILE B 2354 -14.04 44.29 30.79
N ARG B 2355 -13.57 43.21 30.15
CA ARG B 2355 -14.43 42.06 29.93
C ARG B 2355 -14.95 41.49 31.24
N PHE B 2356 -14.06 41.34 32.22
CA PHE B 2356 -14.46 40.84 33.54
C PHE B 2356 -15.64 41.63 34.11
N MET B 2357 -15.87 42.85 33.64
CA MET B 2357 -17.03 43.63 34.06
C MET B 2357 -18.25 43.34 33.19
N PHE B 2358 -18.07 43.33 31.88
CA PHE B 2358 -19.16 43.12 30.92
C PHE B 2358 -18.79 41.98 29.99
N ASP B 2359 -19.56 40.91 30.03
CA ASP B 2359 -19.32 39.76 29.17
C ASP B 2359 -19.75 40.06 27.75
N SER B 2360 -19.15 39.32 26.81
CA SER B 2360 -19.44 39.51 25.40
C SER B 2360 -20.74 38.79 25.03
N VAL B 2361 -21.60 39.48 24.31
CA VAL B 2361 -22.84 38.92 23.77
C VAL B 2361 -22.68 38.85 22.27
N GLU B 2362 -22.73 37.64 21.72
CA GLU B 2362 -22.53 37.47 20.29
C GLU B 2362 -23.76 37.96 19.53
N GLU B 2363 -23.58 38.18 18.23
CA GLU B 2363 -24.69 38.53 17.36
C GLU B 2363 -25.81 37.51 17.49
N HIS B 2364 -25.47 36.22 17.36
CA HIS B 2364 -26.46 35.17 17.46
C HIS B 2364 -26.87 34.91 18.90
N GLU B 2365 -25.96 35.09 19.86
CA GLU B 2365 -26.36 35.06 21.26
C GLU B 2365 -27.29 36.22 21.59
N LEU B 2366 -27.06 37.38 20.97
CA LEU B 2366 -28.01 38.48 21.12
C LEU B 2366 -29.35 38.12 20.52
N HIS B 2367 -29.34 37.43 19.37
CA HIS B 2367 -30.59 36.95 18.80
C HIS B 2367 -31.31 36.01 19.76
N THR B 2368 -30.55 35.12 20.40
CA THR B 2368 -31.13 34.20 21.37
C THR B 2368 -31.72 34.97 22.55
N LEU B 2369 -31.00 35.99 23.03
CA LEU B 2369 -31.50 36.78 24.15
C LEU B 2369 -32.79 37.50 23.78
N PHE B 2370 -32.85 38.09 22.57
CA PHE B 2370 -34.06 38.74 22.12
C PHE B 2370 -35.20 37.74 21.98
N ALA B 2371 -34.88 36.54 21.47
CA ALA B 2371 -35.90 35.50 21.32
C ALA B 2371 -36.48 35.13 22.67
N GLU B 2372 -35.61 34.94 23.65
CA GLU B 2372 -36.08 34.58 24.99
C GLU B 2372 -36.87 35.72 25.62
N ALA B 2373 -36.51 36.97 25.31
CA ALA B 2373 -37.30 38.10 25.81
C ALA B 2373 -38.69 38.11 25.19
N VAL B 2374 -38.78 37.83 23.89
CA VAL B 2374 -40.08 37.73 23.24
C VAL B 2374 -40.90 36.62 23.87
N VAL B 2375 -40.26 35.47 24.10
CA VAL B 2375 -40.94 34.33 24.71
C VAL B 2375 -41.40 34.69 26.12
N ALA B 2376 -40.57 35.43 26.85
CA ALA B 2376 -40.94 35.86 28.19
C ALA B 2376 -42.14 36.79 28.16
N GLY B 2377 -42.18 37.70 27.20
CA GLY B 2377 -43.33 38.59 27.07
C GLY B 2377 -44.61 37.83 26.77
N ARG B 2378 -44.53 36.91 25.80
CA ARG B 2378 -45.71 36.11 25.47
C ARG B 2378 -46.14 35.24 26.64
N ARG B 2379 -45.18 34.65 27.35
CA ARG B 2379 -45.50 33.83 28.51
C ARG B 2379 -46.12 34.67 29.62
N ALA B 2380 -45.64 35.89 29.82
CA ALA B 2380 -46.22 36.78 30.82
C ALA B 2380 -47.65 37.13 30.44
N VAL B 2381 -47.90 37.40 29.16
CA VAL B 2381 -49.27 37.69 28.71
C VAL B 2381 -50.17 36.49 28.97
N HIS B 2382 -49.70 35.29 28.62
CA HIS B 2382 -50.52 34.09 28.80
C HIS B 2382 -50.77 33.81 30.28
N GLN B 2383 -49.75 33.99 31.11
CA GLN B 2383 -49.94 33.83 32.56
C GLN B 2383 -50.89 34.90 33.10
N GLN B 2384 -50.92 36.07 32.47
CA GLN B 2384 -51.93 37.07 32.81
C GLN B 2384 -53.32 36.56 32.45
N GLU B 2385 -53.45 35.87 31.31
CA GLU B 2385 -54.67 35.14 31.03
C GLU B 2385 -54.93 34.10 32.12
N GLN B 2386 -53.88 33.61 32.76
CA GLN B 2386 -53.98 32.79 33.96
C GLN B 2386 -53.90 33.61 35.24
N GLN B 2387 -54.38 34.84 35.19
CA GLN B 2387 -54.43 35.76 36.34
C GLN B 2387 -53.10 35.80 37.10
N ARG B 2388 -52.05 36.21 36.39
CA ARG B 2388 -50.83 36.68 37.02
C ARG B 2388 -50.82 38.21 36.96
N LYS B 2389 -50.72 38.83 38.13
CA LYS B 2389 -50.93 40.27 38.24
C LYS B 2389 -49.68 41.08 37.88
N PHE B 2390 -48.49 40.61 38.22
CA PHE B 2390 -47.26 41.37 38.02
C PHE B 2390 -47.37 42.73 38.69
N ALA B 2391 -48.02 42.75 39.86
CA ALA B 2391 -48.30 44.01 40.54
C ALA B 2391 -47.03 44.69 41.01
N THR B 2392 -46.05 43.93 41.50
CA THR B 2392 -44.84 44.48 42.08
C THR B 2392 -43.62 44.07 41.25
N VAL B 2393 -42.46 44.59 41.63
CA VAL B 2393 -41.23 44.29 40.92
C VAL B 2393 -40.80 42.86 41.15
N LEU B 2394 -41.22 42.26 42.27
CA LEU B 2394 -40.82 40.89 42.59
C LEU B 2394 -41.38 39.89 41.58
N ASP B 2395 -42.46 40.24 40.88
CA ASP B 2395 -43.16 39.31 40.01
C ASP B 2395 -42.74 39.42 38.55
N MET B 2396 -41.80 40.31 38.22
CA MET B 2396 -41.43 40.57 36.83
C MET B 2396 -39.93 40.40 36.62
N ALA B 2397 -39.32 39.45 37.32
CA ALA B 2397 -37.92 39.13 37.06
C ALA B 2397 -37.76 38.47 35.68
N ASP B 2398 -38.72 37.63 35.30
CA ASP B 2398 -38.65 36.96 34.01
C ASP B 2398 -38.69 37.94 32.85
N LEU B 2399 -39.38 39.07 33.01
CA LEU B 2399 -39.44 40.04 31.92
C LEU B 2399 -38.06 40.59 31.58
N GLU B 2400 -37.30 40.96 32.60
CA GLU B 2400 -35.97 41.55 32.40
C GLU B 2400 -34.97 40.41 32.31
N LEU B 2401 -34.48 40.15 31.10
CA LEU B 2401 -33.44 39.15 30.89
C LEU B 2401 -32.10 39.81 31.10
N THR B 2402 -31.55 39.64 32.31
CA THR B 2402 -30.22 40.17 32.60
C THR B 2402 -29.17 39.37 31.84
N THR B 2403 -28.26 40.08 31.18
CA THR B 2403 -27.29 39.42 30.31
C THR B 2403 -26.01 40.23 30.26
N GLY B 2404 -24.92 39.57 29.92
CA GLY B 2404 -23.65 40.22 29.72
C GLY B 2404 -22.77 40.32 30.95
N ILE B 2405 -23.13 39.67 32.04
CA ILE B 2405 -22.30 39.66 33.25
C ILE B 2405 -21.49 38.36 33.24
N PRO B 2406 -20.16 38.43 33.17
CA PRO B 2406 -19.36 37.22 33.13
C PRO B 2406 -19.23 36.61 34.53
N PRO B 2407 -18.79 35.35 34.62
CA PRO B 2407 -18.46 34.81 35.94
C PRO B 2407 -17.46 35.71 36.64
N LEU B 2408 -17.87 36.32 37.74
CA LEU B 2408 -17.07 37.35 38.40
C LEU B 2408 -15.93 36.69 39.17
N ASP B 2409 -14.72 36.85 38.69
CA ASP B 2409 -13.55 36.26 39.33
C ASP B 2409 -13.14 37.10 40.53
N PRO B 2410 -13.09 36.54 41.74
CA PRO B 2410 -12.60 37.34 42.88
C PRO B 2410 -11.20 37.87 42.67
N ALA B 2411 -10.36 37.16 41.91
CA ALA B 2411 -9.01 37.65 41.63
C ALA B 2411 -9.04 39.00 40.94
N LEU B 2412 -10.10 39.28 40.17
CA LEU B 2412 -10.28 40.56 39.51
C LEU B 2412 -11.22 41.48 40.29
N LYS B 2413 -11.44 41.19 41.57
CA LYS B 2413 -12.33 42.03 42.37
C LYS B 2413 -11.88 43.49 42.35
N ASP B 2414 -10.58 43.74 42.31
CA ASP B 2414 -10.09 45.11 42.29
C ASP B 2414 -10.51 45.82 41.01
N ARG B 2415 -10.33 45.17 39.85
CA ARG B 2415 -10.67 45.80 38.59
C ARG B 2415 -12.19 45.95 38.44
N ILE B 2416 -12.94 44.94 38.86
CA ILE B 2416 -14.40 44.97 38.75
C ILE B 2416 -14.92 46.05 39.69
N THR B 2417 -15.45 47.14 39.11
CA THR B 2417 -15.92 48.26 39.91
C THR B 2417 -17.21 47.97 40.65
N PHE B 2418 -17.88 46.86 40.34
CA PHE B 2418 -19.16 46.52 40.97
C PHE B 2418 -19.10 45.20 41.73
N PHE B 2419 -17.90 44.64 41.93
CA PHE B 2419 -17.80 43.37 42.65
C PHE B 2419 -18.39 43.47 44.04
N ASP B 2420 -18.27 44.64 44.68
CA ASP B 2420 -18.81 44.84 46.01
C ASP B 2420 -20.33 44.92 46.03
N ASP B 2421 -20.97 45.02 44.86
CA ASP B 2421 -22.43 45.09 44.81
C ASP B 2421 -23.00 43.72 45.09
N PRO B 2422 -23.85 43.55 46.12
CA PRO B 2422 -24.42 42.23 46.38
C PRO B 2422 -25.41 41.77 45.32
N ARG B 2423 -25.88 42.67 44.47
CA ARG B 2423 -26.84 42.30 43.44
C ARG B 2423 -26.31 41.16 42.57
N ILE B 2424 -24.99 41.10 42.39
CA ILE B 2424 -24.35 40.14 41.50
C ILE B 2424 -23.78 38.98 42.29
N GLY B 2425 -24.24 38.81 43.53
CA GLY B 2425 -23.56 37.92 44.44
C GLY B 2425 -23.46 36.50 43.91
N ASN B 2426 -24.53 36.00 43.30
CA ASN B 2426 -24.55 34.62 42.85
C ASN B 2426 -23.66 34.39 41.64
N LEU B 2427 -23.12 35.45 41.03
CA LEU B 2427 -22.34 35.34 39.80
C LEU B 2427 -20.84 35.36 40.05
N LYS B 2428 -20.40 35.04 41.25
CA LYS B 2428 -18.99 35.12 41.62
C LYS B 2428 -18.33 33.74 41.61
N ILE B 2429 -17.08 33.71 41.19
CA ILE B 2429 -16.31 32.47 41.03
C ILE B 2429 -15.73 32.07 42.38
N PRO B 2430 -15.47 30.77 42.61
CA PRO B 2430 -14.68 30.38 43.79
C PRO B 2430 -13.45 31.25 44.00
N GLU B 2431 -13.04 31.40 45.25
CA GLU B 2431 -11.91 32.26 45.61
C GLU B 2431 -10.66 31.50 46.02
N TYR B 2432 -10.80 30.30 46.56
CA TYR B 2432 -9.66 29.53 47.01
C TYR B 2432 -9.61 28.18 46.29
#